data_7WLY
#
_entry.id   7WLY
#
_cell.length_a   1.00
_cell.length_b   1.00
_cell.length_c   1.00
_cell.angle_alpha   90.00
_cell.angle_beta   90.00
_cell.angle_gamma   90.00
#
_symmetry.space_group_name_H-M   'P 1'
#
loop_
_entity.id
_entity.type
_entity.pdbx_description
1 polymer 'Spike glycoprotein'
2 polymer 'Heavy chain of 35B5 Fab'
3 polymer 'Light chain of 35B5 Fab'
4 branched 2-acetamido-2-deoxy-beta-D-glucopyranose-(1-4)-2-acetamido-2-deoxy-beta-D-glucopyranose
5 non-polymer 2-acetamido-2-deoxy-beta-D-glucopyranose
#
loop_
_entity_poly.entity_id
_entity_poly.type
_entity_poly.pdbx_seq_one_letter_code
_entity_poly.pdbx_strand_id
1 'polypeptide(L)'
;MFVFLVLLPLVSSQCVNLTTRTQLPPAYTNSFTRGVYYPDKVFRSSVLHSTQDLFLPFFSNVTWFHVISGTNGTKRFDNP
VLPFNDGVYFASIEKSNIIRGWIFGTTLDSKTQSLLIVNNATNVVIKVCEFQFCNDPFLDHKNNKSWMESEFRVYSSANN
CTFEYVSQPFLMDLEGKQGNFKNLREFVFKNIDGYFKIYSKHTPIIVREPEDLPQGFSALEPLVDLPIGINITRFQTLLA
LHRSYLTPGDSSSGWTAGAAAYYVGYLQPRTFLLKYNENGTITDAVDCALDPLSETKCTLKSFTVEKGIYQTSNFRVQPT
ESIVRFPNITNLCPFDEVFNATRFASVYAWNRKRISNCVADYSVLYNLAPFFTFKCYGVSPTKLNDLCFTNVYADSFVIR
GDEVRQIAPGQTGNIADYNYKLPDDFTGCVIAWNSNKLDSKVSGNYNYLYRLFRKSNLKPFERDISTEIYQAGNKPCNGV
AGFNCYFPLRSYSFRPTYGVGHQPYRVVVLSFELLHAPATVCGPKKSTNLVKNKCVNFNFNGLKGTGVLTESNKKFLPFQ
QFGRDIADTTDAVRDPQTLEILDITPCSFGGVSVITPGTNTSNQVAVLYQGVNCTEVPVAIHADQLTPTWRVYSTGSNVF
QTRAGCLIGAEYVNNSYECDIPIGAGICASYQTQTKSHGSASSVASQSIIAYTMSLGAENSVAYSNNSIAIPTNFTISVT
TEILPVSMTKTSVDCTMYICGDSTECSNLLLQYGSFCTQLKRALTGIAVEQDKNTQEVFAQVKQIYKTPPIKYFGGFNFS
QILPDPSKPSKRSPIEDLLFNKVTLADAGFIKQYGDCLGDIAARDLICAQKFKGLTVLPPLLTDEMIAQYTSALLAGTIT
SGWTFGAGPALQIPFPMQMAYRFNGIGVTQNVLYENQKLIANQFNSAIGKIQDSLSSTPSALGKLQDVVNHNAQALNTLV
KQLSSKFGAISSVLNDIFSRLDPPEAEVQIDRLITGRLQSLQTYVTQQLIRAAEIRASANLAATKMSECVLGQSKRVDFC
GKGYHLMSFPQSAPHGVVFLHVTYVPAQEKNFTTAPAICHDGKAHFPREGVFVSNGTHWFVTQRNFYEPQIITTDNTFVS
GNCDVVIGIVNNTVYDPLQPELDSFKEELDKYFKNHTSPDVDLGDISGINASVVNIQKEIDRLNEVAKNLNESLIDLQEL
GKYEQGSGYIPEAPRDGQAYVRKDGEWVLLSTFLGRSLEVLFQGPGHHHHHHHHSAWSHPQFEKGGGSGGGGSGGSAWSH
PQFEK
;
A,B,C
2 'polypeptide(L)'
;QVQLLESGGGLVQPGRSLRLSCAASGFTFDDYAMHWVRQAPGKGLEWVSGVSWNSGTIGYADSVKGRFTISRDNAKNSLY
LHMRSLRAEDTALYYCAKAVEMVRGLMGLGADPEYGMDVWGQGTTVTVSSASTKGPSVFPLAPSSKSTSGGTAALGCLVK
DYFPEPVTVSWNSGALTSGVHTFPAVLQSSGLYSLSSVVTVPSSSLGTQTYICNVNHKPSNTKVDKKVEPKSCDKTH
;
P,Y
3 'polypeptide(L)'
;DIVMTQSPLSLPVTPGEPASISCRSSQSLLHSNGYNYLDWYLQKPGQSPQLLIYLGSNRASGVPDRFSGSGSGTDFTLKI
SRVEAEDVGVYYCMQALQTPFTFGPGTKVDIKRTVAAPSVFIFPPSDEQLKSGTASVVCLLNNFYPREAKVQWKVDNALQ
SGNSQESVTEQDSKDSTYSLSSTLTLSKADYEKHKVYACEVTHQGLSSPVTKSFNRGEC
;
O,X
#
# COMPACT_ATOMS: atom_id res chain seq x y z
N ALA A 27 -36.41 -27.37 -38.36
CA ALA A 27 -35.22 -28.18 -38.12
C ALA A 27 -34.33 -27.52 -37.07
N TYR A 28 -33.02 -27.73 -37.21
CA TYR A 28 -32.04 -27.21 -36.25
C TYR A 28 -30.84 -26.69 -37.05
N THR A 29 -30.80 -25.38 -37.25
CA THR A 29 -29.79 -24.74 -38.08
C THR A 29 -28.76 -24.02 -37.23
N ASN A 30 -27.50 -24.08 -37.65
CA ASN A 30 -26.43 -23.42 -36.92
C ASN A 30 -26.58 -21.91 -36.98
N SER A 31 -26.61 -21.27 -35.82
CA SER A 31 -26.47 -19.84 -35.76
C SER A 31 -25.01 -19.50 -36.03
N PHE A 32 -24.64 -19.42 -37.31
CA PHE A 32 -23.24 -19.47 -37.69
C PHE A 32 -22.43 -18.34 -37.06
N THR A 33 -22.76 -17.10 -37.41
CA THR A 33 -22.01 -15.93 -36.86
C THR A 33 -22.92 -14.70 -36.76
N ARG A 34 -23.73 -14.60 -35.71
CA ARG A 34 -24.56 -13.42 -35.51
C ARG A 34 -25.09 -13.49 -34.08
N GLY A 35 -25.94 -12.52 -33.73
CA GLY A 35 -26.40 -12.40 -32.37
C GLY A 35 -25.54 -11.53 -31.49
N VAL A 36 -24.57 -10.83 -32.06
CA VAL A 36 -23.68 -9.96 -31.30
C VAL A 36 -24.30 -8.56 -31.24
N TYR A 37 -24.39 -8.01 -30.04
CA TYR A 37 -25.02 -6.72 -29.81
C TYR A 37 -24.06 -5.82 -29.05
N TYR A 38 -24.46 -4.58 -28.87
CA TYR A 38 -23.64 -3.62 -28.14
C TYR A 38 -23.74 -3.89 -26.64
N PRO A 39 -22.63 -4.18 -25.96
CA PRO A 39 -22.70 -4.46 -24.53
C PRO A 39 -23.27 -3.31 -23.72
N ASP A 40 -23.00 -2.07 -24.12
CA ASP A 40 -23.50 -0.92 -23.38
C ASP A 40 -23.50 0.29 -24.31
N LYS A 41 -24.20 1.32 -23.88
CA LYS A 41 -24.37 2.53 -24.68
C LYS A 41 -23.07 3.29 -24.83
N VAL A 42 -22.04 2.87 -24.10
CA VAL A 42 -20.74 3.53 -24.16
C VAL A 42 -20.13 3.29 -25.54
N PHE A 43 -19.34 4.25 -26.00
CA PHE A 43 -18.80 4.25 -27.35
C PHE A 43 -17.29 4.25 -27.33
N ARG A 44 -16.70 3.62 -28.36
CA ARG A 44 -15.22 3.50 -28.48
C ARG A 44 -14.92 3.14 -29.93
N SER A 45 -14.04 3.88 -30.57
CA SER A 45 -13.77 3.73 -31.98
C SER A 45 -12.33 3.31 -32.23
N SER A 46 -12.13 2.60 -33.34
CA SER A 46 -10.80 2.24 -33.84
C SER A 46 -10.07 1.28 -32.91
N VAL A 47 -10.75 0.86 -31.83
CA VAL A 47 -10.07 -0.01 -30.82
C VAL A 47 -10.95 -1.22 -30.51
N LEU A 48 -10.34 -2.36 -30.17
CA LEU A 48 -11.11 -3.58 -29.80
C LEU A 48 -11.56 -3.44 -28.34
N HIS A 49 -12.22 -4.47 -27.81
CA HIS A 49 -12.68 -4.45 -26.39
C HIS A 49 -13.18 -5.84 -25.99
N SER A 50 -12.47 -6.53 -25.09
CA SER A 50 -12.86 -7.88 -24.71
C SER A 50 -13.93 -7.77 -23.62
N THR A 51 -15.18 -7.97 -24.05
CA THR A 51 -16.31 -7.93 -23.09
C THR A 51 -16.63 -9.35 -22.66
N GLN A 52 -17.37 -9.49 -21.57
CA GLN A 52 -17.76 -10.79 -21.02
C GLN A 52 -19.18 -10.64 -20.48
N ASP A 53 -20.17 -11.04 -21.27
CA ASP A 53 -21.57 -10.88 -20.91
C ASP A 53 -22.33 -12.12 -21.37
N LEU A 54 -23.65 -12.04 -21.33
CA LEU A 54 -24.50 -13.07 -21.91
C LEU A 54 -24.55 -12.90 -23.42
N PHE A 55 -24.24 -13.96 -24.14
CA PHE A 55 -24.06 -13.91 -25.59
C PHE A 55 -24.61 -15.18 -26.21
N LEU A 56 -24.78 -15.13 -27.53
CA LEU A 56 -25.07 -16.33 -28.30
C LEU A 56 -23.78 -16.87 -28.89
N PRO A 57 -23.31 -18.04 -28.47
CA PRO A 57 -22.04 -18.55 -28.98
C PRO A 57 -22.11 -18.82 -30.47
N PHE A 58 -20.98 -18.59 -31.14
CA PHE A 58 -20.89 -18.84 -32.57
C PHE A 58 -21.11 -20.32 -32.87
N PHE A 59 -21.74 -20.57 -34.02
CA PHE A 59 -21.94 -21.93 -34.54
C PHE A 59 -22.69 -22.80 -33.53
N SER A 60 -23.91 -22.40 -33.23
CA SER A 60 -24.81 -23.15 -32.37
C SER A 60 -26.08 -23.48 -33.13
N ASN A 61 -26.54 -24.71 -32.99
CA ASN A 61 -27.79 -25.13 -33.62
C ASN A 61 -28.98 -24.66 -32.82
N VAL A 62 -29.93 -24.01 -33.48
CA VAL A 62 -31.10 -23.46 -32.84
C VAL A 62 -32.35 -24.06 -33.48
N THR A 63 -33.45 -24.02 -32.73
CA THR A 63 -34.70 -24.58 -33.20
C THR A 63 -35.27 -23.72 -34.34
N TRP A 64 -35.88 -24.37 -35.32
CA TRP A 64 -36.41 -23.72 -36.51
C TRP A 64 -37.91 -23.97 -36.58
N PHE A 65 -38.69 -22.93 -36.30
CA PHE A 65 -40.14 -22.98 -36.41
C PHE A 65 -40.57 -22.22 -37.65
N HIS A 66 -41.28 -22.91 -38.55
CA HIS A 66 -41.80 -22.28 -39.75
C HIS A 66 -43.27 -22.61 -39.90
N VAL A 67 -44.07 -21.60 -40.24
CA VAL A 67 -45.50 -21.78 -40.41
C VAL A 67 -45.87 -21.63 -41.87
N LYS A 75 -47.90 -23.32 -43.58
CA LYS A 75 -48.92 -23.09 -42.55
C LYS A 75 -48.84 -24.16 -41.48
N ARG A 76 -47.63 -24.70 -41.31
CA ARG A 76 -47.42 -25.81 -40.35
C ARG A 76 -47.63 -25.33 -38.91
N PHE A 77 -48.12 -26.23 -38.04
CA PHE A 77 -48.35 -25.91 -36.63
C PHE A 77 -47.00 -25.81 -35.94
N ASP A 78 -46.36 -24.63 -36.07
CA ASP A 78 -45.02 -24.40 -35.45
C ASP A 78 -45.09 -23.22 -34.48
N ASN A 79 -46.12 -23.17 -33.62
CA ASN A 79 -46.29 -22.12 -32.63
C ASN A 79 -46.47 -22.74 -31.25
N PRO A 80 -45.42 -23.30 -30.68
CA PRO A 80 -45.49 -23.79 -29.29
C PRO A 80 -44.91 -22.78 -28.31
N VAL A 81 -45.08 -23.08 -27.03
CA VAL A 81 -44.57 -22.24 -25.96
C VAL A 81 -43.19 -22.75 -25.56
N LEU A 82 -42.22 -21.84 -25.51
CA LEU A 82 -40.83 -22.20 -25.25
C LEU A 82 -40.36 -21.60 -23.93
N PRO A 83 -39.44 -22.28 -23.25
CA PRO A 83 -38.91 -21.72 -22.00
C PRO A 83 -37.98 -20.56 -22.26
N PHE A 84 -38.15 -19.50 -21.46
CA PHE A 84 -37.25 -18.34 -21.47
C PHE A 84 -36.14 -18.65 -20.48
N ASN A 85 -35.05 -19.24 -20.98
CA ASN A 85 -33.96 -19.66 -20.11
C ASN A 85 -33.34 -18.45 -19.41
N ASP A 86 -32.64 -17.61 -20.17
CA ASP A 86 -32.25 -16.28 -19.74
C ASP A 86 -32.39 -15.22 -20.81
N GLY A 87 -32.36 -15.60 -22.08
CA GLY A 87 -32.53 -14.68 -23.17
C GLY A 87 -32.73 -15.46 -24.45
N VAL A 88 -33.29 -14.78 -25.44
CA VAL A 88 -33.67 -15.43 -26.68
C VAL A 88 -33.16 -14.62 -27.86
N TYR A 89 -32.49 -15.29 -28.79
CA TYR A 89 -32.12 -14.69 -30.07
C TYR A 89 -33.27 -14.87 -31.05
N PHE A 90 -34.36 -14.16 -30.77
CA PHE A 90 -35.59 -14.33 -31.52
C PHE A 90 -35.44 -13.70 -32.89
N ALA A 91 -35.33 -14.54 -33.92
CA ALA A 91 -35.29 -14.08 -35.30
C ALA A 91 -36.66 -14.22 -35.94
N SER A 92 -36.79 -13.63 -37.13
CA SER A 92 -38.02 -13.75 -37.90
C SER A 92 -37.69 -13.51 -39.36
N ILE A 93 -37.65 -14.56 -40.15
CA ILE A 93 -37.42 -14.47 -41.59
C ILE A 93 -38.74 -14.68 -42.29
N GLU A 94 -39.07 -13.77 -43.20
CA GLU A 94 -40.33 -13.87 -43.97
C GLU A 94 -40.24 -12.88 -45.12
N LYS A 95 -41.37 -12.43 -45.65
CA LYS A 95 -41.39 -11.45 -46.76
C LYS A 95 -42.53 -10.47 -46.51
N SER A 96 -43.41 -10.79 -45.55
CA SER A 96 -44.56 -9.91 -45.19
C SER A 96 -44.87 -10.08 -43.70
N ASN A 97 -45.58 -9.12 -43.11
CA ASN A 97 -45.86 -9.17 -41.65
C ASN A 97 -46.72 -10.39 -41.30
N ILE A 98 -46.26 -11.20 -40.35
CA ILE A 98 -47.04 -12.36 -39.86
C ILE A 98 -46.77 -12.45 -38.37
N ILE A 99 -45.54 -12.09 -37.96
CA ILE A 99 -45.32 -12.08 -36.52
C ILE A 99 -45.63 -10.70 -35.99
N ARG A 100 -46.42 -10.63 -34.90
CA ARG A 100 -46.84 -9.35 -34.35
C ARG A 100 -46.73 -9.23 -32.83
N GLY A 101 -46.44 -10.30 -32.10
CA GLY A 101 -46.44 -10.17 -30.65
C GLY A 101 -45.64 -11.25 -29.94
N TRP A 102 -45.32 -10.95 -28.69
CA TRP A 102 -44.63 -11.87 -27.78
C TRP A 102 -45.39 -11.92 -26.45
N ILE A 103 -45.56 -13.12 -25.92
CA ILE A 103 -46.17 -13.33 -24.62
C ILE A 103 -45.07 -13.70 -23.64
N PHE A 104 -44.95 -12.93 -22.56
CA PHE A 104 -43.89 -13.13 -21.58
C PHE A 104 -44.47 -13.33 -20.19
N GLY A 105 -43.77 -14.11 -19.38
CA GLY A 105 -44.18 -14.32 -18.01
C GLY A 105 -43.64 -15.64 -17.49
N THR A 106 -44.18 -16.03 -16.34
CA THR A 106 -43.82 -17.30 -15.71
C THR A 106 -45.00 -18.24 -15.59
N THR A 107 -46.13 -17.77 -15.05
CA THR A 107 -47.31 -18.60 -14.89
C THR A 107 -48.33 -18.43 -16.00
N LEU A 108 -48.53 -17.20 -16.47
CA LEU A 108 -49.43 -16.90 -17.59
C LEU A 108 -50.86 -17.37 -17.29
N ASP A 109 -51.26 -17.23 -16.03
CA ASP A 109 -52.65 -17.51 -15.63
C ASP A 109 -53.25 -16.36 -14.84
N SER A 110 -52.63 -15.18 -14.87
CA SER A 110 -53.08 -13.96 -14.21
C SER A 110 -53.00 -14.02 -12.69
N LYS A 111 -52.38 -15.06 -12.16
CA LYS A 111 -52.18 -15.04 -10.68
C LYS A 111 -50.91 -14.22 -10.41
N THR A 112 -49.88 -14.33 -11.25
CA THR A 112 -48.63 -13.59 -11.10
C THR A 112 -48.56 -12.48 -12.13
N GLN A 113 -48.05 -11.32 -11.71
CA GLN A 113 -47.95 -10.16 -12.59
C GLN A 113 -47.20 -10.52 -13.86
N SER A 114 -47.91 -10.54 -14.99
CA SER A 114 -47.39 -11.07 -16.23
C SER A 114 -47.09 -9.95 -17.21
N LEU A 115 -46.66 -10.33 -18.40
CA LEU A 115 -46.17 -9.39 -19.40
C LEU A 115 -46.76 -9.72 -20.76
N LEU A 116 -46.88 -8.70 -21.61
CA LEU A 116 -47.38 -8.87 -22.95
C LEU A 116 -46.79 -7.78 -23.83
N ILE A 117 -46.24 -8.17 -24.98
CA ILE A 117 -45.77 -7.23 -25.99
C ILE A 117 -46.37 -7.64 -27.32
N VAL A 118 -47.17 -6.75 -27.91
CA VAL A 118 -47.71 -6.94 -29.24
C VAL A 118 -47.53 -5.64 -30.03
N ASN A 119 -47.62 -5.74 -31.35
CA ASN A 119 -47.34 -4.62 -32.23
C ASN A 119 -48.51 -4.40 -33.18
N ASN A 120 -49.20 -3.28 -33.02
CA ASN A 120 -50.21 -2.88 -33.98
C ASN A 120 -49.58 -2.53 -35.32
N ALA A 121 -50.42 -2.31 -36.33
CA ALA A 121 -49.92 -1.99 -37.66
C ALA A 121 -49.09 -0.72 -37.64
N THR A 122 -49.47 0.24 -36.80
CA THR A 122 -48.73 1.53 -36.71
C THR A 122 -48.56 1.94 -35.24
N ASN A 123 -48.46 0.96 -34.34
CA ASN A 123 -48.32 1.23 -32.92
C ASN A 123 -47.65 0.04 -32.26
N VAL A 124 -46.76 0.31 -31.31
CA VAL A 124 -46.23 -0.71 -30.42
C VAL A 124 -46.80 -0.44 -29.03
N VAL A 125 -47.09 -1.52 -28.31
CA VAL A 125 -47.65 -1.42 -26.96
C VAL A 125 -46.93 -2.43 -26.08
N ILE A 126 -46.53 -1.98 -24.90
CA ILE A 126 -45.92 -2.84 -23.89
C ILE A 126 -46.71 -2.62 -22.61
N LYS A 127 -47.40 -3.64 -22.14
CA LYS A 127 -48.21 -3.54 -20.94
C LYS A 127 -47.83 -4.64 -19.97
N VAL A 128 -47.86 -4.32 -18.68
CA VAL A 128 -47.55 -5.32 -17.66
C VAL A 128 -48.76 -5.51 -16.77
N CYS A 129 -49.64 -6.44 -17.14
CA CYS A 129 -50.89 -6.74 -16.48
C CYS A 129 -50.94 -8.23 -16.15
N GLU A 130 -52.01 -8.65 -15.47
CA GLU A 130 -52.31 -10.07 -15.31
C GLU A 130 -53.20 -10.52 -16.46
N PHE A 131 -52.58 -10.68 -17.63
CA PHE A 131 -53.34 -10.95 -18.85
C PHE A 131 -53.90 -12.37 -18.84
N GLN A 132 -55.12 -12.51 -19.33
CA GLN A 132 -55.70 -13.82 -19.61
C GLN A 132 -55.78 -13.99 -21.13
N PHE A 133 -55.18 -15.07 -21.62
CA PHE A 133 -54.93 -15.25 -23.04
C PHE A 133 -55.86 -16.30 -23.62
N CYS A 134 -56.35 -16.03 -24.82
CA CYS A 134 -57.07 -17.05 -25.57
C CYS A 134 -56.09 -18.16 -25.99
N ASN A 135 -56.66 -19.34 -26.26
CA ASN A 135 -55.82 -20.49 -26.63
C ASN A 135 -55.07 -20.24 -27.92
N ASP A 136 -55.77 -19.84 -28.98
CA ASP A 136 -55.16 -19.58 -30.27
C ASP A 136 -55.40 -18.13 -30.67
N PRO A 137 -54.35 -17.32 -30.80
CA PRO A 137 -54.55 -15.93 -31.20
C PRO A 137 -54.91 -15.79 -32.68
N PHE A 138 -55.51 -14.64 -32.99
CA PHE A 138 -55.82 -14.28 -34.37
C PHE A 138 -56.00 -12.77 -34.43
N LEU A 139 -56.19 -12.26 -35.65
CA LEU A 139 -56.46 -10.85 -35.86
C LEU A 139 -57.67 -10.70 -36.77
N ASP A 140 -58.42 -9.61 -36.57
CA ASP A 140 -59.61 -9.36 -37.37
C ASP A 140 -59.25 -8.70 -38.70
N ARG A 153 -57.98 -6.46 -29.16
CA ARG A 153 -57.58 -7.54 -28.26
C ARG A 153 -58.36 -8.82 -28.54
N VAL A 154 -57.73 -9.72 -29.30
CA VAL A 154 -58.32 -11.04 -29.54
C VAL A 154 -58.62 -11.74 -28.23
N TYR A 155 -57.63 -11.77 -27.32
CA TYR A 155 -57.84 -12.38 -25.98
C TYR A 155 -58.95 -11.58 -25.27
N SER A 156 -58.75 -10.27 -25.08
CA SER A 156 -59.78 -9.40 -24.47
C SER A 156 -59.93 -9.71 -22.98
N SER A 157 -58.85 -9.58 -22.21
CA SER A 157 -58.90 -9.83 -20.74
C SER A 157 -57.58 -9.38 -20.09
N ALA A 158 -57.52 -8.14 -19.62
CA ALA A 158 -56.28 -7.63 -19.01
C ALA A 158 -56.57 -6.75 -17.79
N ASN A 159 -56.08 -7.11 -16.61
CA ASN A 159 -56.41 -6.38 -15.40
C ASN A 159 -55.18 -6.18 -14.54
N ASN A 160 -55.22 -5.14 -13.69
CA ASN A 160 -54.22 -4.88 -12.67
C ASN A 160 -52.83 -4.68 -13.28
N CYS A 161 -52.75 -3.71 -14.19
CA CYS A 161 -51.46 -3.41 -14.80
C CYS A 161 -50.53 -2.77 -13.79
N THR A 162 -49.23 -2.81 -14.10
CA THR A 162 -48.22 -2.14 -13.28
C THR A 162 -47.40 -1.16 -14.08
N PHE A 163 -46.99 -1.52 -15.30
CA PHE A 163 -46.23 -0.63 -16.16
C PHE A 163 -46.79 -0.75 -17.57
N GLU A 164 -46.59 0.31 -18.35
CA GLU A 164 -47.05 0.32 -19.73
C GLU A 164 -46.25 1.37 -20.49
N TYR A 165 -46.36 1.30 -21.82
CA TYR A 165 -45.82 2.31 -22.72
C TYR A 165 -46.25 2.04 -24.14
N VAL A 166 -46.32 3.08 -24.97
CA VAL A 166 -46.77 2.97 -26.35
C VAL A 166 -45.87 3.85 -27.21
N SER A 167 -45.56 3.35 -28.41
CA SER A 167 -44.67 4.06 -29.32
C SER A 167 -44.94 3.56 -30.74
N GLN A 168 -44.16 4.09 -31.68
CA GLN A 168 -44.25 3.69 -33.08
C GLN A 168 -43.99 2.19 -33.19
N PRO A 169 -44.53 1.51 -34.21
CA PRO A 169 -44.40 0.05 -34.27
C PRO A 169 -42.94 -0.37 -34.36
N PHE A 170 -42.52 -1.19 -33.38
CA PHE A 170 -41.14 -1.67 -33.36
C PHE A 170 -40.87 -2.60 -34.53
N LEU A 171 -41.84 -3.45 -34.88
CA LEU A 171 -41.63 -4.48 -35.90
C LEU A 171 -41.79 -3.89 -37.29
N MET A 172 -40.99 -2.86 -37.57
CA MET A 172 -41.09 -2.15 -38.84
C MET A 172 -40.72 -3.07 -40.00
N ASP A 173 -41.08 -2.64 -41.20
CA ASP A 173 -40.84 -3.40 -42.41
C ASP A 173 -39.91 -2.65 -43.35
N ASN A 180 -38.75 -5.83 -51.17
CA ASN A 180 -38.93 -6.91 -52.12
C ASN A 180 -37.99 -8.09 -51.80
N PHE A 181 -37.47 -8.10 -50.58
CA PHE A 181 -36.51 -9.11 -50.14
C PHE A 181 -37.00 -9.75 -48.85
N LYS A 182 -36.51 -10.96 -48.59
CA LYS A 182 -36.78 -11.63 -47.33
C LYS A 182 -36.08 -10.88 -46.21
N ASN A 183 -36.85 -10.14 -45.42
CA ASN A 183 -36.28 -9.32 -44.36
C ASN A 183 -36.00 -10.15 -43.12
N LEU A 184 -34.93 -9.79 -42.42
CA LEU A 184 -34.53 -10.42 -41.17
C LEU A 184 -34.71 -9.43 -40.04
N ARG A 185 -35.41 -9.89 -38.99
CA ARG A 185 -35.66 -9.04 -37.79
C ARG A 185 -35.22 -9.84 -36.56
N GLU A 186 -34.34 -9.27 -35.74
CA GLU A 186 -33.80 -9.97 -34.59
C GLU A 186 -34.05 -9.17 -33.33
N PHE A 187 -34.39 -9.88 -32.24
CA PHE A 187 -34.79 -9.22 -31.01
C PHE A 187 -34.26 -10.03 -29.84
N VAL A 188 -33.19 -9.56 -29.22
CA VAL A 188 -32.62 -10.24 -28.07
C VAL A 188 -33.39 -9.80 -26.84
N PHE A 189 -34.11 -10.74 -26.22
CA PHE A 189 -34.94 -10.44 -25.06
C PHE A 189 -34.12 -10.76 -23.82
N LYS A 190 -33.44 -9.74 -23.30
CA LYS A 190 -32.58 -9.86 -22.15
C LYS A 190 -33.17 -9.04 -21.01
N ASN A 191 -33.36 -9.68 -19.86
CA ASN A 191 -33.88 -9.01 -18.67
C ASN A 191 -32.83 -9.06 -17.57
N ILE A 192 -32.47 -7.88 -17.05
CA ILE A 192 -31.49 -7.76 -15.99
C ILE A 192 -31.96 -6.71 -15.00
N ASP A 193 -31.86 -7.04 -13.70
CA ASP A 193 -32.18 -6.18 -12.56
C ASP A 193 -33.41 -5.31 -12.79
N GLY A 194 -34.44 -5.90 -13.39
CA GLY A 194 -35.66 -5.20 -13.74
C GLY A 194 -35.63 -4.60 -15.12
N TYR A 195 -34.45 -4.11 -15.54
CA TYR A 195 -34.31 -3.53 -16.85
C TYR A 195 -34.39 -4.59 -17.93
N PHE A 196 -35.59 -4.82 -18.45
CA PHE A 196 -35.78 -5.71 -19.58
C PHE A 196 -35.29 -5.00 -20.84
N LYS A 197 -34.44 -5.68 -21.61
CA LYS A 197 -33.76 -5.05 -22.72
C LYS A 197 -34.12 -5.74 -24.03
N ILE A 198 -34.24 -4.93 -25.09
CA ILE A 198 -34.58 -5.41 -26.42
C ILE A 198 -33.61 -4.78 -27.41
N TYR A 199 -33.12 -5.58 -28.34
CA TYR A 199 -32.16 -5.13 -29.35
C TYR A 199 -32.65 -5.54 -30.72
N SER A 200 -32.54 -4.65 -31.70
CA SER A 200 -33.13 -4.90 -32.99
C SER A 200 -32.17 -4.54 -34.11
N LYS A 201 -32.32 -5.23 -35.24
CA LYS A 201 -31.68 -4.87 -36.49
C LYS A 201 -32.51 -5.44 -37.62
N HIS A 202 -32.72 -4.61 -38.64
CA HIS A 202 -33.52 -5.02 -39.82
C HIS A 202 -32.54 -5.32 -40.96
N THR A 203 -32.72 -6.44 -41.64
CA THR A 203 -31.81 -6.86 -42.71
C THR A 203 -32.59 -7.26 -43.95
N PRO A 204 -32.41 -6.58 -45.08
CA PRO A 204 -33.03 -6.97 -46.36
C PRO A 204 -32.22 -7.99 -47.16
N ILE A 205 -32.34 -9.25 -46.77
CA ILE A 205 -31.61 -10.34 -47.41
C ILE A 205 -32.37 -10.84 -48.62
N ILE A 206 -31.61 -11.23 -49.66
CA ILE A 206 -32.19 -11.75 -50.89
C ILE A 206 -33.23 -12.83 -50.60
N VAL A 207 -34.29 -12.84 -51.40
CA VAL A 207 -35.35 -13.83 -51.27
C VAL A 207 -34.81 -15.23 -51.45
N GLU A 211 -34.85 -23.33 -45.14
CA GLU A 211 -34.15 -22.05 -45.06
C GLU A 211 -33.13 -22.03 -43.93
N ASP A 212 -31.95 -21.49 -44.22
CA ASP A 212 -30.89 -21.34 -43.24
C ASP A 212 -30.51 -19.88 -43.11
N LEU A 213 -30.19 -19.47 -41.89
CA LEU A 213 -29.90 -18.08 -41.59
C LEU A 213 -28.68 -17.60 -42.38
N PRO A 214 -28.65 -16.33 -42.76
CA PRO A 214 -27.53 -15.84 -43.57
C PRO A 214 -26.20 -15.95 -42.84
N GLN A 215 -25.14 -16.22 -43.61
CA GLN A 215 -23.79 -16.33 -43.06
C GLN A 215 -23.09 -14.99 -43.26
N GLY A 216 -23.45 -14.04 -42.42
CA GLY A 216 -22.86 -12.71 -42.44
C GLY A 216 -23.08 -12.03 -41.12
N PHE A 217 -22.24 -11.04 -40.85
CA PHE A 217 -22.21 -10.40 -39.53
C PHE A 217 -22.83 -9.02 -39.59
N SER A 218 -23.76 -8.76 -38.67
CA SER A 218 -24.34 -7.44 -38.47
C SER A 218 -24.65 -7.29 -36.99
N ALA A 219 -24.30 -6.14 -36.43
CA ALA A 219 -24.37 -5.93 -34.99
C ALA A 219 -25.76 -5.43 -34.59
N LEU A 220 -26.37 -6.09 -33.61
CA LEU A 220 -27.63 -5.63 -33.08
C LEU A 220 -27.42 -4.36 -32.25
N GLU A 221 -28.34 -3.42 -32.37
CA GLU A 221 -28.31 -2.17 -31.64
C GLU A 221 -29.40 -2.13 -30.58
N PRO A 222 -29.23 -1.32 -29.54
CA PRO A 222 -30.27 -1.24 -28.51
C PRO A 222 -31.51 -0.50 -28.98
N LEU A 223 -32.58 -1.25 -29.23
CA LEU A 223 -33.84 -0.65 -29.64
C LEU A 223 -34.51 0.08 -28.47
N VAL A 224 -34.55 -0.55 -27.30
CA VAL A 224 -35.20 0.03 -26.14
C VAL A 224 -34.79 -0.77 -24.92
N ASP A 225 -34.97 -0.20 -23.74
CA ASP A 225 -34.87 -0.91 -22.47
C ASP A 225 -36.04 -0.53 -21.58
N LEU A 226 -36.50 -1.48 -20.77
CA LEU A 226 -37.62 -1.20 -19.88
C LEU A 226 -37.39 -1.80 -18.49
N PRO A 227 -37.36 -0.98 -17.45
CA PRO A 227 -37.21 -1.45 -16.06
C PRO A 227 -38.52 -1.86 -15.38
N ILE A 228 -38.98 -3.07 -15.67
CA ILE A 228 -40.25 -3.56 -15.13
C ILE A 228 -40.05 -4.16 -13.75
N GLY A 229 -39.30 -5.25 -13.66
CA GLY A 229 -39.04 -5.88 -12.39
C GLY A 229 -39.85 -7.14 -12.14
N ILE A 230 -40.00 -7.99 -13.15
CA ILE A 230 -40.78 -9.22 -13.04
C ILE A 230 -39.93 -10.39 -13.52
N ASN A 231 -40.02 -11.51 -12.80
CA ASN A 231 -39.34 -12.72 -13.23
C ASN A 231 -39.95 -13.25 -14.52
N ILE A 232 -39.10 -13.79 -15.39
CA ILE A 232 -39.54 -14.45 -16.62
C ILE A 232 -38.81 -15.77 -16.75
N THR A 233 -39.55 -16.83 -17.03
CA THR A 233 -38.97 -18.16 -17.25
C THR A 233 -39.48 -18.86 -18.50
N ARG A 234 -40.67 -18.48 -18.95
CA ARG A 234 -41.24 -19.05 -20.20
C ARG A 234 -41.70 -17.91 -21.09
N PHE A 235 -41.86 -18.17 -22.40
CA PHE A 235 -42.34 -17.14 -23.31
C PHE A 235 -42.95 -17.83 -24.54
N GLN A 236 -43.75 -17.05 -25.26
CA GLN A 236 -44.39 -17.56 -26.47
C GLN A 236 -44.62 -16.40 -27.43
N THR A 237 -44.29 -16.61 -28.69
CA THR A 237 -44.58 -15.62 -29.73
C THR A 237 -46.07 -15.65 -30.07
N LEU A 238 -46.51 -14.63 -30.80
CA LEU A 238 -47.90 -14.49 -31.20
C LEU A 238 -47.98 -14.40 -32.73
N LEU A 239 -48.75 -15.30 -33.33
CA LEU A 239 -48.97 -15.33 -34.76
C LEU A 239 -50.47 -15.27 -35.03
N ALA A 240 -50.85 -14.54 -36.07
CA ALA A 240 -52.25 -14.36 -36.44
C ALA A 240 -52.67 -15.39 -37.47
N LEU A 241 -53.85 -15.97 -37.29
CA LEU A 241 -54.34 -16.97 -38.22
C LEU A 241 -54.58 -16.37 -39.60
N HIS A 242 -55.20 -15.19 -39.66
CA HIS A 242 -55.41 -14.49 -40.92
C HIS A 242 -55.81 -13.04 -40.67
N ALA A 259 -46.90 -18.30 -45.25
CA ALA A 259 -46.06 -19.25 -44.54
C ALA A 259 -44.63 -18.75 -44.44
N ALA A 260 -44.12 -18.64 -43.21
CA ALA A 260 -42.79 -18.12 -42.97
C ALA A 260 -42.24 -18.78 -41.70
N ALA A 261 -41.06 -18.32 -41.28
CA ALA A 261 -40.32 -18.97 -40.20
C ALA A 261 -39.87 -17.96 -39.16
N TYR A 262 -39.78 -18.41 -37.91
CA TYR A 262 -39.15 -17.67 -36.85
C TYR A 262 -38.24 -18.60 -36.06
N TYR A 263 -37.13 -18.06 -35.57
CA TYR A 263 -36.11 -18.84 -34.90
C TYR A 263 -35.99 -18.44 -33.44
N VAL A 264 -35.67 -19.43 -32.60
CA VAL A 264 -35.43 -19.21 -31.18
C VAL A 264 -34.03 -19.67 -30.85
N GLY A 265 -33.26 -18.81 -30.21
CA GLY A 265 -31.94 -19.17 -29.74
C GLY A 265 -31.83 -18.95 -28.25
N TYR A 266 -30.63 -19.07 -27.70
CA TYR A 266 -30.45 -18.86 -26.27
C TYR A 266 -29.07 -18.26 -26.01
N LEU A 267 -29.02 -17.39 -25.02
CA LEU A 267 -27.78 -16.76 -24.62
C LEU A 267 -27.02 -17.65 -23.65
N GLN A 268 -25.72 -17.42 -23.55
CA GLN A 268 -24.88 -18.11 -22.58
C GLN A 268 -23.89 -17.11 -21.98
N PRO A 269 -23.41 -17.37 -20.77
CA PRO A 269 -22.35 -16.54 -20.19
C PRO A 269 -21.02 -16.87 -20.84
N ARG A 270 -20.49 -15.93 -21.62
CA ARG A 270 -19.43 -16.25 -22.56
C ARG A 270 -18.63 -14.99 -22.86
N THR A 271 -17.31 -15.15 -22.92
CA THR A 271 -16.45 -14.03 -23.26
C THR A 271 -16.39 -13.84 -24.76
N PHE A 272 -16.31 -12.59 -25.19
CA PHE A 272 -16.18 -12.26 -26.60
C PHE A 272 -15.07 -11.24 -26.78
N LEU A 273 -14.56 -11.16 -28.00
CA LEU A 273 -13.71 -10.07 -28.43
C LEU A 273 -14.50 -9.25 -29.44
N LEU A 274 -14.60 -7.95 -29.23
CA LEU A 274 -15.44 -7.09 -30.04
C LEU A 274 -14.59 -6.04 -30.73
N LYS A 275 -14.77 -5.90 -32.03
CA LYS A 275 -14.05 -4.93 -32.83
C LYS A 275 -14.94 -3.74 -33.12
N TYR A 276 -14.47 -2.55 -32.76
CA TYR A 276 -15.12 -1.31 -33.14
C TYR A 276 -14.31 -0.65 -34.24
N ASN A 277 -14.98 -0.24 -35.31
CA ASN A 277 -14.35 0.55 -36.34
C ASN A 277 -14.37 2.02 -35.91
N GLU A 278 -14.01 2.91 -36.84
CA GLU A 278 -14.03 4.37 -36.52
C GLU A 278 -15.48 4.83 -36.30
N ASN A 279 -16.42 4.28 -37.06
CA ASN A 279 -17.82 4.68 -36.99
C ASN A 279 -18.59 3.89 -35.93
N GLY A 280 -17.91 3.38 -34.91
CA GLY A 280 -18.56 2.80 -33.75
C GLY A 280 -19.27 1.48 -33.99
N THR A 281 -19.50 1.08 -35.23
CA THR A 281 -20.26 -0.12 -35.51
C THR A 281 -19.39 -1.36 -35.34
N ILE A 282 -19.80 -2.24 -34.43
CA ILE A 282 -19.11 -3.50 -34.22
C ILE A 282 -19.18 -4.31 -35.51
N THR A 283 -18.05 -4.38 -36.20
CA THR A 283 -18.02 -5.08 -37.51
C THR A 283 -17.54 -6.53 -37.32
N ASP A 284 -16.71 -6.77 -36.30
CA ASP A 284 -16.13 -8.13 -36.11
C ASP A 284 -16.21 -8.53 -34.64
N ALA A 285 -16.72 -9.74 -34.36
CA ALA A 285 -16.76 -10.25 -32.97
C ALA A 285 -16.15 -11.66 -32.96
N VAL A 286 -15.49 -12.05 -31.86
CA VAL A 286 -14.98 -13.46 -31.83
C VAL A 286 -15.52 -14.22 -30.62
N ASP A 287 -15.70 -15.52 -30.79
CA ASP A 287 -16.14 -16.41 -29.72
C ASP A 287 -14.89 -16.85 -28.98
N CYS A 288 -14.57 -16.17 -27.89
CA CYS A 288 -13.29 -16.37 -27.22
C CYS A 288 -13.13 -17.79 -26.69
N ALA A 289 -14.20 -18.58 -26.64
CA ALA A 289 -14.10 -19.93 -26.12
C ALA A 289 -14.65 -20.97 -27.10
N LEU A 290 -14.24 -20.90 -28.36
CA LEU A 290 -14.71 -21.85 -29.37
C LEU A 290 -13.63 -22.80 -29.85
N ASP A 291 -12.47 -22.29 -30.27
CA ASP A 291 -11.43 -23.12 -30.84
C ASP A 291 -10.08 -22.54 -30.44
N PRO A 292 -9.02 -23.36 -30.49
CA PRO A 292 -7.70 -22.85 -30.08
C PRO A 292 -7.29 -21.59 -30.81
N LEU A 293 -7.55 -21.51 -32.11
CA LEU A 293 -7.20 -20.30 -32.84
C LEU A 293 -7.93 -19.10 -32.28
N SER A 294 -9.22 -19.27 -31.96
CA SER A 294 -9.98 -18.18 -31.35
C SER A 294 -9.41 -17.81 -30.01
N GLU A 295 -8.94 -18.79 -29.24
CA GLU A 295 -8.38 -18.46 -27.94
C GLU A 295 -7.07 -17.68 -28.07
N THR A 296 -6.24 -18.02 -29.06
CA THR A 296 -5.02 -17.24 -29.26
C THR A 296 -5.33 -15.83 -29.73
N LYS A 297 -6.30 -15.68 -30.64
CA LYS A 297 -6.72 -14.34 -31.05
C LYS A 297 -7.24 -13.54 -29.88
N CYS A 298 -8.02 -14.19 -29.02
CA CYS A 298 -8.56 -13.53 -27.83
C CYS A 298 -7.43 -13.09 -26.91
N THR A 299 -6.52 -14.01 -26.57
CA THR A 299 -5.51 -13.71 -25.57
C THR A 299 -4.46 -12.71 -26.06
N LEU A 300 -4.16 -12.72 -27.36
CA LEU A 300 -3.25 -11.72 -27.90
C LEU A 300 -3.94 -10.39 -28.13
N LYS A 301 -5.26 -10.34 -28.06
CA LYS A 301 -6.04 -9.15 -28.39
C LYS A 301 -5.71 -8.67 -29.81
N SER A 302 -5.89 -9.58 -30.75
CA SER A 302 -5.64 -9.28 -32.16
C SER A 302 -6.46 -10.24 -33.02
N PHE A 303 -6.83 -9.78 -34.21
CA PHE A 303 -7.54 -10.63 -35.15
C PHE A 303 -6.61 -11.38 -36.09
N THR A 304 -5.31 -11.14 -36.00
CA THR A 304 -4.32 -11.91 -36.72
C THR A 304 -3.18 -12.24 -35.78
N VAL A 305 -2.65 -13.45 -35.91
CA VAL A 305 -1.52 -13.89 -35.11
C VAL A 305 -0.43 -14.36 -36.06
N GLU A 306 0.82 -14.00 -35.76
CA GLU A 306 1.94 -14.39 -36.58
C GLU A 306 2.41 -15.78 -36.18
N LYS A 307 3.04 -16.47 -37.13
CA LYS A 307 3.49 -17.85 -36.92
C LYS A 307 4.36 -17.95 -35.67
N GLY A 308 3.86 -18.69 -34.69
CA GLY A 308 4.58 -18.89 -33.45
C GLY A 308 3.76 -19.77 -32.53
N ILE A 309 4.37 -20.11 -31.40
CA ILE A 309 3.78 -21.00 -30.42
C ILE A 309 3.48 -20.19 -29.16
N TYR A 310 2.22 -20.22 -28.73
CA TYR A 310 1.73 -19.35 -27.66
C TYR A 310 1.28 -20.19 -26.49
N GLN A 311 0.91 -19.51 -25.41
CA GLN A 311 0.31 -20.15 -24.24
C GLN A 311 -1.03 -19.48 -23.96
N THR A 312 -2.08 -20.27 -23.83
CA THR A 312 -3.43 -19.75 -23.68
C THR A 312 -4.02 -20.04 -22.31
N SER A 313 -4.13 -21.30 -21.93
CA SER A 313 -4.77 -21.65 -20.68
C SER A 313 -4.10 -22.90 -20.14
N ASN A 314 -4.78 -23.58 -19.22
CA ASN A 314 -4.22 -24.76 -18.57
C ASN A 314 -5.21 -25.90 -18.67
N PHE A 315 -4.76 -27.01 -19.25
CA PHE A 315 -5.46 -28.27 -19.19
C PHE A 315 -5.72 -28.64 -17.75
N ARG A 316 -6.99 -28.75 -17.37
CA ARG A 316 -7.36 -28.98 -15.96
C ARG A 316 -8.45 -30.03 -15.92
N VAL A 317 -8.06 -31.28 -15.68
CA VAL A 317 -9.03 -32.37 -15.54
C VAL A 317 -10.08 -31.97 -14.51
N GLN A 318 -11.30 -32.23 -14.82
CA GLN A 318 -12.37 -31.74 -13.97
C GLN A 318 -12.89 -32.84 -13.05
N PRO A 319 -13.43 -32.48 -11.90
CA PRO A 319 -14.04 -33.48 -11.03
C PRO A 319 -15.32 -34.03 -11.62
N THR A 320 -15.65 -35.26 -11.22
CA THR A 320 -16.86 -35.93 -11.70
C THR A 320 -18.00 -35.85 -10.68
N GLU A 321 -17.79 -36.35 -9.47
CA GLU A 321 -18.81 -36.33 -8.42
C GLU A 321 -18.24 -35.74 -7.15
N SER A 322 -19.12 -35.56 -6.16
CA SER A 322 -18.77 -34.96 -4.88
C SER A 322 -19.19 -35.89 -3.76
N ILE A 323 -18.23 -36.31 -2.94
CA ILE A 323 -18.48 -37.23 -1.84
C ILE A 323 -18.42 -36.46 -0.53
N VAL A 324 -19.12 -37.00 0.47
CA VAL A 324 -19.12 -36.46 1.83
C VAL A 324 -18.95 -37.63 2.79
N ARG A 325 -17.98 -37.48 3.70
CA ARG A 325 -17.62 -38.60 4.64
C ARG A 325 -17.50 -38.11 6.08
N PHE A 326 -18.60 -38.08 6.83
CA PHE A 326 -18.63 -37.71 8.23
C PHE A 326 -18.72 -38.96 9.10
N PRO A 327 -18.32 -38.89 10.36
CA PRO A 327 -18.66 -39.96 11.30
C PRO A 327 -20.16 -40.01 11.50
N ASN A 328 -20.68 -41.22 11.74
CA ASN A 328 -22.13 -41.43 11.75
C ASN A 328 -22.70 -41.52 13.15
N ILE A 329 -22.20 -40.71 14.08
CA ILE A 329 -22.83 -40.63 15.40
C ILE A 329 -24.00 -39.67 15.31
N THR A 330 -25.20 -40.18 15.58
CA THR A 330 -26.43 -39.39 15.52
C THR A 330 -27.12 -39.50 16.87
N ASN A 331 -26.71 -38.65 17.80
CA ASN A 331 -27.33 -38.55 19.12
C ASN A 331 -27.67 -37.09 19.35
N LEU A 332 -28.94 -36.81 19.60
CA LEU A 332 -29.39 -35.43 19.71
C LEU A 332 -28.61 -34.71 20.80
N CYS A 333 -28.22 -33.49 20.50
CA CYS A 333 -27.27 -32.82 21.38
C CYS A 333 -27.99 -32.25 22.59
N PRO A 334 -27.48 -32.47 23.79
CA PRO A 334 -28.15 -31.97 24.99
C PRO A 334 -28.03 -30.47 25.14
N PHE A 335 -28.58 -29.73 24.18
CA PHE A 335 -28.58 -28.28 24.26
C PHE A 335 -29.74 -27.73 25.08
N ASP A 336 -30.70 -28.57 25.45
CA ASP A 336 -31.74 -28.14 26.38
C ASP A 336 -31.13 -27.77 27.72
N GLU A 337 -30.19 -28.57 28.21
CA GLU A 337 -29.51 -28.21 29.45
C GLU A 337 -28.68 -26.96 29.28
N VAL A 338 -28.04 -26.80 28.11
CA VAL A 338 -27.13 -25.67 27.92
C VAL A 338 -27.91 -24.36 27.86
N PHE A 339 -29.00 -24.34 27.08
CA PHE A 339 -29.71 -23.10 26.77
C PHE A 339 -31.07 -22.99 27.45
N ASN A 340 -31.78 -24.10 27.60
CA ASN A 340 -33.05 -24.10 28.32
C ASN A 340 -32.88 -24.46 29.79
N ALA A 341 -31.74 -24.10 30.38
CA ALA A 341 -31.45 -24.46 31.76
C ALA A 341 -32.37 -23.73 32.73
N THR A 342 -32.77 -24.41 33.79
CA THR A 342 -33.52 -23.78 34.86
C THR A 342 -32.65 -22.90 35.73
N ARG A 343 -31.34 -23.17 35.81
CA ARG A 343 -30.43 -22.41 36.64
C ARG A 343 -29.18 -22.04 35.86
N PHE A 344 -28.63 -20.88 36.18
CA PHE A 344 -27.36 -20.41 35.62
C PHE A 344 -26.51 -19.94 36.79
N ALA A 345 -25.41 -20.63 37.05
CA ALA A 345 -24.59 -20.32 38.22
C ALA A 345 -24.15 -18.86 38.22
N SER A 346 -23.92 -18.32 39.40
CA SER A 346 -23.48 -16.94 39.53
C SER A 346 -22.15 -16.75 38.81
N VAL A 347 -21.92 -15.52 38.33
CA VAL A 347 -20.81 -15.27 37.42
C VAL A 347 -19.47 -15.58 38.08
N TYR A 348 -19.32 -15.22 39.36
CA TYR A 348 -18.03 -15.49 40.05
C TYR A 348 -17.83 -17.00 40.18
N ALA A 349 -18.91 -17.79 40.22
CA ALA A 349 -18.81 -19.23 40.36
C ALA A 349 -19.52 -19.91 39.19
N TRP A 350 -19.21 -19.48 37.98
CA TRP A 350 -19.92 -19.90 36.78
C TRP A 350 -19.77 -21.40 36.50
N ASN A 351 -20.50 -21.89 35.50
CA ASN A 351 -20.57 -23.31 35.22
C ASN A 351 -20.04 -23.58 33.81
N ARG A 352 -19.34 -24.70 33.66
CA ARG A 352 -18.80 -25.12 32.38
C ARG A 352 -19.31 -26.52 32.07
N LYS A 353 -19.53 -26.79 30.78
CA LYS A 353 -20.05 -28.07 30.35
C LYS A 353 -19.21 -28.62 29.20
N ARG A 354 -19.05 -29.95 29.21
CA ARG A 354 -18.29 -30.64 28.14
C ARG A 354 -19.27 -31.41 27.26
N ILE A 355 -19.44 -30.98 26.01
CA ILE A 355 -20.34 -31.62 25.05
C ILE A 355 -19.49 -32.57 24.22
N SER A 356 -19.88 -33.85 24.21
CA SER A 356 -19.13 -34.85 23.47
C SER A 356 -20.07 -35.91 22.94
N ASN A 357 -19.75 -36.42 21.74
CA ASN A 357 -20.48 -37.51 21.11
C ASN A 357 -21.96 -37.16 20.91
N CYS A 358 -22.19 -36.07 20.19
CA CYS A 358 -23.52 -35.62 19.82
C CYS A 358 -23.49 -35.19 18.36
N VAL A 359 -24.67 -34.97 17.80
CA VAL A 359 -24.81 -34.35 16.48
C VAL A 359 -25.27 -32.91 16.69
N ALA A 360 -24.65 -31.98 15.98
CA ALA A 360 -24.90 -30.57 16.17
C ALA A 360 -26.03 -30.11 15.26
N ASP A 361 -27.07 -29.53 15.86
CA ASP A 361 -28.16 -28.90 15.13
C ASP A 361 -28.42 -27.54 15.77
N TYR A 362 -27.87 -26.48 15.17
CA TYR A 362 -28.02 -25.14 15.70
C TYR A 362 -29.33 -24.48 15.28
N SER A 363 -30.10 -25.11 14.38
CA SER A 363 -31.35 -24.51 13.93
C SER A 363 -32.34 -24.35 15.08
N VAL A 364 -32.50 -25.41 15.88
CA VAL A 364 -33.49 -25.38 16.99
C VAL A 364 -33.17 -24.21 17.92
N LEU A 365 -31.90 -23.80 17.98
CA LEU A 365 -31.49 -22.74 18.88
C LEU A 365 -31.34 -21.40 18.18
N TYR A 366 -30.90 -21.40 16.93
CA TYR A 366 -30.87 -20.16 16.14
C TYR A 366 -32.27 -19.60 15.97
N ASN A 367 -33.24 -20.47 15.67
CA ASN A 367 -34.59 -20.04 15.35
C ASN A 367 -35.47 -19.84 16.58
N LEU A 368 -34.99 -20.15 17.77
CA LEU A 368 -35.80 -19.94 18.97
C LEU A 368 -35.93 -18.45 19.28
N ALA A 369 -37.08 -18.10 19.86
CA ALA A 369 -37.39 -16.70 20.14
C ALA A 369 -36.43 -16.03 21.12
N PRO A 370 -36.13 -16.60 22.29
CA PRO A 370 -35.38 -15.82 23.31
C PRO A 370 -33.96 -15.48 22.93
N PHE A 371 -33.38 -16.15 21.92
CA PHE A 371 -31.98 -15.94 21.56
C PHE A 371 -31.88 -14.82 20.52
N PHE A 372 -32.17 -13.60 20.99
CA PHE A 372 -32.09 -12.43 20.13
C PHE A 372 -30.67 -12.00 19.83
N THR A 373 -29.68 -12.54 20.54
CA THR A 373 -28.28 -12.20 20.31
C THR A 373 -27.53 -13.45 19.91
N PHE A 374 -26.94 -13.44 18.71
CA PHE A 374 -26.08 -14.53 18.23
C PHE A 374 -24.95 -13.90 17.42
N LYS A 375 -23.83 -13.63 18.09
CA LYS A 375 -22.65 -13.08 17.44
C LYS A 375 -21.44 -13.96 17.74
N CYS A 376 -20.75 -14.40 16.71
CA CYS A 376 -19.62 -15.30 16.83
C CYS A 376 -18.34 -14.59 16.39
N TYR A 377 -17.20 -15.20 16.68
CA TYR A 377 -15.91 -14.57 16.42
C TYR A 377 -15.09 -15.30 15.37
N GLY A 378 -14.76 -16.56 15.58
CA GLY A 378 -13.86 -17.25 14.67
C GLY A 378 -14.57 -17.85 13.47
N VAL A 379 -15.90 -17.86 13.50
CA VAL A 379 -16.68 -18.53 12.48
C VAL A 379 -17.92 -17.71 12.19
N SER A 380 -18.39 -17.79 10.94
CA SER A 380 -19.61 -17.11 10.55
C SER A 380 -20.80 -17.68 11.31
N PRO A 381 -21.78 -16.85 11.65
CA PRO A 381 -22.96 -17.35 12.36
C PRO A 381 -23.73 -18.41 11.61
N THR A 382 -23.72 -18.39 10.27
CA THR A 382 -24.51 -19.32 9.48
C THR A 382 -23.70 -20.46 8.89
N LYS A 383 -22.43 -20.58 9.27
CA LYS A 383 -21.58 -21.67 8.80
C LYS A 383 -21.44 -22.79 9.81
N LEU A 384 -22.19 -22.73 10.91
CA LEU A 384 -22.05 -23.76 11.94
C LEU A 384 -22.48 -25.13 11.43
N ASN A 385 -23.59 -25.19 10.70
CA ASN A 385 -24.11 -26.47 10.25
C ASN A 385 -23.30 -27.08 9.11
N ASP A 386 -22.33 -26.35 8.57
CA ASP A 386 -21.51 -26.85 7.47
C ASP A 386 -20.18 -27.41 7.95
N LEU A 387 -20.04 -27.66 9.25
CA LEU A 387 -18.74 -28.00 9.80
C LEU A 387 -18.89 -29.00 10.93
N CYS A 388 -17.84 -29.78 11.14
CA CYS A 388 -17.75 -30.69 12.28
C CYS A 388 -16.91 -30.07 13.38
N PHE A 389 -17.08 -30.57 14.60
CA PHE A 389 -16.45 -29.99 15.76
C PHE A 389 -15.86 -31.07 16.66
N THR A 390 -14.80 -30.70 17.36
CA THR A 390 -14.22 -31.50 18.42
C THR A 390 -13.75 -30.56 19.51
N ASN A 391 -13.69 -31.06 20.73
CA ASN A 391 -13.35 -30.26 21.90
C ASN A 391 -14.32 -29.08 22.03
N VAL A 392 -15.58 -29.41 22.26
CA VAL A 392 -16.66 -28.45 22.35
C VAL A 392 -17.02 -28.27 23.82
N TYR A 393 -17.01 -27.02 24.28
CA TYR A 393 -17.33 -26.71 25.66
C TYR A 393 -18.20 -25.47 25.71
N ALA A 394 -19.02 -25.37 26.76
CA ALA A 394 -19.95 -24.27 26.95
C ALA A 394 -19.87 -23.79 28.39
N ASP A 395 -20.20 -22.52 28.58
CA ASP A 395 -20.15 -21.89 29.90
C ASP A 395 -21.46 -21.16 30.17
N SER A 396 -22.01 -21.33 31.36
CA SER A 396 -23.30 -20.77 31.72
C SER A 396 -23.16 -19.89 32.95
N PHE A 397 -23.72 -18.68 32.87
CA PHE A 397 -23.76 -17.75 34.00
C PHE A 397 -24.64 -16.57 33.60
N VAL A 398 -24.84 -15.66 34.54
CA VAL A 398 -25.67 -14.47 34.35
C VAL A 398 -24.89 -13.26 34.84
N ILE A 399 -24.97 -12.17 34.09
CA ILE A 399 -24.36 -10.91 34.45
C ILE A 399 -25.37 -9.79 34.23
N ARG A 400 -24.94 -8.56 34.48
CA ARG A 400 -25.78 -7.40 34.20
C ARG A 400 -25.78 -7.13 32.69
N GLY A 401 -26.88 -6.52 32.23
CA GLY A 401 -27.04 -6.27 30.81
C GLY A 401 -26.00 -5.34 30.22
N ASP A 402 -25.54 -4.36 31.00
CA ASP A 402 -24.58 -3.40 30.48
C ASP A 402 -23.20 -3.99 30.27
N GLU A 403 -22.95 -5.21 30.74
CA GLU A 403 -21.66 -5.86 30.59
C GLU A 403 -21.66 -6.93 29.51
N VAL A 404 -22.68 -6.97 28.66
CA VAL A 404 -22.70 -7.97 27.59
C VAL A 404 -21.57 -7.70 26.61
N ARG A 405 -21.25 -6.43 26.39
CA ARG A 405 -20.13 -6.08 25.48
C ARG A 405 -18.79 -6.42 26.17
N GLN A 406 -18.79 -6.44 27.52
CA GLN A 406 -17.57 -6.72 28.25
C GLN A 406 -17.10 -8.16 28.07
N ILE A 407 -18.01 -9.06 27.72
CA ILE A 407 -17.65 -10.45 27.46
C ILE A 407 -17.17 -10.55 26.02
N ALA A 408 -15.87 -10.37 25.82
CA ALA A 408 -15.26 -10.35 24.50
C ALA A 408 -13.75 -10.30 24.68
N PRO A 409 -12.99 -10.75 23.68
CA PRO A 409 -11.54 -10.65 23.77
C PRO A 409 -11.08 -9.19 23.67
N GLY A 410 -9.93 -8.93 24.26
CA GLY A 410 -9.40 -7.57 24.28
C GLY A 410 -10.30 -6.59 25.01
N GLN A 411 -11.00 -7.05 26.05
CA GLN A 411 -11.90 -6.21 26.81
C GLN A 411 -11.24 -5.78 28.13
N THR A 412 -11.86 -4.78 28.77
CA THR A 412 -11.40 -4.25 30.04
C THR A 412 -12.60 -3.95 30.91
N GLY A 413 -12.56 -4.36 32.17
CA GLY A 413 -13.66 -4.10 33.07
C GLY A 413 -13.58 -4.96 34.32
N ASN A 414 -14.61 -4.81 35.16
CA ASN A 414 -14.63 -5.49 36.45
C ASN A 414 -14.78 -7.00 36.29
N ILE A 415 -15.91 -7.45 35.73
CA ILE A 415 -16.18 -8.88 35.63
C ILE A 415 -15.10 -9.56 34.80
N ALA A 416 -14.60 -8.87 33.77
CA ALA A 416 -13.48 -9.38 33.01
C ALA A 416 -12.28 -9.61 33.93
N ASP A 417 -11.96 -8.62 34.75
CA ASP A 417 -10.79 -8.74 35.62
C ASP A 417 -11.06 -9.66 36.80
N TYR A 418 -12.25 -9.58 37.40
CA TYR A 418 -12.49 -10.21 38.68
C TYR A 418 -13.64 -11.20 38.69
N ASN A 419 -14.28 -11.45 37.57
CA ASN A 419 -15.31 -12.48 37.59
C ASN A 419 -15.11 -13.54 36.51
N TYR A 420 -14.71 -13.14 35.30
CA TYR A 420 -14.58 -14.07 34.18
C TYR A 420 -13.83 -13.41 33.03
N LYS A 421 -12.76 -14.04 32.56
CA LYS A 421 -11.91 -13.49 31.53
C LYS A 421 -11.88 -14.41 30.32
N LEU A 422 -11.93 -13.81 29.13
CA LEU A 422 -11.85 -14.56 27.89
C LEU A 422 -10.51 -14.34 27.22
N PRO A 423 -9.97 -15.35 26.53
CA PRO A 423 -8.68 -15.17 25.86
C PRO A 423 -8.81 -14.26 24.65
N ASP A 424 -7.68 -13.67 24.27
CA ASP A 424 -7.68 -12.77 23.12
C ASP A 424 -8.01 -13.51 21.84
N ASP A 425 -7.43 -14.70 21.64
CA ASP A 425 -7.61 -15.49 20.44
C ASP A 425 -8.86 -16.36 20.47
N PHE A 426 -9.82 -16.04 21.35
CA PHE A 426 -10.99 -16.87 21.53
C PHE A 426 -11.78 -17.02 20.22
N THR A 427 -12.12 -18.26 19.90
CA THR A 427 -12.94 -18.59 18.74
C THR A 427 -14.24 -19.22 19.23
N GLY A 428 -15.36 -18.74 18.72
CA GLY A 428 -16.62 -19.27 19.17
C GLY A 428 -17.71 -18.23 19.02
N CYS A 429 -18.67 -18.30 19.94
CA CYS A 429 -19.88 -17.50 19.86
C CYS A 429 -20.36 -17.22 21.27
N VAL A 430 -21.20 -16.18 21.40
CA VAL A 430 -21.72 -15.75 22.69
C VAL A 430 -23.19 -15.38 22.55
N ILE A 431 -24.00 -15.80 23.53
CA ILE A 431 -25.47 -15.51 23.50
C ILE A 431 -25.87 -14.81 24.80
N ALA A 432 -26.57 -13.68 24.70
CA ALA A 432 -27.02 -12.92 25.86
C ALA A 432 -28.40 -12.38 25.58
N TRP A 433 -29.28 -12.45 26.57
CA TRP A 433 -30.66 -12.02 26.41
C TRP A 433 -31.26 -11.80 27.79
N ASN A 434 -32.15 -10.82 27.88
CA ASN A 434 -32.72 -10.44 29.16
C ASN A 434 -33.45 -11.61 29.80
N SER A 435 -33.07 -11.91 31.04
CA SER A 435 -33.69 -12.97 31.83
C SER A 435 -34.51 -12.38 32.96
N ASN A 436 -35.23 -11.29 32.67
CA ASN A 436 -36.02 -10.60 33.68
C ASN A 436 -37.06 -11.54 34.30
N LYS A 437 -37.85 -12.21 33.46
CA LYS A 437 -38.87 -13.12 33.96
C LYS A 437 -38.29 -14.38 34.57
N LEU A 438 -36.97 -14.55 34.54
CA LEU A 438 -36.30 -15.72 35.09
C LEU A 438 -35.42 -15.39 36.29
N ASP A 439 -34.51 -14.43 36.14
CA ASP A 439 -33.53 -14.12 37.18
C ASP A 439 -33.76 -12.72 37.77
N SER A 440 -34.96 -12.18 37.64
CA SER A 440 -35.29 -10.88 38.22
C SER A 440 -36.65 -10.95 38.88
N LYS A 441 -36.68 -10.79 40.20
CA LYS A 441 -37.91 -10.63 40.95
C LYS A 441 -37.91 -9.25 41.60
N VAL A 442 -39.11 -8.71 41.82
CA VAL A 442 -39.22 -7.37 42.38
C VAL A 442 -38.58 -7.31 43.75
N SER A 443 -38.56 -8.44 44.47
CA SER A 443 -37.83 -8.51 45.73
C SER A 443 -36.32 -8.59 45.51
N GLY A 444 -35.87 -8.80 44.28
CA GLY A 444 -34.46 -8.93 44.00
C GLY A 444 -34.02 -10.36 44.12
N ASN A 445 -33.50 -10.93 43.04
CA ASN A 445 -33.09 -12.34 43.01
C ASN A 445 -31.64 -12.40 43.47
N TYR A 446 -31.43 -12.84 44.71
CA TYR A 446 -30.10 -12.96 45.29
C TYR A 446 -29.55 -14.38 45.23
N ASN A 447 -30.04 -15.18 44.27
CA ASN A 447 -29.37 -16.42 43.93
C ASN A 447 -28.08 -16.19 43.18
N TYR A 448 -27.85 -14.96 42.70
CA TYR A 448 -26.70 -14.63 41.87
C TYR A 448 -25.91 -13.52 42.55
N LEU A 449 -24.60 -13.68 42.59
CA LEU A 449 -23.72 -12.72 43.24
C LEU A 449 -22.52 -12.47 42.34
N TYR A 450 -21.61 -11.61 42.78
CA TYR A 450 -20.47 -11.23 41.94
C TYR A 450 -19.36 -10.67 42.80
N ARG A 451 -18.17 -10.61 42.20
CA ARG A 451 -16.97 -10.07 42.84
C ARG A 451 -16.58 -8.77 42.15
N LEU A 452 -16.05 -7.82 42.94
CA LEU A 452 -15.57 -6.55 42.38
C LEU A 452 -14.21 -6.14 42.88
N PHE A 453 -13.72 -6.63 44.01
CA PHE A 453 -12.38 -6.36 44.52
C PHE A 453 -11.58 -7.65 44.55
N ARG A 454 -10.36 -7.60 44.03
CA ARG A 454 -9.44 -8.74 44.09
C ARG A 454 -8.03 -8.20 43.93
N LYS A 455 -7.07 -8.92 44.53
CA LYS A 455 -5.69 -8.45 44.51
C LYS A 455 -5.15 -8.40 43.07
N SER A 456 -5.47 -9.40 42.27
CA SER A 456 -5.01 -9.46 40.89
C SER A 456 -6.14 -9.96 40.01
N ASN A 457 -6.10 -9.56 38.75
CA ASN A 457 -7.14 -9.92 37.79
C ASN A 457 -7.13 -11.42 37.54
N LEU A 458 -8.10 -11.89 36.76
CA LEU A 458 -8.25 -13.30 36.46
C LEU A 458 -7.48 -13.67 35.18
N LYS A 459 -7.37 -14.98 34.97
CA LYS A 459 -6.75 -15.77 33.93
C LYS A 459 -7.82 -16.28 32.96
N PRO A 460 -7.50 -16.40 31.66
CA PRO A 460 -8.49 -16.95 30.73
C PRO A 460 -8.94 -18.34 31.15
N PHE A 461 -10.25 -18.56 31.07
CA PHE A 461 -10.89 -19.82 31.45
C PHE A 461 -10.63 -20.21 32.89
N GLU A 462 -10.32 -19.25 33.75
CA GLU A 462 -10.08 -19.51 35.16
C GLU A 462 -11.25 -18.99 35.97
N ARG A 463 -11.78 -19.83 36.85
CA ARG A 463 -12.91 -19.48 37.69
C ARG A 463 -12.40 -19.35 39.13
N ASP A 464 -12.10 -18.13 39.53
CA ASP A 464 -11.74 -17.86 40.92
C ASP A 464 -12.95 -18.09 41.80
N ILE A 465 -12.79 -18.90 42.85
CA ILE A 465 -13.91 -19.29 43.70
C ILE A 465 -13.64 -19.09 45.18
N SER A 466 -12.40 -18.88 45.62
CA SER A 466 -12.11 -18.91 47.05
C SER A 466 -12.79 -17.74 47.76
N THR A 467 -13.29 -18.03 48.97
CA THR A 467 -13.96 -17.02 49.80
C THR A 467 -12.92 -16.49 50.80
N GLU A 468 -12.04 -15.63 50.30
CA GLU A 468 -10.97 -15.05 51.10
C GLU A 468 -11.23 -13.57 51.31
N ILE A 469 -11.13 -13.13 52.56
CA ILE A 469 -11.38 -11.73 52.88
C ILE A 469 -10.39 -10.85 52.11
N TYR A 470 -10.82 -9.65 51.76
CA TYR A 470 -10.03 -8.75 50.94
C TYR A 470 -9.44 -7.64 51.79
N GLN A 471 -8.15 -7.38 51.58
CA GLN A 471 -7.43 -6.31 52.25
C GLN A 471 -7.18 -5.21 51.23
N ALA A 472 -7.87 -4.08 51.39
CA ALA A 472 -7.71 -2.94 50.51
C ALA A 472 -6.76 -1.89 51.06
N GLY A 473 -6.25 -2.08 52.28
CA GLY A 473 -5.40 -1.11 52.92
C GLY A 473 -4.04 -1.69 53.27
N ASN A 474 -3.18 -0.81 53.78
CA ASN A 474 -1.83 -1.22 54.16
C ASN A 474 -1.81 -2.16 55.35
N LYS A 475 -2.92 -2.23 56.10
CA LYS A 475 -3.09 -3.05 57.28
C LYS A 475 -3.86 -4.33 56.95
N PRO A 476 -3.55 -5.45 57.61
CA PRO A 476 -4.26 -6.70 57.33
C PRO A 476 -5.66 -6.74 57.94
N CYS A 477 -6.38 -7.83 57.70
CA CYS A 477 -7.72 -8.00 58.23
C CYS A 477 -7.87 -9.18 59.17
N ASN A 478 -7.02 -10.20 59.05
CA ASN A 478 -6.97 -11.33 59.98
C ASN A 478 -8.28 -12.10 60.01
N GLY A 479 -9.02 -12.09 58.89
CA GLY A 479 -10.26 -12.84 58.80
C GLY A 479 -11.43 -12.23 59.55
N VAL A 480 -11.40 -10.93 59.82
CA VAL A 480 -12.46 -10.26 60.55
C VAL A 480 -12.94 -9.07 59.72
N ALA A 481 -14.27 -8.92 59.60
CA ALA A 481 -14.83 -7.78 58.82
C ALA A 481 -14.41 -6.46 59.48
N GLY A 482 -14.34 -5.39 58.69
CA GLY A 482 -13.93 -4.07 59.22
C GLY A 482 -13.41 -3.16 58.12
N PHE A 483 -12.71 -2.09 58.50
CA PHE A 483 -12.14 -1.14 57.49
C PHE A 483 -11.17 -1.91 56.59
N ASN A 484 -11.27 -1.68 55.27
CA ASN A 484 -10.37 -2.37 54.31
C ASN A 484 -10.64 -3.89 54.36
N CYS A 485 -11.72 -4.30 55.02
CA CYS A 485 -12.08 -5.74 55.10
C CYS A 485 -13.38 -5.97 54.32
N TYR A 486 -13.26 -6.41 53.06
CA TYR A 486 -14.39 -6.63 52.18
C TYR A 486 -14.52 -8.12 51.90
N PHE A 487 -15.71 -8.66 52.12
CA PHE A 487 -15.97 -10.02 51.65
C PHE A 487 -15.87 -10.04 50.13
N PRO A 488 -15.21 -11.02 49.54
CA PRO A 488 -14.91 -10.96 48.10
C PRO A 488 -16.14 -10.93 47.21
N LEU A 489 -17.30 -11.31 47.76
CA LEU A 489 -18.52 -11.41 46.90
C LEU A 489 -19.64 -10.50 47.41
N ARG A 490 -20.29 -9.76 46.51
CA ARG A 490 -21.45 -8.88 46.87
C ARG A 490 -22.64 -9.35 46.03
N SER A 491 -23.88 -8.99 46.39
CA SER A 491 -25.00 -9.56 45.59
C SER A 491 -25.72 -8.49 44.76
N TYR A 492 -26.17 -8.85 43.56
CA TYR A 492 -26.92 -7.91 42.69
C TYR A 492 -28.37 -7.80 43.17
N SER A 493 -29.00 -6.65 42.98
CA SER A 493 -30.41 -6.49 43.33
C SER A 493 -31.21 -6.47 42.03
N PHE A 494 -31.36 -7.65 41.42
CA PHE A 494 -32.05 -7.78 40.15
C PHE A 494 -33.55 -7.58 40.33
N ARG A 495 -34.01 -6.35 40.10
CA ARG A 495 -35.42 -6.02 40.19
C ARG A 495 -35.96 -5.59 38.83
N PRO A 496 -37.20 -5.96 38.49
CA PRO A 496 -37.83 -5.41 37.28
C PRO A 496 -38.11 -3.92 37.38
N THR A 497 -37.99 -3.33 38.57
CA THR A 497 -38.05 -1.88 38.69
C THR A 497 -36.82 -1.21 38.10
N TYR A 498 -35.70 -1.93 38.04
CA TYR A 498 -34.51 -1.40 37.36
C TYR A 498 -34.73 -1.37 35.85
N GLY A 499 -34.18 -0.36 35.21
CA GLY A 499 -34.28 -0.26 33.77
C GLY A 499 -33.44 -1.30 33.06
N VAL A 500 -33.80 -1.54 31.79
CA VAL A 500 -33.03 -2.46 30.98
C VAL A 500 -31.60 -1.95 30.86
N GLY A 501 -30.64 -2.88 30.86
CA GLY A 501 -29.26 -2.59 31.14
C GLY A 501 -28.87 -2.98 32.56
N HIS A 502 -29.85 -3.06 33.46
CA HIS A 502 -29.69 -3.65 34.77
C HIS A 502 -30.40 -4.98 34.93
N GLN A 503 -31.34 -5.30 34.03
CA GLN A 503 -31.99 -6.59 34.06
C GLN A 503 -30.94 -7.69 33.89
N PRO A 504 -31.15 -8.85 34.52
CA PRO A 504 -30.20 -9.96 34.35
C PRO A 504 -30.29 -10.53 32.94
N TYR A 505 -29.13 -10.76 32.34
CA TYR A 505 -29.02 -11.33 31.00
C TYR A 505 -28.26 -12.64 31.08
N ARG A 506 -28.87 -13.72 30.63
CA ARG A 506 -28.22 -15.02 30.65
C ARG A 506 -27.19 -15.10 29.52
N VAL A 507 -25.96 -15.48 29.86
CA VAL A 507 -24.85 -15.48 28.93
C VAL A 507 -24.31 -16.90 28.81
N VAL A 508 -24.15 -17.37 27.58
CA VAL A 508 -23.49 -18.64 27.30
C VAL A 508 -22.48 -18.42 26.18
N VAL A 509 -21.28 -18.96 26.43
CA VAL A 509 -20.18 -18.83 25.43
C VAL A 509 -19.77 -20.25 25.01
N LEU A 510 -19.37 -20.41 23.76
CA LEU A 510 -18.99 -21.70 23.21
C LEU A 510 -17.54 -21.64 22.72
N SER A 511 -16.74 -22.62 23.14
CA SER A 511 -15.36 -22.72 22.72
C SER A 511 -15.20 -23.81 21.66
N PHE A 512 -14.26 -23.61 20.75
CA PHE A 512 -14.06 -24.57 19.67
C PHE A 512 -12.59 -24.65 19.29
N GLU A 513 -12.19 -25.83 18.82
CA GLU A 513 -10.97 -26.00 18.07
C GLU A 513 -11.33 -26.41 16.65
N LEU A 514 -10.64 -25.82 15.68
CA LEU A 514 -11.06 -25.89 14.28
C LEU A 514 -10.19 -26.88 13.54
N LEU A 515 -10.74 -28.07 13.29
CA LEU A 515 -10.20 -29.08 12.38
C LEU A 515 -8.87 -29.66 12.84
N HIS A 516 -8.25 -29.13 13.89
CA HIS A 516 -6.91 -29.55 14.29
C HIS A 516 -6.92 -30.79 15.18
N ALA A 517 -7.97 -31.60 15.09
CA ALA A 517 -8.07 -32.85 15.81
C ALA A 517 -9.18 -33.68 15.19
N PRO A 518 -9.21 -34.99 15.45
CA PRO A 518 -10.35 -35.79 14.99
C PRO A 518 -11.69 -35.21 15.41
N ALA A 519 -12.46 -34.73 14.45
CA ALA A 519 -13.77 -34.14 14.74
C ALA A 519 -14.73 -35.22 15.21
N THR A 520 -15.52 -34.91 16.23
CA THR A 520 -16.56 -35.83 16.66
C THR A 520 -17.95 -35.24 16.45
N VAL A 521 -18.24 -34.12 17.11
CA VAL A 521 -19.54 -33.51 16.95
C VAL A 521 -19.64 -32.95 15.55
N CYS A 522 -20.69 -33.34 14.83
CA CYS A 522 -20.87 -32.92 13.45
C CYS A 522 -22.27 -32.38 13.25
N GLY A 523 -22.51 -31.84 12.06
CA GLY A 523 -23.77 -31.27 11.71
C GLY A 523 -24.67 -32.26 10.99
N PRO A 524 -25.65 -31.73 10.25
CA PRO A 524 -26.67 -32.59 9.64
C PRO A 524 -26.28 -33.19 8.30
N LYS A 525 -24.99 -33.16 7.94
CA LYS A 525 -24.59 -33.68 6.65
C LYS A 525 -24.73 -35.20 6.61
N LYS A 526 -25.01 -35.71 5.41
CA LYS A 526 -25.20 -37.14 5.17
C LYS A 526 -24.02 -37.67 4.39
N SER A 527 -23.51 -38.83 4.81
CA SER A 527 -22.30 -39.37 4.22
C SER A 527 -22.60 -40.08 2.91
N THR A 528 -21.54 -40.54 2.25
CA THR A 528 -21.65 -41.38 1.06
C THR A 528 -20.33 -42.08 0.86
N ASN A 529 -20.35 -43.10 0.00
CA ASN A 529 -19.14 -43.88 -0.23
C ASN A 529 -18.12 -43.06 -1.00
N LEU A 530 -16.85 -43.32 -0.73
CA LEU A 530 -15.77 -42.63 -1.41
C LEU A 530 -15.57 -43.24 -2.80
N VAL A 531 -14.55 -42.76 -3.51
CA VAL A 531 -14.10 -43.36 -4.75
C VAL A 531 -12.59 -43.49 -4.70
N LYS A 532 -12.07 -44.40 -5.53
CA LYS A 532 -10.64 -44.63 -5.65
C LYS A 532 -10.19 -44.22 -7.04
N ASN A 533 -9.13 -43.41 -7.09
CA ASN A 533 -8.49 -43.05 -8.35
C ASN A 533 -9.45 -42.37 -9.31
N LYS A 534 -10.30 -41.49 -8.77
CA LYS A 534 -11.19 -40.69 -9.61
C LYS A 534 -11.22 -39.26 -9.06
N CYS A 535 -11.12 -38.30 -9.97
CA CYS A 535 -11.06 -36.89 -9.59
C CYS A 535 -12.41 -36.45 -9.03
N VAL A 536 -12.45 -36.20 -7.72
CA VAL A 536 -13.67 -35.77 -7.04
C VAL A 536 -13.36 -34.59 -6.13
N ASN A 537 -14.41 -34.17 -5.43
CA ASN A 537 -14.28 -33.11 -4.40
C ASN A 537 -14.88 -33.76 -3.15
N PHE A 538 -14.34 -33.47 -1.96
CA PHE A 538 -14.78 -34.14 -0.76
C PHE A 538 -15.03 -33.14 0.37
N ASN A 539 -15.47 -33.66 1.52
CA ASN A 539 -15.65 -32.80 2.72
C ASN A 539 -14.69 -33.30 3.81
N PHE A 540 -14.70 -34.61 4.09
CA PHE A 540 -13.76 -35.22 5.07
C PHE A 540 -13.78 -34.52 6.44
N ASN A 541 -14.98 -34.34 7.02
CA ASN A 541 -15.11 -33.75 8.39
C ASN A 541 -14.90 -32.23 8.33
N GLY A 542 -14.72 -31.67 7.12
CA GLY A 542 -14.57 -30.22 6.99
C GLY A 542 -13.45 -29.82 6.05
N LEU A 543 -12.61 -30.77 5.65
CA LEU A 543 -11.51 -30.48 4.73
C LEU A 543 -12.07 -30.44 3.31
N LYS A 544 -12.75 -29.34 3.01
CA LYS A 544 -13.48 -29.20 1.76
C LYS A 544 -12.49 -28.95 0.64
N GLY A 545 -11.85 -30.03 0.21
CA GLY A 545 -10.89 -29.96 -0.88
C GLY A 545 -11.23 -30.97 -1.96
N THR A 546 -10.63 -30.75 -3.13
CA THR A 546 -10.78 -31.63 -4.28
C THR A 546 -9.49 -32.39 -4.53
N GLY A 547 -9.59 -33.42 -5.35
CA GLY A 547 -8.40 -34.17 -5.73
C GLY A 547 -8.78 -35.59 -6.09
N VAL A 548 -7.76 -36.45 -6.10
CA VAL A 548 -7.94 -37.88 -6.30
C VAL A 548 -7.51 -38.58 -5.02
N LEU A 549 -8.33 -39.53 -4.58
CA LEU A 549 -8.10 -40.22 -3.32
C LEU A 549 -7.40 -41.55 -3.57
N THR A 550 -6.40 -41.85 -2.76
CA THR A 550 -5.55 -43.01 -2.98
C THR A 550 -5.38 -43.77 -1.68
N GLU A 551 -5.25 -45.09 -1.80
CA GLU A 551 -5.02 -45.95 -0.64
C GLU A 551 -3.61 -45.71 -0.13
N SER A 552 -3.49 -44.92 0.94
CA SER A 552 -2.18 -44.56 1.46
C SER A 552 -1.57 -45.73 2.22
N ASN A 553 -0.34 -46.09 1.87
CA ASN A 553 0.38 -47.17 2.53
C ASN A 553 1.02 -46.72 3.84
N LYS A 554 0.91 -45.44 4.17
CA LYS A 554 1.56 -44.87 5.33
C LYS A 554 0.71 -45.09 6.59
N LYS A 555 1.36 -45.04 7.74
CA LYS A 555 0.73 -45.37 9.01
C LYS A 555 0.73 -44.16 9.93
N PHE A 556 -0.46 -43.70 10.31
CA PHE A 556 -0.62 -42.63 11.28
C PHE A 556 -0.48 -43.16 12.70
N LEU A 557 0.11 -42.35 13.57
CA LEU A 557 0.11 -42.68 14.98
C LEU A 557 -1.31 -42.54 15.53
N PRO A 558 -1.66 -43.33 16.54
CA PRO A 558 -3.06 -43.46 16.96
C PRO A 558 -3.82 -42.17 17.28
N PHE A 559 -3.15 -41.04 17.44
CA PHE A 559 -3.84 -39.83 17.88
C PHE A 559 -3.93 -38.74 16.83
N GLN A 560 -2.91 -38.53 16.01
CA GLN A 560 -2.99 -37.53 14.95
C GLN A 560 -3.75 -38.11 13.76
N GLN A 561 -4.58 -37.28 13.14
CA GLN A 561 -5.47 -37.75 12.08
C GLN A 561 -4.87 -37.60 10.68
N PHE A 562 -4.42 -36.41 10.32
CA PHE A 562 -4.02 -36.11 8.96
C PHE A 562 -2.63 -35.49 8.93
N GLY A 563 -1.92 -35.73 7.82
CA GLY A 563 -0.58 -35.24 7.64
C GLY A 563 -0.54 -33.93 6.88
N ARG A 564 0.66 -33.58 6.44
CA ARG A 564 0.90 -32.37 5.67
C ARG A 564 2.19 -32.56 4.88
N ASP A 565 2.71 -31.48 4.32
CA ASP A 565 3.97 -31.52 3.60
C ASP A 565 4.64 -30.16 3.76
N ILE A 566 5.59 -29.87 2.87
CA ILE A 566 6.41 -28.66 2.99
C ILE A 566 5.52 -27.43 3.14
N ALA A 567 4.70 -27.14 2.13
CA ALA A 567 3.63 -26.19 2.31
C ALA A 567 2.56 -26.81 3.21
N ASP A 568 1.96 -25.99 4.07
CA ASP A 568 1.04 -26.57 5.05
C ASP A 568 -0.28 -26.92 4.38
N THR A 569 -0.24 -27.79 3.38
CA THR A 569 -1.44 -28.32 2.74
C THR A 569 -1.61 -29.77 3.17
N THR A 570 -2.86 -30.19 3.31
CA THR A 570 -3.13 -31.56 3.75
C THR A 570 -2.78 -32.54 2.64
N ASP A 571 -2.09 -33.61 3.03
CA ASP A 571 -1.60 -34.60 2.07
C ASP A 571 -2.02 -36.01 2.46
N ALA A 572 -2.87 -36.16 3.47
CA ALA A 572 -3.38 -37.45 3.90
C ALA A 572 -4.54 -37.18 4.85
N VAL A 573 -5.36 -38.20 5.08
CA VAL A 573 -6.47 -38.07 6.02
C VAL A 573 -6.96 -39.46 6.37
N ARG A 574 -7.28 -39.66 7.65
CA ARG A 574 -7.83 -40.91 8.14
C ARG A 574 -9.33 -40.88 7.91
N ASP A 575 -9.79 -41.69 6.97
CA ASP A 575 -11.19 -41.69 6.59
C ASP A 575 -12.06 -42.15 7.75
N PRO A 576 -13.04 -41.38 8.18
CA PRO A 576 -13.97 -41.87 9.19
C PRO A 576 -14.83 -43.01 8.64
N GLN A 577 -15.50 -43.72 9.55
CA GLN A 577 -16.43 -44.81 9.12
C GLN A 577 -15.66 -45.99 8.51
N THR A 578 -14.34 -45.87 8.33
CA THR A 578 -13.57 -46.96 7.76
C THR A 578 -12.20 -47.01 8.43
N LEU A 579 -11.86 -45.94 9.13
CA LEU A 579 -10.58 -45.80 9.82
C LEU A 579 -9.40 -46.04 8.88
N GLU A 580 -9.69 -45.91 7.58
CA GLU A 580 -8.65 -46.13 6.53
C GLU A 580 -7.92 -44.81 6.28
N ILE A 581 -6.60 -44.88 6.13
CA ILE A 581 -5.78 -43.71 5.88
C ILE A 581 -5.84 -43.40 4.39
N LEU A 582 -6.25 -42.19 4.04
CA LEU A 582 -6.47 -41.80 2.66
C LEU A 582 -5.48 -40.72 2.24
N ASP A 583 -5.03 -40.80 1.00
CA ASP A 583 -4.12 -39.84 0.40
C ASP A 583 -4.92 -38.80 -0.38
N ILE A 584 -4.25 -37.71 -0.73
CA ILE A 584 -4.83 -36.66 -1.57
C ILE A 584 -3.80 -36.23 -2.60
N THR A 585 -4.24 -36.01 -3.83
CA THR A 585 -3.37 -35.66 -4.92
C THR A 585 -4.19 -34.82 -5.89
N PRO A 586 -3.67 -33.66 -6.32
CA PRO A 586 -4.45 -32.81 -7.24
C PRO A 586 -4.78 -33.55 -8.52
N CYS A 587 -5.98 -33.30 -9.04
CA CYS A 587 -6.34 -33.84 -10.34
C CYS A 587 -5.36 -33.34 -11.39
N SER A 588 -4.93 -34.24 -12.28
CA SER A 588 -3.85 -33.93 -13.19
C SER A 588 -4.18 -32.69 -14.00
N PHE A 589 -3.14 -31.96 -14.39
CA PHE A 589 -3.29 -30.68 -15.04
C PHE A 589 -2.04 -30.39 -15.84
N GLY A 590 -1.87 -29.16 -16.26
CA GLY A 590 -0.69 -28.72 -16.99
C GLY A 590 -1.12 -27.68 -18.01
N GLY A 591 -0.17 -26.83 -18.40
CA GLY A 591 -0.47 -25.82 -19.38
C GLY A 591 -0.69 -26.40 -20.76
N VAL A 592 -1.44 -25.66 -21.56
CA VAL A 592 -1.58 -25.96 -22.98
C VAL A 592 -0.84 -24.88 -23.76
N SER A 593 -0.66 -25.13 -25.05
CA SER A 593 0.13 -24.23 -25.87
C SER A 593 -0.19 -24.50 -27.32
N VAL A 594 -0.37 -23.44 -28.09
CA VAL A 594 -0.98 -23.50 -29.41
C VAL A 594 0.09 -23.25 -30.48
N ILE A 595 0.09 -24.08 -31.50
CA ILE A 595 1.07 -24.01 -32.58
C ILE A 595 0.33 -23.64 -33.86
N THR A 596 0.48 -22.40 -34.30
CA THR A 596 -0.27 -21.90 -35.44
C THR A 596 0.66 -21.27 -36.45
N PRO A 597 0.54 -21.59 -37.74
CA PRO A 597 1.04 -20.68 -38.77
C PRO A 597 0.20 -19.42 -38.78
N GLY A 598 0.76 -18.36 -39.33
CA GLY A 598 0.07 -17.08 -39.35
C GLY A 598 -1.33 -17.18 -39.92
N THR A 599 -2.29 -16.51 -39.28
CA THR A 599 -3.67 -16.61 -39.75
C THR A 599 -3.81 -16.19 -41.21
N ASN A 600 -2.95 -15.28 -41.66
CA ASN A 600 -2.98 -14.87 -43.06
C ASN A 600 -2.69 -16.04 -43.99
N THR A 601 -1.97 -17.05 -43.50
CA THR A 601 -1.65 -18.22 -44.29
C THR A 601 -2.66 -19.35 -44.07
N SER A 602 -2.81 -19.81 -42.84
CA SER A 602 -3.69 -20.91 -42.55
C SER A 602 -4.57 -20.59 -41.36
N ASN A 603 -5.59 -21.43 -41.17
CA ASN A 603 -6.46 -21.36 -40.01
C ASN A 603 -6.47 -22.64 -39.19
N GLN A 604 -6.03 -23.76 -39.75
CA GLN A 604 -5.86 -24.96 -38.95
C GLN A 604 -4.71 -24.74 -37.97
N VAL A 605 -4.65 -25.58 -36.94
CA VAL A 605 -3.75 -25.33 -35.83
C VAL A 605 -3.50 -26.62 -35.08
N ALA A 606 -2.33 -26.73 -34.48
CA ALA A 606 -1.96 -27.86 -33.64
C ALA A 606 -1.80 -27.40 -32.20
N VAL A 607 -2.17 -28.26 -31.26
CA VAL A 607 -2.22 -27.91 -29.85
C VAL A 607 -1.24 -28.80 -29.09
N LEU A 608 -0.43 -28.19 -28.24
CA LEU A 608 0.54 -28.90 -27.42
C LEU A 608 0.08 -28.91 -25.98
N TYR A 609 -0.14 -30.10 -25.43
CA TYR A 609 -0.43 -30.25 -24.01
C TYR A 609 0.89 -30.54 -23.30
N GLN A 610 1.34 -29.60 -22.48
CA GLN A 610 2.67 -29.69 -21.90
C GLN A 610 2.70 -30.65 -20.73
N GLY A 611 3.71 -31.50 -20.70
CA GLY A 611 3.90 -32.42 -19.59
C GLY A 611 3.10 -33.70 -19.64
N VAL A 612 1.80 -33.59 -19.88
CA VAL A 612 0.94 -34.76 -19.78
C VAL A 612 1.27 -35.76 -20.87
N ASN A 613 1.02 -37.03 -20.58
CA ASN A 613 1.22 -38.11 -21.52
C ASN A 613 0.04 -38.19 -22.48
N CYS A 614 0.17 -39.02 -23.51
CA CYS A 614 -0.84 -39.14 -24.54
C CYS A 614 -1.90 -40.18 -24.19
N THR A 615 -2.11 -40.45 -22.90
CA THR A 615 -3.14 -41.37 -22.44
C THR A 615 -4.38 -40.66 -21.92
N GLU A 616 -4.21 -39.78 -20.93
CA GLU A 616 -5.32 -39.06 -20.34
C GLU A 616 -5.74 -37.84 -21.16
N VAL A 617 -4.84 -37.32 -21.97
CA VAL A 617 -5.18 -36.16 -22.83
C VAL A 617 -6.35 -36.46 -23.75
N PRO A 618 -6.39 -37.57 -24.49
CA PRO A 618 -7.59 -37.82 -25.31
C PRO A 618 -8.80 -38.20 -24.48
N VAL A 619 -8.60 -38.94 -23.38
CA VAL A 619 -9.70 -39.32 -22.51
C VAL A 619 -10.43 -38.09 -22.01
N ALA A 620 -9.69 -37.03 -21.70
CA ALA A 620 -10.25 -35.79 -21.20
C ALA A 620 -10.92 -35.06 -22.37
N ILE A 621 -12.16 -35.47 -22.66
CA ILE A 621 -12.95 -34.76 -23.66
C ILE A 621 -13.55 -33.50 -23.03
N HIS A 622 -13.90 -32.54 -23.89
CA HIS A 622 -14.40 -31.25 -23.40
C HIS A 622 -15.68 -31.41 -22.60
N ALA A 623 -16.46 -32.46 -22.86
CA ALA A 623 -17.76 -32.61 -22.21
C ALA A 623 -17.63 -32.62 -20.69
N ASP A 624 -16.64 -33.35 -20.17
CA ASP A 624 -16.45 -33.41 -18.72
C ASP A 624 -15.11 -32.83 -18.28
N GLN A 625 -13.99 -33.35 -18.77
CA GLN A 625 -12.70 -33.10 -18.13
C GLN A 625 -11.95 -31.92 -18.76
N LEU A 626 -11.70 -31.97 -20.06
CA LEU A 626 -11.00 -30.88 -20.72
C LEU A 626 -11.79 -29.59 -20.57
N THR A 627 -11.25 -28.64 -19.80
CA THR A 627 -11.98 -27.39 -19.56
C THR A 627 -12.13 -26.55 -20.82
N PRO A 628 -11.09 -26.31 -21.64
CA PRO A 628 -11.30 -25.56 -22.88
C PRO A 628 -12.22 -26.31 -23.84
N THR A 629 -12.93 -25.54 -24.66
CA THR A 629 -13.91 -26.08 -25.59
C THR A 629 -13.21 -26.64 -26.84
N TRP A 630 -12.40 -27.66 -26.63
CA TRP A 630 -11.56 -28.25 -27.68
C TRP A 630 -11.90 -29.74 -27.75
N ARG A 631 -12.92 -30.08 -28.53
CA ARG A 631 -13.43 -31.43 -28.58
C ARG A 631 -12.84 -32.27 -29.71
N VAL A 632 -12.51 -31.65 -30.84
CA VAL A 632 -11.99 -32.40 -31.98
C VAL A 632 -10.62 -32.99 -31.66
N TYR A 633 -9.79 -32.23 -30.94
CA TYR A 633 -8.44 -32.69 -30.64
C TYR A 633 -8.45 -33.86 -29.68
N SER A 634 -9.41 -33.90 -28.75
CA SER A 634 -9.50 -35.00 -27.80
C SER A 634 -9.81 -36.34 -28.46
N THR A 635 -10.01 -36.37 -29.77
CA THR A 635 -10.31 -37.60 -30.49
C THR A 635 -9.47 -37.80 -31.74
N GLY A 636 -8.53 -36.90 -32.03
CA GLY A 636 -7.76 -37.01 -33.26
C GLY A 636 -6.90 -38.27 -33.28
N SER A 637 -6.66 -38.77 -34.49
CA SER A 637 -5.83 -39.95 -34.69
C SER A 637 -4.35 -39.62 -34.81
N ASN A 638 -4.00 -38.34 -34.91
CA ASN A 638 -2.62 -37.92 -35.12
C ASN A 638 -1.89 -37.63 -33.81
N VAL A 639 -2.29 -38.27 -32.72
CA VAL A 639 -1.70 -38.00 -31.43
C VAL A 639 -0.28 -38.54 -31.39
N PHE A 640 0.67 -37.67 -31.05
CA PHE A 640 2.08 -38.01 -30.99
C PHE A 640 2.69 -37.45 -29.72
N GLN A 641 3.52 -38.27 -29.07
CA GLN A 641 4.05 -37.95 -27.76
C GLN A 641 5.51 -37.54 -27.86
N THR A 642 5.84 -36.40 -27.28
CA THR A 642 7.21 -35.92 -27.17
C THR A 642 7.55 -35.74 -25.70
N ARG A 643 8.83 -35.47 -25.43
CA ARG A 643 9.27 -35.32 -24.05
C ARG A 643 8.76 -34.05 -23.40
N ALA A 644 8.27 -33.08 -24.18
CA ALA A 644 7.66 -31.90 -23.60
C ALA A 644 6.24 -32.13 -23.14
N GLY A 645 5.51 -33.02 -23.79
CA GLY A 645 4.13 -33.30 -23.47
C GLY A 645 3.36 -33.73 -24.69
N CYS A 646 2.17 -34.29 -24.46
CA CYS A 646 1.37 -34.82 -25.54
C CYS A 646 0.88 -33.70 -26.43
N LEU A 647 1.07 -33.84 -27.73
CA LEU A 647 0.62 -32.85 -28.69
C LEU A 647 -0.32 -33.49 -29.70
N ILE A 648 -1.28 -32.69 -30.17
CA ILE A 648 -2.34 -33.14 -31.05
C ILE A 648 -2.42 -32.19 -32.22
N GLY A 649 -2.46 -32.72 -33.43
CA GLY A 649 -2.61 -31.92 -34.61
C GLY A 649 -1.43 -31.87 -35.54
N ALA A 650 -0.51 -32.82 -35.46
CA ALA A 650 0.61 -32.86 -36.39
C ALA A 650 1.03 -34.29 -36.63
N GLU A 651 1.54 -34.54 -37.83
CA GLU A 651 1.98 -35.87 -38.22
C GLU A 651 3.48 -35.94 -38.05
N TYR A 652 3.95 -36.91 -37.28
CA TYR A 652 5.38 -37.07 -37.10
C TYR A 652 6.03 -37.43 -38.42
N VAL A 653 7.10 -36.71 -38.74
CA VAL A 653 7.83 -36.96 -40.01
C VAL A 653 9.24 -37.44 -39.67
N ASN A 654 9.71 -38.47 -40.36
CA ASN A 654 11.04 -39.04 -40.13
C ASN A 654 12.14 -38.28 -40.84
N ASN A 655 11.82 -37.22 -41.57
CA ASN A 655 12.84 -36.37 -42.17
C ASN A 655 13.41 -35.45 -41.10
N SER A 656 14.12 -34.41 -41.53
CA SER A 656 14.65 -33.43 -40.60
C SER A 656 14.97 -32.15 -41.36
N TYR A 657 14.48 -31.03 -40.85
CA TYR A 657 14.68 -29.73 -41.48
C TYR A 657 15.00 -28.70 -40.41
N GLU A 658 15.71 -27.66 -40.81
CA GLU A 658 15.82 -26.49 -39.95
C GLU A 658 14.44 -25.90 -39.75
N CYS A 659 14.10 -25.58 -38.50
CA CYS A 659 12.71 -25.38 -38.16
C CYS A 659 12.48 -23.97 -37.61
N ASP A 660 11.21 -23.66 -37.37
CA ASP A 660 10.76 -22.30 -37.09
C ASP A 660 9.90 -22.22 -35.84
N ILE A 661 9.13 -23.26 -35.54
CA ILE A 661 8.28 -23.25 -34.36
C ILE A 661 8.81 -24.26 -33.36
N PRO A 662 9.75 -23.87 -32.50
CA PRO A 662 10.30 -24.83 -31.54
C PRO A 662 9.24 -25.35 -30.59
N ILE A 663 9.32 -26.64 -30.28
CA ILE A 663 8.39 -27.27 -29.36
C ILE A 663 9.13 -27.61 -28.08
N GLY A 664 10.18 -28.39 -28.18
CA GLY A 664 10.97 -28.75 -27.02
C GLY A 664 11.58 -30.12 -27.19
N ALA A 665 12.77 -30.28 -26.62
CA ALA A 665 13.52 -31.53 -26.68
C ALA A 665 13.78 -31.97 -28.12
N GLY A 666 14.03 -31.01 -28.99
CA GLY A 666 14.39 -31.33 -30.36
C GLY A 666 13.28 -31.16 -31.37
N ILE A 667 12.06 -31.56 -31.00
CA ILE A 667 10.94 -31.44 -31.92
C ILE A 667 10.71 -29.98 -32.27
N CYS A 668 10.25 -29.73 -33.49
CA CYS A 668 9.77 -28.40 -33.85
C CYS A 668 8.92 -28.50 -35.11
N ALA A 669 7.73 -27.92 -35.05
CA ALA A 669 6.72 -28.09 -36.07
C ALA A 669 6.86 -27.05 -37.17
N SER A 670 6.10 -27.25 -38.24
CA SER A 670 6.06 -26.32 -39.38
C SER A 670 4.88 -26.73 -40.26
N TYR A 671 4.77 -26.07 -41.41
CA TYR A 671 3.68 -26.27 -42.35
C TYR A 671 4.23 -26.81 -43.65
N GLN A 672 3.70 -27.94 -44.10
CA GLN A 672 4.20 -28.59 -45.31
C GLN A 672 3.14 -29.55 -45.81
N THR A 673 3.32 -30.01 -47.05
CA THR A 673 2.40 -30.97 -47.66
C THR A 673 2.62 -32.38 -47.12
N SER A 686 -4.20 -31.35 -48.52
CA SER A 686 -2.93 -31.98 -48.89
C SER A 686 -1.75 -31.19 -48.35
N GLN A 687 -2.01 -30.42 -47.28
CA GLN A 687 -0.96 -29.62 -46.65
C GLN A 687 -1.41 -29.29 -45.23
N SER A 688 -0.67 -29.79 -44.25
CA SER A 688 -1.05 -29.61 -42.85
C SER A 688 0.22 -29.47 -42.02
N ILE A 689 0.09 -29.67 -40.71
CA ILE A 689 1.17 -29.38 -39.77
C ILE A 689 1.98 -30.64 -39.52
N ILE A 690 3.30 -30.53 -39.62
CA ILE A 690 4.20 -31.63 -39.35
C ILE A 690 4.81 -31.45 -37.97
N ALA A 691 5.48 -32.49 -37.48
CA ALA A 691 6.21 -32.41 -36.22
C ALA A 691 7.42 -33.34 -36.33
N TYR A 692 8.60 -32.77 -36.44
CA TYR A 692 9.79 -33.53 -36.80
C TYR A 692 10.98 -33.06 -35.98
N THR A 693 11.91 -33.97 -35.72
CA THR A 693 13.13 -33.59 -35.03
C THR A 693 13.99 -32.70 -35.93
N MET A 694 14.58 -31.66 -35.34
CA MET A 694 15.28 -30.66 -36.13
C MET A 694 16.60 -31.19 -36.64
N SER A 695 17.09 -30.53 -37.68
CA SER A 695 18.34 -30.87 -38.34
C SER A 695 19.36 -29.78 -38.04
N LEU A 696 20.50 -30.16 -37.50
CA LEU A 696 21.53 -29.17 -37.20
C LEU A 696 22.15 -28.63 -38.48
N GLY A 697 22.30 -29.47 -39.49
CA GLY A 697 22.88 -29.04 -40.73
C GLY A 697 23.34 -30.23 -41.53
N ALA A 698 23.82 -29.93 -42.74
CA ALA A 698 24.31 -30.97 -43.65
C ALA A 698 25.56 -31.60 -43.06
N GLU A 699 25.44 -32.82 -42.57
CA GLU A 699 26.55 -33.47 -41.89
C GLU A 699 27.70 -33.66 -42.86
N ASN A 700 28.73 -32.82 -42.66
CA ASN A 700 29.88 -32.83 -43.59
C ASN A 700 31.06 -33.57 -42.99
N SER A 701 31.96 -34.06 -43.84
CA SER A 701 33.17 -34.75 -43.43
C SER A 701 34.35 -34.03 -44.09
N VAL A 702 34.91 -33.05 -43.38
CA VAL A 702 36.03 -32.28 -43.91
C VAL A 702 37.25 -33.18 -44.05
N ALA A 703 37.92 -33.08 -45.19
CA ALA A 703 39.00 -33.99 -45.52
C ALA A 703 40.28 -33.55 -44.81
N TYR A 704 40.69 -34.32 -43.81
CA TYR A 704 41.99 -34.10 -43.19
C TYR A 704 43.05 -34.91 -43.92
N SER A 705 44.23 -34.33 -44.07
CA SER A 705 45.39 -35.08 -44.53
C SER A 705 46.62 -34.33 -44.06
N ASN A 706 47.72 -35.07 -43.88
CA ASN A 706 48.88 -34.52 -43.20
C ASN A 706 49.93 -33.99 -44.15
N ASN A 707 49.63 -33.89 -45.44
CA ASN A 707 50.52 -33.19 -46.35
C ASN A 707 49.76 -32.28 -47.30
N SER A 708 48.48 -32.05 -47.09
CA SER A 708 47.66 -31.27 -48.00
C SER A 708 47.14 -30.02 -47.32
N ILE A 709 47.39 -28.87 -47.93
CA ILE A 709 46.88 -27.59 -47.46
C ILE A 709 45.93 -27.04 -48.50
N ALA A 710 45.04 -26.15 -48.06
CA ALA A 710 44.09 -25.49 -48.94
C ALA A 710 44.27 -23.98 -48.82
N ILE A 711 44.79 -23.36 -49.88
CA ILE A 711 45.12 -21.94 -49.88
C ILE A 711 44.14 -21.23 -50.80
N PRO A 712 43.35 -20.25 -50.28
CA PRO A 712 42.37 -19.53 -51.10
C PRO A 712 43.06 -18.67 -52.16
N THR A 713 42.56 -18.73 -53.40
CA THR A 713 43.11 -17.95 -54.49
C THR A 713 42.29 -16.72 -54.82
N ASN A 714 41.22 -16.45 -54.07
CA ASN A 714 40.31 -15.38 -54.42
C ASN A 714 39.53 -14.96 -53.18
N PHE A 715 39.28 -13.67 -53.07
CA PHE A 715 38.64 -13.10 -51.89
C PHE A 715 37.26 -12.54 -52.26
N THR A 716 36.58 -12.03 -51.25
CA THR A 716 35.40 -11.22 -51.46
C THR A 716 35.28 -10.24 -50.31
N ILE A 717 34.57 -9.14 -50.56
CA ILE A 717 34.45 -8.07 -49.58
C ILE A 717 33.01 -8.01 -49.08
N SER A 718 32.74 -8.68 -47.96
CA SER A 718 31.42 -8.57 -47.38
C SER A 718 31.22 -7.19 -46.79
N VAL A 719 29.95 -6.86 -46.54
CA VAL A 719 29.56 -5.72 -45.72
C VAL A 719 28.30 -6.13 -45.00
N THR A 720 28.37 -6.27 -43.69
CA THR A 720 27.27 -6.81 -42.90
C THR A 720 26.89 -5.84 -41.82
N THR A 721 25.64 -5.41 -41.82
CA THR A 721 25.16 -4.52 -40.77
C THR A 721 25.25 -5.18 -39.41
N GLU A 722 25.13 -4.36 -38.37
CA GLU A 722 25.04 -4.84 -36.99
C GLU A 722 24.39 -3.75 -36.16
N ILE A 723 23.21 -4.04 -35.62
CA ILE A 723 22.37 -3.02 -35.01
C ILE A 723 22.44 -3.17 -33.50
N LEU A 724 22.80 -2.09 -32.83
CA LEU A 724 22.87 -2.09 -31.38
C LEU A 724 21.98 -0.99 -30.82
N PRO A 725 21.21 -1.27 -29.78
CA PRO A 725 20.54 -0.20 -29.06
C PRO A 725 21.55 0.61 -28.27
N VAL A 726 21.20 1.85 -27.98
CA VAL A 726 22.07 2.73 -27.22
C VAL A 726 21.31 3.31 -26.03
N SER A 727 20.13 3.85 -26.27
CA SER A 727 19.37 4.50 -25.22
C SER A 727 17.92 4.06 -25.29
N MET A 728 17.15 4.45 -24.27
CA MET A 728 15.72 4.21 -24.23
C MET A 728 15.02 5.53 -23.94
N THR A 729 13.70 5.51 -23.99
CA THR A 729 12.93 6.73 -23.75
C THR A 729 13.06 7.15 -22.29
N LYS A 730 13.20 8.45 -22.05
CA LYS A 730 13.47 8.97 -20.71
C LYS A 730 12.17 9.39 -20.04
N THR A 731 11.41 8.40 -19.61
CA THR A 731 10.13 8.69 -18.98
C THR A 731 10.35 9.33 -17.61
N SER A 732 9.24 9.77 -17.01
CA SER A 732 9.24 10.32 -15.67
C SER A 732 7.80 10.39 -15.20
N VAL A 733 7.59 10.02 -13.93
CA VAL A 733 6.20 9.91 -13.43
C VAL A 733 5.89 10.93 -12.34
N ASP A 734 4.63 11.34 -12.27
CA ASP A 734 4.12 12.28 -11.28
C ASP A 734 3.31 11.46 -10.27
N CYS A 735 3.91 11.22 -9.10
CA CYS A 735 3.39 10.22 -8.17
C CYS A 735 1.97 10.54 -7.75
N THR A 736 1.75 11.74 -7.21
CA THR A 736 0.46 12.05 -6.61
C THR A 736 -0.63 12.16 -7.66
N MET A 737 -0.34 12.83 -8.77
CA MET A 737 -1.35 12.97 -9.82
C MET A 737 -1.69 11.62 -10.42
N TYR A 738 -0.70 10.74 -10.58
CA TYR A 738 -0.99 9.40 -11.06
C TYR A 738 -1.91 8.66 -10.09
N ILE A 739 -1.48 8.55 -8.84
CA ILE A 739 -2.20 7.70 -7.90
C ILE A 739 -3.61 8.21 -7.67
N CYS A 740 -3.77 9.52 -7.50
CA CYS A 740 -5.11 10.10 -7.38
C CYS A 740 -5.07 11.55 -7.81
N GLY A 741 -5.75 11.87 -8.90
CA GLY A 741 -5.72 13.20 -9.47
C GLY A 741 -6.64 14.20 -8.79
N ASP A 742 -6.06 15.22 -8.15
CA ASP A 742 -6.89 16.31 -7.58
C ASP A 742 -7.88 15.78 -6.51
N SER A 743 -7.38 15.07 -5.50
CA SER A 743 -8.24 14.64 -4.39
C SER A 743 -7.44 14.91 -3.12
N THR A 744 -7.73 16.04 -2.47
CA THR A 744 -6.86 16.53 -1.40
C THR A 744 -6.80 15.53 -0.24
N GLU A 745 -7.93 14.92 0.11
CA GLU A 745 -7.91 13.89 1.14
C GLU A 745 -7.03 12.72 0.73
N CYS A 746 -7.08 12.33 -0.54
CA CYS A 746 -6.19 11.26 -1.01
C CYS A 746 -4.73 11.69 -0.93
N SER A 747 -4.44 12.95 -1.24
CA SER A 747 -3.08 13.45 -1.08
C SER A 747 -2.64 13.36 0.37
N ASN A 748 -3.53 13.72 1.30
CA ASN A 748 -3.21 13.61 2.73
C ASN A 748 -2.90 12.18 3.11
N LEU A 749 -3.74 11.24 2.67
CA LEU A 749 -3.51 9.84 2.98
C LEU A 749 -2.25 9.32 2.29
N LEU A 750 -1.88 9.91 1.16
CA LEU A 750 -0.78 9.40 0.36
C LEU A 750 0.56 9.88 0.90
N LEU A 751 0.63 11.11 1.41
CA LEU A 751 1.86 11.57 2.01
C LEU A 751 2.25 10.76 3.23
N GLN A 752 1.31 9.97 3.76
CA GLN A 752 1.59 9.21 5.02
C GLN A 752 2.56 8.05 4.77
N TYR A 753 2.81 7.69 3.51
CA TYR A 753 3.65 6.54 3.21
C TYR A 753 5.12 6.89 3.11
N GLY A 754 5.50 8.15 3.27
CA GLY A 754 6.89 8.50 3.43
C GLY A 754 7.57 8.83 2.13
N SER A 755 8.77 8.28 1.93
CA SER A 755 9.65 8.66 0.83
C SER A 755 9.52 7.76 -0.39
N PHE A 756 8.33 7.20 -0.63
CA PHE A 756 8.15 6.37 -1.81
C PHE A 756 8.19 7.21 -3.07
N CYS A 757 7.37 8.26 -3.13
CA CYS A 757 7.33 9.09 -4.34
C CYS A 757 8.67 9.74 -4.62
N THR A 758 9.36 10.21 -3.58
CA THR A 758 10.69 10.77 -3.77
C THR A 758 11.65 9.73 -4.30
N GLN A 759 11.55 8.50 -3.79
CA GLN A 759 12.43 7.44 -4.24
C GLN A 759 12.22 7.14 -5.73
N LEU A 760 10.95 7.02 -6.12
CA LEU A 760 10.64 6.75 -7.56
C LEU A 760 11.17 7.91 -8.40
N LYS A 761 10.90 9.15 -7.98
CA LYS A 761 11.38 10.31 -8.71
C LYS A 761 12.88 10.26 -8.90
N ARG A 762 13.61 9.93 -7.83
CA ARG A 762 15.06 9.88 -7.88
C ARG A 762 15.53 8.78 -8.83
N ALA A 763 14.92 7.60 -8.77
CA ALA A 763 15.34 6.50 -9.62
C ALA A 763 15.14 6.83 -11.09
N LEU A 764 13.97 7.40 -11.43
CA LEU A 764 13.73 7.71 -12.84
C LEU A 764 14.62 8.83 -13.33
N THR A 765 14.95 9.82 -12.48
CA THR A 765 15.90 10.83 -12.90
C THR A 765 17.28 10.23 -13.13
N GLY A 766 17.67 9.28 -12.28
CA GLY A 766 18.92 8.59 -12.52
C GLY A 766 18.94 7.87 -13.85
N ILE A 767 17.84 7.21 -14.19
CA ILE A 767 17.76 6.53 -15.49
C ILE A 767 17.89 7.54 -16.62
N ALA A 768 17.19 8.66 -16.53
CA ALA A 768 17.23 9.63 -17.62
C ALA A 768 18.62 10.19 -17.85
N VAL A 769 19.29 10.60 -16.77
CA VAL A 769 20.63 11.14 -16.98
C VAL A 769 21.57 10.05 -17.47
N GLU A 770 21.33 8.81 -17.06
CA GLU A 770 22.13 7.72 -17.59
C GLU A 770 21.93 7.57 -19.10
N GLN A 771 20.70 7.78 -19.58
CA GLN A 771 20.48 7.74 -21.03
C GLN A 771 21.27 8.82 -21.73
N ASP A 772 21.28 10.02 -21.16
CA ASP A 772 22.03 11.10 -21.79
C ASP A 772 23.52 10.79 -21.85
N LYS A 773 24.06 10.23 -20.77
CA LYS A 773 25.46 9.81 -20.78
C LYS A 773 25.70 8.71 -21.79
N ASN A 774 24.75 7.78 -21.94
CA ASN A 774 24.90 6.72 -22.92
C ASN A 774 25.10 7.29 -24.31
N THR A 775 24.20 8.15 -24.75
CA THR A 775 24.33 8.69 -26.10
C THR A 775 25.61 9.51 -26.22
N GLN A 776 25.92 10.28 -25.19
CA GLN A 776 27.08 11.17 -25.26
C GLN A 776 28.38 10.38 -25.40
N GLU A 777 28.49 9.25 -24.71
CA GLU A 777 29.71 8.47 -24.76
C GLU A 777 29.72 7.44 -25.86
N VAL A 778 28.60 7.20 -26.52
CA VAL A 778 28.63 6.35 -27.71
C VAL A 778 29.00 7.14 -28.95
N PHE A 779 28.37 8.31 -29.13
CA PHE A 779 28.63 9.06 -30.36
C PHE A 779 29.74 10.09 -30.21
N ALA A 780 29.69 10.90 -29.15
CA ALA A 780 30.54 12.08 -29.03
C ALA A 780 31.96 11.70 -28.58
N GLN A 781 32.61 10.90 -29.41
CA GLN A 781 34.00 10.56 -29.21
C GLN A 781 34.92 11.34 -30.15
N VAL A 782 34.40 12.39 -30.77
CA VAL A 782 35.14 13.17 -31.75
C VAL A 782 35.46 14.53 -31.14
N LYS A 783 36.71 14.95 -31.26
CA LYS A 783 37.15 16.19 -30.64
C LYS A 783 36.46 17.40 -31.27
N GLN A 784 36.48 17.50 -32.59
CA GLN A 784 35.86 18.61 -33.29
C GLN A 784 35.17 18.11 -34.54
N ILE A 785 34.02 18.72 -34.86
CA ILE A 785 33.27 18.33 -36.05
C ILE A 785 34.13 18.55 -37.28
N TYR A 786 34.05 17.60 -38.22
CA TYR A 786 34.82 17.66 -39.44
C TYR A 786 33.90 17.81 -40.65
N LYS A 787 34.47 18.28 -41.74
CA LYS A 787 33.75 18.45 -42.99
C LYS A 787 34.26 17.48 -44.04
N THR A 788 33.36 17.00 -44.87
CA THR A 788 33.83 16.28 -46.03
C THR A 788 34.30 17.28 -47.07
N PRO A 789 35.34 16.93 -47.84
CA PRO A 789 35.87 17.85 -48.85
C PRO A 789 34.85 18.07 -49.96
N PRO A 790 34.95 19.20 -50.66
CA PRO A 790 34.01 19.43 -51.77
C PRO A 790 34.05 18.34 -52.83
N ILE A 791 35.23 18.04 -53.37
CA ILE A 791 35.32 17.00 -54.39
C ILE A 791 35.19 15.64 -53.74
N LYS A 792 34.47 14.74 -54.40
CA LYS A 792 34.27 13.37 -53.95
C LYS A 792 34.83 12.45 -55.02
N TYR A 793 36.06 11.97 -54.81
CA TYR A 793 36.59 10.88 -55.64
C TYR A 793 37.55 10.09 -54.75
N PHE A 794 37.03 9.03 -54.16
CA PHE A 794 37.82 8.17 -53.27
C PHE A 794 38.30 6.95 -54.04
N GLY A 795 39.20 7.20 -54.98
CA GLY A 795 39.85 6.13 -55.74
C GLY A 795 38.91 5.16 -56.41
N GLY A 796 37.63 5.49 -56.48
CA GLY A 796 36.60 4.61 -57.04
C GLY A 796 35.57 4.18 -56.02
N PHE A 797 35.94 4.13 -54.75
CA PHE A 797 34.98 3.79 -53.72
C PHE A 797 33.89 4.85 -53.66
N ASN A 798 32.68 4.43 -53.33
CA ASN A 798 31.51 5.29 -53.46
C ASN A 798 30.74 5.27 -52.14
N PHE A 799 30.74 6.40 -51.45
CA PHE A 799 30.09 6.43 -50.13
C PHE A 799 28.87 7.31 -50.17
N SER A 800 28.26 7.45 -51.33
CA SER A 800 27.12 8.36 -51.46
C SER A 800 25.96 7.93 -50.58
N GLN A 801 25.90 6.66 -50.21
CA GLN A 801 24.78 6.16 -49.40
C GLN A 801 24.96 6.42 -47.92
N ILE A 802 26.18 6.74 -47.48
CA ILE A 802 26.43 6.90 -46.02
C ILE A 802 26.76 8.36 -45.71
N LEU A 803 27.36 9.09 -46.66
CA LEU A 803 27.64 10.49 -46.45
C LEU A 803 26.37 11.32 -46.58
N PRO A 804 26.24 12.38 -45.79
CA PRO A 804 24.98 13.14 -45.78
C PRO A 804 24.68 13.74 -47.15
N ASP A 805 23.47 13.46 -47.64
CA ASP A 805 22.94 14.03 -48.86
C ASP A 805 22.21 15.31 -48.52
N PRO A 806 22.81 16.48 -48.74
CA PRO A 806 22.21 17.73 -48.28
C PRO A 806 20.99 18.17 -49.07
N SER A 807 20.69 17.49 -50.18
CA SER A 807 19.52 17.86 -50.99
C SER A 807 18.24 17.79 -50.16
N LYS A 808 18.06 16.69 -49.43
CA LYS A 808 16.96 16.62 -48.49
C LYS A 808 17.19 17.64 -47.37
N PRO A 809 16.13 18.27 -46.86
CA PRO A 809 16.32 19.25 -45.79
C PRO A 809 16.99 18.66 -44.56
N SER A 810 16.54 17.48 -44.12
CA SER A 810 17.22 16.78 -43.05
C SER A 810 18.58 16.31 -43.54
N LYS A 811 19.64 16.72 -42.85
CA LYS A 811 20.99 16.45 -43.30
C LYS A 811 21.41 15.02 -42.94
N ARG A 812 20.64 14.07 -43.47
CA ARG A 812 20.86 12.65 -43.22
C ARG A 812 21.10 11.93 -44.52
N SER A 813 22.02 10.98 -44.50
CA SER A 813 22.34 10.19 -45.66
C SER A 813 21.21 9.21 -45.97
N PRO A 814 21.15 8.68 -47.19
CA PRO A 814 20.05 7.76 -47.54
C PRO A 814 19.77 6.67 -46.53
N ILE A 815 20.78 5.90 -46.13
CA ILE A 815 20.55 4.75 -45.24
C ILE A 815 19.99 5.22 -43.91
N GLU A 816 20.50 6.33 -43.39
CA GLU A 816 19.90 6.90 -42.19
C GLU A 816 18.42 7.18 -42.41
N ASP A 817 18.06 7.64 -43.60
CA ASP A 817 16.64 7.89 -43.88
C ASP A 817 15.84 6.59 -43.93
N LEU A 818 16.39 5.57 -44.56
CA LEU A 818 15.72 4.27 -44.54
C LEU A 818 15.46 3.82 -43.12
N LEU A 819 16.46 3.93 -42.25
CA LEU A 819 16.28 3.53 -40.86
C LEU A 819 15.18 4.34 -40.19
N PHE A 820 15.25 5.67 -40.32
CA PHE A 820 14.32 6.52 -39.62
C PHE A 820 12.88 6.28 -40.06
N ASN A 821 12.67 6.09 -41.36
CA ASN A 821 11.32 5.76 -41.81
C ASN A 821 10.92 4.34 -41.46
N LYS A 822 11.90 3.44 -41.30
CA LYS A 822 11.58 2.04 -41.07
C LYS A 822 11.09 1.81 -39.65
N VAL A 823 11.75 2.41 -38.66
CA VAL A 823 11.33 2.18 -37.27
C VAL A 823 10.25 3.18 -36.91
N THR A 824 9.09 2.67 -36.51
CA THR A 824 7.97 3.48 -36.03
C THR A 824 8.03 3.60 -34.53
N LEU A 825 7.58 4.74 -34.02
CA LEU A 825 7.79 5.04 -32.61
C LEU A 825 6.77 6.08 -32.16
N ALA A 826 6.63 6.19 -30.84
CA ALA A 826 5.79 7.21 -30.24
C ALA A 826 6.56 8.53 -30.12
N ASP A 827 5.81 9.62 -30.14
CA ASP A 827 6.43 10.94 -30.18
C ASP A 827 7.23 11.21 -28.91
N ALA A 828 8.49 11.61 -29.09
CA ALA A 828 9.44 11.86 -28.00
C ALA A 828 9.52 13.34 -27.67
N GLY A 829 8.39 14.03 -27.68
CA GLY A 829 8.38 15.46 -27.42
C GLY A 829 8.69 16.33 -28.62
N PHE A 830 8.74 15.76 -29.82
CA PHE A 830 9.04 16.54 -31.02
C PHE A 830 7.80 16.97 -31.79
N ILE A 831 6.72 16.19 -31.75
CA ILE A 831 5.46 16.59 -32.34
C ILE A 831 4.46 17.03 -31.28
N LYS A 832 4.34 16.27 -30.19
CA LYS A 832 3.51 16.66 -29.07
C LYS A 832 4.26 17.70 -28.24
N GLN A 833 4.35 18.89 -28.82
CA GLN A 833 5.04 20.02 -28.22
C GLN A 833 6.49 19.70 -27.87
N ASP A 845 -3.07 10.90 -31.46
CA ASP A 845 -2.18 9.80 -31.10
C ASP A 845 -2.45 9.30 -29.70
N LEU A 846 -1.93 8.11 -29.38
CA LEU A 846 -2.07 7.56 -28.04
C LEU A 846 -1.18 8.28 -27.04
N ILE A 847 -0.17 9.01 -27.51
CA ILE A 847 0.79 9.64 -26.60
C ILE A 847 0.10 10.69 -25.74
N CYS A 848 -0.85 11.43 -26.32
CA CYS A 848 -1.59 12.42 -25.54
C CYS A 848 -2.37 11.76 -24.41
N ALA A 849 -3.01 10.62 -24.68
CA ALA A 849 -3.79 9.95 -23.65
C ALA A 849 -2.91 9.53 -22.48
N GLN A 850 -1.83 8.80 -22.77
CA GLN A 850 -0.90 8.43 -21.70
C GLN A 850 -0.21 9.63 -21.09
N LYS A 851 -0.17 10.76 -21.80
CA LYS A 851 0.37 11.98 -21.21
C LYS A 851 -0.44 12.39 -19.99
N PHE A 852 -1.76 12.20 -20.05
CA PHE A 852 -2.56 12.38 -18.86
C PHE A 852 -2.30 11.22 -17.91
N LYS A 853 -2.76 11.39 -16.67
CA LYS A 853 -2.42 10.59 -15.51
C LYS A 853 -1.01 10.86 -15.03
N GLY A 854 -0.25 11.70 -15.72
CA GLY A 854 1.03 12.16 -15.21
C GLY A 854 2.21 11.27 -15.51
N LEU A 855 2.39 10.91 -16.79
CA LEU A 855 3.53 10.12 -17.23
C LEU A 855 4.21 10.89 -18.36
N THR A 856 5.13 11.79 -17.96
CA THR A 856 5.80 12.66 -18.96
C THR A 856 6.93 11.92 -19.66
N VAL A 857 7.23 12.32 -20.90
CA VAL A 857 8.31 11.72 -21.70
C VAL A 857 9.26 12.86 -22.05
N LEU A 858 10.35 12.98 -21.31
CA LEU A 858 11.29 14.06 -21.52
C LEU A 858 12.02 13.86 -22.84
N PRO A 859 12.40 14.93 -23.52
CA PRO A 859 13.15 14.78 -24.77
C PRO A 859 14.60 14.44 -24.49
N PRO A 860 15.29 13.81 -25.44
CA PRO A 860 16.72 13.57 -25.27
C PRO A 860 17.52 14.84 -25.50
N LEU A 861 18.57 15.02 -24.69
CA LEU A 861 19.36 16.25 -24.79
C LEU A 861 19.88 16.47 -26.19
N LEU A 862 20.36 15.43 -26.84
CA LEU A 862 20.90 15.53 -28.19
C LEU A 862 19.78 15.34 -29.20
N THR A 863 19.49 16.38 -29.98
CA THR A 863 18.52 16.23 -31.05
C THR A 863 19.12 15.41 -32.18
N ASP A 864 18.25 14.84 -33.01
CA ASP A 864 18.71 14.00 -34.09
C ASP A 864 19.59 14.74 -35.08
N GLU A 865 19.44 16.05 -35.21
CA GLU A 865 20.36 16.78 -36.08
C GLU A 865 21.76 16.82 -35.49
N MET A 866 21.86 17.01 -34.17
CA MET A 866 23.17 16.99 -33.52
C MET A 866 23.83 15.62 -33.65
N ILE A 867 23.08 14.56 -33.39
CA ILE A 867 23.60 13.21 -33.52
C ILE A 867 24.05 12.95 -34.95
N ALA A 868 23.24 13.38 -35.92
CA ALA A 868 23.63 13.22 -37.31
C ALA A 868 24.92 13.97 -37.60
N GLN A 869 25.11 15.13 -36.98
CA GLN A 869 26.36 15.87 -37.18
C GLN A 869 27.54 15.13 -36.59
N TYR A 870 27.35 14.53 -35.42
CA TYR A 870 28.40 13.71 -34.82
C TYR A 870 28.83 12.59 -35.75
N THR A 871 27.86 11.83 -36.26
CA THR A 871 28.21 10.74 -37.15
C THR A 871 28.82 11.25 -38.45
N SER A 872 28.40 12.43 -38.91
CA SER A 872 29.03 12.99 -40.11
C SER A 872 30.48 13.33 -39.87
N ALA A 873 30.80 13.88 -38.70
CA ALA A 873 32.19 14.15 -38.37
C ALA A 873 33.00 12.86 -38.32
N LEU A 874 32.44 11.84 -37.66
CA LEU A 874 33.12 10.55 -37.59
C LEU A 874 33.42 10.02 -38.98
N LEU A 875 32.42 10.07 -39.86
CA LEU A 875 32.60 9.52 -41.20
C LEU A 875 33.63 10.31 -42.00
N ALA A 876 33.59 11.64 -41.92
CA ALA A 876 34.56 12.42 -42.69
C ALA A 876 35.99 12.18 -42.21
N GLY A 877 36.19 12.15 -40.90
CA GLY A 877 37.52 11.86 -40.39
C GLY A 877 38.00 10.48 -40.76
N THR A 878 37.15 9.47 -40.55
CA THR A 878 37.54 8.10 -40.86
C THR A 878 37.68 7.84 -42.35
N ILE A 879 37.18 8.73 -43.19
CA ILE A 879 37.37 8.58 -44.62
C ILE A 879 38.65 9.25 -45.09
N THR A 880 39.00 10.42 -44.55
CA THR A 880 40.19 11.10 -45.02
C THR A 880 41.40 10.96 -44.10
N SER A 881 41.25 10.38 -42.91
CA SER A 881 42.37 10.22 -41.98
C SER A 881 42.69 8.77 -41.68
N GLY A 882 41.68 7.94 -41.44
CA GLY A 882 41.90 6.55 -41.11
C GLY A 882 41.74 6.26 -39.64
N TRP A 883 42.65 5.46 -39.08
CA TRP A 883 42.66 5.24 -37.64
C TRP A 883 43.40 6.35 -36.91
N THR A 884 44.05 7.25 -37.63
CA THR A 884 44.97 8.19 -37.02
C THR A 884 44.28 9.13 -36.05
N PHE A 885 42.99 9.38 -36.20
CA PHE A 885 42.34 10.43 -35.46
C PHE A 885 41.68 9.93 -34.18
N GLY A 886 41.99 8.72 -33.75
CA GLY A 886 41.64 8.31 -32.41
C GLY A 886 42.73 8.68 -31.44
N ALA A 887 43.95 8.79 -31.98
CA ALA A 887 45.14 9.14 -31.21
C ALA A 887 45.47 10.60 -31.50
N GLY A 888 44.97 11.49 -30.66
CA GLY A 888 45.26 12.90 -30.78
C GLY A 888 44.60 13.55 -31.97
N PRO A 889 45.39 14.17 -32.83
CA PRO A 889 44.83 14.96 -33.94
C PRO A 889 44.21 14.10 -35.01
N ALA A 890 43.81 14.73 -36.12
CA ALA A 890 43.36 14.00 -37.30
C ALA A 890 44.39 14.19 -38.41
N LEU A 891 44.83 13.09 -39.00
CA LEU A 891 45.81 13.12 -40.08
C LEU A 891 45.10 13.10 -41.42
N GLN A 892 45.86 12.94 -42.50
CA GLN A 892 45.26 12.78 -43.82
C GLN A 892 46.10 11.81 -44.63
N ILE A 893 45.43 11.10 -45.53
CA ILE A 893 46.03 10.00 -46.30
C ILE A 893 45.06 9.57 -47.38
N PRO A 894 45.50 9.28 -48.60
CA PRO A 894 44.57 8.90 -49.66
C PRO A 894 43.92 7.55 -49.36
N PHE A 895 42.62 7.45 -49.64
CA PHE A 895 41.86 6.28 -49.24
C PHE A 895 42.39 4.96 -49.77
N PRO A 896 42.82 4.83 -51.02
CA PRO A 896 43.48 3.58 -51.40
C PRO A 896 44.67 3.24 -50.54
N MET A 897 45.38 4.27 -50.05
CA MET A 897 46.53 4.03 -49.13
C MET A 897 46.00 3.45 -47.82
N GLN A 898 44.91 4.00 -47.29
CA GLN A 898 44.33 3.49 -46.06
C GLN A 898 43.84 2.06 -46.23
N MET A 899 43.30 1.72 -47.40
CA MET A 899 42.90 0.34 -47.63
C MET A 899 44.11 -0.56 -47.75
N ALA A 900 45.21 -0.07 -48.32
CA ALA A 900 46.42 -0.87 -48.35
C ALA A 900 46.86 -1.22 -46.95
N TYR A 901 46.74 -0.27 -46.02
CA TYR A 901 47.20 -0.57 -44.66
C TYR A 901 46.20 -1.44 -43.90
N ARG A 902 44.92 -1.30 -44.23
CA ARG A 902 43.92 -2.22 -43.62
C ARG A 902 44.23 -3.64 -44.10
N PHE A 903 44.54 -3.80 -45.39
CA PHE A 903 44.92 -5.11 -45.91
C PHE A 903 46.23 -5.67 -45.39
N ASN A 904 47.16 -4.78 -45.02
CA ASN A 904 48.45 -5.22 -44.53
C ASN A 904 48.26 -5.59 -43.07
N GLY A 905 47.15 -5.17 -42.46
CA GLY A 905 46.85 -5.62 -41.12
C GLY A 905 46.08 -6.92 -40.97
N ILE A 906 45.93 -7.67 -42.07
CA ILE A 906 45.19 -8.96 -42.05
C ILE A 906 46.08 -10.05 -42.66
N GLY A 907 47.37 -9.78 -42.80
CA GLY A 907 48.31 -10.77 -43.37
C GLY A 907 48.25 -10.79 -44.89
N VAL A 908 47.51 -9.85 -45.49
CA VAL A 908 47.42 -9.77 -46.97
C VAL A 908 48.29 -8.61 -47.46
N THR A 909 49.31 -8.91 -48.27
CA THR A 909 50.25 -7.86 -48.75
C THR A 909 49.47 -6.77 -49.49
N GLN A 910 49.91 -5.51 -49.39
CA GLN A 910 49.20 -4.37 -50.02
C GLN A 910 49.28 -4.50 -51.55
N ASN A 911 50.23 -5.29 -52.05
CA ASN A 911 50.42 -5.42 -53.52
C ASN A 911 49.11 -5.87 -54.16
N VAL A 912 48.40 -6.82 -53.53
CA VAL A 912 47.14 -7.35 -54.12
C VAL A 912 46.14 -6.20 -54.25
N LEU A 913 46.00 -5.37 -53.21
CA LEU A 913 45.04 -4.24 -53.22
C LEU A 913 45.36 -3.32 -54.42
N TYR A 914 46.62 -2.90 -54.55
CA TYR A 914 46.99 -1.94 -55.62
C TYR A 914 46.90 -2.60 -57.00
N GLU A 915 46.76 -3.93 -57.06
CA GLU A 915 46.61 -4.60 -58.34
C GLU A 915 45.20 -5.05 -58.63
N ASN A 916 44.31 -5.08 -57.63
CA ASN A 916 42.91 -5.43 -57.85
C ASN A 916 41.99 -4.31 -57.37
N GLN A 917 42.50 -3.09 -57.39
CA GLN A 917 41.79 -1.93 -56.87
C GLN A 917 40.39 -1.78 -57.46
N LYS A 918 40.29 -1.81 -58.79
CA LYS A 918 38.99 -1.59 -59.43
C LYS A 918 38.00 -2.68 -59.02
N LEU A 919 38.46 -3.93 -59.02
CA LEU A 919 37.61 -5.03 -58.60
C LEU A 919 37.09 -4.82 -57.19
N ILE A 920 37.99 -4.43 -56.28
CA ILE A 920 37.58 -4.25 -54.88
C ILE A 920 36.61 -3.10 -54.76
N ALA A 921 36.82 -2.03 -55.52
CA ALA A 921 35.90 -0.90 -55.47
C ALA A 921 34.51 -1.31 -55.93
N ASN A 922 34.43 -2.08 -57.02
CA ASN A 922 33.13 -2.51 -57.51
C ASN A 922 32.42 -3.41 -56.50
N GLN A 923 33.18 -4.34 -55.89
CA GLN A 923 32.58 -5.21 -54.89
C GLN A 923 32.06 -4.39 -53.71
N PHE A 924 32.83 -3.39 -53.27
CA PHE A 924 32.38 -2.54 -52.17
C PHE A 924 31.08 -1.83 -52.53
N ASN A 925 31.01 -1.24 -53.72
CA ASN A 925 29.82 -0.48 -54.10
C ASN A 925 28.59 -1.38 -54.13
N SER A 926 28.68 -2.51 -54.82
CA SER A 926 27.52 -3.40 -54.91
C SER A 926 27.14 -3.95 -53.55
N ALA A 927 28.13 -4.17 -52.67
CA ALA A 927 27.82 -4.61 -51.32
C ALA A 927 26.99 -3.58 -50.57
N ILE A 928 27.35 -2.31 -50.68
CA ILE A 928 26.56 -1.28 -49.99
C ILE A 928 25.14 -1.26 -50.54
N GLY A 929 24.99 -1.33 -51.87
CA GLY A 929 23.67 -1.30 -52.44
C GLY A 929 22.81 -2.45 -51.94
N LYS A 930 23.37 -3.65 -51.94
CA LYS A 930 22.61 -4.79 -51.45
C LYS A 930 22.29 -4.66 -49.96
N ILE A 931 23.18 -4.01 -49.21
CA ILE A 931 22.93 -3.81 -47.74
C ILE A 931 21.72 -2.89 -47.58
N GLN A 932 21.62 -1.85 -48.41
CA GLN A 932 20.46 -0.91 -48.36
C GLN A 932 19.19 -1.69 -48.67
N ASP A 933 19.19 -2.47 -49.76
CA ASP A 933 17.99 -3.20 -50.15
C ASP A 933 17.61 -4.23 -49.10
N SER A 934 18.60 -4.93 -48.54
CA SER A 934 18.32 -5.98 -47.56
C SER A 934 17.64 -5.43 -46.33
N LEU A 935 18.22 -4.39 -45.72
CA LEU A 935 17.58 -3.87 -44.51
C LEU A 935 16.24 -3.23 -44.83
N SER A 936 16.07 -2.71 -46.06
CA SER A 936 14.77 -2.13 -46.42
C SER A 936 13.70 -3.22 -46.50
N SER A 937 13.87 -4.17 -47.42
CA SER A 937 12.81 -5.13 -47.70
C SER A 937 12.55 -6.05 -46.51
N THR A 938 13.61 -6.65 -45.96
CA THR A 938 13.46 -7.63 -44.91
C THR A 938 12.82 -6.99 -43.69
N PRO A 939 11.80 -7.59 -43.07
CA PRO A 939 11.20 -6.98 -41.88
C PRO A 939 12.05 -7.15 -40.64
N SER A 940 12.67 -8.31 -40.47
CA SER A 940 13.47 -8.65 -39.30
C SER A 940 14.76 -7.89 -39.22
N ALA A 941 14.97 -6.86 -40.04
CA ALA A 941 16.24 -6.14 -40.01
C ALA A 941 16.38 -5.32 -38.73
N LEU A 942 15.44 -4.41 -38.47
CA LEU A 942 15.54 -3.47 -37.37
C LEU A 942 14.88 -3.97 -36.11
N GLY A 943 14.80 -5.28 -35.93
CA GLY A 943 14.08 -5.82 -34.78
C GLY A 943 14.67 -5.40 -33.46
N LYS A 944 15.98 -5.21 -33.41
CA LYS A 944 16.66 -4.98 -32.15
C LYS A 944 16.48 -3.55 -31.63
N LEU A 945 15.96 -2.64 -32.43
CA LEU A 945 15.48 -1.35 -31.94
C LEU A 945 13.96 -1.27 -31.87
N GLN A 946 13.30 -1.96 -32.79
CA GLN A 946 11.81 -2.01 -32.74
C GLN A 946 11.40 -2.58 -31.39
N ASP A 947 12.13 -3.60 -30.90
CA ASP A 947 11.74 -4.22 -29.64
C ASP A 947 11.92 -3.27 -28.48
N VAL A 948 12.98 -2.45 -28.49
CA VAL A 948 13.16 -1.45 -27.45
C VAL A 948 11.95 -0.54 -27.40
N VAL A 949 11.58 0.01 -28.55
CA VAL A 949 10.46 0.95 -28.60
C VAL A 949 9.17 0.26 -28.15
N ASN A 950 8.93 -0.94 -28.66
CA ASN A 950 7.68 -1.63 -28.35
C ASN A 950 7.61 -2.00 -26.86
N HIS A 951 8.73 -2.39 -26.27
CA HIS A 951 8.70 -2.73 -24.85
C HIS A 951 8.40 -1.50 -24.00
N ASN A 952 9.01 -0.36 -24.35
CA ASN A 952 8.69 0.85 -23.59
C ASN A 952 7.21 1.21 -23.72
N ALA A 953 6.70 1.18 -24.95
CA ALA A 953 5.30 1.52 -25.17
C ALA A 953 4.39 0.56 -24.42
N GLN A 954 4.71 -0.73 -24.45
CA GLN A 954 3.87 -1.73 -23.80
C GLN A 954 3.86 -1.54 -22.29
N ALA A 955 5.02 -1.25 -21.70
CA ALA A 955 5.07 -1.01 -20.27
C ALA A 955 4.23 0.19 -19.89
N LEU A 956 4.34 1.28 -20.64
CA LEU A 956 3.54 2.45 -20.33
C LEU A 956 2.05 2.17 -20.48
N ASN A 957 1.68 1.40 -21.50
CA ASN A 957 0.29 1.06 -21.72
C ASN A 957 -0.27 0.24 -20.57
N THR A 958 0.50 -0.74 -20.09
CA THR A 958 0.06 -1.51 -18.93
C THR A 958 -0.08 -0.62 -17.70
N LEU A 959 0.88 0.28 -17.51
CA LEU A 959 0.82 1.17 -16.36
C LEU A 959 -0.43 2.03 -16.38
N VAL A 960 -0.82 2.50 -17.57
CA VAL A 960 -2.05 3.28 -17.67
C VAL A 960 -3.26 2.39 -17.40
N LYS A 961 -3.29 1.20 -18.00
CA LYS A 961 -4.45 0.33 -17.85
C LYS A 961 -4.67 -0.07 -16.40
N GLN A 962 -3.61 -0.07 -15.59
CA GLN A 962 -3.77 -0.44 -14.19
C GLN A 962 -4.74 0.47 -13.46
N LEU A 963 -5.00 1.66 -13.98
CA LEU A 963 -5.89 2.59 -13.29
C LEU A 963 -7.29 2.02 -13.13
N SER A 964 -7.76 1.29 -14.13
CA SER A 964 -9.12 0.76 -14.09
C SER A 964 -9.28 -0.43 -13.15
N SER A 965 -8.19 -1.03 -12.71
CA SER A 965 -8.27 -2.19 -11.83
C SER A 965 -8.82 -1.78 -10.46
N LYS A 966 -9.50 -2.72 -9.79
CA LYS A 966 -10.17 -2.38 -8.51
C LYS A 966 -9.32 -2.82 -7.30
N PHE A 967 -8.53 -3.88 -7.45
CA PHE A 967 -7.75 -4.39 -6.33
C PHE A 967 -8.65 -4.75 -5.14
N GLY A 968 -9.80 -5.31 -5.45
CA GLY A 968 -10.74 -5.72 -4.41
C GLY A 968 -11.64 -4.59 -3.97
N ALA A 969 -11.18 -3.35 -4.15
CA ALA A 969 -11.99 -2.21 -3.75
C ALA A 969 -13.25 -2.13 -4.59
N ILE A 970 -14.23 -1.38 -4.08
CA ILE A 970 -15.54 -1.38 -4.72
C ILE A 970 -15.48 -0.77 -6.11
N SER A 971 -14.63 0.23 -6.32
CA SER A 971 -14.51 0.84 -7.64
C SER A 971 -13.13 1.46 -7.78
N SER A 972 -12.78 1.80 -9.02
CA SER A 972 -11.46 2.34 -9.34
C SER A 972 -11.49 3.85 -9.56
N VAL A 973 -12.54 4.53 -9.14
CA VAL A 973 -12.63 5.98 -9.19
C VAL A 973 -12.77 6.50 -7.78
N LEU A 974 -11.87 7.40 -7.38
CA LEU A 974 -11.82 7.82 -6.00
C LEU A 974 -12.97 8.74 -5.62
N ASN A 975 -13.41 9.60 -6.54
CA ASN A 975 -14.49 10.51 -6.22
C ASN A 975 -15.77 9.75 -5.90
N ASP A 976 -16.06 8.69 -6.65
CA ASP A 976 -17.23 7.87 -6.34
C ASP A 976 -17.10 7.21 -4.98
N ILE A 977 -15.90 6.71 -4.65
CA ILE A 977 -15.71 6.08 -3.35
C ILE A 977 -15.97 7.08 -2.23
N PHE A 978 -15.47 8.30 -2.40
CA PHE A 978 -15.68 9.33 -1.37
C PHE A 978 -17.14 9.73 -1.28
N SER A 979 -17.82 9.84 -2.42
CA SER A 979 -19.21 10.30 -2.46
C SER A 979 -20.20 9.15 -2.37
N ARG A 980 -19.76 7.97 -1.99
CA ARG A 980 -20.69 6.86 -1.78
C ARG A 980 -20.45 6.09 -0.49
N LEU A 981 -19.40 6.38 0.26
CA LEU A 981 -19.09 5.67 1.48
C LEU A 981 -18.83 6.66 2.60
N ASP A 982 -19.04 6.18 3.83
CA ASP A 982 -18.68 6.96 5.00
C ASP A 982 -17.16 6.96 5.17
N PRO A 983 -16.62 7.96 5.84
CA PRO A 983 -15.16 8.09 5.96
C PRO A 983 -14.50 6.85 6.53
N PRO A 984 -15.08 6.18 7.55
CA PRO A 984 -14.38 5.00 8.09
C PRO A 984 -14.14 3.87 7.09
N GLU A 985 -15.07 3.62 6.17
CA GLU A 985 -14.89 2.55 5.19
C GLU A 985 -14.35 3.03 3.86
N ALA A 986 -14.71 4.25 3.46
CA ALA A 986 -13.99 4.90 2.37
C ALA A 986 -12.51 4.89 2.65
N GLU A 987 -12.14 5.08 3.92
CA GLU A 987 -10.75 4.99 4.34
C GLU A 987 -10.10 3.70 3.87
N VAL A 988 -10.65 2.55 4.23
CA VAL A 988 -10.00 1.28 3.92
C VAL A 988 -10.05 1.00 2.42
N GLN A 989 -11.14 1.36 1.76
CA GLN A 989 -11.19 1.18 0.31
C GLN A 989 -10.06 1.95 -0.36
N ILE A 990 -9.89 3.22 0.03
CA ILE A 990 -8.79 4.02 -0.51
C ILE A 990 -7.46 3.42 -0.12
N ASP A 991 -7.34 2.88 1.09
CA ASP A 991 -6.09 2.27 1.51
C ASP A 991 -5.69 1.16 0.54
N ARG A 992 -6.63 0.28 0.25
CA ARG A 992 -6.35 -0.87 -0.65
C ARG A 992 -6.00 -0.34 -2.03
N LEU A 993 -6.76 0.63 -2.53
CA LEU A 993 -6.50 1.16 -3.87
C LEU A 993 -5.12 1.81 -3.95
N ILE A 994 -4.75 2.56 -2.92
CA ILE A 994 -3.44 3.22 -2.90
C ILE A 994 -2.33 2.17 -2.86
N THR A 995 -2.50 1.14 -2.04
CA THR A 995 -1.48 0.10 -2.00
C THR A 995 -1.30 -0.54 -3.36
N GLY A 996 -2.41 -0.88 -4.02
CA GLY A 996 -2.31 -1.50 -5.33
C GLY A 996 -1.61 -0.60 -6.33
N ARG A 997 -2.02 0.66 -6.40
CA ARG A 997 -1.44 1.55 -7.41
C ARG A 997 0.03 1.83 -7.13
N LEU A 998 0.39 2.04 -5.86
CA LEU A 998 1.77 2.29 -5.53
C LEU A 998 2.63 1.08 -5.85
N GLN A 999 2.12 -0.12 -5.57
CA GLN A 999 2.86 -1.32 -5.91
C GLN A 999 3.02 -1.48 -7.41
N SER A 1000 2.00 -1.07 -8.18
CA SER A 1000 2.13 -1.09 -9.64
C SER A 1000 3.20 -0.14 -10.12
N LEU A 1001 3.24 1.06 -9.55
CA LEU A 1001 4.32 1.99 -9.90
C LEU A 1001 5.67 1.42 -9.54
N GLN A 1002 5.77 0.77 -8.38
CA GLN A 1002 7.04 0.22 -7.93
C GLN A 1002 7.54 -0.85 -8.88
N THR A 1003 6.66 -1.77 -9.29
CA THR A 1003 7.12 -2.80 -10.22
C THR A 1003 7.48 -2.20 -11.57
N TYR A 1004 6.76 -1.17 -12.01
CA TYR A 1004 7.17 -0.49 -13.23
C TYR A 1004 8.58 0.07 -13.10
N VAL A 1005 8.89 0.71 -11.97
CA VAL A 1005 10.20 1.31 -11.82
C VAL A 1005 11.29 0.25 -11.78
N THR A 1006 11.04 -0.87 -11.10
CA THR A 1006 12.07 -1.91 -11.04
C THR A 1006 12.33 -2.52 -12.42
N GLN A 1007 11.26 -2.78 -13.16
CA GLN A 1007 11.47 -3.28 -14.52
C GLN A 1007 12.25 -2.29 -15.36
N GLN A 1008 11.98 -1.00 -15.18
CA GLN A 1008 12.73 0.01 -15.93
C GLN A 1008 14.20 0.01 -15.52
N LEU A 1009 14.48 -0.19 -14.23
CA LEU A 1009 15.87 -0.25 -13.79
C LEU A 1009 16.59 -1.39 -14.49
N ILE A 1010 15.96 -2.56 -14.56
CA ILE A 1010 16.61 -3.70 -15.18
C ILE A 1010 16.82 -3.47 -16.68
N ARG A 1011 15.80 -2.94 -17.36
CA ARG A 1011 15.94 -2.65 -18.78
C ARG A 1011 17.04 -1.64 -19.02
N ALA A 1012 17.13 -0.61 -18.17
CA ALA A 1012 18.18 0.38 -18.33
C ALA A 1012 19.56 -0.24 -18.13
N ALA A 1013 19.68 -1.17 -17.19
CA ALA A 1013 20.96 -1.85 -17.00
C ALA A 1013 21.36 -2.61 -18.26
N GLU A 1014 20.40 -3.32 -18.86
CA GLU A 1014 20.75 -4.08 -20.06
C GLU A 1014 21.08 -3.15 -21.24
N ILE A 1015 20.37 -2.02 -21.34
CA ILE A 1015 20.69 -1.07 -22.40
C ILE A 1015 22.06 -0.46 -22.15
N ARG A 1016 22.45 -0.25 -20.89
CA ARG A 1016 23.77 0.29 -20.62
C ARG A 1016 24.86 -0.71 -20.98
N ALA A 1017 24.59 -2.01 -20.78
CA ALA A 1017 25.53 -3.01 -21.29
C ALA A 1017 25.66 -2.91 -22.79
N SER A 1018 24.54 -2.74 -23.49
CA SER A 1018 24.63 -2.60 -24.94
C SER A 1018 25.31 -1.30 -25.36
N ALA A 1019 25.16 -0.25 -24.59
CA ALA A 1019 25.80 1.03 -24.91
C ALA A 1019 27.29 0.97 -24.67
N ASN A 1020 27.73 0.25 -23.63
CA ASN A 1020 29.15 0.00 -23.46
C ASN A 1020 29.70 -0.83 -24.61
N LEU A 1021 28.94 -1.83 -25.05
CA LEU A 1021 29.36 -2.61 -26.20
C LEU A 1021 29.48 -1.74 -27.45
N ALA A 1022 28.52 -0.83 -27.66
CA ALA A 1022 28.57 0.02 -28.83
C ALA A 1022 29.72 1.01 -28.75
N ALA A 1023 30.01 1.53 -27.56
CA ALA A 1023 31.14 2.43 -27.41
C ALA A 1023 32.44 1.70 -27.73
N THR A 1024 32.60 0.47 -27.24
CA THR A 1024 33.80 -0.29 -27.56
C THR A 1024 33.87 -0.60 -29.05
N LYS A 1025 32.74 -0.93 -29.67
CA LYS A 1025 32.77 -1.23 -31.09
C LYS A 1025 33.15 0.00 -31.91
N MET A 1026 32.61 1.16 -31.56
CA MET A 1026 32.96 2.37 -32.29
C MET A 1026 34.42 2.74 -32.07
N SER A 1027 34.93 2.59 -30.85
CA SER A 1027 36.32 2.92 -30.63
C SER A 1027 37.23 1.95 -31.37
N GLU A 1028 37.01 0.64 -31.20
CA GLU A 1028 37.95 -0.36 -31.70
C GLU A 1028 37.86 -0.57 -33.20
N CYS A 1029 36.69 -0.40 -33.80
CA CYS A 1029 36.53 -0.72 -35.21
C CYS A 1029 36.33 0.50 -36.10
N VAL A 1030 35.61 1.52 -35.64
CA VAL A 1030 35.54 2.73 -36.44
C VAL A 1030 36.87 3.47 -36.42
N LEU A 1031 37.50 3.58 -35.26
CA LEU A 1031 38.72 4.35 -35.10
C LEU A 1031 39.98 3.52 -35.26
N GLY A 1032 39.89 2.28 -35.69
CA GLY A 1032 41.06 1.44 -35.85
C GLY A 1032 40.81 0.29 -36.78
N GLN A 1033 41.45 -0.83 -36.50
CA GLN A 1033 41.17 -2.09 -37.17
C GLN A 1033 41.31 -3.21 -36.14
N SER A 1034 40.22 -3.88 -35.84
CA SER A 1034 40.21 -4.87 -34.77
C SER A 1034 40.87 -6.17 -35.22
N LYS A 1035 41.52 -6.83 -34.26
CA LYS A 1035 42.26 -8.06 -34.51
C LYS A 1035 41.62 -9.27 -33.85
N ARG A 1036 40.48 -9.11 -33.21
CA ARG A 1036 39.81 -10.21 -32.54
C ARG A 1036 38.70 -10.73 -33.44
N VAL A 1037 38.66 -12.05 -33.61
CA VAL A 1037 37.78 -12.62 -34.61
C VAL A 1037 36.32 -12.51 -34.18
N ASP A 1038 35.45 -12.35 -35.18
CA ASP A 1038 34.00 -12.31 -35.00
C ASP A 1038 33.54 -11.18 -34.08
N PHE A 1039 34.40 -10.20 -33.81
CA PHE A 1039 33.94 -9.04 -33.07
C PHE A 1039 33.36 -7.98 -33.98
N CYS A 1040 34.00 -7.75 -35.12
CA CYS A 1040 33.56 -6.73 -36.06
C CYS A 1040 33.37 -7.33 -37.45
N GLY A 1041 32.60 -8.40 -37.52
CA GLY A 1041 32.22 -8.96 -38.79
C GLY A 1041 32.70 -10.38 -38.98
N LYS A 1042 31.91 -11.19 -39.66
CA LYS A 1042 32.31 -12.56 -39.97
C LYS A 1042 33.43 -12.51 -41.00
N GLY A 1043 34.65 -12.77 -40.57
CA GLY A 1043 35.80 -12.72 -41.43
C GLY A 1043 36.83 -11.72 -40.94
N TYR A 1044 37.90 -11.60 -41.72
CA TYR A 1044 38.92 -10.61 -41.40
C TYR A 1044 38.34 -9.21 -41.56
N HIS A 1045 38.68 -8.33 -40.64
CA HIS A 1045 38.06 -7.02 -40.57
C HIS A 1045 38.90 -5.97 -41.29
N LEU A 1046 38.23 -5.07 -41.99
CA LEU A 1046 38.89 -3.97 -42.69
C LEU A 1046 38.52 -2.61 -42.13
N MET A 1047 37.23 -2.31 -42.01
CA MET A 1047 36.80 -1.01 -41.53
C MET A 1047 35.44 -1.15 -40.86
N SER A 1048 34.81 -0.02 -40.60
CA SER A 1048 33.44 0.01 -40.11
C SER A 1048 32.94 1.43 -40.24
N PHE A 1049 31.64 1.57 -40.45
CA PHE A 1049 31.02 2.88 -40.59
C PHE A 1049 29.81 2.96 -39.68
N PRO A 1050 29.67 4.00 -38.89
CA PRO A 1050 28.47 4.16 -38.09
C PRO A 1050 27.37 4.84 -38.88
N GLN A 1051 26.13 4.51 -38.48
CA GLN A 1051 24.90 5.14 -39.05
C GLN A 1051 23.98 5.29 -37.83
N SER A 1052 23.40 6.48 -37.60
CA SER A 1052 22.65 6.74 -36.38
C SER A 1052 21.18 6.42 -36.63
N ALA A 1053 20.69 5.35 -36.01
CA ALA A 1053 19.29 5.01 -36.03
C ALA A 1053 18.60 5.62 -34.83
N PRO A 1054 17.27 5.66 -34.80
CA PRO A 1054 16.57 6.24 -33.65
C PRO A 1054 16.66 5.33 -32.44
N HIS A 1055 17.26 5.84 -31.36
CA HIS A 1055 17.49 5.11 -30.12
C HIS A 1055 18.53 4.02 -30.28
N GLY A 1056 19.50 4.20 -31.15
CA GLY A 1056 20.48 3.17 -31.35
C GLY A 1056 21.58 3.60 -32.27
N VAL A 1057 22.28 2.62 -32.82
CA VAL A 1057 23.37 2.86 -33.75
C VAL A 1057 23.51 1.62 -34.62
N VAL A 1058 23.89 1.82 -35.86
CA VAL A 1058 24.04 0.74 -36.83
C VAL A 1058 25.44 0.82 -37.41
N PHE A 1059 26.13 -0.32 -37.48
CA PHE A 1059 27.47 -0.37 -38.02
C PHE A 1059 27.47 -1.13 -39.34
N LEU A 1060 28.37 -0.75 -40.23
CA LEU A 1060 28.54 -1.42 -41.51
C LEU A 1060 29.94 -2.01 -41.56
N HIS A 1061 30.11 -3.20 -41.00
CA HIS A 1061 31.43 -3.80 -40.88
C HIS A 1061 31.89 -4.29 -42.24
N VAL A 1062 32.91 -3.63 -42.81
CA VAL A 1062 33.44 -3.97 -44.12
C VAL A 1062 34.55 -5.01 -43.91
N THR A 1063 34.23 -6.28 -44.13
CA THR A 1063 35.14 -7.36 -43.83
C THR A 1063 35.76 -7.94 -45.11
N TYR A 1064 36.63 -8.92 -44.92
CA TYR A 1064 37.35 -9.58 -46.01
C TYR A 1064 37.13 -11.08 -45.86
N VAL A 1065 36.76 -11.73 -46.95
CA VAL A 1065 36.45 -13.17 -46.88
C VAL A 1065 37.11 -13.91 -48.03
N PRO A 1066 37.90 -14.95 -47.77
CA PRO A 1066 38.44 -15.78 -48.85
C PRO A 1066 37.38 -16.68 -49.42
N ALA A 1067 37.45 -16.92 -50.74
CA ALA A 1067 36.37 -17.60 -51.42
C ALA A 1067 36.76 -18.94 -52.02
N GLN A 1068 37.77 -18.99 -52.91
CA GLN A 1068 38.00 -20.17 -53.74
C GLN A 1068 39.30 -20.84 -53.37
N GLU A 1069 39.24 -22.14 -53.08
CA GLU A 1069 40.37 -22.88 -52.57
C GLU A 1069 40.96 -23.79 -53.63
N LYS A 1070 42.21 -24.19 -53.39
CA LYS A 1070 42.92 -25.14 -54.24
C LYS A 1070 43.84 -25.97 -53.36
N ASN A 1071 43.61 -27.28 -53.32
CA ASN A 1071 44.47 -28.14 -52.52
C ASN A 1071 45.91 -28.04 -52.98
N PHE A 1072 46.82 -28.42 -52.09
CA PHE A 1072 48.24 -28.45 -52.43
C PHE A 1072 48.93 -29.45 -51.54
N THR A 1073 50.18 -29.74 -51.87
CA THR A 1073 51.03 -30.61 -51.07
C THR A 1073 52.03 -29.74 -50.32
N THR A 1074 52.03 -29.84 -49.00
CA THR A 1074 52.77 -28.93 -48.14
C THR A 1074 53.82 -29.68 -47.32
N ALA A 1075 54.91 -28.99 -47.01
CA ALA A 1075 56.04 -29.57 -46.31
C ALA A 1075 56.66 -28.57 -45.35
N PRO A 1076 56.81 -28.93 -44.06
CA PRO A 1076 57.16 -27.92 -43.05
C PRO A 1076 58.48 -27.21 -43.30
N ALA A 1077 59.46 -27.93 -43.86
CA ALA A 1077 60.78 -27.31 -44.13
C ALA A 1077 61.38 -27.90 -45.41
N ILE A 1078 62.36 -27.21 -46.01
CA ILE A 1078 63.04 -27.74 -47.23
C ILE A 1078 64.52 -27.91 -46.91
N CYS A 1079 65.01 -29.15 -46.91
CA CYS A 1079 66.45 -29.41 -46.64
C CYS A 1079 67.24 -29.18 -47.93
N HIS A 1080 67.74 -27.95 -48.14
CA HIS A 1080 68.56 -27.71 -49.32
C HIS A 1080 69.93 -28.35 -49.18
N ASP A 1081 70.68 -27.94 -48.16
CA ASP A 1081 72.08 -28.32 -48.02
C ASP A 1081 72.33 -28.90 -46.64
N GLY A 1082 71.53 -29.87 -46.26
CA GLY A 1082 71.67 -30.48 -44.94
C GLY A 1082 70.96 -29.69 -43.89
N LYS A 1083 71.18 -28.38 -43.88
CA LYS A 1083 70.45 -27.49 -43.00
C LYS A 1083 68.99 -27.42 -43.40
N ALA A 1084 68.12 -27.29 -42.40
CA ALA A 1084 66.72 -27.07 -42.69
C ALA A 1084 66.53 -25.67 -43.28
N HIS A 1085 65.31 -25.37 -43.68
CA HIS A 1085 65.01 -24.08 -44.28
C HIS A 1085 63.54 -23.77 -44.00
N PHE A 1086 63.29 -23.03 -42.92
CA PHE A 1086 61.90 -22.64 -42.59
C PHE A 1086 61.51 -21.45 -43.47
N PRO A 1087 60.25 -21.32 -43.94
CA PRO A 1087 59.85 -20.14 -44.70
C PRO A 1087 59.80 -18.92 -43.81
N ARG A 1088 60.44 -17.83 -44.24
CA ARG A 1088 60.50 -16.65 -43.40
C ARG A 1088 59.13 -16.14 -43.05
N GLU A 1089 58.24 -16.06 -44.03
CA GLU A 1089 56.82 -15.81 -43.77
C GLU A 1089 56.03 -16.39 -44.91
N GLY A 1090 55.21 -17.40 -44.62
CA GLY A 1090 54.46 -18.07 -45.66
C GLY A 1090 54.40 -19.56 -45.44
N VAL A 1091 53.77 -20.27 -46.37
CA VAL A 1091 53.67 -21.71 -46.32
C VAL A 1091 54.40 -22.27 -47.52
N PHE A 1092 54.94 -23.47 -47.39
CA PHE A 1092 55.51 -24.17 -48.52
C PHE A 1092 54.43 -24.98 -49.20
N VAL A 1093 54.29 -24.81 -50.52
CA VAL A 1093 53.33 -25.57 -51.31
C VAL A 1093 53.98 -26.00 -52.60
N SER A 1094 53.40 -27.02 -53.23
CA SER A 1094 53.95 -27.57 -54.46
C SER A 1094 52.84 -27.76 -55.47
N ASN A 1095 53.02 -27.21 -56.66
CA ASN A 1095 52.00 -27.40 -57.69
C ASN A 1095 52.26 -28.73 -58.40
N GLY A 1096 52.42 -29.80 -57.62
CA GLY A 1096 52.86 -31.04 -58.21
C GLY A 1096 54.36 -31.11 -58.25
N THR A 1097 54.96 -30.61 -59.34
CA THR A 1097 56.43 -30.77 -59.52
C THR A 1097 57.25 -29.72 -58.76
N HIS A 1098 56.91 -28.43 -58.87
CA HIS A 1098 57.75 -27.41 -58.28
C HIS A 1098 57.19 -26.91 -56.95
N TRP A 1099 58.09 -26.44 -56.09
CA TRP A 1099 57.72 -25.91 -54.79
C TRP A 1099 57.74 -24.38 -54.81
N PHE A 1100 56.76 -23.79 -54.16
CA PHE A 1100 56.69 -22.34 -53.97
C PHE A 1100 56.33 -22.04 -52.52
N VAL A 1101 56.69 -20.85 -52.08
CA VAL A 1101 56.39 -20.38 -50.73
C VAL A 1101 55.39 -19.24 -50.86
N THR A 1102 54.11 -19.53 -50.65
CA THR A 1102 53.09 -18.51 -50.75
C THR A 1102 52.74 -17.98 -49.38
N GLN A 1103 52.09 -16.82 -49.37
CA GLN A 1103 51.48 -16.30 -48.17
C GLN A 1103 50.30 -17.18 -47.78
N ARG A 1104 49.78 -16.96 -46.58
CA ARG A 1104 48.81 -17.92 -46.05
C ARG A 1104 47.38 -17.63 -46.47
N ASN A 1105 47.01 -16.38 -46.73
CA ASN A 1105 45.63 -16.00 -46.93
C ASN A 1105 45.28 -15.62 -48.37
N PHE A 1106 46.19 -15.77 -49.31
CA PHE A 1106 45.90 -15.47 -50.71
C PHE A 1106 46.99 -16.11 -51.55
N TYR A 1107 46.60 -17.10 -52.35
CA TYR A 1107 47.57 -17.85 -53.13
C TYR A 1107 48.37 -16.93 -54.04
N GLU A 1108 49.66 -16.86 -53.81
CA GLU A 1108 50.56 -16.07 -54.65
C GLU A 1108 51.96 -16.66 -54.56
N PRO A 1109 52.34 -17.55 -55.47
CA PRO A 1109 53.60 -18.28 -55.32
C PRO A 1109 54.81 -17.47 -55.74
N GLN A 1110 55.88 -17.61 -54.97
CA GLN A 1110 57.18 -17.06 -55.34
C GLN A 1110 58.22 -18.17 -55.27
N ILE A 1111 59.20 -18.11 -56.18
CA ILE A 1111 60.27 -19.08 -56.16
C ILE A 1111 61.05 -18.93 -54.86
N ILE A 1112 61.62 -20.04 -54.40
CA ILE A 1112 62.33 -20.02 -53.12
C ILE A 1112 63.68 -19.35 -53.29
N THR A 1113 63.95 -18.37 -52.43
CA THR A 1113 65.25 -17.74 -52.37
C THR A 1113 65.63 -17.60 -50.91
N THR A 1114 66.85 -17.12 -50.67
CA THR A 1114 67.33 -16.99 -49.30
C THR A 1114 66.56 -15.93 -48.51
N ASP A 1115 65.79 -15.09 -49.19
CA ASP A 1115 65.04 -14.03 -48.54
C ASP A 1115 63.64 -14.45 -48.13
N ASN A 1116 63.09 -15.48 -48.76
CA ASN A 1116 61.86 -16.09 -48.27
C ASN A 1116 62.11 -17.07 -47.14
N THR A 1117 63.36 -17.45 -46.91
CA THR A 1117 63.67 -18.67 -46.17
C THR A 1117 64.78 -18.42 -45.18
N PHE A 1118 64.52 -18.71 -43.90
CA PHE A 1118 65.58 -18.72 -42.91
C PHE A 1118 65.90 -20.15 -42.52
N VAL A 1119 67.08 -20.34 -41.92
CA VAL A 1119 67.64 -21.65 -41.66
C VAL A 1119 67.92 -21.79 -40.18
N SER A 1120 67.60 -22.97 -39.62
CA SER A 1120 67.90 -23.23 -38.22
C SER A 1120 67.97 -24.74 -38.02
N GLY A 1121 69.20 -25.27 -37.93
CA GLY A 1121 69.38 -26.67 -37.62
C GLY A 1121 69.85 -27.48 -38.82
N ASN A 1122 69.41 -28.73 -38.87
CA ASN A 1122 69.74 -29.61 -39.99
C ASN A 1122 68.59 -30.57 -40.19
N CYS A 1123 68.53 -31.17 -41.39
CA CYS A 1123 67.39 -32.02 -41.74
C CYS A 1123 67.62 -33.46 -41.26
N ASP A 1124 67.59 -33.61 -39.94
CA ASP A 1124 67.69 -34.91 -39.30
C ASP A 1124 66.67 -35.13 -38.19
N VAL A 1125 66.05 -34.07 -37.67
CA VAL A 1125 65.12 -34.18 -36.57
C VAL A 1125 63.69 -33.95 -37.00
N VAL A 1126 63.45 -32.92 -37.82
CA VAL A 1126 62.09 -32.61 -38.24
C VAL A 1126 61.58 -33.70 -39.17
N ILE A 1127 60.30 -34.04 -39.03
CA ILE A 1127 59.67 -35.03 -39.89
C ILE A 1127 58.95 -34.30 -41.01
N GLY A 1128 58.83 -34.96 -42.15
CA GLY A 1128 58.22 -34.33 -43.30
C GLY A 1128 59.10 -33.35 -44.02
N ILE A 1129 60.36 -33.23 -43.60
CA ILE A 1129 61.32 -32.42 -44.34
C ILE A 1129 61.49 -33.00 -45.73
N VAL A 1130 61.66 -32.09 -46.69
CA VAL A 1130 61.76 -32.54 -48.10
C VAL A 1130 63.12 -32.15 -48.66
N ASN A 1131 63.36 -32.53 -49.91
CA ASN A 1131 64.60 -32.24 -50.62
C ASN A 1131 64.28 -31.33 -51.80
N ASN A 1132 64.82 -30.11 -51.76
CA ASN A 1132 64.61 -29.17 -52.84
C ASN A 1132 65.77 -28.19 -52.86
N THR A 1133 65.73 -27.28 -53.82
CA THR A 1133 66.76 -26.27 -53.95
C THR A 1133 66.26 -24.95 -53.38
N VAL A 1134 67.22 -24.06 -53.09
CA VAL A 1134 66.91 -22.70 -52.70
C VAL A 1134 67.85 -21.77 -53.48
N TYR A 1135 67.31 -21.14 -54.52
CA TYR A 1135 68.13 -20.31 -55.39
C TYR A 1135 68.76 -19.17 -54.61
N ASP A 1136 69.98 -18.80 -54.99
CA ASP A 1136 70.72 -17.72 -54.29
C ASP A 1136 70.85 -16.51 -55.23
N PRO A 1137 70.29 -15.35 -54.85
CA PRO A 1137 70.33 -14.15 -55.72
C PRO A 1137 71.69 -13.50 -55.78
N LEU A 1138 72.73 -14.20 -55.32
CA LEU A 1138 74.08 -13.64 -55.29
C LEU A 1138 75.05 -14.31 -56.25
N GLN A 1139 74.80 -15.59 -56.55
CA GLN A 1139 75.69 -16.37 -57.46
C GLN A 1139 75.87 -15.61 -58.77
N PRO A 1140 74.81 -15.31 -59.55
CA PRO A 1140 74.99 -14.64 -60.84
C PRO A 1140 75.85 -13.39 -60.77
N GLU A 1141 75.69 -12.60 -59.71
CA GLU A 1141 76.55 -11.43 -59.54
C GLU A 1141 77.99 -11.83 -59.28
N LEU A 1142 78.19 -12.91 -58.51
CA LEU A 1142 79.54 -13.40 -58.27
C LEU A 1142 80.21 -13.80 -59.58
N ASP A 1143 79.45 -14.41 -60.49
CA ASP A 1143 79.98 -14.73 -61.81
C ASP A 1143 80.37 -13.48 -62.57
N SER A 1144 79.54 -12.43 -62.51
CA SER A 1144 79.82 -11.19 -63.20
C SER A 1144 80.51 -10.19 -62.27
N ALA B 27 0.33 51.76 9.37
CA ALA B 27 1.19 51.71 8.19
C ALA B 27 1.58 50.27 7.87
N TYR B 28 2.46 50.10 6.88
CA TYR B 28 2.95 48.79 6.48
C TYR B 28 4.46 48.75 6.62
N THR B 29 4.98 47.60 7.03
CA THR B 29 6.41 47.38 7.15
C THR B 29 6.73 45.98 6.62
N ASN B 30 7.97 45.55 6.84
CA ASN B 30 8.47 44.30 6.30
C ASN B 30 8.90 43.40 7.44
N SER B 31 8.26 42.24 7.57
CA SER B 31 8.67 41.21 8.52
C SER B 31 9.63 40.29 7.77
N PHE B 32 10.92 40.64 7.81
CA PHE B 32 11.91 39.99 6.96
C PHE B 32 12.05 38.50 7.28
N THR B 33 12.58 38.18 8.46
CA THR B 33 12.64 36.79 8.95
C THR B 33 12.32 36.83 10.44
N ARG B 34 11.04 36.78 10.77
CA ARG B 34 10.59 36.85 12.15
C ARG B 34 9.42 35.89 12.33
N GLY B 35 9.20 35.48 13.58
CA GLY B 35 8.07 34.64 13.91
C GLY B 35 8.34 33.17 13.74
N VAL B 36 9.36 32.67 14.43
CA VAL B 36 9.70 31.25 14.44
C VAL B 36 9.66 30.76 15.87
N TYR B 37 8.70 29.88 16.14
CA TYR B 37 8.53 29.33 17.50
C TYR B 37 8.77 27.83 17.48
N TYR B 38 9.25 27.28 18.58
CA TYR B 38 9.50 25.84 18.69
C TYR B 38 8.20 25.07 18.50
N PRO B 39 8.04 24.40 17.36
CA PRO B 39 6.77 23.71 17.09
C PRO B 39 6.53 22.53 18.00
N ASP B 40 7.58 22.03 18.65
CA ASP B 40 7.47 20.84 19.46
C ASP B 40 8.48 20.92 20.60
N LYS B 41 8.14 20.27 21.71
CA LYS B 41 9.06 20.19 22.84
C LYS B 41 10.13 19.13 22.62
N VAL B 42 10.29 18.70 21.38
CA VAL B 42 11.18 17.59 21.03
C VAL B 42 12.58 18.14 20.78
N PHE B 43 13.53 17.73 21.61
CA PHE B 43 14.92 18.13 21.45
C PHE B 43 15.54 17.39 20.27
N ARG B 44 16.45 18.07 19.57
CA ARG B 44 17.18 17.50 18.46
C ARG B 44 18.61 18.01 18.52
N SER B 45 19.41 17.71 17.49
CA SER B 45 20.79 18.16 17.49
C SER B 45 21.33 18.12 16.07
N SER B 46 21.76 19.27 15.56
CA SER B 46 22.45 19.42 14.28
C SER B 46 21.64 18.91 13.09
N VAL B 47 20.36 18.60 13.29
CA VAL B 47 19.52 18.06 12.23
C VAL B 47 18.60 19.15 11.72
N LEU B 48 17.94 18.87 10.60
CA LEU B 48 17.00 19.77 9.98
C LEU B 48 15.65 19.07 9.89
N HIS B 49 14.60 19.76 10.30
CA HIS B 49 13.29 19.13 10.44
C HIS B 49 12.25 19.95 9.69
N SER B 50 11.79 19.42 8.56
CA SER B 50 10.81 20.11 7.74
C SER B 50 9.42 19.97 8.37
N THR B 51 9.13 20.87 9.31
CA THR B 51 7.81 20.90 9.90
C THR B 51 6.81 21.53 8.94
N GLN B 52 5.53 21.42 9.31
CA GLN B 52 4.46 22.05 8.53
C GLN B 52 3.36 22.43 9.50
N ASP B 53 3.35 23.68 9.93
CA ASP B 53 2.41 24.15 10.94
C ASP B 53 2.06 25.60 10.65
N LEU B 54 1.23 26.18 11.52
CA LEU B 54 0.78 27.56 11.34
C LEU B 54 1.92 28.51 11.68
N PHE B 55 2.44 29.19 10.66
CA PHE B 55 3.57 30.11 10.81
C PHE B 55 3.22 31.45 10.21
N LEU B 56 4.10 32.43 10.45
CA LEU B 56 4.01 33.72 9.81
C LEU B 56 4.94 33.74 8.62
N PRO B 57 4.45 33.87 7.39
CA PRO B 57 5.33 33.77 6.22
C PRO B 57 6.36 34.89 6.21
N PHE B 58 7.46 34.64 5.51
CA PHE B 58 8.54 35.61 5.44
C PHE B 58 8.16 36.76 4.51
N PHE B 59 8.79 37.91 4.75
CA PHE B 59 8.62 39.10 3.92
C PHE B 59 7.14 39.42 3.69
N SER B 60 6.46 39.75 4.80
CA SER B 60 5.05 40.05 4.76
C SER B 60 4.80 41.49 5.22
N ASN B 61 3.78 42.10 4.65
CA ASN B 61 3.36 43.44 5.06
C ASN B 61 2.56 43.31 6.34
N VAL B 62 3.12 43.79 7.44
CA VAL B 62 2.50 43.69 8.75
C VAL B 62 1.91 45.05 9.10
N THR B 63 0.86 45.05 9.91
CA THR B 63 0.18 46.28 10.31
C THR B 63 0.99 46.99 11.38
N TRP B 64 1.34 48.25 11.13
CA TRP B 64 2.17 49.02 12.04
C TRP B 64 1.34 50.13 12.69
N PHE B 65 1.46 50.25 14.01
CA PHE B 65 0.86 51.33 14.76
C PHE B 65 1.93 51.95 15.66
N HIS B 66 1.65 53.17 16.13
CA HIS B 66 2.50 53.82 17.10
C HIS B 66 1.73 54.97 17.72
N VAL B 67 2.21 55.44 18.86
CA VAL B 67 1.56 56.51 19.60
C VAL B 67 2.52 57.68 19.79
N LYS B 75 0.28 62.44 21.45
CA LYS B 75 -1.17 62.63 21.57
C LYS B 75 -1.93 61.63 20.70
N ARG B 76 -1.47 61.46 19.47
CA ARG B 76 -2.15 60.55 18.55
C ARG B 76 -1.99 59.10 18.99
N PHE B 77 -3.06 58.34 18.86
CA PHE B 77 -3.08 56.95 19.32
C PHE B 77 -3.97 56.14 18.38
N ASP B 78 -4.14 54.86 18.72
CA ASP B 78 -4.99 53.96 17.96
C ASP B 78 -5.25 52.71 18.78
N ASN B 79 -6.50 52.28 18.88
CA ASN B 79 -6.79 51.02 19.61
C ASN B 79 -8.08 50.39 19.07
N PRO B 80 -8.06 49.80 17.86
CA PRO B 80 -9.25 49.13 17.32
C PRO B 80 -9.43 47.74 17.93
N VAL B 81 -10.37 46.97 17.40
CA VAL B 81 -10.51 45.56 17.76
C VAL B 81 -10.14 44.72 16.54
N LEU B 82 -8.88 44.34 16.46
CA LEU B 82 -8.35 43.61 15.31
C LEU B 82 -8.75 42.14 15.36
N PRO B 83 -9.00 41.53 14.20
CA PRO B 83 -9.45 40.14 14.18
C PRO B 83 -8.30 39.17 14.41
N PHE B 84 -8.56 38.19 15.29
CA PHE B 84 -7.59 37.12 15.57
C PHE B 84 -7.88 35.97 14.62
N ASN B 85 -7.45 36.13 13.37
CA ASN B 85 -7.82 35.20 12.31
C ASN B 85 -7.31 33.79 12.60
N ASP B 86 -6.00 33.61 12.64
CA ASP B 86 -5.41 32.33 13.04
C ASP B 86 -4.34 32.48 14.09
N GLY B 87 -3.44 33.44 13.95
CA GLY B 87 -2.34 33.64 14.86
C GLY B 87 -1.69 34.98 14.64
N VAL B 88 -1.28 35.64 15.71
CA VAL B 88 -0.74 36.99 15.62
C VAL B 88 0.67 36.97 16.15
N TYR B 89 1.62 37.38 15.32
CA TYR B 89 2.98 37.64 15.75
C TYR B 89 3.01 39.06 16.30
N PHE B 90 2.63 39.19 17.57
CA PHE B 90 2.63 40.50 18.19
C PHE B 90 4.06 40.92 18.51
N ALA B 91 4.42 42.12 18.06
CA ALA B 91 5.71 42.69 18.34
C ALA B 91 5.52 44.06 18.96
N SER B 92 6.44 44.43 19.84
CA SER B 92 6.32 45.69 20.57
C SER B 92 7.73 46.22 20.82
N ILE B 93 8.15 47.17 19.99
CA ILE B 93 9.38 47.89 20.26
C ILE B 93 9.04 48.95 21.29
N GLU B 94 9.17 48.59 22.56
CA GLU B 94 8.67 49.39 23.66
C GLU B 94 9.82 49.96 24.45
N LYS B 95 9.83 51.28 24.63
CA LYS B 95 10.90 51.92 25.40
C LYS B 95 10.81 51.54 26.87
N SER B 96 9.70 51.92 27.53
CA SER B 96 9.51 51.59 28.94
C SER B 96 8.11 51.02 29.16
N ASN B 97 7.96 49.73 28.87
CA ASN B 97 6.88 48.87 29.36
C ASN B 97 5.55 49.60 29.54
N ILE B 98 5.04 50.15 28.44
CA ILE B 98 3.75 50.82 28.50
C ILE B 98 2.61 49.86 28.17
N ILE B 99 2.82 48.92 27.25
CA ILE B 99 1.78 47.97 26.89
C ILE B 99 1.42 47.15 28.11
N ARG B 100 0.13 47.14 28.46
CA ARG B 100 -0.33 46.44 29.70
C ARG B 100 -1.35 45.35 29.37
N GLY B 101 -0.89 44.19 28.91
CA GLY B 101 -1.75 43.06 28.64
C GLY B 101 -2.50 43.12 27.31
N TRP B 102 -3.38 42.13 27.15
CA TRP B 102 -4.16 41.96 25.93
C TRP B 102 -5.54 41.44 26.33
N ILE B 103 -6.52 41.66 25.47
CA ILE B 103 -7.87 41.13 25.65
C ILE B 103 -8.29 40.42 24.39
N PHE B 104 -8.82 39.21 24.54
CA PHE B 104 -9.18 38.35 23.43
C PHE B 104 -10.64 37.96 23.53
N GLY B 105 -11.22 37.65 22.38
CA GLY B 105 -12.59 37.17 22.33
C GLY B 105 -13.22 37.48 20.99
N THR B 106 -14.55 37.46 20.98
CA THR B 106 -15.32 37.72 19.76
C THR B 106 -16.38 38.78 19.99
N THR B 107 -16.85 38.92 21.23
CA THR B 107 -17.86 39.92 21.58
C THR B 107 -17.37 40.90 22.63
N LEU B 108 -16.84 40.39 23.75
CA LEU B 108 -16.25 41.21 24.81
C LEU B 108 -17.29 42.10 25.49
N ASP B 109 -18.49 41.56 25.73
CA ASP B 109 -19.54 42.34 26.38
C ASP B 109 -20.36 41.49 27.36
N SER B 110 -19.73 40.52 28.02
CA SER B 110 -20.34 39.67 29.05
C SER B 110 -21.30 38.66 28.46
N LYS B 111 -21.56 38.73 27.15
CA LYS B 111 -22.42 37.74 26.52
C LYS B 111 -21.70 36.42 26.33
N THR B 112 -20.44 36.51 25.87
CA THR B 112 -19.67 35.27 25.56
C THR B 112 -18.45 35.15 26.46
N GLN B 113 -18.18 33.94 26.96
CA GLN B 113 -17.01 33.69 27.79
C GLN B 113 -15.75 34.14 27.08
N SER B 114 -14.93 34.92 27.77
CA SER B 114 -13.74 35.52 27.19
C SER B 114 -12.61 35.45 28.21
N LEU B 115 -11.52 36.17 27.93
CA LEU B 115 -10.36 36.13 28.81
C LEU B 115 -9.71 37.51 28.87
N LEU B 116 -8.93 37.70 29.94
CA LEU B 116 -8.19 38.94 30.17
C LEU B 116 -6.82 38.58 30.71
N ILE B 117 -5.78 39.11 30.04
CA ILE B 117 -4.38 38.91 30.51
C ILE B 117 -3.78 40.28 30.83
N VAL B 118 -3.26 40.47 32.05
CA VAL B 118 -2.68 41.72 32.49
C VAL B 118 -1.28 41.45 33.01
N ASN B 119 -0.51 42.53 33.17
CA ASN B 119 0.86 42.44 33.64
C ASN B 119 1.03 43.40 34.82
N ASN B 120 0.86 42.87 36.03
CA ASN B 120 1.04 43.66 37.24
C ASN B 120 2.53 43.96 37.40
N ALA B 121 2.89 44.68 38.45
CA ALA B 121 4.28 45.15 38.60
C ALA B 121 5.27 44.00 38.55
N THR B 122 4.96 42.90 39.26
CA THR B 122 5.83 41.74 39.26
C THR B 122 5.04 40.44 39.19
N ASN B 123 3.85 40.48 38.59
CA ASN B 123 3.02 39.29 38.44
C ASN B 123 2.07 39.52 37.28
N VAL B 124 1.51 38.42 36.77
CA VAL B 124 0.54 38.48 35.70
C VAL B 124 -0.66 37.61 36.06
N VAL B 125 -1.80 37.94 35.46
CA VAL B 125 -3.05 37.24 35.72
C VAL B 125 -3.74 36.97 34.40
N ILE B 126 -4.12 35.70 34.18
CA ILE B 126 -4.87 35.30 33.00
C ILE B 126 -6.17 34.70 33.51
N LYS B 127 -7.27 35.45 33.41
CA LYS B 127 -8.55 35.01 33.91
C LYS B 127 -9.50 34.77 32.75
N VAL B 128 -10.54 33.99 33.02
CA VAL B 128 -11.55 33.62 32.03
C VAL B 128 -12.90 33.88 32.67
N CYS B 129 -13.46 35.06 32.40
CA CYS B 129 -14.74 35.48 32.97
C CYS B 129 -15.54 36.20 31.90
N GLU B 130 -16.73 36.64 32.26
CA GLU B 130 -17.50 37.57 31.46
C GLU B 130 -17.08 38.96 31.92
N PHE B 131 -17.16 39.94 31.03
CA PHE B 131 -16.62 41.26 31.32
C PHE B 131 -17.49 42.30 30.64
N GLN B 132 -17.55 43.48 31.27
CA GLN B 132 -18.12 44.67 30.67
C GLN B 132 -17.13 45.81 30.83
N PHE B 133 -16.76 46.43 29.73
CA PHE B 133 -15.66 47.39 29.67
C PHE B 133 -16.20 48.82 29.59
N CYS B 134 -15.29 49.77 29.39
CA CYS B 134 -15.65 51.17 29.28
C CYS B 134 -14.84 51.80 28.13
N ASN B 135 -15.18 53.04 27.80
CA ASN B 135 -14.48 53.71 26.70
C ASN B 135 -13.05 54.05 27.07
N ASP B 136 -12.83 54.53 28.30
CA ASP B 136 -11.51 54.96 28.75
C ASP B 136 -11.21 54.37 30.12
N PRO B 137 -11.03 53.05 30.21
CA PRO B 137 -10.57 52.46 31.48
C PRO B 137 -9.11 52.80 31.72
N PHE B 138 -8.83 53.37 32.89
CA PHE B 138 -7.48 53.79 33.22
C PHE B 138 -7.31 53.79 34.73
N LEU B 139 -6.08 53.96 35.17
CA LEU B 139 -5.73 54.02 36.58
C LEU B 139 -5.10 55.37 36.90
N ASP B 140 -4.81 55.58 38.18
CA ASP B 140 -4.29 56.85 38.67
C ASP B 140 -2.97 57.22 38.03
N ARG B 153 -8.68 50.27 37.51
CA ARG B 153 -9.35 50.33 36.19
C ARG B 153 -10.85 50.56 36.39
N VAL B 154 -11.65 50.32 35.35
CA VAL B 154 -13.13 50.54 35.43
C VAL B 154 -13.81 49.50 34.53
N TYR B 155 -13.95 48.25 35.00
CA TYR B 155 -14.65 47.20 34.22
C TYR B 155 -15.03 46.04 35.15
N SER B 156 -15.92 45.16 34.70
CA SER B 156 -16.37 44.01 35.54
C SER B 156 -15.31 42.91 35.50
N SER B 157 -14.26 43.04 36.33
CA SER B 157 -13.17 42.03 36.36
C SER B 157 -13.73 40.65 36.70
N ALA B 158 -14.58 40.56 37.73
CA ALA B 158 -15.10 39.24 38.15
C ALA B 158 -16.59 39.13 37.78
N ASN B 159 -16.92 38.32 36.77
CA ASN B 159 -18.33 38.12 36.36
C ASN B 159 -18.48 36.74 35.72
N ASN B 160 -19.28 35.86 36.34
CA ASN B 160 -19.52 34.50 35.79
C ASN B 160 -18.18 33.89 35.40
N CYS B 161 -17.16 34.01 36.26
CA CYS B 161 -15.79 33.53 35.95
C CYS B 161 -15.75 32.02 35.74
N THR B 162 -14.65 31.50 35.17
CA THR B 162 -14.49 30.07 34.93
C THR B 162 -13.06 29.58 34.97
N PHE B 163 -12.06 30.47 34.95
CA PHE B 163 -10.67 30.04 35.02
C PHE B 163 -9.80 31.22 35.42
N GLU B 164 -8.74 30.92 36.16
CA GLU B 164 -7.82 31.92 36.66
C GLU B 164 -6.39 31.41 36.50
N TYR B 165 -5.45 32.35 36.49
CA TYR B 165 -4.05 32.01 36.34
C TYR B 165 -3.21 33.13 36.94
N VAL B 166 -2.10 32.74 37.56
CA VAL B 166 -1.13 33.68 38.13
C VAL B 166 0.27 33.18 37.81
N SER B 167 1.18 34.10 37.52
CA SER B 167 2.56 33.74 37.22
C SER B 167 3.44 34.96 37.44
N GLN B 168 4.73 34.82 37.12
CA GLN B 168 5.72 35.88 37.18
C GLN B 168 5.43 36.91 36.10
N PRO B 169 6.02 38.12 36.14
CA PRO B 169 5.69 39.17 35.16
C PRO B 169 6.25 38.80 33.78
N PHE B 170 5.38 38.48 32.83
CA PHE B 170 5.83 38.08 31.47
C PHE B 170 6.69 39.21 30.87
N LEU B 171 6.26 40.46 31.07
CA LEU B 171 7.01 41.63 30.51
C LEU B 171 8.15 41.98 31.45
N MET B 172 9.27 41.25 31.36
CA MET B 172 10.45 41.56 32.22
C MET B 172 10.84 43.03 32.00
N ASP B 173 11.08 43.76 33.09
CA ASP B 173 11.43 45.20 32.98
C ASP B 173 10.40 45.92 32.11
N ASN B 180 18.71 50.41 28.96
CA ASN B 180 18.16 51.64 28.41
C ASN B 180 17.78 51.47 26.94
N PHE B 181 17.30 50.28 26.59
CA PHE B 181 16.95 49.94 25.23
C PHE B 181 15.46 49.63 25.13
N LYS B 182 14.90 49.86 23.94
CA LYS B 182 13.51 49.56 23.65
C LYS B 182 13.37 48.06 23.43
N ASN B 183 13.48 47.32 24.54
CA ASN B 183 13.58 45.86 24.50
C ASN B 183 12.48 45.24 23.66
N LEU B 184 12.89 44.43 22.68
CA LEU B 184 11.94 43.74 21.82
C LEU B 184 11.14 42.72 22.61
N ARG B 185 9.81 42.74 22.45
CA ARG B 185 8.93 41.79 23.18
C ARG B 185 8.04 41.05 22.18
N GLU B 186 8.59 40.05 21.49
CA GLU B 186 7.83 39.26 20.53
C GLU B 186 6.98 38.22 21.25
N PHE B 187 5.73 38.07 20.79
CA PHE B 187 4.80 37.09 21.40
C PHE B 187 3.91 36.49 20.32
N VAL B 188 3.95 35.16 20.16
CA VAL B 188 3.10 34.47 19.20
C VAL B 188 1.88 33.95 19.94
N PHE B 189 0.72 34.53 19.64
CA PHE B 189 -0.53 34.11 20.25
C PHE B 189 -1.27 33.23 19.26
N LYS B 190 -1.59 32.04 19.74
CA LYS B 190 -2.24 31.08 18.85
C LYS B 190 -3.08 30.10 19.67
N ASN B 191 -4.09 29.54 19.02
CA ASN B 191 -4.94 28.52 19.62
C ASN B 191 -5.11 27.36 18.66
N ILE B 192 -5.01 26.15 19.18
CA ILE B 192 -5.07 24.93 18.37
C ILE B 192 -5.78 23.85 19.18
N ASP B 193 -6.60 23.05 18.49
CA ASP B 193 -7.29 21.89 19.04
C ASP B 193 -7.97 22.15 20.38
N GLY B 194 -8.40 23.39 20.61
CA GLY B 194 -8.96 23.73 21.90
C GLY B 194 -7.92 24.06 22.95
N TYR B 195 -6.68 24.31 22.57
CA TYR B 195 -5.66 24.78 23.49
C TYR B 195 -5.23 26.19 23.09
N PHE B 196 -4.54 26.85 24.00
CA PHE B 196 -4.09 28.22 23.80
C PHE B 196 -2.61 28.28 24.07
N LYS B 197 -1.84 28.76 23.08
CA LYS B 197 -0.39 28.79 23.19
C LYS B 197 0.12 30.22 23.03
N ILE B 198 1.15 30.56 23.79
CA ILE B 198 1.85 31.82 23.66
C ILE B 198 3.34 31.54 23.61
N TYR B 199 4.08 32.44 22.98
CA TYR B 199 5.53 32.35 22.90
C TYR B 199 6.11 33.70 23.27
N SER B 200 7.43 33.77 23.40
CA SER B 200 8.00 35.00 23.91
C SER B 200 9.46 35.12 23.50
N LYS B 201 9.96 36.34 23.61
CA LYS B 201 11.37 36.66 23.42
C LYS B 201 11.61 38.07 23.95
N HIS B 202 12.82 38.31 24.42
CA HIS B 202 13.16 39.59 25.05
C HIS B 202 14.60 39.92 24.65
N THR B 203 14.74 40.79 23.66
CA THR B 203 16.05 41.11 23.11
C THR B 203 16.25 42.62 23.07
N PRO B 204 17.50 43.08 23.23
CA PRO B 204 17.77 44.51 23.17
C PRO B 204 17.55 45.07 21.76
N ILE B 205 17.14 46.33 21.71
CA ILE B 205 16.92 47.04 20.45
C ILE B 205 17.64 48.38 20.52
N ILE B 206 18.46 48.65 19.51
CA ILE B 206 19.16 49.93 19.42
C ILE B 206 18.33 50.86 18.54
N VAL B 207 17.72 51.86 19.17
CA VAL B 207 16.87 52.85 18.49
C VAL B 207 15.70 52.15 17.78
N GLU B 211 11.85 53.54 12.98
CA GLU B 211 11.50 52.37 13.79
C GLU B 211 11.02 51.22 12.90
N ASP B 212 11.83 50.17 12.82
CA ASP B 212 11.50 49.03 11.98
C ASP B 212 12.13 47.78 12.58
N LEU B 213 11.61 46.63 12.16
CA LEU B 213 12.07 45.36 12.71
C LEU B 213 13.53 45.10 12.31
N PRO B 214 14.31 44.47 13.18
CA PRO B 214 15.72 44.23 12.87
C PRO B 214 15.89 43.15 11.83
N GLN B 215 17.12 43.06 11.31
CA GLN B 215 17.52 42.01 10.38
C GLN B 215 18.27 40.94 11.17
N GLY B 216 17.51 40.01 11.74
CA GLY B 216 18.10 38.95 12.52
C GLY B 216 17.10 37.86 12.81
N PHE B 217 17.61 36.70 13.17
CA PHE B 217 16.80 35.52 13.43
C PHE B 217 16.86 35.18 14.90
N SER B 218 15.70 35.03 15.53
CA SER B 218 15.61 34.66 16.94
C SER B 218 14.41 33.75 17.11
N ALA B 219 14.64 32.55 17.64
CA ALA B 219 13.56 31.64 17.91
C ALA B 219 12.74 32.13 19.09
N LEU B 220 11.58 31.50 19.30
CA LEU B 220 10.69 31.86 20.40
C LEU B 220 10.38 30.60 21.20
N GLU B 221 10.78 30.59 22.47
CA GLU B 221 10.43 29.48 23.33
C GLU B 221 8.94 29.48 23.63
N PRO B 222 8.37 28.32 23.95
CA PRO B 222 6.99 28.31 24.42
C PRO B 222 6.92 28.75 25.85
N LEU B 223 6.47 29.99 26.07
CA LEU B 223 6.49 30.55 27.41
C LEU B 223 5.55 29.78 28.32
N VAL B 224 4.25 29.86 28.05
CA VAL B 224 3.23 29.25 28.89
C VAL B 224 2.14 28.66 28.00
N ASP B 225 1.69 27.47 28.34
CA ASP B 225 0.52 26.87 27.69
C ASP B 225 -0.69 27.02 28.60
N LEU B 226 -1.88 26.97 28.01
CA LEU B 226 -3.14 27.07 28.81
C LEU B 226 -4.31 26.49 28.01
N PRO B 227 -4.82 25.28 28.36
CA PRO B 227 -5.95 24.66 27.62
C PRO B 227 -7.32 25.23 28.00
N ILE B 228 -7.64 26.39 27.44
CA ILE B 228 -8.94 27.00 27.65
C ILE B 228 -9.95 26.47 26.65
N GLY B 229 -9.71 26.75 25.37
CA GLY B 229 -10.56 26.22 24.31
C GLY B 229 -11.93 26.86 24.23
N ILE B 230 -11.99 28.14 23.88
CA ILE B 230 -13.25 28.83 23.66
C ILE B 230 -13.21 29.52 22.31
N ASN B 231 -14.40 29.84 21.79
CA ASN B 231 -14.52 30.44 20.47
C ASN B 231 -14.03 31.88 20.50
N ILE B 232 -12.99 32.16 19.73
CA ILE B 232 -12.36 33.48 19.69
C ILE B 232 -12.27 33.95 18.25
N THR B 233 -12.47 35.26 18.05
CA THR B 233 -12.41 35.85 16.68
C THR B 233 -11.64 37.18 16.65
N ARG B 234 -11.79 38.04 17.67
CA ARG B 234 -11.16 39.40 17.60
C ARG B 234 -10.40 39.78 18.88
N PHE B 235 -9.15 40.25 18.74
CA PHE B 235 -8.32 40.59 19.93
C PHE B 235 -8.13 42.10 20.04
N GLN B 236 -7.79 42.60 21.24
CA GLN B 236 -7.50 44.04 21.44
C GLN B 236 -6.34 44.18 22.43
N THR B 237 -5.36 45.01 22.10
CA THR B 237 -4.26 45.26 23.01
C THR B 237 -4.68 46.24 24.10
N LEU B 238 -3.90 46.24 25.19
CA LEU B 238 -4.18 47.12 26.35
C LEU B 238 -2.88 47.77 26.87
N LEU B 239 -2.90 49.06 27.18
CA LEU B 239 -1.71 49.77 27.73
C LEU B 239 -2.17 51.02 28.47
N ALA B 240 -1.26 51.96 28.79
CA ALA B 240 -1.62 53.18 29.56
C ALA B 240 -0.73 54.37 29.17
N LEU B 241 -1.32 55.54 28.87
CA LEU B 241 -0.51 56.75 28.56
C LEU B 241 -0.88 57.89 29.51
N HIS B 242 0.08 58.38 30.31
CA HIS B 242 -0.16 59.53 31.24
C HIS B 242 1.18 60.10 31.71
N ALA B 259 4.90 57.12 21.94
CA ALA B 259 6.09 56.76 21.19
C ALA B 259 6.41 55.27 21.35
N ALA B 260 5.37 54.45 21.33
CA ALA B 260 5.50 53.01 21.44
C ALA B 260 4.71 52.34 20.33
N ALA B 261 5.28 51.28 19.77
CA ALA B 261 4.73 50.62 18.60
C ALA B 261 4.30 49.21 18.93
N TYR B 262 3.11 48.83 18.50
CA TYR B 262 2.62 47.46 18.61
C TYR B 262 2.21 46.96 17.23
N TYR B 263 2.60 45.74 16.91
CA TYR B 263 2.45 45.17 15.59
C TYR B 263 1.58 43.93 15.64
N VAL B 264 0.90 43.64 14.54
CA VAL B 264 0.02 42.49 14.44
C VAL B 264 0.20 41.86 13.05
N GLY B 265 0.84 40.69 13.01
CA GLY B 265 0.87 39.88 11.82
C GLY B 265 -0.22 38.82 11.86
N TYR B 266 -0.28 38.03 10.79
CA TYR B 266 -1.30 36.99 10.68
C TYR B 266 -0.65 35.71 10.19
N LEU B 267 -0.68 34.68 11.03
CA LEU B 267 -0.09 33.41 10.68
C LEU B 267 -0.98 32.65 9.71
N GLN B 268 -0.35 31.82 8.89
CA GLN B 268 -1.04 31.09 7.83
C GLN B 268 -0.41 29.71 7.74
N PRO B 269 -1.18 28.69 7.39
CA PRO B 269 -0.60 27.34 7.23
C PRO B 269 0.52 27.36 6.22
N ARG B 270 1.65 26.78 6.60
CA ARG B 270 2.88 26.94 5.86
C ARG B 270 3.84 25.84 6.26
N THR B 271 4.76 25.51 5.36
CA THR B 271 5.75 24.48 5.59
C THR B 271 7.13 25.11 5.67
N PHE B 272 7.84 24.84 6.76
CA PHE B 272 9.13 25.46 7.02
C PHE B 272 10.22 24.41 7.17
N LEU B 273 11.45 24.86 6.97
CA LEU B 273 12.64 24.11 7.35
C LEU B 273 13.29 24.83 8.52
N LEU B 274 13.80 24.07 9.48
CA LEU B 274 14.45 24.65 10.65
C LEU B 274 15.78 23.95 10.88
N LYS B 275 16.77 24.72 11.28
CA LYS B 275 18.12 24.20 11.48
C LYS B 275 18.44 24.19 12.97
N TYR B 276 18.13 23.07 13.62
CA TYR B 276 18.50 22.91 15.02
C TYR B 276 20.01 22.86 15.15
N ASN B 277 20.52 23.53 16.19
CA ASN B 277 21.99 23.57 16.40
C ASN B 277 22.41 22.35 17.21
N GLU B 278 23.67 22.33 17.65
CA GLU B 278 24.18 21.23 18.45
C GLU B 278 23.59 21.18 19.84
N ASN B 279 22.80 22.19 20.21
CA ASN B 279 22.18 22.26 21.56
C ASN B 279 20.66 22.17 21.47
N GLY B 280 20.12 21.77 20.32
CA GLY B 280 18.68 21.78 20.17
C GLY B 280 18.08 23.14 19.93
N THR B 281 18.90 24.19 19.90
CA THR B 281 18.43 25.55 19.63
C THR B 281 18.41 25.82 18.13
N ILE B 282 17.38 26.53 17.69
CA ILE B 282 17.25 26.86 16.27
C ILE B 282 18.20 27.99 15.94
N THR B 283 18.91 27.86 14.82
CA THR B 283 19.85 28.87 14.37
C THR B 283 19.49 29.46 13.02
N ASP B 284 18.60 28.84 12.26
CA ASP B 284 18.22 29.37 10.96
C ASP B 284 16.96 28.65 10.51
N ALA B 285 16.22 29.31 9.62
CA ALA B 285 14.99 28.73 9.07
C ALA B 285 14.92 29.07 7.59
N VAL B 286 14.22 28.21 6.85
CA VAL B 286 14.01 28.39 5.43
C VAL B 286 12.55 28.07 5.12
N ASP B 287 11.91 28.92 4.34
CA ASP B 287 10.53 28.68 3.92
C ASP B 287 10.52 27.96 2.59
N CYS B 288 9.62 26.98 2.47
CA CYS B 288 9.51 26.22 1.24
C CYS B 288 8.84 27.02 0.12
N ALA B 289 7.76 27.73 0.44
CA ALA B 289 6.88 28.31 -0.56
C ALA B 289 7.18 29.78 -0.85
N LEU B 290 8.40 30.24 -0.56
CA LEU B 290 8.71 31.64 -0.78
C LEU B 290 9.11 31.92 -2.22
N ASP B 291 10.24 31.38 -2.65
CA ASP B 291 10.75 31.58 -4.00
C ASP B 291 11.37 30.28 -4.49
N PRO B 292 11.51 30.12 -5.81
CA PRO B 292 12.08 28.87 -6.35
C PRO B 292 13.31 28.34 -5.64
N LEU B 293 14.32 29.18 -5.40
CA LEU B 293 15.53 28.68 -4.76
C LEU B 293 15.22 28.14 -3.37
N SER B 294 14.33 28.80 -2.64
CA SER B 294 13.91 28.26 -1.36
C SER B 294 13.16 26.95 -1.53
N GLU B 295 12.40 26.80 -2.61
CA GLU B 295 11.74 25.53 -2.87
C GLU B 295 12.76 24.42 -3.09
N THR B 296 13.84 24.74 -3.81
CA THR B 296 14.91 23.73 -3.97
C THR B 296 15.44 23.38 -2.58
N LYS B 297 15.82 24.41 -1.81
CA LYS B 297 16.40 24.14 -0.50
C LYS B 297 15.51 23.22 0.31
N CYS B 298 14.20 23.46 0.28
CA CYS B 298 13.27 22.64 1.03
C CYS B 298 13.06 21.27 0.39
N THR B 299 13.42 21.12 -0.88
CA THR B 299 13.32 19.82 -1.54
C THR B 299 14.55 18.95 -1.27
N LEU B 300 15.74 19.51 -1.44
CA LEU B 300 16.96 18.78 -1.12
C LEU B 300 17.18 18.62 0.37
N LYS B 301 16.34 19.24 1.20
CA LYS B 301 16.53 19.26 2.65
C LYS B 301 17.96 19.70 2.99
N SER B 302 18.34 20.83 2.44
CA SER B 302 19.66 21.39 2.68
C SER B 302 19.57 22.90 2.52
N PHE B 303 20.56 23.59 3.09
CA PHE B 303 20.60 25.04 2.98
C PHE B 303 21.39 25.48 1.76
N THR B 304 22.63 25.05 1.64
CA THR B 304 23.39 25.28 0.43
C THR B 304 22.89 24.35 -0.67
N VAL B 305 22.80 24.87 -1.88
CA VAL B 305 22.33 24.12 -3.04
C VAL B 305 23.41 24.15 -4.09
N GLU B 306 23.87 22.97 -4.49
CA GLU B 306 24.88 22.85 -5.54
C GLU B 306 24.27 23.20 -6.89
N LYS B 307 25.11 23.70 -7.79
CA LYS B 307 24.65 24.11 -9.11
C LYS B 307 24.12 22.91 -9.90
N GLY B 308 23.03 23.12 -10.63
CA GLY B 308 22.46 22.06 -11.43
C GLY B 308 21.09 22.47 -11.93
N ILE B 309 20.28 21.46 -12.27
CA ILE B 309 18.86 21.64 -12.51
C ILE B 309 18.11 20.62 -11.67
N TYR B 310 17.27 21.10 -10.78
CA TYR B 310 16.50 20.23 -9.90
C TYR B 310 15.04 20.29 -10.30
N GLN B 311 14.32 19.23 -9.95
CA GLN B 311 12.88 19.18 -10.11
C GLN B 311 12.24 19.27 -8.74
N THR B 312 11.28 20.19 -8.60
CA THR B 312 10.76 20.51 -7.28
C THR B 312 9.29 20.18 -7.11
N SER B 313 8.46 20.49 -8.10
CA SER B 313 7.03 20.36 -7.91
C SER B 313 6.35 20.17 -9.26
N ASN B 314 5.02 20.32 -9.27
CA ASN B 314 4.25 20.06 -10.53
C ASN B 314 3.30 21.20 -10.84
N PHE B 315 3.56 21.96 -11.90
CA PHE B 315 2.71 23.05 -12.36
C PHE B 315 1.36 22.48 -12.79
N ARG B 316 0.30 22.99 -12.17
CA ARG B 316 -1.06 22.44 -12.46
C ARG B 316 -2.10 23.58 -12.46
N VAL B 317 -3.01 23.56 -13.44
CA VAL B 317 -4.06 24.56 -13.55
C VAL B 317 -5.26 24.09 -12.75
N GLN B 318 -6.05 25.04 -12.27
CA GLN B 318 -7.17 24.74 -11.40
C GLN B 318 -8.49 24.92 -12.14
N PRO B 319 -9.54 24.21 -11.72
CA PRO B 319 -10.86 24.41 -12.33
C PRO B 319 -11.40 25.79 -12.02
N THR B 320 -12.29 26.27 -12.90
CA THR B 320 -12.82 27.63 -12.81
C THR B 320 -14.19 27.70 -12.17
N GLU B 321 -15.17 27.03 -12.78
CA GLU B 321 -16.55 27.13 -12.24
C GLU B 321 -17.18 25.73 -12.15
N SER B 322 -18.51 25.68 -12.16
CA SER B 322 -19.22 24.42 -12.03
C SER B 322 -20.25 24.27 -13.14
N ILE B 323 -20.45 23.02 -13.58
CA ILE B 323 -21.36 22.68 -14.67
C ILE B 323 -22.22 21.51 -14.23
N VAL B 324 -23.52 21.59 -14.50
CA VAL B 324 -24.43 20.47 -14.35
C VAL B 324 -25.25 20.37 -15.63
N ARG B 325 -25.54 19.15 -16.06
CA ARG B 325 -26.20 18.94 -17.33
C ARG B 325 -27.30 17.91 -17.19
N PHE B 326 -28.36 18.09 -17.97
CA PHE B 326 -29.44 17.11 -18.04
C PHE B 326 -30.34 17.46 -19.20
N PRO B 327 -30.81 16.48 -19.97
CA PRO B 327 -31.67 16.79 -21.11
C PRO B 327 -32.95 17.48 -20.65
N ASN B 328 -33.60 18.18 -21.57
CA ASN B 328 -34.90 18.82 -21.33
C ASN B 328 -35.85 17.87 -20.62
N ILE B 329 -36.50 18.37 -19.59
CA ILE B 329 -37.37 17.58 -18.74
C ILE B 329 -38.80 17.72 -19.25
N THR B 330 -39.47 16.59 -19.44
CA THR B 330 -40.81 16.57 -20.01
C THR B 330 -41.90 16.03 -19.09
N ASN B 331 -41.55 15.17 -18.13
CA ASN B 331 -42.55 14.51 -17.29
C ASN B 331 -42.58 15.17 -15.92
N LEU B 332 -43.77 15.61 -15.51
CA LEU B 332 -44.01 16.16 -14.18
C LEU B 332 -45.10 15.36 -13.51
N CYS B 333 -44.87 14.99 -12.25
CA CYS B 333 -45.83 14.16 -11.54
C CYS B 333 -47.16 14.89 -11.39
N PRO B 334 -48.29 14.23 -11.64
CA PRO B 334 -49.62 14.87 -11.53
C PRO B 334 -50.04 15.07 -10.09
N PHE B 335 -49.32 15.95 -9.37
CA PHE B 335 -49.68 16.27 -8.00
C PHE B 335 -50.89 17.20 -7.94
N ASP B 336 -50.96 18.17 -8.85
CA ASP B 336 -52.07 19.11 -8.89
C ASP B 336 -53.41 18.39 -8.91
N GLU B 337 -53.50 17.29 -9.66
CA GLU B 337 -54.75 16.55 -9.76
C GLU B 337 -55.19 15.99 -8.41
N VAL B 338 -54.26 15.75 -7.49
CA VAL B 338 -54.61 15.33 -6.15
C VAL B 338 -54.83 16.52 -5.22
N PHE B 339 -53.92 17.50 -5.25
CA PHE B 339 -53.98 18.63 -4.34
C PHE B 339 -55.07 19.62 -4.74
N ASN B 340 -55.27 19.84 -6.03
CA ASN B 340 -56.28 20.78 -6.52
C ASN B 340 -57.57 20.10 -6.94
N ALA B 341 -57.77 18.85 -6.54
CA ALA B 341 -59.00 18.14 -6.87
C ALA B 341 -60.21 18.90 -6.34
N THR B 342 -61.30 18.88 -7.11
CA THR B 342 -62.49 19.61 -6.74
C THR B 342 -63.18 18.99 -5.53
N ARG B 343 -63.16 17.67 -5.41
CA ARG B 343 -63.81 16.98 -4.30
C ARG B 343 -62.98 15.80 -3.87
N PHE B 344 -62.71 15.72 -2.57
CA PHE B 344 -61.98 14.58 -2.02
C PHE B 344 -62.93 13.46 -1.66
N ALA B 345 -62.39 12.25 -1.56
CA ALA B 345 -63.18 11.11 -1.11
C ALA B 345 -63.40 11.17 0.39
N SER B 346 -64.33 10.35 0.87
CA SER B 346 -64.63 10.29 2.29
C SER B 346 -63.54 9.52 3.03
N VAL B 347 -63.43 9.81 4.33
CA VAL B 347 -62.34 9.26 5.13
C VAL B 347 -62.45 7.75 5.26
N TYR B 348 -63.68 7.22 5.24
CA TYR B 348 -63.83 5.77 5.29
C TYR B 348 -63.47 5.10 3.98
N ALA B 349 -63.71 5.79 2.85
CA ALA B 349 -63.47 5.28 1.51
C ALA B 349 -62.37 6.07 0.82
N TRP B 350 -61.29 6.30 1.56
CA TRP B 350 -60.20 7.17 1.09
C TRP B 350 -59.66 6.70 -0.26
N ASN B 351 -59.32 7.66 -1.10
CA ASN B 351 -58.75 7.40 -2.41
C ASN B 351 -57.23 7.26 -2.32
N ARG B 352 -56.66 6.50 -3.25
CA ARG B 352 -55.22 6.27 -3.31
C ARG B 352 -54.75 6.42 -4.75
N LYS B 353 -53.95 7.46 -5.01
CA LYS B 353 -53.40 7.71 -6.32
C LYS B 353 -51.95 7.22 -6.37
N ARG B 354 -51.65 6.37 -7.34
CA ARG B 354 -50.31 5.81 -7.49
C ARG B 354 -49.46 6.72 -8.38
N ILE B 355 -48.21 6.93 -7.97
CA ILE B 355 -47.28 7.81 -8.66
C ILE B 355 -46.10 6.99 -9.15
N SER B 356 -45.77 7.16 -10.44
CA SER B 356 -44.65 6.38 -11.04
C SER B 356 -44.25 6.94 -12.42
N ASN B 357 -42.95 6.97 -12.71
CA ASN B 357 -42.44 7.41 -14.01
C ASN B 357 -42.67 8.90 -14.24
N CYS B 358 -42.25 9.69 -13.27
CA CYS B 358 -42.34 11.14 -13.37
C CYS B 358 -41.30 11.75 -12.45
N VAL B 359 -41.04 13.03 -12.66
CA VAL B 359 -40.11 13.79 -11.84
C VAL B 359 -40.93 14.73 -10.96
N ALA B 360 -40.89 14.51 -9.66
CA ALA B 360 -41.78 15.20 -8.73
C ALA B 360 -41.16 16.52 -8.28
N ASP B 361 -41.87 17.62 -8.54
CA ASP B 361 -41.40 18.96 -8.21
C ASP B 361 -41.96 19.38 -6.85
N TYR B 362 -41.37 18.78 -5.81
CA TYR B 362 -41.76 19.10 -4.43
C TYR B 362 -41.64 20.59 -4.15
N SER B 363 -40.67 21.26 -4.78
CA SER B 363 -40.45 22.69 -4.54
C SER B 363 -41.71 23.50 -4.76
N VAL B 364 -42.57 23.03 -5.66
CA VAL B 364 -43.85 23.74 -5.93
C VAL B 364 -44.72 23.73 -4.66
N LEU B 365 -45.12 22.54 -4.21
CA LEU B 365 -46.02 22.43 -3.03
C LEU B 365 -45.33 23.03 -1.81
N TYR B 366 -44.04 22.72 -1.61
CA TYR B 366 -43.35 23.19 -0.38
C TYR B 366 -43.29 24.72 -0.36
N ASN B 367 -43.60 25.36 -1.50
CA ASN B 367 -43.59 26.83 -1.58
C ASN B 367 -44.82 27.43 -0.89
N LEU B 368 -45.99 26.86 -1.18
CA LEU B 368 -47.25 27.46 -0.70
C LEU B 368 -47.39 27.44 0.82
N ALA B 369 -47.64 28.60 1.39
CA ALA B 369 -47.97 28.64 2.84
C ALA B 369 -49.31 27.93 3.17
N PRO B 370 -50.47 28.14 2.47
CA PRO B 370 -51.77 27.54 2.87
C PRO B 370 -51.63 26.10 3.38
N PHE B 371 -50.73 25.33 2.80
CA PHE B 371 -50.44 23.97 3.34
C PHE B 371 -49.64 24.12 4.64
N PHE B 372 -50.29 24.62 5.69
CA PHE B 372 -49.60 24.87 6.98
C PHE B 372 -49.15 23.53 7.59
N THR B 373 -50.12 22.69 7.98
CA THR B 373 -49.75 21.35 8.51
C THR B 373 -49.00 20.56 7.43
N PHE B 374 -47.66 20.55 7.48
CA PHE B 374 -46.84 19.84 6.46
C PHE B 374 -45.97 18.80 7.16
N LYS B 375 -46.35 18.40 8.37
CA LYS B 375 -45.55 17.42 9.17
C LYS B 375 -45.10 16.23 8.31
N CYS B 376 -43.80 15.88 8.37
CA CYS B 376 -43.32 14.67 7.66
C CYS B 376 -42.46 13.81 8.58
N TYR B 377 -42.25 12.54 8.22
CA TYR B 377 -41.47 11.62 9.08
C TYR B 377 -40.65 10.68 8.20
N GLY B 378 -39.34 10.57 8.46
CA GLY B 378 -38.47 9.66 7.68
C GLY B 378 -37.38 10.41 6.94
N VAL B 379 -37.61 11.68 6.57
CA VAL B 379 -36.61 12.48 5.81
C VAL B 379 -37.13 13.90 5.63
N SER B 380 -36.25 14.90 5.68
CA SER B 380 -36.67 16.27 5.45
C SER B 380 -37.22 16.41 4.04
N PRO B 381 -38.31 17.19 3.86
CA PRO B 381 -38.81 17.41 2.49
C PRO B 381 -37.79 18.03 1.57
N THR B 382 -37.00 18.98 2.08
CA THR B 382 -35.94 19.58 1.26
C THR B 382 -34.92 18.54 0.83
N LYS B 383 -34.57 17.62 1.73
CA LYS B 383 -33.57 16.61 1.41
C LYS B 383 -34.09 15.55 0.45
N LEU B 384 -35.38 15.23 0.51
CA LEU B 384 -35.92 14.21 -0.38
C LEU B 384 -36.14 14.71 -1.79
N ASN B 385 -36.04 16.02 -2.03
CA ASN B 385 -36.08 16.55 -3.39
C ASN B 385 -34.86 16.13 -4.20
N ASP B 386 -33.81 15.63 -3.56
CA ASP B 386 -32.63 15.10 -4.22
C ASP B 386 -32.53 13.60 -4.02
N LEU B 387 -33.68 12.94 -4.00
CA LEU B 387 -33.76 11.51 -3.70
C LEU B 387 -34.74 10.88 -4.68
N CYS B 388 -34.76 9.55 -4.69
CA CYS B 388 -35.62 8.81 -5.60
C CYS B 388 -36.23 7.63 -4.88
N PHE B 389 -37.43 7.26 -5.32
CA PHE B 389 -38.19 6.18 -4.69
C PHE B 389 -38.62 5.18 -5.75
N THR B 390 -38.80 3.93 -5.31
CA THR B 390 -39.35 2.93 -6.21
C THR B 390 -40.74 3.34 -6.69
N ASN B 391 -41.57 3.79 -5.73
CA ASN B 391 -42.98 4.15 -6.05
C ASN B 391 -43.52 5.07 -4.95
N VAL B 392 -44.48 5.95 -5.28
CA VAL B 392 -45.10 6.87 -4.35
C VAL B 392 -46.62 6.67 -4.41
N TYR B 393 -47.27 6.73 -3.25
CA TYR B 393 -48.72 6.70 -3.16
C TYR B 393 -49.21 7.99 -2.53
N ALA B 394 -50.29 8.54 -3.07
CA ALA B 394 -50.92 9.76 -2.55
C ALA B 394 -52.34 9.42 -2.09
N ASP B 395 -52.55 9.43 -0.78
CA ASP B 395 -53.87 9.19 -0.20
C ASP B 395 -54.49 10.51 0.22
N SER B 396 -55.71 10.76 -0.23
CA SER B 396 -56.38 12.03 0.04
C SER B 396 -57.81 11.79 0.50
N PHE B 397 -58.23 12.59 1.48
CA PHE B 397 -59.58 12.58 1.99
C PHE B 397 -59.77 13.83 2.83
N VAL B 398 -61.04 14.10 3.17
CA VAL B 398 -61.37 15.32 3.95
C VAL B 398 -61.84 14.91 5.34
N ILE B 399 -61.32 15.57 6.37
CA ILE B 399 -61.69 15.31 7.76
C ILE B 399 -62.03 16.62 8.45
N ARG B 400 -62.31 16.55 9.75
CA ARG B 400 -62.59 17.75 10.52
C ARG B 400 -61.31 18.55 10.74
N GLY B 401 -61.49 19.78 11.25
CA GLY B 401 -60.36 20.66 11.45
C GLY B 401 -59.37 20.15 12.48
N ASP B 402 -59.87 19.62 13.59
CA ASP B 402 -59.03 19.25 14.71
C ASP B 402 -58.67 17.77 14.73
N GLU B 403 -59.17 17.01 13.75
CA GLU B 403 -58.90 15.54 13.69
C GLU B 403 -57.63 15.27 12.88
N VAL B 404 -56.89 16.31 12.51
CA VAL B 404 -55.69 16.14 11.70
C VAL B 404 -54.62 15.37 12.47
N ARG B 405 -54.61 15.47 13.80
CA ARG B 405 -53.61 14.77 14.59
C ARG B 405 -53.71 13.26 14.39
N GLN B 406 -54.93 12.74 14.20
CA GLN B 406 -55.12 11.30 14.04
C GLN B 406 -54.42 10.77 12.79
N ILE B 407 -54.05 11.64 11.85
CA ILE B 407 -53.28 11.22 10.67
C ILE B 407 -51.81 11.30 11.09
N ALA B 408 -51.35 10.24 11.75
CA ALA B 408 -50.02 10.14 12.32
C ALA B 408 -49.80 8.73 12.86
N PRO B 409 -48.56 8.26 12.90
CA PRO B 409 -48.31 6.90 13.43
C PRO B 409 -48.62 6.82 14.91
N GLY B 410 -49.23 5.71 15.32
CA GLY B 410 -49.54 5.45 16.71
C GLY B 410 -50.60 6.35 17.31
N GLN B 411 -51.66 6.66 16.56
CA GLN B 411 -52.74 7.49 17.05
C GLN B 411 -54.03 6.67 17.13
N THR B 412 -54.96 7.14 17.96
CA THR B 412 -56.22 6.45 18.17
C THR B 412 -57.37 7.43 18.07
N GLY B 413 -58.56 6.89 17.83
CA GLY B 413 -59.75 7.69 17.58
C GLY B 413 -60.59 7.08 16.49
N ASN B 414 -61.72 7.72 16.15
CA ASN B 414 -62.57 7.20 15.08
C ASN B 414 -61.84 7.17 13.75
N ILE B 415 -61.11 8.22 13.42
CA ILE B 415 -60.39 8.28 12.15
C ILE B 415 -59.25 7.27 12.14
N ALA B 416 -58.49 7.18 13.23
CA ALA B 416 -57.30 6.35 13.28
C ALA B 416 -57.62 4.86 13.37
N ASP B 417 -58.73 4.49 14.00
CA ASP B 417 -59.04 3.08 14.22
C ASP B 417 -59.88 2.47 13.11
N TYR B 418 -60.85 3.22 12.58
CA TYR B 418 -61.82 2.67 11.66
C TYR B 418 -61.73 3.22 10.25
N ASN B 419 -61.03 4.33 10.02
CA ASN B 419 -61.07 5.01 8.74
C ASN B 419 -59.73 4.99 8.02
N TYR B 420 -58.64 5.40 8.67
CA TYR B 420 -57.34 5.49 8.00
C TYR B 420 -56.24 5.38 9.07
N LYS B 421 -55.60 4.22 9.13
CA LYS B 421 -54.54 3.97 10.09
C LYS B 421 -53.18 4.00 9.39
N LEU B 422 -52.25 4.79 9.94
CA LEU B 422 -50.86 4.79 9.48
C LEU B 422 -50.04 3.79 10.30
N PRO B 423 -49.10 3.10 9.68
CA PRO B 423 -48.26 2.16 10.43
C PRO B 423 -47.30 2.90 11.36
N ASP B 424 -46.86 2.17 12.40
CA ASP B 424 -45.89 2.73 13.33
C ASP B 424 -44.60 3.13 12.61
N ASP B 425 -44.16 2.30 11.67
CA ASP B 425 -42.95 2.57 10.90
C ASP B 425 -43.30 3.30 9.60
N PHE B 426 -43.86 4.49 9.75
CA PHE B 426 -44.23 5.31 8.61
C PHE B 426 -43.03 6.15 8.16
N THR B 427 -42.79 6.15 6.85
CA THR B 427 -41.61 6.81 6.29
C THR B 427 -42.01 7.80 5.21
N GLY B 428 -43.01 8.63 5.49
CA GLY B 428 -43.52 9.56 4.50
C GLY B 428 -44.07 10.81 5.13
N CYS B 429 -44.78 11.62 4.33
CA CYS B 429 -45.31 12.89 4.77
C CYS B 429 -46.83 12.96 4.91
N VAL B 430 -47.28 13.94 5.69
CA VAL B 430 -48.69 14.24 5.87
C VAL B 430 -48.90 15.72 5.58
N ILE B 431 -49.83 16.03 4.69
CA ILE B 431 -50.17 17.41 4.33
C ILE B 431 -51.66 17.60 4.54
N ALA B 432 -52.02 18.65 5.27
CA ALA B 432 -53.42 18.96 5.56
C ALA B 432 -53.63 20.46 5.55
N TRP B 433 -54.75 20.89 4.97
CA TRP B 433 -55.14 22.30 4.96
C TRP B 433 -56.64 22.42 5.15
N ASN B 434 -57.06 23.59 5.63
CA ASN B 434 -58.48 23.88 5.81
C ASN B 434 -59.10 24.33 4.51
N SER B 435 -60.33 23.85 4.24
CA SER B 435 -61.10 24.27 3.07
C SER B 435 -62.55 24.47 3.48
N ASN B 436 -62.87 25.68 3.94
CA ASN B 436 -64.23 25.99 4.36
C ASN B 436 -65.12 26.40 3.19
N LYS B 437 -64.53 26.91 2.11
CA LYS B 437 -65.30 27.40 0.98
C LYS B 437 -65.88 26.27 0.15
N LEU B 438 -65.03 25.36 -0.33
CA LEU B 438 -65.44 24.38 -1.33
C LEU B 438 -66.14 23.18 -0.71
N ASP B 439 -65.52 22.57 0.31
CA ASP B 439 -66.07 21.34 0.88
C ASP B 439 -67.41 21.59 1.57
N SER B 440 -67.60 22.77 2.17
CA SER B 440 -68.85 23.00 2.95
C SER B 440 -69.88 23.82 2.17
N LYS B 441 -71.17 23.69 2.53
CA LYS B 441 -72.24 24.48 1.88
C LYS B 441 -73.15 25.07 2.98
N VAL B 442 -73.94 26.09 2.63
CA VAL B 442 -74.83 26.74 3.65
C VAL B 442 -75.90 25.76 4.13
N SER B 443 -76.44 24.93 3.23
CA SER B 443 -77.56 24.03 3.61
C SER B 443 -77.07 22.79 4.35
N GLY B 444 -75.75 22.67 4.60
CA GLY B 444 -75.26 21.43 5.25
C GLY B 444 -74.87 20.43 4.19
N ASN B 445 -73.73 19.75 4.36
CA ASN B 445 -73.23 18.80 3.33
C ASN B 445 -73.47 17.35 3.77
N TYR B 446 -73.74 16.47 2.81
CA TYR B 446 -73.98 15.01 3.07
C TYR B 446 -73.09 14.13 2.17
N ASN B 447 -72.17 14.71 1.39
CA ASN B 447 -71.25 13.93 0.51
C ASN B 447 -70.02 13.56 1.33
N TYR B 448 -70.14 13.56 2.66
CA TYR B 448 -68.99 13.26 3.57
C TYR B 448 -69.43 12.27 4.65
N LEU B 449 -68.73 11.14 4.77
CA LEU B 449 -69.08 10.12 5.73
C LEU B 449 -67.82 9.66 6.47
N TYR B 450 -68.00 9.30 7.74
CA TYR B 450 -66.93 8.75 8.56
C TYR B 450 -67.46 7.50 9.26
N ARG B 451 -66.68 6.42 9.21
CA ARG B 451 -67.08 5.22 9.93
C ARG B 451 -66.97 5.45 11.43
N LEU B 452 -68.06 5.16 12.14
CA LEU B 452 -68.12 5.35 13.58
C LEU B 452 -68.01 4.04 14.36
N PHE B 453 -68.54 2.95 13.81
CA PHE B 453 -68.54 1.66 14.48
C PHE B 453 -67.91 0.60 13.59
N ARG B 454 -67.11 -0.27 14.21
CA ARG B 454 -66.47 -1.37 13.51
C ARG B 454 -65.95 -2.35 14.55
N LYS B 455 -66.06 -3.64 14.25
CA LYS B 455 -65.77 -4.66 15.26
C LYS B 455 -64.31 -4.67 15.68
N SER B 456 -63.41 -4.26 14.77
CA SER B 456 -61.98 -4.34 15.04
C SER B 456 -61.27 -3.15 14.40
N ASN B 457 -60.17 -2.74 15.02
CA ASN B 457 -59.37 -1.65 14.47
C ASN B 457 -58.70 -2.07 13.16
N LEU B 458 -58.53 -1.09 12.28
CA LEU B 458 -57.97 -1.34 10.96
C LEU B 458 -56.49 -1.75 11.06
N LYS B 459 -56.06 -2.48 10.05
CA LYS B 459 -54.65 -2.65 9.78
C LYS B 459 -54.13 -1.40 9.08
N PRO B 460 -52.83 -1.12 9.13
CA PRO B 460 -52.30 0.05 8.41
C PRO B 460 -52.70 0.03 6.95
N PHE B 461 -53.19 1.17 6.46
CA PHE B 461 -53.58 1.37 5.07
C PHE B 461 -54.71 0.45 4.64
N GLU B 462 -55.51 -0.05 5.57
CA GLU B 462 -56.65 -0.90 5.23
C GLU B 462 -57.85 -0.05 4.85
N ARG B 463 -58.55 -0.46 3.80
CA ARG B 463 -59.73 0.25 3.32
C ARG B 463 -60.97 -0.60 3.54
N ASP B 464 -62.02 0.02 4.07
CA ASP B 464 -63.28 -0.67 4.38
C ASP B 464 -64.42 0.19 3.87
N ILE B 465 -65.12 -0.28 2.84
CA ILE B 465 -66.26 0.43 2.27
C ILE B 465 -67.56 -0.34 2.45
N SER B 466 -67.53 -1.46 3.18
CA SER B 466 -68.73 -2.26 3.38
C SER B 466 -69.63 -1.56 4.40
N THR B 467 -70.87 -1.29 4.01
CA THR B 467 -71.87 -0.69 4.89
C THR B 467 -72.77 -1.83 5.40
N GLU B 468 -72.36 -2.42 6.51
CA GLU B 468 -73.09 -3.51 7.15
C GLU B 468 -73.35 -3.10 8.59
N ILE B 469 -74.62 -3.16 9.00
CA ILE B 469 -75.04 -2.72 10.33
C ILE B 469 -74.11 -3.30 11.38
N TYR B 470 -73.63 -2.46 12.28
CA TYR B 470 -72.73 -2.87 13.36
C TYR B 470 -73.57 -3.49 14.48
N GLN B 471 -73.48 -4.80 14.62
CA GLN B 471 -74.22 -5.51 15.67
C GLN B 471 -73.52 -5.28 17.00
N ALA B 472 -74.10 -4.39 17.82
CA ALA B 472 -73.55 -4.13 19.14
C ALA B 472 -74.11 -5.06 20.21
N GLY B 473 -75.38 -5.46 20.07
CA GLY B 473 -75.99 -6.41 20.98
C GLY B 473 -75.68 -7.85 20.61
N ASN B 474 -76.65 -8.73 20.90
CA ASN B 474 -76.51 -10.15 20.57
C ASN B 474 -77.61 -10.64 19.64
N LYS B 475 -78.55 -9.79 19.27
CA LYS B 475 -79.59 -10.10 18.29
C LYS B 475 -79.12 -9.73 16.89
N PRO B 476 -79.40 -10.56 15.88
CA PRO B 476 -79.03 -10.20 14.51
C PRO B 476 -79.78 -8.96 14.04
N CYS B 477 -79.10 -8.14 13.24
CA CYS B 477 -79.69 -6.90 12.74
C CYS B 477 -80.35 -7.06 11.39
N ASN B 478 -79.87 -7.99 10.56
CA ASN B 478 -80.45 -8.33 9.27
C ASN B 478 -80.45 -7.16 8.28
N GLY B 479 -79.69 -6.11 8.55
CA GLY B 479 -79.57 -5.01 7.63
C GLY B 479 -80.55 -3.87 7.83
N VAL B 480 -81.15 -3.76 9.01
CA VAL B 480 -82.04 -2.66 9.33
C VAL B 480 -81.62 -2.06 10.67
N ALA B 481 -81.49 -0.74 10.71
CA ALA B 481 -81.03 -0.07 11.92
C ALA B 481 -82.05 -0.19 13.03
N GLY B 482 -81.55 -0.25 14.26
CA GLY B 482 -82.44 -0.38 15.41
C GLY B 482 -81.66 -0.42 16.70
N PHE B 483 -82.31 -0.98 17.72
CA PHE B 483 -81.67 -1.10 19.03
C PHE B 483 -80.47 -2.03 18.95
N ASN B 484 -79.31 -1.53 19.38
CA ASN B 484 -78.03 -2.23 19.27
C ASN B 484 -77.69 -2.55 17.82
N CYS B 485 -78.24 -1.79 16.87
CA CYS B 485 -78.01 -2.00 15.44
C CYS B 485 -77.80 -0.63 14.79
N TYR B 486 -76.55 -0.33 14.45
CA TYR B 486 -76.16 1.00 14.00
C TYR B 486 -75.55 0.94 12.61
N PHE B 487 -75.97 1.84 11.74
CA PHE B 487 -75.34 1.97 10.43
C PHE B 487 -73.87 2.40 10.63
N PRO B 488 -72.94 1.83 9.85
CA PRO B 488 -71.52 2.11 10.10
C PRO B 488 -71.16 3.57 9.98
N LEU B 489 -71.78 4.30 9.05
CA LEU B 489 -71.34 5.64 8.71
C LEU B 489 -72.30 6.70 9.25
N ARG B 490 -71.76 7.91 9.40
CA ARG B 490 -72.53 9.10 9.73
C ARG B 490 -71.92 10.26 8.97
N SER B 491 -72.69 11.34 8.83
CA SER B 491 -72.32 12.48 7.99
C SER B 491 -71.87 13.65 8.83
N TYR B 492 -70.78 14.30 8.41
CA TYR B 492 -70.37 15.56 9.01
C TYR B 492 -71.25 16.69 8.51
N SER B 493 -71.81 17.46 9.45
CA SER B 493 -72.63 18.63 9.12
C SER B 493 -71.72 19.84 8.93
N PHE B 494 -70.96 19.80 7.83
CA PHE B 494 -70.07 20.90 7.50
C PHE B 494 -70.90 22.15 7.19
N ARG B 495 -70.64 23.23 7.93
CA ARG B 495 -71.39 24.48 7.71
C ARG B 495 -70.38 25.63 7.68
N PRO B 496 -70.62 26.70 6.89
CA PRO B 496 -69.68 27.83 6.81
C PRO B 496 -69.46 28.52 8.14
N THR B 497 -70.48 28.56 8.98
CA THR B 497 -70.39 29.19 10.30
C THR B 497 -69.97 28.22 11.40
N TYR B 498 -69.65 26.98 11.05
CA TYR B 498 -69.26 25.99 12.04
C TYR B 498 -67.95 26.39 12.71
N GLY B 499 -67.68 25.75 13.85
CA GLY B 499 -66.48 26.05 14.60
C GLY B 499 -65.23 25.54 13.92
N VAL B 500 -64.08 26.12 14.30
CA VAL B 500 -62.79 25.78 13.68
C VAL B 500 -62.53 24.28 13.78
N GLY B 501 -62.76 23.71 14.96
CA GLY B 501 -62.50 22.29 15.15
C GLY B 501 -63.37 21.42 14.26
N HIS B 502 -64.64 21.77 14.11
CA HIS B 502 -65.54 21.06 13.21
C HIS B 502 -65.68 21.83 11.90
N GLN B 503 -64.62 21.76 11.09
CA GLN B 503 -64.59 22.38 9.78
C GLN B 503 -63.88 21.43 8.82
N PRO B 504 -64.23 21.49 7.54
CA PRO B 504 -63.60 20.59 6.57
C PRO B 504 -62.09 20.79 6.51
N TYR B 505 -61.37 19.67 6.47
CA TYR B 505 -59.88 19.73 6.42
C TYR B 505 -59.37 18.67 5.44
N ARG B 506 -58.83 19.09 4.30
CA ARG B 506 -58.33 18.19 3.27
C ARG B 506 -56.95 17.70 3.64
N VAL B 507 -56.75 16.38 3.60
CA VAL B 507 -55.52 15.75 4.05
C VAL B 507 -54.96 14.92 2.90
N VAL B 508 -53.67 15.10 2.62
CA VAL B 508 -52.97 14.34 1.59
C VAL B 508 -51.84 13.59 2.26
N VAL B 509 -51.80 12.27 2.08
CA VAL B 509 -50.84 11.40 2.72
C VAL B 509 -49.93 10.83 1.64
N LEU B 510 -48.63 11.11 1.76
CA LEU B 510 -47.64 10.62 0.82
C LEU B 510 -46.88 9.46 1.47
N SER B 511 -46.87 8.32 0.79
CA SER B 511 -46.09 7.15 1.21
C SER B 511 -44.96 6.93 0.22
N PHE B 512 -43.78 6.61 0.76
CA PHE B 512 -42.58 6.41 -0.08
C PHE B 512 -42.01 5.01 0.14
N GLU B 513 -41.83 4.24 -0.93
CA GLU B 513 -41.31 2.89 -0.86
C GLU B 513 -40.05 2.78 -1.73
N LEU B 514 -39.10 1.99 -1.24
CA LEU B 514 -37.84 1.75 -1.92
C LEU B 514 -37.44 0.30 -1.71
N LEU B 515 -37.05 -0.37 -2.79
CA LEU B 515 -36.80 -1.81 -2.76
C LEU B 515 -36.03 -2.18 -4.02
N HIS B 516 -35.89 -3.47 -4.27
CA HIS B 516 -35.20 -3.95 -5.47
C HIS B 516 -35.89 -3.49 -6.75
N ALA B 517 -37.16 -3.07 -6.66
CA ALA B 517 -37.86 -2.53 -7.81
C ALA B 517 -37.13 -1.31 -8.35
N PRO B 518 -37.24 -1.03 -9.64
CA PRO B 518 -36.60 0.16 -10.22
C PRO B 518 -37.18 1.44 -9.64
N ALA B 519 -36.41 2.53 -9.78
CA ALA B 519 -36.88 3.82 -9.31
C ALA B 519 -37.87 4.44 -10.29
N THR B 520 -38.69 5.35 -9.79
CA THR B 520 -39.66 6.03 -10.65
C THR B 520 -39.61 7.55 -10.52
N VAL B 521 -39.38 8.06 -9.31
CA VAL B 521 -39.62 9.47 -9.00
C VAL B 521 -38.34 10.10 -8.46
N CYS B 522 -37.99 11.28 -8.99
CA CYS B 522 -36.92 12.10 -8.42
C CYS B 522 -37.32 13.57 -8.50
N GLY B 523 -36.39 14.48 -8.22
CA GLY B 523 -36.64 15.90 -8.38
C GLY B 523 -35.79 16.49 -9.49
N PRO B 524 -36.37 17.39 -10.29
CA PRO B 524 -35.68 17.89 -11.49
C PRO B 524 -34.51 18.83 -11.22
N LYS B 525 -34.77 19.91 -10.50
CA LYS B 525 -33.89 21.04 -10.20
C LYS B 525 -33.60 21.90 -11.41
N LYS B 526 -33.99 21.50 -12.63
CA LYS B 526 -33.77 22.26 -13.86
C LYS B 526 -32.33 22.76 -13.97
N SER B 527 -31.39 21.91 -13.57
CA SER B 527 -29.98 22.26 -13.65
C SER B 527 -29.54 22.37 -15.11
N THR B 528 -28.82 23.45 -15.42
CA THR B 528 -28.34 23.66 -16.78
C THR B 528 -27.24 24.72 -16.75
N ASN B 529 -26.11 24.40 -17.38
CA ASN B 529 -25.02 25.35 -17.53
C ASN B 529 -24.05 24.86 -18.59
N LEU B 530 -23.66 25.74 -19.50
CA LEU B 530 -22.75 25.39 -20.58
C LEU B 530 -21.60 26.39 -20.64
N VAL B 531 -20.37 25.85 -20.76
CA VAL B 531 -19.17 26.67 -20.88
C VAL B 531 -18.24 25.99 -21.87
N LYS B 532 -17.09 26.61 -22.11
CA LYS B 532 -16.08 26.01 -22.99
C LYS B 532 -14.75 26.69 -22.68
N ASN B 533 -13.67 26.01 -23.06
CA ASN B 533 -12.32 26.59 -23.03
C ASN B 533 -11.90 26.96 -21.61
N LYS B 534 -12.34 26.15 -20.65
CA LYS B 534 -12.01 26.43 -19.23
C LYS B 534 -12.27 25.17 -18.38
N CYS B 535 -11.23 24.67 -17.69
CA CYS B 535 -11.45 23.54 -16.80
C CYS B 535 -12.50 23.89 -15.75
N VAL B 536 -13.52 23.03 -15.65
CA VAL B 536 -14.66 23.26 -14.77
C VAL B 536 -15.02 21.95 -14.10
N ASN B 537 -15.58 22.04 -12.90
CA ASN B 537 -16.21 20.88 -12.28
C ASN B 537 -17.50 20.62 -13.04
N PHE B 538 -17.46 19.70 -13.99
CA PHE B 538 -18.60 19.45 -14.85
C PHE B 538 -19.19 18.08 -14.57
N ASN B 539 -20.52 18.02 -14.51
CA ASN B 539 -21.26 16.78 -14.36
C ASN B 539 -22.20 16.64 -15.54
N PHE B 540 -22.17 15.48 -16.19
CA PHE B 540 -22.98 15.21 -17.37
C PHE B 540 -23.75 13.91 -17.13
N ASN B 541 -24.93 14.02 -16.54
CA ASN B 541 -25.81 12.89 -16.27
C ASN B 541 -25.19 11.88 -15.31
N GLY B 542 -24.25 12.33 -14.48
CA GLY B 542 -23.62 11.50 -13.47
C GLY B 542 -22.10 11.48 -13.55
N LEU B 543 -21.56 11.51 -14.76
CA LEU B 543 -20.11 11.49 -14.91
C LEU B 543 -19.51 12.81 -14.42
N LYS B 544 -18.24 12.74 -14.03
CA LYS B 544 -17.55 13.91 -13.52
C LYS B 544 -16.29 14.18 -14.33
N GLY B 545 -15.43 15.04 -13.84
CA GLY B 545 -14.18 15.33 -14.47
C GLY B 545 -13.90 16.82 -14.42
N THR B 546 -12.83 17.21 -15.10
CA THR B 546 -12.47 18.62 -15.22
C THR B 546 -11.57 18.74 -16.43
N GLY B 547 -11.95 19.59 -17.38
CA GLY B 547 -11.14 19.77 -18.61
C GLY B 547 -11.77 20.77 -19.56
N VAL B 548 -11.38 20.73 -20.84
CA VAL B 548 -11.95 21.67 -21.85
C VAL B 548 -13.05 20.94 -22.64
N LEU B 549 -14.32 21.28 -22.36
CA LEU B 549 -15.46 20.63 -23.07
C LEU B 549 -15.69 21.36 -24.40
N THR B 550 -14.80 21.15 -25.38
CA THR B 550 -14.93 21.84 -26.69
C THR B 550 -15.80 21.03 -27.64
N GLU B 551 -16.15 21.61 -28.79
CA GLU B 551 -16.96 20.89 -29.81
C GLU B 551 -16.09 19.85 -30.52
N SER B 552 -16.65 18.67 -30.83
CA SER B 552 -15.91 17.61 -31.54
C SER B 552 -16.66 17.22 -32.82
N ASN B 553 -15.95 17.19 -33.96
CA ASN B 553 -16.60 16.84 -35.25
C ASN B 553 -16.91 15.34 -35.28
N LYS B 554 -16.29 14.56 -34.40
CA LYS B 554 -16.51 13.09 -34.38
C LYS B 554 -18.02 12.80 -34.35
N LYS B 555 -18.49 11.89 -35.22
CA LYS B 555 -19.94 11.55 -35.27
C LYS B 555 -20.19 10.30 -34.41
N PHE B 556 -21.02 10.43 -33.37
CA PHE B 556 -21.36 9.27 -32.51
C PHE B 556 -22.68 8.66 -32.97
N LEU B 557 -22.86 7.35 -32.75
CA LEU B 557 -24.11 6.71 -33.12
C LEU B 557 -25.26 7.40 -32.39
N PRO B 558 -26.49 7.30 -32.91
CA PRO B 558 -27.58 8.07 -32.31
C PRO B 558 -27.81 7.79 -30.84
N PHE B 559 -27.52 6.58 -30.37
CA PHE B 559 -27.74 6.24 -28.97
C PHE B 559 -26.50 6.37 -28.11
N GLN B 560 -25.31 6.23 -28.70
CA GLN B 560 -24.08 6.21 -27.92
C GLN B 560 -23.94 7.46 -27.07
N GLN B 561 -23.60 7.29 -25.80
CA GLN B 561 -23.54 8.39 -24.85
C GLN B 561 -22.11 8.91 -24.67
N PHE B 562 -21.20 8.06 -24.22
CA PHE B 562 -19.85 8.49 -23.88
C PHE B 562 -18.92 8.27 -25.07
N GLY B 563 -17.62 8.43 -24.81
CA GLY B 563 -16.61 8.01 -25.76
C GLY B 563 -15.45 7.43 -24.98
N ARG B 564 -14.68 6.60 -25.70
CA ARG B 564 -13.55 5.89 -25.06
C ARG B 564 -12.38 5.76 -26.04
N ASP B 565 -11.15 5.74 -25.52
CA ASP B 565 -9.93 5.60 -26.31
C ASP B 565 -9.27 4.27 -25.96
N ILE B 566 -8.05 4.07 -26.48
CA ILE B 566 -7.35 2.81 -26.28
C ILE B 566 -7.05 2.53 -24.81
N ALA B 567 -7.11 3.54 -23.96
CA ALA B 567 -6.77 3.37 -22.55
C ALA B 567 -7.94 3.69 -21.63
N ASP B 568 -9.13 3.19 -21.96
CA ASP B 568 -10.33 3.28 -21.13
C ASP B 568 -10.58 4.67 -20.55
N THR B 569 -10.27 5.70 -21.35
CA THR B 569 -10.42 7.10 -20.87
C THR B 569 -11.49 7.82 -21.69
N THR B 570 -12.42 8.50 -21.01
CA THR B 570 -13.45 9.28 -21.70
C THR B 570 -12.82 10.42 -22.48
N ASP B 571 -13.29 10.63 -23.70
CA ASP B 571 -12.72 11.63 -24.58
C ASP B 571 -13.76 12.49 -25.29
N ALA B 572 -15.05 12.20 -25.12
CA ALA B 572 -16.10 12.98 -25.78
C ALA B 572 -17.39 12.78 -25.00
N VAL B 573 -18.30 13.73 -25.17
CA VAL B 573 -19.61 13.65 -24.54
C VAL B 573 -20.66 14.08 -25.56
N ARG B 574 -21.71 13.25 -25.68
CA ARG B 574 -22.89 13.65 -26.48
C ARG B 574 -23.69 14.47 -25.48
N ASP B 575 -23.78 15.77 -25.65
CA ASP B 575 -24.34 16.66 -24.63
C ASP B 575 -25.79 16.28 -24.35
N PRO B 576 -26.18 16.11 -23.08
CA PRO B 576 -27.54 15.66 -22.78
C PRO B 576 -28.61 16.66 -23.19
N GLN B 577 -28.44 17.94 -22.87
CA GLN B 577 -29.43 18.95 -23.24
C GLN B 577 -29.65 18.97 -24.75
N THR B 578 -28.59 19.25 -25.50
CA THR B 578 -28.64 19.29 -26.96
C THR B 578 -27.66 18.28 -27.51
N LEU B 579 -28.08 17.51 -28.50
CA LEU B 579 -27.25 16.45 -29.06
C LEU B 579 -26.05 17.08 -29.74
N GLU B 580 -24.90 17.02 -29.06
CA GLU B 580 -23.67 17.62 -29.56
C GLU B 580 -22.49 16.80 -29.07
N ILE B 581 -21.53 16.56 -29.96
CA ILE B 581 -20.37 15.74 -29.66
C ILE B 581 -19.33 16.66 -29.04
N LEU B 582 -19.27 16.69 -27.72
CA LEU B 582 -18.29 17.51 -27.01
C LEU B 582 -16.92 16.82 -27.03
N ASP B 583 -16.00 17.33 -26.24
CA ASP B 583 -14.72 16.65 -25.99
C ASP B 583 -14.38 16.80 -24.53
N ILE B 584 -13.32 16.12 -24.09
CA ILE B 584 -12.77 16.29 -22.77
C ILE B 584 -11.25 16.29 -22.87
N THR B 585 -10.62 17.30 -22.30
CA THR B 585 -9.16 17.39 -22.27
C THR B 585 -8.74 18.18 -21.04
N PRO B 586 -8.13 17.54 -20.05
CA PRO B 586 -7.72 18.24 -18.83
C PRO B 586 -6.75 19.38 -19.08
N CYS B 587 -6.67 20.31 -18.13
CA CYS B 587 -5.80 21.46 -18.31
C CYS B 587 -4.33 21.04 -18.22
N SER B 588 -3.47 21.93 -18.68
CA SER B 588 -2.06 21.61 -18.81
C SER B 588 -1.43 21.37 -17.45
N PHE B 589 -0.48 20.43 -17.40
CA PHE B 589 0.27 20.15 -16.19
C PHE B 589 1.68 19.73 -16.57
N GLY B 590 2.66 20.22 -15.82
CA GLY B 590 4.04 19.86 -16.07
C GLY B 590 4.85 20.10 -14.82
N GLY B 591 5.96 19.38 -14.72
CA GLY B 591 6.79 19.52 -13.56
C GLY B 591 7.73 20.69 -13.67
N VAL B 592 7.56 21.72 -12.83
CA VAL B 592 8.51 22.83 -12.83
C VAL B 592 9.87 22.30 -12.41
N SER B 593 10.93 22.93 -12.94
CA SER B 593 12.29 22.52 -12.65
C SER B 593 13.17 23.75 -12.63
N VAL B 594 13.54 24.15 -11.41
CA VAL B 594 14.36 25.38 -11.24
C VAL B 594 15.79 25.11 -11.70
N ILE B 595 16.37 26.06 -12.44
CA ILE B 595 17.74 25.97 -12.90
C ILE B 595 18.54 27.03 -12.16
N THR B 596 19.37 26.61 -11.21
CA THR B 596 20.13 27.58 -10.45
C THR B 596 21.61 27.32 -10.57
N PRO B 597 22.42 28.37 -10.64
CA PRO B 597 23.85 28.22 -10.36
C PRO B 597 24.07 28.13 -8.86
N GLY B 598 25.31 27.84 -8.48
CA GLY B 598 25.63 27.60 -7.08
C GLY B 598 25.19 28.69 -6.13
N THR B 599 24.74 28.30 -4.94
CA THR B 599 24.36 29.29 -3.94
C THR B 599 25.57 30.11 -3.52
N ASN B 600 26.73 29.49 -3.40
CA ASN B 600 27.96 30.22 -3.14
C ASN B 600 28.47 30.96 -4.36
N THR B 601 27.65 31.06 -5.41
CA THR B 601 28.01 31.82 -6.60
C THR B 601 26.91 32.81 -6.94
N SER B 602 25.66 32.44 -6.70
CA SER B 602 24.54 33.32 -7.11
C SER B 602 23.21 32.89 -6.47
N ASN B 603 22.23 33.79 -6.44
CA ASN B 603 20.90 33.48 -5.87
C ASN B 603 19.90 33.39 -7.03
N GLN B 604 20.31 33.85 -8.22
CA GLN B 604 19.41 33.86 -9.40
C GLN B 604 18.93 32.44 -9.70
N VAL B 605 17.64 32.27 -10.02
CA VAL B 605 17.08 30.92 -10.35
C VAL B 605 16.10 31.06 -11.51
N ALA B 606 16.32 30.31 -12.60
CA ALA B 606 15.37 30.33 -13.74
C ALA B 606 14.44 29.13 -13.62
N VAL B 607 13.17 29.31 -14.00
CA VAL B 607 12.15 28.22 -13.81
C VAL B 607 11.66 27.72 -15.17
N LEU B 608 11.71 26.40 -15.38
CA LEU B 608 11.23 25.77 -16.61
C LEU B 608 9.91 25.06 -16.34
N TYR B 609 8.91 25.35 -17.15
CA TYR B 609 7.61 24.68 -17.07
C TYR B 609 7.53 23.70 -18.24
N GLN B 610 7.71 22.42 -17.95
CA GLN B 610 7.82 21.42 -19.01
C GLN B 610 6.47 21.16 -19.66
N GLY B 611 6.44 21.19 -20.99
CA GLY B 611 5.24 20.86 -21.73
C GLY B 611 4.08 21.82 -21.58
N VAL B 612 4.37 23.12 -21.55
CA VAL B 612 3.34 24.16 -21.53
C VAL B 612 3.75 25.25 -22.49
N ASN B 613 2.81 25.74 -23.28
CA ASN B 613 3.10 26.64 -24.39
C ASN B 613 3.16 28.10 -23.96
N CYS B 614 3.20 28.37 -22.65
CA CYS B 614 3.35 29.70 -22.08
C CYS B 614 2.16 30.61 -22.39
N THR B 615 1.18 30.10 -23.11
CA THR B 615 -0.12 30.74 -23.18
C THR B 615 -1.01 30.30 -22.04
N GLU B 616 -0.48 29.47 -21.15
CA GLU B 616 -1.18 29.00 -19.97
C GLU B 616 -0.35 29.14 -18.71
N VAL B 617 0.91 29.57 -18.82
CA VAL B 617 1.83 29.62 -17.69
C VAL B 617 1.50 30.75 -16.71
N PRO B 618 0.89 31.88 -17.10
CA PRO B 618 0.47 32.84 -16.07
C PRO B 618 -0.57 32.27 -15.12
N VAL B 619 -1.26 31.21 -15.52
CA VAL B 619 -2.28 30.59 -14.68
C VAL B 619 -1.64 29.56 -13.75
N THR B 629 6.85 37.38 -5.41
CA THR B 629 7.55 36.11 -5.33
C THR B 629 7.41 35.32 -6.64
N TRP B 630 6.45 34.40 -6.67
CA TRP B 630 6.21 33.61 -7.87
C TRP B 630 5.60 34.42 -8.99
N ARG B 631 5.15 35.65 -8.72
CA ARG B 631 4.65 36.52 -9.79
C ARG B 631 5.77 36.96 -10.71
N VAL B 632 6.99 37.11 -10.19
CA VAL B 632 8.10 37.59 -11.01
C VAL B 632 8.37 36.65 -12.16
N TYR B 633 8.22 35.35 -11.93
CA TYR B 633 8.36 34.36 -12.99
C TYR B 633 7.02 33.97 -13.61
N SER B 634 5.90 34.29 -12.97
CA SER B 634 4.61 34.13 -13.65
C SER B 634 4.50 35.09 -14.83
N THR B 635 4.97 36.32 -14.65
CA THR B 635 5.02 37.27 -15.76
C THR B 635 6.24 37.01 -16.63
N GLY B 636 7.43 37.17 -16.04
CA GLY B 636 8.67 36.87 -16.74
C GLY B 636 8.79 37.58 -18.06
N SER B 637 9.04 38.90 -18.01
CA SER B 637 9.04 39.77 -19.18
C SER B 637 9.65 39.10 -20.41
N ASN B 638 10.72 38.34 -20.21
CA ASN B 638 11.32 37.56 -21.29
C ASN B 638 10.95 36.10 -21.11
N VAL B 639 10.21 35.55 -22.08
CA VAL B 639 9.76 34.17 -22.08
C VAL B 639 10.28 33.51 -23.34
N PHE B 640 10.89 32.34 -23.17
CA PHE B 640 11.48 31.59 -24.28
C PHE B 640 10.84 30.21 -24.37
N GLN B 641 10.19 29.91 -25.50
CA GLN B 641 9.57 28.58 -25.69
C GLN B 641 10.64 27.59 -26.17
N THR B 642 10.61 26.35 -25.69
CA THR B 642 11.62 25.33 -26.07
C THR B 642 10.93 24.02 -26.45
N ARG B 643 11.58 23.19 -27.27
CA ARG B 643 10.97 21.91 -27.73
C ARG B 643 10.44 21.11 -26.54
N ALA B 644 10.89 21.44 -25.32
CA ALA B 644 10.46 20.68 -24.13
C ALA B 644 9.34 21.46 -23.47
N GLY B 645 9.61 22.75 -23.25
CA GLY B 645 8.62 23.63 -22.61
C GLY B 645 9.24 25.00 -22.55
N CYS B 646 8.47 25.99 -22.04
CA CYS B 646 8.98 27.35 -21.98
C CYS B 646 9.55 27.63 -20.60
N LEU B 647 10.80 28.08 -20.55
CA LEU B 647 11.42 28.48 -19.30
C LEU B 647 11.29 29.98 -19.12
N ILE B 648 11.29 30.40 -17.86
CA ILE B 648 11.11 31.80 -17.50
C ILE B 648 12.25 32.20 -16.58
N GLY B 649 12.82 33.36 -16.82
CA GLY B 649 13.97 33.82 -16.06
C GLY B 649 15.29 33.67 -16.77
N ALA B 650 15.28 33.35 -18.07
CA ALA B 650 16.50 33.15 -18.83
C ALA B 650 16.47 34.01 -20.09
N GLU B 651 17.64 34.46 -20.50
CA GLU B 651 17.82 35.31 -21.67
C GLU B 651 18.49 34.50 -22.77
N TYR B 652 17.76 34.29 -23.86
CA TYR B 652 18.30 33.51 -24.96
C TYR B 652 19.47 34.25 -25.60
N VAL B 653 20.40 33.47 -26.17
CA VAL B 653 21.63 34.02 -26.74
C VAL B 653 21.90 33.36 -28.08
N ASN B 654 22.28 34.17 -29.07
CA ASN B 654 22.47 33.65 -30.42
C ASN B 654 23.72 32.80 -30.55
N ASN B 655 24.81 33.16 -29.86
CA ASN B 655 26.06 32.45 -30.02
C ASN B 655 25.95 31.10 -29.32
N SER B 656 27.05 30.35 -29.26
CA SER B 656 26.99 28.97 -28.78
C SER B 656 28.29 28.63 -28.04
N TYR B 657 28.22 28.59 -26.71
CA TYR B 657 29.31 28.08 -25.90
C TYR B 657 29.05 26.60 -25.62
N GLU B 658 29.81 26.02 -24.69
CA GLU B 658 29.64 24.62 -24.35
C GLU B 658 28.40 24.44 -23.48
N CYS B 659 28.08 23.17 -23.19
CA CYS B 659 26.86 22.81 -22.47
C CYS B 659 27.18 22.71 -20.99
N ASP B 660 26.49 23.52 -20.19
CA ASP B 660 26.78 23.63 -18.77
C ASP B 660 25.69 23.01 -17.90
N ILE B 661 24.45 23.46 -18.04
CA ILE B 661 23.34 22.79 -17.38
C ILE B 661 22.36 22.35 -18.45
N PRO B 662 22.40 21.08 -18.88
CA PRO B 662 21.54 20.64 -19.97
C PRO B 662 20.07 20.79 -19.62
N ILE B 663 19.27 21.18 -20.62
CA ILE B 663 17.84 21.37 -20.44
C ILE B 663 17.03 20.44 -21.33
N GLY B 664 17.45 20.28 -22.59
CA GLY B 664 16.72 19.41 -23.48
C GLY B 664 16.65 19.94 -24.89
N ALA B 665 16.83 19.07 -25.87
CA ALA B 665 16.78 19.43 -27.28
C ALA B 665 17.83 20.49 -27.62
N GLY B 666 19.07 20.20 -27.25
CA GLY B 666 20.19 21.06 -27.59
C GLY B 666 20.39 22.19 -26.62
N ILE B 667 19.30 22.79 -26.17
CA ILE B 667 19.34 23.98 -25.32
C ILE B 667 19.94 23.63 -23.96
N CYS B 668 21.04 24.30 -23.61
CA CYS B 668 21.57 24.26 -22.25
C CYS B 668 21.84 25.67 -21.80
N ALA B 669 21.50 25.98 -20.56
CA ALA B 669 21.66 27.32 -20.02
C ALA B 669 22.76 27.36 -18.96
N SER B 670 23.35 28.54 -18.80
CA SER B 670 24.38 28.78 -17.81
C SER B 670 24.21 30.18 -17.25
N TYR B 671 25.07 30.52 -16.30
CA TYR B 671 25.00 31.79 -15.57
C TYR B 671 26.26 32.58 -15.91
N GLN B 672 26.10 33.65 -16.69
CA GLN B 672 27.21 34.46 -17.14
C GLN B 672 26.75 35.91 -17.25
N THR B 673 27.60 36.74 -17.82
CA THR B 673 27.32 38.17 -17.93
C THR B 673 26.10 38.44 -18.81
N SER B 686 25.71 42.58 -13.82
CA SER B 686 25.06 42.24 -15.09
C SER B 686 24.92 40.74 -15.26
N GLN B 687 25.33 39.99 -14.24
CA GLN B 687 25.30 38.54 -14.32
C GLN B 687 23.86 38.04 -14.33
N SER B 688 23.53 37.22 -15.32
CA SER B 688 22.19 36.66 -15.45
C SER B 688 22.31 35.21 -15.88
N ILE B 689 21.19 34.61 -16.27
CA ILE B 689 21.15 33.25 -16.75
C ILE B 689 20.83 33.28 -18.24
N ILE B 690 21.69 32.64 -19.04
CA ILE B 690 21.57 32.69 -20.49
C ILE B 690 21.39 31.27 -21.01
N ALA B 691 20.32 31.07 -21.78
CA ALA B 691 20.07 29.80 -22.44
C ALA B 691 20.45 29.90 -23.90
N TYR B 692 21.14 28.88 -24.41
CA TYR B 692 21.58 28.92 -25.82
C TYR B 692 21.61 27.50 -26.35
N THR B 693 22.35 27.31 -27.44
CA THR B 693 22.42 25.97 -28.07
C THR B 693 23.79 25.36 -27.80
N MET B 694 23.83 24.06 -27.49
CA MET B 694 25.12 23.37 -27.22
C MET B 694 26.04 23.48 -28.43
N SER B 695 27.31 23.80 -28.22
CA SER B 695 28.29 23.85 -29.33
C SER B 695 29.04 22.51 -29.39
N LEU B 696 28.90 21.76 -30.49
CA LEU B 696 29.53 20.45 -30.56
C LEU B 696 31.04 20.54 -30.70
N GLY B 697 31.58 21.72 -30.90
CA GLY B 697 33.01 21.91 -31.03
C GLY B 697 33.37 22.85 -32.16
N ALA B 698 34.63 23.24 -32.22
CA ALA B 698 35.11 24.12 -33.28
C ALA B 698 35.10 23.37 -34.60
N GLU B 699 34.20 23.78 -35.51
CA GLU B 699 34.04 23.09 -36.81
C GLU B 699 35.47 23.05 -37.36
N ASN B 700 35.99 21.86 -37.64
CA ASN B 700 37.31 21.75 -38.22
C ASN B 700 37.01 21.42 -39.69
N SER B 701 38.05 21.36 -40.50
CA SER B 701 37.90 21.01 -41.90
C SER B 701 39.20 20.38 -42.37
N VAL B 702 39.15 19.09 -42.68
CA VAL B 702 40.35 18.35 -43.07
C VAL B 702 40.47 18.37 -44.58
N ALA B 703 41.69 18.61 -45.06
CA ALA B 703 41.94 18.82 -46.48
C ALA B 703 42.41 17.51 -47.10
N TYR B 704 41.45 16.68 -47.47
CA TYR B 704 41.76 15.44 -48.16
C TYR B 704 42.35 15.73 -49.54
N SER B 705 43.20 14.82 -50.00
CA SER B 705 43.70 14.84 -51.36
C SER B 705 43.85 13.39 -51.79
N ASN B 706 44.49 13.17 -52.93
CA ASN B 706 44.81 11.81 -53.34
C ASN B 706 46.30 11.60 -53.56
N ASN B 707 47.12 12.61 -53.35
CA ASN B 707 48.56 12.43 -53.37
C ASN B 707 49.19 13.25 -52.27
N SER B 708 48.64 13.17 -51.07
CA SER B 708 49.16 13.95 -49.96
C SER B 708 49.04 13.15 -48.67
N ILE B 709 50.18 12.93 -48.02
CA ILE B 709 50.24 12.24 -46.73
C ILE B 709 50.80 13.22 -45.71
N ALA B 710 50.35 13.10 -44.47
CA ALA B 710 50.75 14.00 -43.38
C ALA B 710 51.35 13.16 -42.27
N ILE B 711 52.68 13.17 -42.17
CA ILE B 711 53.40 12.30 -41.24
C ILE B 711 53.89 13.14 -40.06
N PRO B 712 53.58 12.76 -38.82
CA PRO B 712 54.08 13.52 -37.66
C PRO B 712 55.59 13.40 -37.53
N THR B 713 56.22 14.50 -37.12
CA THR B 713 57.66 14.57 -36.99
C THR B 713 58.13 14.57 -35.54
N ASN B 714 57.18 14.66 -34.62
CA ASN B 714 57.52 14.72 -33.17
C ASN B 714 56.41 13.99 -32.42
N PHE B 715 56.63 13.70 -31.14
CA PHE B 715 55.66 12.94 -30.37
C PHE B 715 55.51 13.58 -29.00
N THR B 716 54.80 12.87 -28.12
CA THR B 716 54.56 13.37 -26.77
C THR B 716 54.08 12.22 -25.90
N ILE B 717 54.72 12.03 -24.76
CA ILE B 717 54.26 11.09 -23.76
C ILE B 717 53.20 11.77 -22.92
N SER B 718 52.15 11.04 -22.57
CA SER B 718 50.97 11.67 -21.99
C SER B 718 50.34 10.71 -20.99
N VAL B 719 50.69 10.87 -19.71
CA VAL B 719 50.10 10.05 -18.67
C VAL B 719 48.68 10.50 -18.42
N THR B 720 47.71 9.74 -18.90
CA THR B 720 46.32 10.06 -18.61
C THR B 720 45.93 9.46 -17.27
N THR B 721 44.63 9.38 -17.02
CA THR B 721 44.12 8.75 -15.82
C THR B 721 42.85 8.00 -16.18
N GLU B 722 42.49 7.05 -15.31
CA GLU B 722 41.19 6.39 -15.43
C GLU B 722 40.81 5.84 -14.07
N ILE B 723 39.57 6.07 -13.68
CA ILE B 723 39.12 5.82 -12.32
C ILE B 723 37.96 4.85 -12.37
N LEU B 724 38.04 3.78 -11.58
CA LEU B 724 37.07 2.71 -11.66
C LEU B 724 36.71 2.24 -10.26
N PRO B 725 35.42 2.22 -9.91
CA PRO B 725 35.02 1.53 -8.69
C PRO B 725 35.18 0.04 -8.85
N VAL B 726 35.47 -0.64 -7.74
CA VAL B 726 35.70 -2.08 -7.71
C VAL B 726 34.72 -2.77 -6.76
N SER B 727 34.58 -2.25 -5.56
CA SER B 727 33.70 -2.84 -4.58
C SER B 727 32.91 -1.74 -3.88
N MET B 728 31.73 -2.08 -3.40
CA MET B 728 30.92 -1.16 -2.63
C MET B 728 30.81 -1.68 -1.20
N THR B 729 30.19 -0.88 -0.34
CA THR B 729 30.12 -1.23 1.07
C THR B 729 29.36 -2.53 1.26
N LYS B 730 29.78 -3.29 2.25
CA LYS B 730 29.21 -4.61 2.53
C LYS B 730 28.28 -4.48 3.73
N THR B 731 26.99 -4.33 3.48
CA THR B 731 26.04 -4.16 4.55
C THR B 731 25.49 -5.50 5.01
N SER B 732 24.61 -5.45 6.01
CA SER B 732 23.93 -6.61 6.55
C SER B 732 22.74 -6.10 7.33
N VAL B 733 21.77 -6.98 7.57
CA VAL B 733 20.53 -6.59 8.25
C VAL B 733 19.99 -7.76 9.04
N ASP B 734 19.52 -7.49 10.25
CA ASP B 734 18.84 -8.48 11.08
C ASP B 734 17.38 -8.09 11.17
N CYS B 735 16.51 -9.00 10.72
CA CYS B 735 15.09 -8.71 10.59
C CYS B 735 14.48 -8.27 11.92
N THR B 736 14.67 -9.09 12.95
CA THR B 736 13.92 -8.89 14.19
C THR B 736 14.21 -7.54 14.81
N MET B 737 15.45 -7.04 14.73
CA MET B 737 15.76 -5.75 15.35
C MET B 737 15.53 -4.58 14.42
N TYR B 738 15.26 -4.81 13.14
CA TYR B 738 14.82 -3.71 12.29
C TYR B 738 13.32 -3.55 12.37
N ILE B 739 12.57 -4.59 12.01
CA ILE B 739 11.12 -4.50 12.02
C ILE B 739 10.60 -4.44 13.45
N CYS B 740 10.98 -5.40 14.28
CA CYS B 740 10.38 -5.62 15.59
C CYS B 740 11.28 -5.14 16.72
N GLY B 741 11.91 -3.98 16.56
CA GLY B 741 12.90 -3.53 17.53
C GLY B 741 12.41 -3.52 18.96
N ASP B 742 12.92 -4.46 19.77
CA ASP B 742 12.59 -4.56 21.19
C ASP B 742 11.10 -4.79 21.42
N SER B 743 10.55 -5.81 20.77
CA SER B 743 9.14 -6.17 21.00
C SER B 743 9.00 -7.67 20.79
N THR B 744 9.01 -8.42 21.90
CA THR B 744 8.87 -9.87 21.82
C THR B 744 7.55 -10.25 21.18
N GLU B 745 6.47 -9.52 21.49
CA GLU B 745 5.20 -9.76 20.83
C GLU B 745 5.32 -9.61 19.32
N CYS B 746 6.01 -8.57 18.88
CA CYS B 746 6.25 -8.38 17.45
C CYS B 746 7.07 -9.53 16.88
N SER B 747 8.06 -10.00 17.64
CA SER B 747 8.82 -11.17 17.21
C SER B 747 7.90 -12.36 16.98
N ASN B 748 6.98 -12.59 17.91
CA ASN B 748 6.03 -13.69 17.78
C ASN B 748 5.19 -13.54 16.51
N LEU B 749 4.72 -12.32 16.26
CA LEU B 749 3.93 -12.10 15.05
C LEU B 749 4.68 -12.16 13.73
N LEU B 750 5.98 -11.84 13.75
CA LEU B 750 6.80 -11.85 12.55
C LEU B 750 7.21 -13.29 12.31
N LEU B 751 7.25 -14.11 13.36
CA LEU B 751 7.67 -15.50 13.20
C LEU B 751 6.86 -16.23 12.14
N GLN B 752 5.58 -15.88 11.99
CA GLN B 752 4.76 -16.58 11.01
C GLN B 752 5.25 -16.30 9.58
N TYR B 753 5.65 -15.06 9.30
CA TYR B 753 6.16 -14.72 7.97
C TYR B 753 7.35 -15.59 7.61
N GLY B 754 8.32 -15.67 8.51
CA GLY B 754 9.40 -16.63 8.36
C GLY B 754 10.24 -16.42 7.12
N SER B 755 10.00 -17.26 6.12
CA SER B 755 10.92 -17.46 5.00
C SER B 755 11.27 -16.19 4.24
N PHE B 756 10.61 -15.07 4.49
CA PHE B 756 11.06 -13.83 3.87
C PHE B 756 12.39 -13.38 4.46
N CYS B 757 12.48 -13.35 5.78
CA CYS B 757 13.67 -12.86 6.46
C CYS B 757 14.90 -13.73 6.24
N THR B 758 14.77 -14.84 5.52
CA THR B 758 15.94 -15.58 5.06
C THR B 758 16.33 -15.22 3.64
N GLN B 759 15.36 -14.87 2.80
CA GLN B 759 15.69 -14.37 1.47
C GLN B 759 16.56 -13.13 1.57
N LEU B 760 16.17 -12.19 2.44
CA LEU B 760 16.90 -10.94 2.58
C LEU B 760 18.34 -11.19 3.01
N LYS B 761 18.52 -11.95 4.09
CA LYS B 761 19.86 -12.17 4.60
C LYS B 761 20.70 -12.96 3.62
N ARG B 762 20.09 -13.93 2.93
CA ARG B 762 20.87 -14.68 1.94
C ARG B 762 21.33 -13.79 0.81
N ALA B 763 20.46 -12.90 0.32
CA ALA B 763 20.86 -11.99 -0.74
C ALA B 763 21.99 -11.06 -0.29
N LEU B 764 21.86 -10.51 0.92
CA LEU B 764 22.88 -9.58 1.40
C LEU B 764 24.21 -10.27 1.61
N THR B 765 24.20 -11.50 2.13
CA THR B 765 25.45 -12.24 2.26
C THR B 765 26.05 -12.55 0.89
N GLY B 766 25.20 -12.86 -0.08
CA GLY B 766 25.70 -13.06 -1.43
C GLY B 766 26.42 -11.84 -1.95
N ILE B 767 25.85 -10.66 -1.74
CA ILE B 767 26.50 -9.43 -2.19
C ILE B 767 27.82 -9.22 -1.46
N ALA B 768 27.83 -9.45 -0.15
CA ALA B 768 29.06 -9.23 0.62
C ALA B 768 30.20 -10.13 0.14
N VAL B 769 29.94 -11.42 0.02
CA VAL B 769 30.99 -12.31 -0.45
C VAL B 769 31.38 -11.98 -1.88
N GLU B 770 30.43 -11.50 -2.69
CA GLU B 770 30.78 -11.08 -4.04
C GLU B 770 31.74 -9.91 -4.00
N GLN B 771 31.57 -8.99 -3.05
CA GLN B 771 32.48 -7.84 -2.95
C GLN B 771 33.89 -8.29 -2.57
N ASP B 772 33.98 -9.24 -1.65
CA ASP B 772 35.29 -9.82 -1.34
C ASP B 772 35.93 -10.41 -2.59
N LYS B 773 35.14 -11.14 -3.39
CA LYS B 773 35.69 -11.69 -4.63
C LYS B 773 36.08 -10.59 -5.61
N ASN B 774 35.31 -9.50 -5.66
CA ASN B 774 35.65 -8.40 -6.55
C ASN B 774 37.06 -7.89 -6.28
N THR B 775 37.33 -7.56 -5.02
CA THR B 775 38.66 -7.04 -4.71
C THR B 775 39.73 -8.10 -4.92
N GLN B 776 39.45 -9.35 -4.50
CA GLN B 776 40.45 -10.40 -4.63
C GLN B 776 40.83 -10.65 -6.08
N GLU B 777 39.89 -10.53 -7.00
CA GLU B 777 40.19 -10.79 -8.39
C GLU B 777 40.76 -9.58 -9.11
N VAL B 778 40.42 -8.37 -8.68
CA VAL B 778 41.02 -7.20 -9.30
C VAL B 778 42.49 -7.09 -8.94
N PHE B 779 42.81 -7.22 -7.65
CA PHE B 779 44.18 -6.93 -7.23
C PHE B 779 45.08 -8.15 -7.18
N ALA B 780 44.60 -9.24 -6.58
CA ALA B 780 45.44 -10.41 -6.33
C ALA B 780 45.56 -11.24 -7.59
N GLN B 781 46.27 -10.67 -8.57
CA GLN B 781 46.69 -11.39 -9.76
C GLN B 781 48.18 -11.67 -9.72
N VAL B 782 48.75 -11.75 -8.53
CA VAL B 782 50.18 -11.89 -8.34
C VAL B 782 50.42 -13.08 -7.42
N LYS B 783 51.55 -13.76 -7.65
CA LYS B 783 51.85 -15.00 -6.95
C LYS B 783 52.58 -14.74 -5.64
N GLN B 784 53.78 -14.15 -5.71
CA GLN B 784 54.48 -13.72 -4.51
C GLN B 784 54.08 -12.27 -4.20
N ILE B 785 54.76 -11.67 -3.24
CA ILE B 785 54.61 -10.25 -2.95
C ILE B 785 55.99 -9.64 -3.16
N TYR B 786 56.23 -9.16 -4.38
CA TYR B 786 57.57 -8.76 -4.77
C TYR B 786 58.03 -7.56 -3.97
N LYS B 787 59.35 -7.46 -3.82
CA LYS B 787 59.95 -6.34 -3.04
C LYS B 787 60.68 -5.40 -4.01
N THR B 788 60.34 -4.11 -3.97
CA THR B 788 60.97 -3.13 -4.83
C THR B 788 62.49 -3.18 -4.65
N PRO B 789 63.26 -2.95 -5.70
CA PRO B 789 64.71 -2.98 -5.55
C PRO B 789 65.17 -1.90 -4.59
N PRO B 790 66.29 -2.12 -3.90
CA PRO B 790 66.76 -1.11 -2.95
C PRO B 790 67.06 0.24 -3.57
N ILE B 791 67.54 0.27 -4.80
CA ILE B 791 67.96 1.51 -5.45
C ILE B 791 67.04 1.80 -6.62
N LYS B 792 66.88 3.09 -6.93
CA LYS B 792 65.92 3.51 -8.00
C LYS B 792 66.62 4.41 -9.03
N TYR B 793 67.37 3.81 -9.96
CA TYR B 793 68.04 4.53 -11.05
C TYR B 793 67.50 3.95 -12.35
N PHE B 794 66.28 4.34 -12.70
CA PHE B 794 65.58 3.77 -13.85
C PHE B 794 65.81 4.67 -15.06
N GLY B 795 66.99 4.53 -15.65
CA GLY B 795 67.30 5.13 -16.93
C GLY B 795 67.10 6.62 -17.02
N GLY B 796 66.78 7.26 -15.89
CA GLY B 796 66.38 8.64 -15.89
C GLY B 796 64.91 8.86 -15.66
N PHE B 797 64.12 7.79 -15.52
CA PHE B 797 62.74 7.92 -15.12
C PHE B 797 62.66 8.10 -13.60
N ASN B 798 61.54 8.60 -13.13
CA ASN B 798 61.37 8.90 -11.71
C ASN B 798 60.01 8.36 -11.28
N PHE B 799 60.02 7.24 -10.56
CA PHE B 799 58.80 6.62 -10.09
C PHE B 799 58.51 6.94 -8.63
N SER B 800 59.14 7.98 -8.09
CA SER B 800 58.95 8.31 -6.68
C SER B 800 57.49 8.57 -6.37
N GLN B 801 56.78 9.22 -7.29
CA GLN B 801 55.39 9.58 -7.02
C GLN B 801 54.46 8.38 -6.97
N ILE B 802 54.85 7.25 -7.56
CA ILE B 802 53.99 6.09 -7.60
C ILE B 802 54.45 4.98 -6.66
N LEU B 803 55.75 4.84 -6.41
CA LEU B 803 56.26 3.83 -5.52
C LEU B 803 56.04 4.23 -4.06
N PRO B 804 55.88 3.26 -3.16
CA PRO B 804 55.66 3.59 -1.76
C PRO B 804 56.84 4.31 -1.14
N ASP B 805 56.54 5.19 -0.19
CA ASP B 805 57.57 5.91 0.55
C ASP B 805 57.63 5.41 1.97
N PRO B 806 58.72 4.74 2.38
CA PRO B 806 58.79 4.21 3.75
C PRO B 806 58.79 5.28 4.82
N SER B 807 59.16 6.53 4.50
CA SER B 807 59.10 7.58 5.50
C SER B 807 57.67 7.84 5.96
N LYS B 808 56.69 7.64 5.08
CA LYS B 808 55.31 7.72 5.48
C LYS B 808 54.99 6.61 6.47
N PRO B 809 54.01 6.82 7.36
CA PRO B 809 53.65 5.73 8.28
C PRO B 809 53.15 4.49 7.55
N SER B 810 52.10 4.63 6.75
CA SER B 810 51.66 3.56 5.87
C SER B 810 52.44 3.64 4.57
N LYS B 811 52.65 2.48 3.96
CA LYS B 811 53.48 2.41 2.76
C LYS B 811 52.70 2.74 1.50
N ARG B 812 52.02 3.89 1.52
CA ARG B 812 51.24 4.34 0.39
C ARG B 812 51.97 5.47 -0.32
N SER B 813 52.00 5.37 -1.66
CA SER B 813 52.74 6.36 -2.48
C SER B 813 52.05 7.72 -2.44
N PRO B 814 52.80 8.83 -2.59
CA PRO B 814 52.23 10.18 -2.51
C PRO B 814 50.95 10.37 -3.31
N ILE B 815 50.84 9.80 -4.50
CA ILE B 815 49.59 9.90 -5.24
C ILE B 815 48.49 9.14 -4.52
N GLU B 816 48.81 7.97 -3.98
CA GLU B 816 47.81 7.24 -3.21
C GLU B 816 47.38 8.03 -1.99
N ASP B 817 48.33 8.69 -1.31
CA ASP B 817 47.97 9.50 -0.16
C ASP B 817 47.07 10.65 -0.56
N LEU B 818 47.37 11.30 -1.68
CA LEU B 818 46.51 12.38 -2.15
C LEU B 818 45.11 11.87 -2.46
N LEU B 819 45.02 10.70 -3.08
CA LEU B 819 43.69 10.10 -3.41
C LEU B 819 42.93 9.82 -2.10
N PHE B 820 43.59 9.20 -1.13
CA PHE B 820 42.92 8.81 0.11
C PHE B 820 42.45 10.04 0.86
N ASN B 821 43.25 11.10 0.87
CA ASN B 821 42.80 12.34 1.50
C ASN B 821 41.64 12.96 0.72
N LYS B 822 41.69 12.90 -0.61
CA LYS B 822 40.71 13.60 -1.43
C LYS B 822 39.32 12.97 -1.29
N VAL B 823 39.22 11.67 -1.45
CA VAL B 823 37.92 11.04 -1.30
C VAL B 823 37.61 10.90 0.18
N THR B 824 36.37 11.20 0.55
CA THR B 824 35.93 11.13 1.94
C THR B 824 35.12 9.85 2.12
N LEU B 825 35.54 9.02 3.07
CA LEU B 825 34.87 7.76 3.35
C LEU B 825 34.57 7.66 4.84
N ALA B 826 33.34 7.31 5.17
CA ALA B 826 32.98 7.10 6.56
C ALA B 826 33.61 5.81 7.09
N ASP B 827 33.60 5.66 8.41
CA ASP B 827 34.11 4.45 9.01
C ASP B 827 33.20 3.27 8.71
N ALA B 828 33.81 2.11 8.49
CA ALA B 828 33.10 0.88 8.16
C ALA B 828 33.46 -0.17 9.21
N GLY B 829 32.50 -0.48 10.08
CA GLY B 829 32.73 -1.48 11.11
C GLY B 829 33.55 -1.01 12.28
N PHE B 830 33.80 0.29 12.39
CA PHE B 830 34.63 0.84 13.46
C PHE B 830 34.22 0.29 14.82
N ILE B 831 35.22 0.05 15.67
CA ILE B 831 34.97 -0.52 16.99
C ILE B 831 34.12 0.48 17.77
N LYS B 832 32.85 0.15 17.98
CA LYS B 832 31.91 1.10 18.55
C LYS B 832 32.35 1.54 19.95
N GLN B 833 32.34 2.84 20.17
CA GLN B 833 32.77 3.43 21.43
C GLN B 833 32.34 4.89 21.54
N ASP B 845 27.97 10.56 15.20
CA ASP B 845 27.86 10.32 13.77
C ASP B 845 26.63 9.48 13.47
N LEU B 846 26.24 9.41 12.19
CA LEU B 846 25.05 8.65 11.83
C LEU B 846 25.23 7.17 12.10
N ILE B 847 26.47 6.66 11.98
CA ILE B 847 26.71 5.23 12.06
C ILE B 847 26.18 4.65 13.36
N CYS B 848 26.21 5.43 14.44
CA CYS B 848 25.64 4.97 15.69
C CYS B 848 24.13 4.79 15.58
N ALA B 849 23.46 5.69 14.87
CA ALA B 849 22.00 5.58 14.74
C ALA B 849 21.61 4.32 13.96
N GLN B 850 22.31 4.03 12.87
CA GLN B 850 21.98 2.85 12.08
C GLN B 850 22.24 1.58 12.87
N LYS B 851 23.45 1.43 13.42
CA LYS B 851 23.83 0.20 14.12
C LYS B 851 22.79 -0.17 15.17
N PHE B 852 22.04 0.80 15.65
CA PHE B 852 20.95 0.52 16.57
C PHE B 852 19.70 0.03 15.87
N LYS B 853 19.65 0.10 14.54
CA LYS B 853 18.53 -0.42 13.79
C LYS B 853 18.85 -1.72 13.08
N GLY B 854 19.84 -2.46 13.58
CA GLY B 854 20.15 -3.73 12.97
C GLY B 854 20.89 -3.66 11.67
N LEU B 855 21.32 -2.47 11.25
CA LEU B 855 22.09 -2.31 10.03
C LEU B 855 23.56 -2.22 10.38
N THR B 856 24.38 -2.99 9.68
CA THR B 856 25.81 -3.02 9.91
C THR B 856 26.52 -2.63 8.64
N VAL B 857 27.83 -2.36 8.76
CA VAL B 857 28.69 -2.08 7.59
C VAL B 857 29.94 -2.94 7.80
N LEU B 858 29.88 -4.22 7.42
CA LEU B 858 30.95 -5.16 7.70
C LEU B 858 32.25 -4.63 7.11
N PRO B 859 33.37 -4.91 7.77
CA PRO B 859 34.66 -4.43 7.26
C PRO B 859 35.15 -5.31 6.13
N PRO B 860 35.75 -4.73 5.11
CA PRO B 860 36.29 -5.55 4.02
C PRO B 860 37.40 -6.46 4.50
N LEU B 861 37.52 -7.62 3.86
CA LEU B 861 38.50 -8.61 4.27
C LEU B 861 39.93 -8.10 4.08
N LEU B 862 40.19 -7.43 2.95
CA LEU B 862 41.54 -6.97 2.63
C LEU B 862 41.73 -5.56 3.17
N THR B 863 42.54 -5.45 4.24
CA THR B 863 42.83 -4.12 4.82
C THR B 863 43.52 -3.25 3.75
N ASP B 864 43.51 -1.94 3.94
CA ASP B 864 44.13 -1.05 2.97
C ASP B 864 45.63 -1.31 2.85
N GLU B 865 46.25 -1.85 3.90
CA GLU B 865 47.69 -2.09 3.83
C GLU B 865 48.02 -3.30 2.97
N MET B 866 47.17 -4.34 3.05
CA MET B 866 47.36 -5.52 2.16
C MET B 866 47.14 -5.06 0.72
N ILE B 867 46.12 -4.21 0.50
CA ILE B 867 45.86 -3.69 -0.84
C ILE B 867 47.09 -2.93 -1.34
N ALA B 868 47.68 -2.11 -0.48
CA ALA B 868 48.89 -1.40 -0.88
C ALA B 868 50.03 -2.35 -1.17
N GLN B 869 50.14 -3.45 -0.44
CA GLN B 869 51.19 -4.42 -0.72
C GLN B 869 50.98 -5.11 -2.06
N TYR B 870 49.73 -5.48 -2.37
CA TYR B 870 49.42 -6.02 -3.68
C TYR B 870 49.82 -5.05 -4.78
N THR B 871 49.42 -3.78 -4.62
CA THR B 871 49.73 -2.79 -5.64
C THR B 871 51.23 -2.60 -5.80
N SER B 872 51.97 -2.59 -4.69
CA SER B 872 53.41 -2.43 -4.79
C SER B 872 54.07 -3.64 -5.40
N ALA B 873 53.55 -4.84 -5.16
CA ALA B 873 54.08 -6.01 -5.85
C ALA B 873 53.89 -5.90 -7.34
N LEU B 874 52.69 -5.47 -7.76
CA LEU B 874 52.45 -5.28 -9.19
C LEU B 874 53.43 -4.26 -9.76
N LEU B 875 53.64 -3.16 -9.04
CA LEU B 875 54.54 -2.12 -9.54
C LEU B 875 55.97 -2.61 -9.64
N ALA B 876 56.47 -3.32 -8.62
CA ALA B 876 57.84 -3.82 -8.69
C ALA B 876 58.01 -4.81 -9.83
N GLY B 877 57.05 -5.71 -10.00
CA GLY B 877 57.15 -6.66 -11.10
C GLY B 877 57.13 -5.98 -12.45
N THR B 878 56.21 -5.03 -12.65
CA THR B 878 56.09 -4.38 -13.94
C THR B 878 57.22 -3.41 -14.22
N ILE B 879 57.93 -2.97 -13.19
CA ILE B 879 59.05 -2.07 -13.40
C ILE B 879 60.33 -2.84 -13.72
N THR B 880 60.65 -3.87 -12.94
CA THR B 880 61.87 -4.61 -13.23
C THR B 880 61.66 -5.59 -14.37
N SER B 881 60.72 -6.53 -14.19
CA SER B 881 60.51 -7.57 -15.23
C SER B 881 59.69 -7.01 -16.39
N GLY B 882 58.45 -6.56 -16.12
CA GLY B 882 57.63 -5.98 -17.16
C GLY B 882 56.26 -6.63 -17.27
N TRP B 883 55.85 -6.94 -18.51
CA TRP B 883 54.67 -7.77 -18.70
C TRP B 883 54.97 -9.24 -18.42
N THR B 884 56.24 -9.62 -18.46
CA THR B 884 56.62 -11.03 -18.44
C THR B 884 56.14 -11.74 -17.19
N PHE B 885 55.85 -11.00 -16.12
CA PHE B 885 55.44 -11.64 -14.89
C PHE B 885 53.96 -11.99 -14.86
N GLY B 886 53.23 -11.69 -15.92
CA GLY B 886 51.88 -12.23 -16.03
C GLY B 886 51.81 -13.65 -16.52
N ALA B 887 52.92 -14.18 -17.04
CA ALA B 887 53.01 -15.52 -17.57
C ALA B 887 53.96 -16.36 -16.73
N GLY B 888 53.80 -16.31 -15.41
CA GLY B 888 54.62 -17.09 -14.52
C GLY B 888 55.52 -16.25 -13.65
N PRO B 889 56.83 -16.36 -13.87
CA PRO B 889 57.79 -15.67 -13.02
C PRO B 889 58.17 -14.31 -13.58
N ALA B 890 58.77 -13.50 -12.70
CA ALA B 890 59.35 -12.24 -13.15
C ALA B 890 60.69 -12.53 -13.82
N LEU B 891 60.94 -11.81 -14.91
CA LEU B 891 62.18 -11.95 -15.67
C LEU B 891 62.80 -10.56 -15.81
N GLN B 892 63.86 -10.30 -15.06
CA GLN B 892 64.39 -8.95 -15.00
C GLN B 892 64.95 -8.52 -16.35
N ILE B 893 64.80 -7.23 -16.63
CA ILE B 893 65.30 -6.63 -17.91
C ILE B 893 65.32 -5.12 -17.65
N PRO B 894 66.40 -4.38 -17.98
CA PRO B 894 66.49 -2.97 -17.60
C PRO B 894 65.33 -2.16 -18.16
N PHE B 895 64.88 -1.17 -17.39
CA PHE B 895 63.68 -0.44 -17.77
C PHE B 895 63.78 0.27 -19.11
N PRO B 896 64.86 0.99 -19.45
CA PRO B 896 64.91 1.57 -20.80
C PRO B 896 64.79 0.53 -21.89
N MET B 897 65.31 -0.67 -21.64
CA MET B 897 65.19 -1.78 -22.62
C MET B 897 63.72 -2.19 -22.76
N GLN B 898 62.99 -2.25 -21.64
CA GLN B 898 61.58 -2.59 -21.69
C GLN B 898 60.79 -1.53 -22.42
N MET B 899 61.09 -0.26 -22.17
CA MET B 899 60.40 0.81 -22.88
C MET B 899 60.70 0.75 -24.37
N ALA B 900 61.92 0.36 -24.74
CA ALA B 900 62.22 0.20 -26.15
C ALA B 900 61.34 -0.87 -26.76
N TYR B 901 61.08 -1.93 -26.02
CA TYR B 901 60.20 -2.98 -26.57
C TYR B 901 58.76 -2.51 -26.66
N ARG B 902 58.33 -1.74 -25.64
CA ARG B 902 56.96 -1.15 -25.67
C ARG B 902 56.84 -0.35 -26.96
N PHE B 903 57.79 0.55 -27.21
CA PHE B 903 57.78 1.33 -28.45
C PHE B 903 57.73 0.42 -29.66
N ASN B 904 58.66 -0.53 -29.73
CA ASN B 904 58.70 -1.46 -30.85
C ASN B 904 57.41 -2.24 -31.02
N GLY B 905 56.48 -2.13 -30.10
CA GLY B 905 55.20 -2.75 -30.30
C GLY B 905 54.09 -1.83 -30.78
N ILE B 906 54.42 -0.64 -31.29
CA ILE B 906 53.39 0.26 -31.81
C ILE B 906 53.81 0.80 -33.16
N GLY B 907 54.78 0.15 -33.80
CA GLY B 907 55.22 0.62 -35.09
C GLY B 907 56.24 1.73 -35.07
N VAL B 908 56.96 1.89 -33.97
CA VAL B 908 58.04 2.87 -33.84
C VAL B 908 59.29 2.08 -33.51
N THR B 909 60.26 2.08 -34.43
CA THR B 909 61.50 1.36 -34.20
C THR B 909 62.18 1.88 -32.95
N GLN B 910 62.72 0.95 -32.15
CA GLN B 910 63.26 1.26 -30.83
C GLN B 910 64.33 2.34 -30.86
N ASN B 911 65.00 2.50 -32.00
CA ASN B 911 66.09 3.45 -32.08
C ASN B 911 65.66 4.84 -31.65
N VAL B 912 64.39 5.19 -31.89
CA VAL B 912 63.96 6.53 -31.48
C VAL B 912 63.97 6.64 -29.96
N LEU B 913 63.57 5.59 -29.24
CA LEU B 913 63.63 5.65 -27.79
C LEU B 913 65.07 5.76 -27.31
N TYR B 914 65.95 4.92 -27.84
CA TYR B 914 67.33 4.98 -27.36
C TYR B 914 67.97 6.33 -27.67
N GLU B 915 67.63 6.92 -28.81
CA GLU B 915 68.20 8.21 -29.18
C GLU B 915 67.58 9.38 -28.45
N ASN B 916 66.36 9.25 -27.95
CA ASN B 916 65.68 10.36 -27.29
C ASN B 916 65.31 10.03 -25.85
N GLN B 917 66.07 9.12 -25.24
CA GLN B 917 65.80 8.72 -23.87
C GLN B 917 65.67 9.90 -22.92
N LYS B 918 66.54 10.90 -23.06
CA LYS B 918 66.51 12.04 -22.16
C LYS B 918 65.19 12.79 -22.27
N LEU B 919 64.79 13.13 -23.50
CA LEU B 919 63.53 13.82 -23.69
C LEU B 919 62.37 13.00 -23.16
N ILE B 920 62.37 11.70 -23.44
CA ILE B 920 61.25 10.87 -23.01
C ILE B 920 61.16 10.83 -21.50
N ALA B 921 62.31 10.70 -20.84
CA ALA B 921 62.32 10.67 -19.38
C ALA B 921 61.80 11.98 -18.81
N ASN B 922 62.24 13.11 -19.37
CA ASN B 922 61.75 14.40 -18.88
C ASN B 922 60.25 14.55 -19.09
N GLN B 923 59.76 14.16 -20.27
CA GLN B 923 58.33 14.28 -20.53
C GLN B 923 57.54 13.39 -19.59
N PHE B 924 58.02 12.18 -19.33
CA PHE B 924 57.33 11.31 -18.38
C PHE B 924 57.31 11.91 -16.99
N ASN B 925 58.44 12.45 -16.53
CA ASN B 925 58.50 13.02 -15.19
C ASN B 925 57.53 14.18 -15.04
N SER B 926 57.57 15.13 -15.98
CA SER B 926 56.68 16.27 -15.91
C SER B 926 55.23 15.83 -16.03
N ALA B 927 54.96 14.81 -16.82
CA ALA B 927 53.59 14.28 -16.91
C ALA B 927 53.14 13.76 -15.57
N ILE B 928 54.01 13.04 -14.87
CA ILE B 928 53.68 12.53 -13.54
C ILE B 928 53.33 13.69 -12.61
N GLY B 929 54.19 14.70 -12.58
CA GLY B 929 53.95 15.83 -11.69
C GLY B 929 52.66 16.55 -12.01
N LYS B 930 52.42 16.83 -13.28
CA LYS B 930 51.21 17.53 -13.68
C LYS B 930 49.97 16.70 -13.37
N ILE B 931 50.06 15.38 -13.50
CA ILE B 931 48.91 14.54 -13.17
C ILE B 931 48.59 14.67 -11.69
N GLN B 932 49.60 14.59 -10.84
CA GLN B 932 49.35 14.74 -9.42
C GLN B 932 48.69 16.08 -9.13
N ASP B 933 49.26 17.16 -9.69
CA ASP B 933 48.73 18.49 -9.40
C ASP B 933 47.31 18.66 -9.93
N SER B 934 47.03 18.13 -11.11
CA SER B 934 45.70 18.29 -11.71
C SER B 934 44.64 17.55 -10.91
N LEU B 935 44.89 16.28 -10.59
CA LEU B 935 43.90 15.56 -9.80
C LEU B 935 43.85 16.06 -8.36
N SER B 936 44.86 16.82 -7.92
CA SER B 936 44.78 17.43 -6.60
C SER B 936 43.89 18.67 -6.62
N SER B 937 44.26 19.66 -7.44
CA SER B 937 43.54 20.94 -7.44
C SER B 937 42.09 20.77 -7.85
N THR B 938 41.84 19.95 -8.86
CA THR B 938 40.47 19.73 -9.29
C THR B 938 39.74 18.88 -8.25
N PRO B 939 38.61 19.35 -7.69
CA PRO B 939 37.88 18.52 -6.73
C PRO B 939 36.97 17.49 -7.37
N SER B 940 36.53 17.72 -8.61
CA SER B 940 35.69 16.77 -9.33
C SER B 940 36.50 15.71 -10.05
N ALA B 941 37.77 15.55 -9.70
CA ALA B 941 38.62 14.63 -10.44
C ALA B 941 38.15 13.19 -10.30
N LEU B 942 37.76 12.78 -9.08
CA LEU B 942 37.42 11.33 -8.90
C LEU B 942 35.97 11.13 -8.43
N GLY B 943 35.03 11.97 -8.87
CA GLY B 943 33.65 11.75 -8.52
C GLY B 943 33.09 10.38 -8.79
N LYS B 944 33.73 9.60 -9.66
CA LYS B 944 33.21 8.27 -9.97
C LYS B 944 33.40 7.31 -8.80
N LEU B 945 34.30 7.62 -7.87
CA LEU B 945 34.38 6.88 -6.62
C LEU B 945 33.41 7.44 -5.58
N GLN B 946 33.31 8.77 -5.53
CA GLN B 946 32.49 9.41 -4.51
C GLN B 946 31.02 9.10 -4.70
N ASP B 947 30.57 8.92 -5.94
CA ASP B 947 29.15 8.70 -6.16
C ASP B 947 28.69 7.39 -5.56
N VAL B 948 29.55 6.37 -5.54
CA VAL B 948 29.20 5.09 -4.94
C VAL B 948 28.90 5.27 -3.45
N VAL B 949 29.81 5.95 -2.75
CA VAL B 949 29.60 6.16 -1.32
C VAL B 949 28.39 7.03 -1.08
N ASN B 950 28.18 8.04 -1.93
CA ASN B 950 27.00 8.87 -1.79
C ASN B 950 25.73 8.04 -1.92
N HIS B 951 25.68 7.18 -2.94
CA HIS B 951 24.51 6.35 -3.15
C HIS B 951 24.26 5.44 -1.96
N ASN B 952 25.32 4.82 -1.44
CA ASN B 952 25.12 3.88 -0.34
C ASN B 952 24.66 4.58 0.92
N ALA B 953 25.29 5.71 1.27
CA ALA B 953 24.86 6.44 2.45
C ALA B 953 23.42 6.94 2.30
N GLN B 954 23.08 7.43 1.10
CA GLN B 954 21.73 7.91 0.85
C GLN B 954 20.72 6.78 0.96
N ALA B 955 21.07 5.59 0.45
CA ALA B 955 20.16 4.46 0.55
C ALA B 955 19.93 4.08 2.00
N LEU B 956 20.99 4.02 2.79
CA LEU B 956 20.83 3.65 4.19
C LEU B 956 20.01 4.68 4.95
N ASN B 957 20.23 5.97 4.68
CA ASN B 957 19.45 7.00 5.34
C ASN B 957 17.99 6.92 4.94
N THR B 958 17.71 6.69 3.67
CA THR B 958 16.32 6.49 3.26
C THR B 958 15.71 5.31 3.99
N LEU B 959 16.46 4.22 4.10
CA LEU B 959 15.94 3.03 4.75
C LEU B 959 15.59 3.30 6.20
N VAL B 960 16.48 3.98 6.93
CA VAL B 960 16.20 4.23 8.35
C VAL B 960 15.08 5.24 8.51
N LYS B 961 15.11 6.32 7.73
CA LYS B 961 14.06 7.32 7.82
C LYS B 961 12.70 6.75 7.43
N GLN B 962 12.67 5.66 6.66
CA GLN B 962 11.40 5.01 6.36
C GLN B 962 10.77 4.35 7.57
N LEU B 963 11.51 4.25 8.68
CA LEU B 963 10.94 3.66 9.90
C LEU B 963 9.86 4.52 10.51
N SER B 964 9.75 5.79 10.12
CA SER B 964 8.76 6.67 10.73
C SER B 964 7.43 6.70 10.00
N SER B 965 7.37 6.21 8.76
CA SER B 965 6.13 6.24 8.02
C SER B 965 5.09 5.32 8.66
N LYS B 966 3.86 5.81 8.74
CA LYS B 966 2.81 5.03 9.37
C LYS B 966 2.16 4.03 8.43
N PHE B 967 2.41 4.13 7.13
CA PHE B 967 1.78 3.29 6.13
C PHE B 967 0.25 3.37 6.24
N GLY B 968 -0.24 4.51 6.69
CA GLY B 968 -1.66 4.70 6.89
C GLY B 968 -2.20 4.15 8.19
N ALA B 969 -1.37 3.47 8.98
CA ALA B 969 -1.83 2.86 10.22
C ALA B 969 -1.95 3.93 11.31
N ILE B 970 -2.15 3.50 12.55
CA ILE B 970 -2.28 4.44 13.65
C ILE B 970 -0.97 5.17 13.91
N SER B 971 0.13 4.42 14.00
CA SER B 971 1.41 4.98 14.41
C SER B 971 2.53 4.09 13.92
N SER B 972 3.74 4.64 13.93
CA SER B 972 4.93 3.89 13.58
C SER B 972 5.67 3.36 14.81
N VAL B 973 5.03 3.39 15.97
CA VAL B 973 5.63 2.88 17.20
C VAL B 973 4.83 1.67 17.63
N LEU B 974 5.51 0.51 17.68
CA LEU B 974 4.82 -0.74 17.97
C LEU B 974 4.17 -0.70 19.35
N ASN B 975 4.84 -0.11 20.32
CA ASN B 975 4.27 0.01 21.66
C ASN B 975 3.01 0.84 21.64
N ASP B 976 3.00 1.94 20.88
CA ASP B 976 1.80 2.76 20.75
C ASP B 976 0.64 1.96 20.18
N ILE B 977 0.90 1.18 19.12
CA ILE B 977 -0.12 0.32 18.53
C ILE B 977 -0.67 -0.64 19.56
N PHE B 978 0.23 -1.34 20.27
CA PHE B 978 -0.19 -2.31 21.26
C PHE B 978 -1.01 -1.66 22.38
N SER B 979 -0.62 -0.45 22.78
CA SER B 979 -1.33 0.24 23.86
C SER B 979 -2.72 0.66 23.43
N ARG B 980 -2.84 1.26 22.24
CA ARG B 980 -4.10 1.89 21.86
C ARG B 980 -5.07 0.93 21.20
N LEU B 981 -4.54 -0.03 20.44
CA LEU B 981 -5.42 -0.98 19.69
C LEU B 981 -5.59 -2.27 20.49
N ASP B 982 -6.84 -2.68 20.75
CA ASP B 982 -7.10 -3.94 21.40
C ASP B 982 -6.36 -5.05 20.67
N PRO B 983 -5.95 -6.10 21.39
CA PRO B 983 -5.15 -7.17 20.77
C PRO B 983 -5.74 -7.68 19.46
N PRO B 984 -7.03 -8.02 19.39
CA PRO B 984 -7.57 -8.42 18.08
C PRO B 984 -7.28 -7.41 16.98
N GLU B 985 -7.59 -6.14 17.21
CA GLU B 985 -7.28 -5.11 16.22
C GLU B 985 -5.78 -4.84 16.14
N ALA B 986 -5.08 -4.94 17.27
CA ALA B 986 -3.65 -4.66 17.25
C ALA B 986 -2.92 -5.64 16.33
N GLU B 987 -3.40 -6.88 16.24
CA GLU B 987 -2.74 -7.86 15.38
C GLU B 987 -2.68 -7.36 13.94
N VAL B 988 -3.84 -6.96 13.40
CA VAL B 988 -3.89 -6.46 11.99
C VAL B 988 -3.14 -5.13 11.91
N GLN B 989 -3.28 -4.26 12.92
CA GLN B 989 -2.64 -2.95 12.86
C GLN B 989 -1.12 -3.07 12.76
N ILE B 990 -0.54 -3.94 13.60
CA ILE B 990 0.94 -4.17 13.53
C ILE B 990 1.25 -4.88 12.21
N ASP B 991 0.43 -5.85 11.81
CA ASP B 991 0.65 -6.57 10.56
C ASP B 991 0.85 -5.61 9.41
N ARG B 992 0.09 -4.52 9.40
CA ARG B 992 0.30 -3.47 8.42
C ARG B 992 1.76 -3.02 8.39
N LEU B 993 2.34 -2.73 9.56
CA LEU B 993 3.73 -2.28 9.61
C LEU B 993 4.69 -3.41 9.25
N ILE B 994 4.47 -4.59 9.84
CA ILE B 994 5.34 -5.73 9.55
C ILE B 994 5.39 -5.97 8.05
N THR B 995 4.35 -5.54 7.32
CA THR B 995 4.43 -5.67 5.84
C THR B 995 5.19 -4.46 5.28
N GLY B 996 4.77 -3.24 5.63
CA GLY B 996 5.43 -2.03 5.16
C GLY B 996 6.94 -1.96 5.32
N ARG B 997 7.41 -2.17 6.55
CA ARG B 997 8.87 -2.13 6.82
C ARG B 997 9.56 -3.24 6.01
N LEU B 998 8.93 -4.42 5.94
CA LEU B 998 9.53 -5.52 5.21
C LEU B 998 9.65 -5.19 3.72
N GLN B 999 8.61 -4.59 3.16
CA GLN B 999 8.66 -4.17 1.76
C GLN B 999 9.73 -3.11 1.54
N SER B 1000 9.88 -2.20 2.50
CA SER B 1000 10.96 -1.22 2.40
C SER B 1000 12.31 -1.92 2.35
N LEU B 1001 12.51 -2.90 3.22
CA LEU B 1001 13.76 -3.64 3.20
C LEU B 1001 13.95 -4.37 1.88
N GLN B 1002 12.86 -4.93 1.34
CA GLN B 1002 12.95 -5.64 0.07
C GLN B 1002 13.33 -4.70 -1.06
N THR B 1003 12.73 -3.50 -1.09
CA THR B 1003 13.13 -2.51 -2.08
C THR B 1003 14.59 -2.17 -1.92
N TYR B 1004 15.06 -2.00 -0.69
CA TYR B 1004 16.46 -1.69 -0.47
C TYR B 1004 17.36 -2.76 -1.07
N VAL B 1005 17.06 -4.04 -0.78
CA VAL B 1005 17.96 -5.09 -1.25
C VAL B 1005 17.87 -5.24 -2.76
N THR B 1006 16.71 -5.00 -3.35
CA THR B 1006 16.61 -5.04 -4.80
C THR B 1006 17.46 -3.95 -5.44
N GLN B 1007 17.41 -2.75 -4.87
CA GLN B 1007 18.27 -1.64 -5.38
C GLN B 1007 19.73 -2.07 -5.24
N GLN B 1008 20.12 -2.55 -4.05
CA GLN B 1008 21.49 -2.99 -3.83
C GLN B 1008 21.88 -4.08 -4.81
N LEU B 1009 20.94 -4.98 -5.09
CA LEU B 1009 21.20 -6.09 -6.04
C LEU B 1009 21.60 -5.49 -7.38
N ILE B 1010 20.77 -4.60 -7.91
CA ILE B 1010 21.05 -4.03 -9.23
C ILE B 1010 22.37 -3.27 -9.22
N ARG B 1011 22.60 -2.46 -8.19
CA ARG B 1011 23.84 -1.71 -8.13
C ARG B 1011 25.04 -2.61 -7.95
N ALA B 1012 24.88 -3.74 -7.26
CA ALA B 1012 25.95 -4.70 -7.13
C ALA B 1012 26.24 -5.38 -8.46
N ALA B 1013 25.20 -5.61 -9.26
CA ALA B 1013 25.43 -6.14 -10.60
C ALA B 1013 26.24 -5.17 -11.44
N GLU B 1014 25.91 -3.88 -11.37
CA GLU B 1014 26.70 -2.93 -12.16
C GLU B 1014 28.11 -2.77 -11.61
N ILE B 1015 28.28 -2.87 -10.29
CA ILE B 1015 29.61 -2.81 -9.71
C ILE B 1015 30.43 -4.03 -10.10
N ARG B 1016 29.78 -5.19 -10.22
CA ARG B 1016 30.50 -6.37 -10.67
C ARG B 1016 30.91 -6.23 -12.12
N ALA B 1017 30.08 -5.61 -12.94
CA ALA B 1017 30.51 -5.35 -14.31
C ALA B 1017 31.72 -4.43 -14.33
N SER B 1018 31.71 -3.39 -13.50
CA SER B 1018 32.87 -2.51 -13.42
C SER B 1018 34.10 -3.23 -12.89
N ALA B 1019 33.92 -4.15 -11.94
CA ALA B 1019 35.05 -4.87 -11.40
C ALA B 1019 35.64 -5.83 -12.42
N ASN B 1020 34.80 -6.46 -13.24
CA ASN B 1020 35.30 -7.27 -14.33
C ASN B 1020 36.07 -6.44 -15.33
N LEU B 1021 35.57 -5.24 -15.64
CA LEU B 1021 36.31 -4.35 -16.51
C LEU B 1021 37.64 -3.94 -15.90
N ALA B 1022 37.67 -3.68 -14.59
CA ALA B 1022 38.91 -3.30 -13.94
C ALA B 1022 39.89 -4.47 -13.94
N ALA B 1023 39.41 -5.68 -13.71
CA ALA B 1023 40.28 -6.85 -13.75
C ALA B 1023 40.87 -7.05 -15.14
N THR B 1024 40.06 -6.87 -16.19
CA THR B 1024 40.62 -7.09 -17.51
C THR B 1024 41.52 -5.93 -17.94
N LYS B 1025 41.29 -4.72 -17.44
CA LYS B 1025 42.25 -3.65 -17.68
C LYS B 1025 43.56 -3.92 -16.96
N MET B 1026 43.44 -4.44 -15.73
CA MET B 1026 44.65 -4.80 -14.96
C MET B 1026 45.45 -5.84 -15.75
N SER B 1027 44.76 -6.80 -16.37
CA SER B 1027 45.48 -7.83 -17.09
C SER B 1027 46.08 -7.27 -18.38
N GLU B 1028 45.22 -6.80 -19.29
CA GLU B 1028 45.70 -6.35 -20.63
C GLU B 1028 46.67 -5.17 -20.53
N CYS B 1029 46.27 -4.08 -19.86
CA CYS B 1029 47.10 -2.89 -19.86
C CYS B 1029 48.31 -3.04 -18.93
N VAL B 1030 48.06 -3.33 -17.66
CA VAL B 1030 49.16 -3.38 -16.67
C VAL B 1030 50.12 -4.51 -16.99
N LEU B 1031 49.62 -5.74 -17.02
CA LEU B 1031 50.43 -6.93 -17.27
C LEU B 1031 50.77 -7.14 -18.73
N GLY B 1032 50.52 -6.17 -19.60
CA GLY B 1032 50.83 -6.33 -21.01
C GLY B 1032 50.93 -4.99 -21.70
N GLN B 1033 50.63 -4.99 -23.00
CA GLN B 1033 50.45 -3.76 -23.75
C GLN B 1033 49.41 -4.06 -24.82
N SER B 1034 48.24 -3.47 -24.69
CA SER B 1034 47.10 -3.84 -25.52
C SER B 1034 47.09 -3.05 -26.82
N LYS B 1035 46.47 -3.66 -27.84
CA LYS B 1035 46.28 -3.02 -29.12
C LYS B 1035 44.87 -2.50 -29.31
N ARG B 1036 43.95 -2.83 -28.42
CA ARG B 1036 42.59 -2.32 -28.52
C ARG B 1036 42.62 -0.81 -28.36
N VAL B 1037 42.26 -0.08 -29.41
CA VAL B 1037 42.42 1.36 -29.39
C VAL B 1037 41.47 1.98 -28.39
N ASP B 1038 41.96 3.00 -27.68
CA ASP B 1038 41.24 3.73 -26.64
C ASP B 1038 40.73 2.83 -25.53
N PHE B 1039 41.17 1.57 -25.46
CA PHE B 1039 40.88 0.77 -24.29
C PHE B 1039 41.75 1.19 -23.12
N CYS B 1040 43.05 1.34 -23.35
CA CYS B 1040 44.01 1.68 -22.31
C CYS B 1040 44.55 3.09 -22.52
N GLY B 1041 43.68 4.04 -22.75
CA GLY B 1041 44.07 5.43 -22.79
C GLY B 1041 44.12 5.98 -24.21
N LYS B 1042 43.87 7.29 -24.32
CA LYS B 1042 43.89 7.97 -25.62
C LYS B 1042 45.31 7.98 -26.16
N GLY B 1043 45.51 7.34 -27.30
CA GLY B 1043 46.81 7.28 -27.94
C GLY B 1043 47.29 5.85 -28.08
N TYR B 1044 48.47 5.72 -28.70
CA TYR B 1044 49.11 4.41 -28.80
C TYR B 1044 49.62 4.01 -27.43
N HIS B 1045 49.24 2.82 -26.98
CA HIS B 1045 49.48 2.45 -25.59
C HIS B 1045 50.95 2.18 -25.33
N LEU B 1046 51.41 2.57 -24.13
CA LEU B 1046 52.77 2.30 -23.69
C LEU B 1046 52.81 1.43 -22.44
N MET B 1047 52.21 1.86 -21.33
CA MET B 1047 52.33 1.17 -20.05
C MET B 1047 51.06 1.41 -19.25
N SER B 1048 51.11 1.04 -17.97
CA SER B 1048 50.07 1.42 -17.03
C SER B 1048 50.57 1.13 -15.63
N PHE B 1049 49.96 1.79 -14.66
CA PHE B 1049 50.32 1.62 -13.27
C PHE B 1049 49.06 1.63 -12.42
N PRO B 1050 48.79 0.59 -11.65
CA PRO B 1050 47.64 0.64 -10.75
C PRO B 1050 47.95 1.56 -9.59
N GLN B 1051 46.89 2.11 -8.99
CA GLN B 1051 47.01 2.80 -7.72
C GLN B 1051 45.73 2.53 -6.96
N SER B 1052 45.87 2.05 -5.73
CA SER B 1052 44.69 1.79 -4.94
C SER B 1052 43.95 3.09 -4.67
N ALA B 1053 42.68 2.95 -4.33
CA ALA B 1053 41.85 4.08 -3.91
C ALA B 1053 40.66 3.46 -3.19
N PRO B 1054 40.06 4.15 -2.22
CA PRO B 1054 39.00 3.52 -1.42
C PRO B 1054 37.87 3.05 -2.30
N HIS B 1055 37.63 1.74 -2.27
CA HIS B 1055 36.56 1.11 -3.04
C HIS B 1055 36.74 1.29 -4.53
N GLY B 1056 37.97 1.29 -5.00
CA GLY B 1056 38.21 1.42 -6.42
C GLY B 1056 39.67 1.28 -6.74
N VAL B 1057 39.99 1.50 -8.01
CA VAL B 1057 41.36 1.54 -8.49
C VAL B 1057 41.45 2.63 -9.53
N VAL B 1058 42.65 3.19 -9.70
CA VAL B 1058 42.86 4.29 -10.63
C VAL B 1058 44.18 4.02 -11.35
N PHE B 1059 44.10 3.75 -12.65
CA PHE B 1059 45.28 3.51 -13.44
C PHE B 1059 45.82 4.82 -13.99
N LEU B 1060 47.10 4.82 -14.34
CA LEU B 1060 47.73 5.96 -15.00
C LEU B 1060 48.22 5.48 -16.35
N HIS B 1061 47.34 5.51 -17.34
CA HIS B 1061 47.65 4.92 -18.64
C HIS B 1061 48.66 5.78 -19.36
N VAL B 1062 49.93 5.36 -19.31
CA VAL B 1062 51.00 6.10 -20.06
C VAL B 1062 50.81 5.79 -21.54
N THR B 1063 50.60 6.83 -22.35
CA THR B 1063 50.38 6.65 -23.77
C THR B 1063 51.32 7.54 -24.56
N TYR B 1064 51.28 7.39 -25.88
CA TYR B 1064 52.17 8.04 -26.81
C TYR B 1064 51.32 8.73 -27.87
N VAL B 1065 51.57 10.03 -28.11
CA VAL B 1065 50.75 10.83 -29.00
C VAL B 1065 51.61 11.58 -30.00
N PRO B 1066 51.44 11.37 -31.31
CA PRO B 1066 52.18 12.17 -32.29
C PRO B 1066 51.81 13.64 -32.19
N ALA B 1067 52.77 14.50 -32.50
CA ALA B 1067 52.65 15.91 -32.12
C ALA B 1067 52.55 16.86 -33.31
N GLN B 1068 53.54 16.90 -34.19
CA GLN B 1068 53.65 17.97 -35.17
C GLN B 1068 53.54 17.39 -36.57
N GLU B 1069 52.42 17.63 -37.22
CA GLU B 1069 52.18 17.07 -38.55
C GLU B 1069 52.95 17.85 -39.60
N LYS B 1070 53.09 17.23 -40.77
CA LYS B 1070 53.85 17.82 -41.87
C LYS B 1070 53.46 17.13 -43.16
N ASN B 1071 52.88 17.87 -44.10
CA ASN B 1071 52.39 17.28 -45.34
C ASN B 1071 53.51 16.71 -46.18
N PHE B 1072 53.16 15.75 -47.03
CA PHE B 1072 54.10 15.22 -48.02
C PHE B 1072 53.31 14.74 -49.23
N THR B 1073 54.03 14.33 -50.26
CA THR B 1073 53.46 13.85 -51.51
C THR B 1073 53.72 12.36 -51.62
N THR B 1074 52.68 11.55 -51.48
CA THR B 1074 52.79 10.10 -51.42
C THR B 1074 52.41 9.47 -52.75
N ALA B 1075 53.04 8.34 -53.06
CA ALA B 1075 52.78 7.58 -54.27
C ALA B 1075 52.84 6.10 -53.90
N PRO B 1076 51.78 5.34 -54.16
CA PRO B 1076 51.68 3.99 -53.55
C PRO B 1076 52.79 3.04 -53.95
N ALA B 1077 53.15 3.01 -55.22
CA ALA B 1077 54.21 2.14 -55.70
C ALA B 1077 55.31 2.99 -56.29
N ILE B 1078 56.34 2.33 -56.80
CA ILE B 1078 57.45 3.02 -57.45
C ILE B 1078 57.98 2.14 -58.58
N CYS B 1079 58.01 2.66 -59.79
CA CYS B 1079 58.52 1.91 -60.93
C CYS B 1079 59.99 2.24 -61.14
N HIS B 1080 60.86 1.25 -60.93
CA HIS B 1080 62.27 1.45 -61.19
C HIS B 1080 62.71 0.87 -62.53
N ASP B 1081 62.45 -0.41 -62.77
CA ASP B 1081 62.86 -1.06 -63.99
C ASP B 1081 61.66 -1.69 -64.66
N GLY B 1082 60.60 -0.91 -64.85
CA GLY B 1082 59.39 -1.47 -65.42
C GLY B 1082 58.62 -2.34 -64.48
N LYS B 1083 59.03 -2.37 -63.21
CA LYS B 1083 58.34 -3.21 -62.20
C LYS B 1083 57.69 -2.31 -61.14
N ALA B 1084 56.62 -2.79 -60.49
CA ALA B 1084 55.98 -2.01 -59.41
C ALA B 1084 56.68 -2.31 -58.08
N HIS B 1085 57.13 -1.27 -57.38
CA HIS B 1085 57.89 -1.48 -56.11
C HIS B 1085 57.10 -0.95 -54.91
N PHE B 1086 56.66 -1.84 -54.02
CA PHE B 1086 55.92 -1.44 -52.86
C PHE B 1086 56.85 -1.44 -51.64
N PRO B 1087 56.59 -0.60 -50.64
CA PRO B 1087 57.50 -0.51 -49.51
C PRO B 1087 57.31 -1.67 -48.56
N ARG B 1088 58.44 -2.23 -48.11
CA ARG B 1088 58.37 -3.37 -47.19
C ARG B 1088 57.65 -2.98 -45.91
N GLU B 1089 58.03 -1.86 -45.32
CA GLU B 1089 57.29 -1.28 -44.21
C GLU B 1089 57.54 0.22 -44.20
N GLY B 1090 56.50 0.99 -44.54
CA GLY B 1090 56.62 2.46 -44.57
C GLY B 1090 55.77 3.04 -45.69
N VAL B 1091 55.79 4.37 -45.85
CA VAL B 1091 55.03 5.03 -46.96
C VAL B 1091 56.02 5.87 -47.78
N PHE B 1092 55.82 5.93 -49.11
CA PHE B 1092 56.77 6.64 -49.99
C PHE B 1092 56.52 8.15 -49.94
N VAL B 1093 56.87 8.82 -48.85
CA VAL B 1093 56.75 10.28 -48.82
C VAL B 1093 57.82 10.87 -49.73
N SER B 1094 57.75 12.18 -49.94
CA SER B 1094 58.80 12.89 -50.64
C SER B 1094 58.66 14.37 -50.32
N ASN B 1095 59.78 15.03 -50.03
CA ASN B 1095 59.75 16.47 -50.09
C ASN B 1095 59.93 16.86 -51.55
N GLY B 1096 60.16 18.14 -51.81
CA GLY B 1096 60.15 18.67 -53.17
C GLY B 1096 60.66 17.77 -54.27
N THR B 1097 61.86 17.20 -54.11
CA THR B 1097 62.49 16.45 -55.20
C THR B 1097 62.64 14.97 -54.89
N HIS B 1098 63.26 14.61 -53.77
CA HIS B 1098 63.70 13.25 -53.54
C HIS B 1098 62.63 12.45 -52.81
N TRP B 1099 62.62 11.14 -53.07
CA TRP B 1099 61.64 10.23 -52.50
C TRP B 1099 62.24 9.46 -51.34
N PHE B 1100 61.51 9.38 -50.24
CA PHE B 1100 61.97 8.74 -49.03
C PHE B 1100 60.86 7.86 -48.48
N VAL B 1101 61.24 6.70 -47.92
CA VAL B 1101 60.23 5.82 -47.25
C VAL B 1101 60.49 5.96 -45.74
N THR B 1102 59.65 6.73 -45.05
CA THR B 1102 59.90 7.00 -43.61
C THR B 1102 58.96 6.19 -42.71
N GLN B 1103 59.13 6.34 -41.39
CA GLN B 1103 58.24 5.66 -40.42
C GLN B 1103 56.83 6.23 -40.58
N ARG B 1104 55.81 5.38 -40.43
CA ARG B 1104 54.40 5.84 -40.62
C ARG B 1104 53.95 6.60 -39.37
N ASN B 1105 54.73 6.56 -38.30
CA ASN B 1105 54.33 7.21 -37.02
C ASN B 1105 55.32 8.31 -36.61
N PHE B 1106 56.46 8.38 -37.29
CA PHE B 1106 57.48 9.42 -36.99
C PHE B 1106 58.13 9.70 -38.35
N TYR B 1107 58.58 10.94 -38.57
CA TYR B 1107 59.15 11.29 -39.90
C TYR B 1107 60.68 11.22 -39.83
N GLU B 1108 61.27 10.16 -40.39
CA GLU B 1108 62.75 10.04 -40.42
C GLU B 1108 63.18 9.60 -41.84
N PRO B 1109 64.01 10.37 -42.57
CA PRO B 1109 64.37 10.04 -43.95
C PRO B 1109 65.17 8.73 -44.12
N GLN B 1110 64.99 8.04 -45.25
CA GLN B 1110 65.69 6.75 -45.52
C GLN B 1110 65.81 6.53 -47.03
N ILE B 1111 67.02 6.26 -47.53
CA ILE B 1111 67.17 5.95 -48.94
C ILE B 1111 66.26 4.76 -49.26
N ILE B 1112 65.82 4.68 -50.52
CA ILE B 1112 64.90 3.58 -50.95
C ILE B 1112 65.69 2.52 -51.72
N THR B 1113 66.32 1.59 -51.01
CA THR B 1113 67.05 0.50 -51.63
C THR B 1113 66.21 -0.76 -51.53
N THR B 1114 66.77 -1.88 -52.01
CA THR B 1114 66.01 -3.11 -51.99
C THR B 1114 65.82 -3.66 -50.57
N ASP B 1115 66.50 -3.10 -49.57
CA ASP B 1115 66.38 -3.63 -48.21
C ASP B 1115 65.00 -3.40 -47.63
N ASN B 1116 64.37 -2.27 -47.99
CA ASN B 1116 63.03 -1.94 -47.44
C ASN B 1116 62.03 -1.84 -48.59
N THR B 1117 62.20 -2.65 -49.64
CA THR B 1117 61.30 -2.62 -50.77
C THR B 1117 61.17 -4.02 -51.36
N PHE B 1118 59.94 -4.45 -51.59
CA PHE B 1118 59.68 -5.73 -52.25
C PHE B 1118 58.86 -5.49 -53.51
N VAL B 1119 59.20 -6.21 -54.57
CA VAL B 1119 58.70 -5.94 -55.91
C VAL B 1119 57.73 -7.03 -56.34
N SER B 1120 56.61 -6.63 -56.93
CA SER B 1120 55.63 -7.59 -57.42
C SER B 1120 54.80 -6.93 -58.52
N GLY B 1121 55.02 -7.31 -59.76
CA GLY B 1121 54.28 -6.79 -60.90
C GLY B 1121 55.19 -5.95 -61.80
N ASN B 1122 54.61 -5.56 -62.93
CA ASN B 1122 55.28 -4.66 -63.88
C ASN B 1122 54.45 -3.40 -64.04
N CYS B 1123 55.11 -2.25 -64.05
CA CYS B 1123 54.45 -1.01 -63.66
C CYS B 1123 53.47 -0.49 -64.71
N ASP B 1124 52.33 -1.15 -64.83
CA ASP B 1124 51.22 -0.62 -65.63
C ASP B 1124 49.86 -0.75 -64.97
N VAL B 1125 49.69 -1.63 -63.97
CA VAL B 1125 48.37 -1.86 -63.39
C VAL B 1125 48.09 -0.97 -62.19
N VAL B 1126 49.09 -0.34 -61.62
CA VAL B 1126 48.93 0.42 -60.38
C VAL B 1126 48.51 1.84 -60.73
N ILE B 1127 47.35 2.26 -60.22
CA ILE B 1127 46.85 3.60 -60.45
C ILE B 1127 47.59 4.53 -59.51
N GLY B 1128 48.62 5.20 -60.01
CA GLY B 1128 49.32 6.20 -59.23
C GLY B 1128 50.78 5.92 -58.95
N ILE B 1129 51.40 5.07 -59.77
CA ILE B 1129 52.82 4.80 -59.57
C ILE B 1129 53.65 6.01 -60.01
N VAL B 1130 54.90 6.06 -59.55
CA VAL B 1130 55.78 7.20 -59.82
C VAL B 1130 57.15 6.70 -60.23
N ASN B 1131 57.65 7.23 -61.35
CA ASN B 1131 58.97 6.88 -61.85
C ASN B 1131 60.06 7.35 -60.88
N ASN B 1132 61.03 6.48 -60.68
CA ASN B 1132 62.12 6.82 -59.74
C ASN B 1132 63.15 5.71 -59.76
N THR B 1133 64.31 5.97 -59.20
CA THR B 1133 65.37 4.98 -59.07
C THR B 1133 65.32 4.34 -57.69
N VAL B 1134 65.57 3.04 -57.64
CA VAL B 1134 65.68 2.29 -56.40
C VAL B 1134 67.13 1.82 -56.31
N TYR B 1135 67.91 2.49 -55.47
CA TYR B 1135 69.34 2.23 -55.35
C TYR B 1135 69.57 0.78 -54.95
N ASP B 1136 70.70 0.23 -55.39
CA ASP B 1136 71.07 -1.15 -55.09
C ASP B 1136 72.25 -1.16 -54.15
N PRO B 1137 72.13 -1.74 -52.95
CA PRO B 1137 73.25 -1.76 -52.02
C PRO B 1137 74.40 -2.62 -52.49
N LEU B 1138 74.08 -3.84 -52.93
CA LEU B 1138 75.11 -4.84 -53.15
C LEU B 1138 75.99 -4.52 -54.35
N GLN B 1139 75.45 -3.86 -55.38
CA GLN B 1139 76.20 -3.70 -56.62
C GLN B 1139 77.46 -2.86 -56.45
N PRO B 1140 77.39 -1.59 -56.02
CA PRO B 1140 78.63 -0.83 -55.85
C PRO B 1140 79.56 -1.44 -54.82
N GLU B 1141 78.99 -2.09 -53.80
CA GLU B 1141 79.82 -2.73 -52.78
C GLU B 1141 80.66 -3.86 -53.39
N LEU B 1142 80.02 -4.73 -54.17
CA LEU B 1142 80.77 -5.80 -54.83
C LEU B 1142 81.68 -5.27 -55.92
N ASP B 1143 81.39 -4.07 -56.44
CA ASP B 1143 82.31 -3.38 -57.35
C ASP B 1143 83.45 -2.77 -56.52
N SER B 1144 84.31 -3.65 -56.03
CA SER B 1144 85.40 -3.26 -55.15
C SER B 1144 86.75 -3.60 -55.76
N ALA C 27 21.31 -33.99 45.03
CA ALA C 27 22.19 -34.74 44.15
C ALA C 27 21.86 -34.44 42.69
N TYR C 28 22.38 -33.33 42.18
CA TYR C 28 22.06 -32.90 40.83
C TYR C 28 22.49 -33.93 39.80
N THR C 29 21.90 -33.83 38.61
CA THR C 29 22.20 -34.75 37.52
C THR C 29 22.05 -34.00 36.20
N ASN C 30 22.74 -34.52 35.19
CA ASN C 30 22.80 -33.88 33.87
C ASN C 30 21.74 -34.50 32.99
N SER C 31 20.55 -33.90 32.97
CA SER C 31 19.47 -34.37 32.11
C SER C 31 19.85 -34.06 30.68
N PHE C 32 20.40 -35.05 29.98
CA PHE C 32 21.09 -34.82 28.73
C PHE C 32 20.17 -34.25 27.66
N THR C 33 19.25 -35.07 27.15
CA THR C 33 18.22 -34.62 26.19
C THR C 33 16.99 -35.51 26.41
N ARG C 34 16.07 -35.03 27.25
CA ARG C 34 14.82 -35.73 27.48
C ARG C 34 13.68 -34.73 27.43
N GLY C 35 12.46 -35.22 27.67
CA GLY C 35 11.31 -34.35 27.85
C GLY C 35 10.70 -33.80 26.59
N VAL C 36 11.20 -34.18 25.42
CA VAL C 36 10.64 -33.69 24.16
C VAL C 36 9.32 -34.39 23.89
N TYR C 37 8.26 -33.60 23.70
CA TYR C 37 6.93 -34.12 23.46
C TYR C 37 6.39 -33.55 22.16
N TYR C 38 5.52 -34.30 21.50
CA TYR C 38 5.03 -33.89 20.19
C TYR C 38 4.31 -32.56 20.30
N PRO C 39 4.64 -31.58 19.45
CA PRO C 39 4.04 -30.24 19.62
C PRO C 39 2.53 -30.23 19.43
N ASP C 40 2.04 -30.78 18.32
CA ASP C 40 0.63 -30.74 18.02
C ASP C 40 0.22 -32.08 17.41
N LYS C 41 -1.06 -32.20 17.08
CA LYS C 41 -1.66 -33.46 16.66
C LYS C 41 -1.76 -33.56 15.14
N VAL C 42 -0.77 -33.04 14.41
CA VAL C 42 -0.75 -33.08 12.96
C VAL C 42 0.45 -33.90 12.52
N PHE C 43 0.21 -34.87 11.65
CA PHE C 43 1.29 -35.72 11.17
C PHE C 43 2.20 -34.94 10.24
N ARG C 44 3.49 -35.29 10.26
CA ARG C 44 4.49 -34.78 9.33
C ARG C 44 5.50 -35.88 9.06
N SER C 45 6.11 -35.84 7.89
CA SER C 45 7.06 -36.89 7.52
C SER C 45 8.29 -36.30 6.84
N SER C 46 9.47 -36.75 7.29
CA SER C 46 10.75 -36.43 6.66
C SER C 46 10.96 -34.93 6.50
N VAL C 47 10.59 -34.17 7.53
CA VAL C 47 10.74 -32.72 7.54
C VAL C 47 11.26 -32.29 8.91
N LEU C 48 11.38 -30.97 9.09
CA LEU C 48 11.78 -30.37 10.35
C LEU C 48 10.85 -29.22 10.65
N HIS C 49 10.64 -28.95 11.94
CA HIS C 49 9.71 -27.90 12.35
C HIS C 49 10.30 -27.13 13.52
N SER C 50 10.64 -25.86 13.28
CA SER C 50 11.19 -24.99 14.31
C SER C 50 10.05 -24.55 15.24
N THR C 51 9.67 -25.46 16.11
CA THR C 51 8.61 -25.19 17.08
C THR C 51 9.12 -24.33 18.21
N GLN C 52 8.21 -23.59 18.84
CA GLN C 52 8.55 -22.73 19.97
C GLN C 52 7.49 -22.92 21.04
N ASP C 53 7.89 -23.48 22.17
CA ASP C 53 6.96 -23.82 23.24
C ASP C 53 7.68 -23.70 24.57
N LEU C 54 7.11 -24.31 25.59
CA LEU C 54 7.77 -24.51 26.88
C LEU C 54 8.31 -25.93 26.88
N PHE C 55 9.63 -26.07 26.88
CA PHE C 55 10.28 -27.37 26.84
C PHE C 55 11.22 -27.49 28.01
N LEU C 56 11.80 -28.67 28.15
CA LEU C 56 12.85 -28.90 29.14
C LEU C 56 14.20 -28.62 28.49
N PRO C 57 14.93 -27.59 28.94
CA PRO C 57 16.23 -27.29 28.32
C PRO C 57 17.19 -28.45 28.47
N PHE C 58 18.07 -28.59 27.50
CA PHE C 58 19.02 -29.69 27.51
C PHE C 58 20.05 -29.49 28.63
N PHE C 59 20.64 -30.60 29.06
CA PHE C 59 21.73 -30.60 30.03
C PHE C 59 21.41 -29.72 31.22
N SER C 60 20.20 -29.90 31.75
CA SER C 60 19.71 -29.11 32.86
C SER C 60 19.95 -29.86 34.18
N ASN C 61 19.43 -29.32 35.27
CA ASN C 61 19.59 -29.90 36.59
C ASN C 61 18.24 -30.30 37.15
N VAL C 62 18.20 -31.47 37.79
CA VAL C 62 16.98 -32.03 38.35
C VAL C 62 17.24 -32.41 39.81
N THR C 63 16.13 -32.57 40.54
CA THR C 63 16.18 -32.95 41.95
C THR C 63 16.06 -34.47 42.04
N TRP C 64 17.18 -35.15 42.24
CA TRP C 64 17.20 -36.61 42.29
C TRP C 64 16.71 -37.07 43.65
N PHE C 65 15.39 -37.03 43.81
CA PHE C 65 14.74 -37.64 44.97
C PHE C 65 14.63 -39.14 44.74
N HIS C 66 15.32 -39.92 45.56
CA HIS C 66 15.25 -41.41 45.44
C HIS C 66 15.01 -42.03 46.81
N VAL C 67 14.41 -43.22 46.84
CA VAL C 67 14.10 -43.91 48.13
C VAL C 67 14.87 -45.24 48.17
N LYS C 75 13.59 -47.18 54.98
CA LYS C 75 12.69 -46.32 55.73
C LYS C 75 12.70 -44.89 55.18
N ARG C 76 13.82 -44.54 54.55
CA ARG C 76 13.97 -43.18 53.99
C ARG C 76 12.96 -42.95 52.87
N PHE C 77 12.49 -41.72 52.74
CA PHE C 77 11.55 -41.35 51.68
C PHE C 77 11.87 -39.92 51.25
N ASP C 78 11.06 -39.41 50.33
CA ASP C 78 11.12 -38.01 49.92
C ASP C 78 9.74 -37.61 49.44
N ASN C 79 9.12 -36.65 50.11
CA ASN C 79 7.79 -36.22 49.73
C ASN C 79 7.55 -34.76 50.11
N PRO C 80 8.30 -33.82 49.54
CA PRO C 80 8.07 -32.41 49.82
C PRO C 80 7.11 -31.78 48.83
N VAL C 81 6.62 -30.60 49.18
CA VAL C 81 5.71 -29.85 48.32
C VAL C 81 6.56 -29.05 47.36
N LEU C 82 6.92 -29.68 46.24
CA LEU C 82 7.78 -29.04 45.25
C LEU C 82 7.01 -27.94 44.52
N PRO C 83 7.68 -26.86 44.13
CA PRO C 83 7.00 -25.79 43.40
C PRO C 83 6.74 -26.17 41.95
N PHE C 84 5.70 -25.57 41.38
CA PHE C 84 5.25 -25.83 40.02
C PHE C 84 5.33 -24.50 39.27
N ASN C 85 6.48 -24.23 38.68
CA ASN C 85 6.71 -22.93 38.06
C ASN C 85 6.09 -22.88 36.66
N ASP C 86 6.63 -23.67 35.73
CA ASP C 86 6.17 -23.70 34.35
C ASP C 86 6.02 -25.13 33.87
N GLY C 87 5.57 -26.02 34.73
CA GLY C 87 5.51 -27.43 34.43
C GLY C 87 6.72 -28.19 34.94
N VAL C 88 6.59 -29.52 34.93
CA VAL C 88 7.64 -30.39 35.43
C VAL C 88 7.75 -31.61 34.53
N TYR C 89 8.97 -31.98 34.18
CA TYR C 89 9.24 -33.26 33.52
C TYR C 89 9.43 -34.31 34.61
N PHE C 90 8.30 -34.79 35.12
CA PHE C 90 8.33 -35.72 36.25
C PHE C 90 8.50 -37.14 35.74
N ALA C 91 9.72 -37.64 35.79
CA ALA C 91 9.94 -39.05 35.52
C ALA C 91 9.97 -39.81 36.84
N SER C 92 9.83 -41.14 36.74
CA SER C 92 9.85 -42.01 37.95
C SER C 92 10.34 -43.40 37.56
N ILE C 93 11.65 -43.66 37.69
CA ILE C 93 12.22 -44.93 37.29
C ILE C 93 12.15 -45.86 38.49
N GLU C 94 11.24 -46.82 38.43
CA GLU C 94 11.07 -47.82 39.47
C GLU C 94 10.70 -49.15 38.83
N LYS C 95 11.32 -50.24 39.31
CA LYS C 95 10.95 -51.57 38.82
C LYS C 95 9.53 -51.91 39.21
N SER C 96 9.12 -51.53 40.41
CA SER C 96 7.75 -51.70 40.88
C SER C 96 7.16 -50.34 41.23
N ASN C 97 5.90 -50.14 40.89
CA ASN C 97 5.24 -48.87 41.17
C ASN C 97 5.19 -48.63 42.67
N ILE C 98 5.59 -47.42 43.08
CA ILE C 98 5.45 -46.98 44.46
C ILE C 98 4.60 -45.72 44.47
N ILE C 99 5.10 -44.70 43.76
CA ILE C 99 4.31 -43.45 43.61
C ILE C 99 3.17 -43.76 42.63
N ARG C 100 1.97 -43.27 42.91
CA ARG C 100 0.79 -43.58 42.05
C ARG C 100 0.18 -42.30 41.48
N GLY C 101 0.47 -41.13 42.06
CA GLY C 101 -0.16 -39.92 41.58
C GLY C 101 0.49 -38.69 42.14
N TRP C 102 -0.19 -37.56 41.97
CA TRP C 102 0.35 -36.27 42.40
C TRP C 102 -0.77 -35.40 42.96
N ILE C 103 -0.36 -34.39 43.74
CA ILE C 103 -1.25 -33.36 44.25
C ILE C 103 -0.72 -32.02 43.75
N PHE C 104 -1.54 -31.33 42.95
CA PHE C 104 -1.13 -30.01 42.40
C PHE C 104 -1.98 -28.90 43.02
N GLY C 105 -1.35 -27.79 43.40
CA GLY C 105 -2.07 -26.67 43.96
C GLY C 105 -1.18 -25.51 44.36
N THR C 106 -1.77 -24.32 44.43
CA THR C 106 -1.06 -23.14 44.91
C THR C 106 -1.04 -23.03 46.43
N THR C 107 -1.92 -23.77 47.12
CA THR C 107 -1.98 -23.72 48.57
C THR C 107 -1.88 -25.11 49.18
N LEU C 108 -2.44 -26.12 48.50
CA LEU C 108 -2.43 -27.50 49.03
C LEU C 108 -2.93 -27.50 50.47
N ASP C 109 -4.02 -26.77 50.75
CA ASP C 109 -4.48 -26.66 52.13
C ASP C 109 -5.99 -26.72 52.26
N SER C 110 -6.73 -27.17 51.23
CA SER C 110 -8.18 -27.28 51.20
C SER C 110 -8.87 -25.92 51.32
N LYS C 111 -8.12 -24.83 51.45
CA LYS C 111 -8.73 -23.50 51.40
C LYS C 111 -9.17 -23.15 49.99
N THR C 112 -8.36 -23.50 49.00
CA THR C 112 -8.65 -23.25 47.59
C THR C 112 -8.55 -24.57 46.84
N GLN C 113 -8.89 -24.55 45.55
CA GLN C 113 -8.96 -25.83 44.78
C GLN C 113 -7.61 -26.54 44.69
N SER C 114 -7.63 -27.87 44.76
CA SER C 114 -6.38 -28.68 44.61
C SER C 114 -6.75 -30.01 43.94
N LEU C 115 -6.23 -30.27 42.74
CA LEU C 115 -6.62 -31.48 41.98
C LEU C 115 -6.10 -32.75 42.68
N LEU C 116 -6.67 -33.91 42.35
CA LEU C 116 -6.23 -35.20 42.94
C LEU C 116 -6.11 -36.25 41.83
N ILE C 117 -4.97 -36.96 41.80
CA ILE C 117 -4.68 -37.93 40.72
C ILE C 117 -4.19 -39.25 41.36
N VAL C 118 -4.50 -40.40 40.76
CA VAL C 118 -4.03 -41.72 41.30
C VAL C 118 -3.97 -42.77 40.20
N ASN C 119 -2.91 -43.60 40.17
CA ASN C 119 -2.82 -44.73 39.21
C ASN C 119 -3.28 -46.01 39.90
N ASN C 120 -4.59 -46.15 40.12
CA ASN C 120 -5.13 -47.40 40.70
C ASN C 120 -4.86 -48.55 39.73
N ALA C 121 -4.58 -49.74 40.24
CA ALA C 121 -4.36 -50.90 39.38
C ALA C 121 -5.58 -51.18 38.50
N THR C 122 -6.74 -50.61 38.84
CA THR C 122 -7.94 -50.79 38.04
C THR C 122 -8.16 -49.68 37.04
N ASN C 123 -7.75 -48.45 37.35
CA ASN C 123 -8.07 -47.29 36.53
C ASN C 123 -7.22 -46.11 37.01
N VAL C 124 -7.54 -44.92 36.51
CA VAL C 124 -7.03 -43.66 37.01
C VAL C 124 -8.23 -42.81 37.37
N VAL C 125 -8.08 -41.99 38.42
CA VAL C 125 -9.21 -41.12 38.85
C VAL C 125 -8.66 -39.75 39.22
N ILE C 126 -9.10 -38.72 38.50
CA ILE C 126 -8.64 -37.34 38.76
C ILE C 126 -9.88 -36.53 39.08
N LYS C 127 -9.90 -35.93 40.29
CA LYS C 127 -11.07 -35.13 40.74
C LYS C 127 -10.56 -33.83 41.37
N VAL C 128 -11.07 -32.69 40.90
CA VAL C 128 -10.69 -31.39 41.42
C VAL C 128 -11.77 -30.99 42.41
N CYS C 129 -11.56 -31.33 43.68
CA CYS C 129 -12.43 -30.95 44.77
C CYS C 129 -11.63 -30.19 45.81
N GLU C 130 -12.34 -29.61 46.78
CA GLU C 130 -11.70 -29.00 47.94
C GLU C 130 -11.30 -30.11 48.93
N PHE C 131 -10.42 -30.98 48.43
CA PHE C 131 -10.06 -32.19 49.17
C PHE C 131 -9.35 -31.84 50.48
N GLN C 132 -9.61 -32.69 51.48
CA GLN C 132 -8.93 -32.56 52.80
C GLN C 132 -8.10 -33.83 52.97
N PHE C 133 -6.77 -33.71 53.05
CA PHE C 133 -5.85 -34.82 53.13
C PHE C 133 -5.41 -35.00 54.59
N CYS C 134 -4.44 -35.88 54.80
CA CYS C 134 -3.79 -36.03 56.09
C CYS C 134 -2.33 -35.58 55.97
N ASN C 135 -1.57 -35.76 57.05
CA ASN C 135 -0.17 -35.33 57.03
C ASN C 135 0.66 -36.20 56.10
N ASP C 136 0.41 -37.50 56.06
CA ASP C 136 1.11 -38.43 55.18
C ASP C 136 0.09 -39.25 54.40
N PRO C 137 -0.44 -38.71 53.30
CA PRO C 137 -1.50 -39.40 52.55
C PRO C 137 -0.93 -40.41 51.57
N PHE C 138 -1.25 -41.68 51.78
CA PHE C 138 -0.96 -42.73 50.82
C PHE C 138 -2.16 -43.67 50.74
N LEU C 139 -2.29 -44.37 49.61
CA LEU C 139 -3.45 -45.29 49.42
C LEU C 139 -3.27 -46.53 50.29
N ASP C 140 -4.33 -47.31 50.46
CA ASP C 140 -4.26 -48.55 51.30
C ASP C 140 -3.33 -49.56 50.61
N ARG C 153 -8.41 -43.84 51.10
CA ARG C 153 -8.15 -43.27 52.41
C ARG C 153 -7.18 -42.10 52.33
N VAL C 154 -6.66 -41.85 51.13
CA VAL C 154 -5.65 -40.76 50.94
C VAL C 154 -6.26 -39.42 51.35
N TYR C 155 -7.52 -39.17 50.98
CA TYR C 155 -8.18 -37.91 51.29
C TYR C 155 -9.16 -38.11 52.43
N SER C 156 -9.90 -37.04 52.75
CA SER C 156 -10.98 -37.11 53.71
C SER C 156 -11.91 -35.93 53.46
N SER C 157 -13.20 -36.15 53.67
CA SER C 157 -14.22 -35.11 53.55
C SER C 157 -14.13 -34.40 52.20
N ALA C 158 -14.40 -35.15 51.14
CA ALA C 158 -14.43 -34.60 49.79
C ALA C 158 -15.47 -33.50 49.69
N ASN C 159 -15.02 -32.27 49.44
CA ASN C 159 -15.89 -31.10 49.36
C ASN C 159 -15.70 -30.39 48.03
N ASN C 160 -16.80 -29.82 47.52
CA ASN C 160 -16.81 -29.05 46.28
C ASN C 160 -16.21 -29.85 45.12
N CYS C 161 -16.78 -31.02 44.87
CA CYS C 161 -16.30 -31.84 43.76
C CYS C 161 -16.90 -31.32 42.47
N THR C 162 -16.03 -30.79 41.59
CA THR C 162 -16.46 -30.06 40.41
C THR C 162 -16.08 -30.73 39.09
N PHE C 163 -15.07 -31.57 39.08
CA PHE C 163 -14.61 -32.19 37.84
C PHE C 163 -14.01 -33.55 38.16
N GLU C 164 -14.22 -34.51 37.27
CA GLU C 164 -13.73 -35.87 37.48
C GLU C 164 -13.31 -36.46 36.14
N TYR C 165 -12.54 -37.54 36.22
CA TYR C 165 -12.14 -38.27 35.02
C TYR C 165 -11.61 -39.64 35.42
N VAL C 166 -12.16 -40.69 34.81
CA VAL C 166 -11.69 -42.05 35.03
C VAL C 166 -11.63 -42.78 33.69
N SER C 167 -10.50 -43.44 33.44
CA SER C 167 -10.30 -44.19 32.20
C SER C 167 -9.40 -45.38 32.51
N GLN C 168 -8.81 -45.94 31.48
CA GLN C 168 -7.83 -47.00 31.67
C GLN C 168 -6.65 -46.45 32.47
N PRO C 169 -6.07 -47.23 33.38
CA PRO C 169 -4.97 -46.71 34.20
C PRO C 169 -3.77 -46.31 33.37
N PHE C 170 -2.84 -45.60 34.00
CA PHE C 170 -1.73 -44.99 33.29
C PHE C 170 -0.57 -45.96 33.03
N LEU C 171 -0.12 -46.60 34.12
CA LEU C 171 1.14 -47.38 34.05
C LEU C 171 0.96 -48.88 33.85
N MET C 172 1.36 -49.35 32.68
CA MET C 172 1.41 -50.78 32.40
C MET C 172 2.76 -51.34 32.85
N ASP C 173 3.07 -52.55 32.42
CA ASP C 173 4.34 -53.18 32.75
C ASP C 173 5.21 -53.37 31.51
N ASN C 180 13.77 -57.72 35.17
CA ASN C 180 15.12 -57.25 35.44
C ASN C 180 15.26 -55.76 35.17
N PHE C 181 14.59 -55.30 34.12
CA PHE C 181 14.72 -53.92 33.66
C PHE C 181 13.75 -53.03 34.42
N LYS C 182 14.28 -52.06 35.15
CA LYS C 182 13.44 -51.09 35.83
C LYS C 182 12.67 -50.26 34.81
N ASN C 183 11.35 -50.20 34.97
CA ASN C 183 10.51 -49.52 34.00
C ASN C 183 10.52 -48.01 34.25
N LEU C 184 10.71 -47.25 33.18
CA LEU C 184 10.77 -45.80 33.23
C LEU C 184 9.45 -45.23 32.74
N ARG C 185 8.93 -44.24 33.47
CA ARG C 185 7.62 -43.62 33.10
C ARG C 185 7.80 -42.09 33.10
N GLU C 186 7.87 -41.48 31.91
CA GLU C 186 8.07 -40.05 31.78
C GLU C 186 6.74 -39.33 31.58
N PHE C 187 6.65 -38.15 32.21
CA PHE C 187 5.43 -37.33 32.12
C PHE C 187 5.78 -35.86 32.12
N VAL C 188 5.07 -35.08 31.32
CA VAL C 188 5.22 -33.63 31.28
C VAL C 188 3.91 -33.02 31.74
N PHE C 189 3.88 -32.50 32.96
CA PHE C 189 2.68 -31.86 33.50
C PHE C 189 2.75 -30.38 33.20
N LYS C 190 1.79 -29.87 32.43
CA LYS C 190 1.78 -28.48 32.01
C LYS C 190 0.35 -27.98 31.91
N ASN C 191 0.14 -26.71 32.26
CA ASN C 191 -1.18 -26.11 32.33
C ASN C 191 -1.22 -24.82 31.52
N ILE C 192 -2.22 -24.70 30.64
CA ILE C 192 -2.45 -23.51 29.85
C ILE C 192 -3.94 -23.19 29.89
N ASP C 193 -4.26 -21.92 30.14
CA ASP C 193 -5.61 -21.34 30.14
C ASP C 193 -6.68 -22.31 30.63
N GLY C 194 -6.44 -22.94 31.78
CA GLY C 194 -7.35 -23.91 32.35
C GLY C 194 -7.14 -25.33 31.85
N TYR C 195 -6.73 -25.48 30.59
CA TYR C 195 -6.47 -26.81 30.02
C TYR C 195 -5.18 -27.36 30.61
N PHE C 196 -5.30 -28.28 31.56
CA PHE C 196 -4.13 -28.95 32.12
C PHE C 196 -3.74 -30.10 31.19
N LYS C 197 -2.52 -30.04 30.65
CA LYS C 197 -2.06 -31.02 29.69
C LYS C 197 -1.14 -32.03 30.36
N ILE C 198 -1.40 -33.31 30.12
CA ILE C 198 -0.60 -34.40 30.66
C ILE C 198 -0.12 -35.25 29.50
N TYR C 199 1.16 -35.57 29.48
CA TYR C 199 1.76 -36.42 28.46
C TYR C 199 2.19 -37.73 29.10
N SER C 200 2.06 -38.83 28.35
CA SER C 200 2.36 -40.15 28.87
C SER C 200 3.55 -40.75 28.13
N LYS C 201 4.34 -41.55 28.85
CA LYS C 201 5.47 -42.26 28.25
C LYS C 201 5.85 -43.42 29.16
N HIS C 202 6.11 -44.59 28.56
CA HIS C 202 6.59 -45.75 29.28
C HIS C 202 7.75 -46.38 28.52
N THR C 203 8.81 -46.73 29.25
CA THR C 203 9.99 -47.32 28.61
C THR C 203 10.75 -48.19 29.60
N PRO C 204 11.08 -49.42 29.25
CA PRO C 204 11.91 -50.25 30.13
C PRO C 204 13.35 -49.77 30.15
N ILE C 205 13.95 -49.75 31.33
CA ILE C 205 15.34 -49.34 31.52
C ILE C 205 16.10 -50.48 32.16
N ILE C 206 17.22 -50.87 31.54
CA ILE C 206 18.04 -51.96 32.04
C ILE C 206 18.76 -51.50 33.31
N VAL C 207 18.24 -51.91 34.45
CA VAL C 207 18.82 -51.60 35.75
C VAL C 207 19.01 -50.10 35.94
N GLU C 211 21.68 -44.66 40.62
CA GLU C 211 21.03 -44.78 39.32
C GLU C 211 21.46 -43.64 38.40
N ASP C 212 20.81 -43.55 37.24
CA ASP C 212 21.11 -42.50 36.27
C ASP C 212 20.03 -42.41 35.20
N LEU C 213 19.56 -41.19 34.92
CA LEU C 213 18.63 -41.00 33.81
C LEU C 213 19.30 -41.45 32.51
N PRO C 214 18.65 -42.27 31.71
CA PRO C 214 19.35 -42.87 30.56
C PRO C 214 19.64 -41.86 29.46
N GLN C 215 20.92 -41.56 29.28
CA GLN C 215 21.33 -40.68 28.19
C GLN C 215 20.97 -41.34 26.86
N GLY C 216 19.99 -40.77 26.18
CA GLY C 216 19.51 -41.32 24.93
C GLY C 216 18.61 -40.34 24.20
N PHE C 217 17.54 -40.83 23.58
CA PHE C 217 16.62 -39.93 22.90
C PHE C 217 15.30 -40.64 22.65
N SER C 218 14.21 -39.92 22.84
CA SER C 218 12.86 -40.39 22.56
C SER C 218 11.92 -39.20 22.62
N ALA C 219 10.64 -39.46 22.38
CA ALA C 219 9.61 -38.44 22.43
C ALA C 219 8.49 -38.89 23.36
N LEU C 220 7.49 -38.02 23.54
CA LEU C 220 6.34 -38.30 24.39
C LEU C 220 5.06 -38.04 23.62
N GLU C 221 4.27 -39.09 23.42
CA GLU C 221 2.93 -38.90 22.89
C GLU C 221 2.08 -38.14 23.90
N PRO C 222 1.19 -37.26 23.44
CA PRO C 222 0.20 -36.69 24.35
C PRO C 222 -0.79 -37.75 24.79
N LEU C 223 -1.42 -37.51 25.95
CA LEU C 223 -2.34 -38.53 26.51
C LEU C 223 -3.75 -37.95 26.70
N VAL C 224 -3.87 -36.80 27.38
CA VAL C 224 -5.18 -36.26 27.68
C VAL C 224 -5.03 -34.82 28.12
N ASP C 225 -6.08 -34.03 27.90
CA ASP C 225 -6.14 -32.66 28.37
C ASP C 225 -7.47 -32.45 29.07
N LEU C 226 -7.43 -31.83 30.25
CA LEU C 226 -8.66 -31.66 31.01
C LEU C 226 -8.84 -30.20 31.41
N PRO C 227 -10.07 -29.70 31.39
CA PRO C 227 -10.34 -28.27 31.68
C PRO C 227 -10.64 -28.03 33.16
N ILE C 228 -9.63 -28.25 34.00
CA ILE C 228 -9.84 -28.11 35.43
C ILE C 228 -10.03 -26.65 35.82
N GLY C 229 -9.23 -25.75 35.25
CA GLY C 229 -9.33 -24.34 35.56
C GLY C 229 -9.05 -23.99 37.00
N ILE C 230 -7.81 -24.21 37.45
CA ILE C 230 -7.38 -23.91 38.81
C ILE C 230 -6.03 -23.21 38.76
N ASN C 231 -5.67 -22.59 39.88
CA ASN C 231 -4.36 -21.98 40.05
C ASN C 231 -3.41 -22.99 40.69
N ILE C 232 -2.30 -23.26 40.04
CA ILE C 232 -1.31 -24.22 40.51
C ILE C 232 0.03 -23.52 40.64
N THR C 233 0.66 -23.66 41.80
CA THR C 233 1.99 -23.12 42.05
C THR C 233 2.96 -24.14 42.63
N ARG C 234 2.47 -25.15 43.33
CA ARG C 234 3.30 -26.19 43.91
C ARG C 234 2.69 -27.55 43.59
N PHE C 235 3.51 -28.59 43.66
CA PHE C 235 2.99 -29.94 43.45
C PHE C 235 3.75 -30.92 44.31
N GLN C 236 3.02 -31.89 44.87
CA GLN C 236 3.65 -32.90 45.76
C GLN C 236 3.24 -34.28 45.26
N THR C 237 4.20 -35.22 45.19
CA THR C 237 3.93 -36.58 44.67
C THR C 237 3.18 -37.44 45.69
N LEU C 238 2.27 -38.29 45.23
CA LEU C 238 1.58 -39.23 46.15
C LEU C 238 2.34 -40.56 46.10
N LEU C 239 2.98 -40.96 47.20
CA LEU C 239 3.82 -42.19 47.15
C LEU C 239 3.29 -43.24 48.13
N ALA C 240 3.61 -44.52 47.89
CA ALA C 240 3.18 -45.61 48.78
C ALA C 240 4.33 -45.91 49.76
N LEU C 241 4.02 -46.44 50.94
CA LEU C 241 5.06 -46.69 51.93
C LEU C 241 6.05 -47.74 51.46
N HIS C 242 5.54 -48.86 50.95
CA HIS C 242 6.38 -49.93 50.41
C HIS C 242 5.53 -50.96 49.68
N ALA C 259 15.41 -50.08 46.01
CA ALA C 259 15.43 -48.63 46.08
C ALA C 259 14.91 -48.02 44.78
N ALA C 260 13.97 -47.09 44.91
CA ALA C 260 13.33 -46.45 43.77
C ALA C 260 13.76 -44.98 43.68
N ALA C 261 13.66 -44.44 42.47
CA ALA C 261 14.06 -43.07 42.21
C ALA C 261 13.04 -42.39 41.31
N TYR C 262 12.96 -41.07 41.43
CA TYR C 262 12.14 -40.27 40.53
C TYR C 262 12.78 -38.90 40.39
N TYR C 263 12.65 -38.31 39.22
CA TYR C 263 13.36 -37.08 38.88
C TYR C 263 12.36 -35.96 38.59
N VAL C 264 12.74 -34.74 38.93
CA VAL C 264 11.91 -33.57 38.75
C VAL C 264 12.72 -32.51 38.01
N GLY C 265 12.27 -32.15 36.80
CA GLY C 265 12.89 -31.08 36.06
C GLY C 265 11.91 -29.94 35.85
N TYR C 266 12.39 -28.77 35.43
CA TYR C 266 11.53 -27.62 35.25
C TYR C 266 11.63 -27.11 33.81
N LEU C 267 10.48 -27.00 33.16
CA LEU C 267 10.42 -26.45 31.83
C LEU C 267 10.59 -24.94 31.87
N GLN C 268 10.79 -24.36 30.69
CA GLN C 268 10.83 -22.91 30.51
C GLN C 268 10.82 -22.63 29.02
N PRO C 269 10.45 -21.41 28.61
CA PRO C 269 10.36 -21.10 27.17
C PRO C 269 11.67 -21.38 26.45
N ARG C 270 11.55 -22.06 25.31
CA ARG C 270 12.68 -22.45 24.49
C ARG C 270 12.19 -22.64 23.05
N THR C 271 13.09 -22.46 22.11
CA THR C 271 12.84 -22.76 20.71
C THR C 271 13.57 -24.04 20.36
N PHE C 272 12.84 -25.02 19.83
CA PHE C 272 13.42 -26.30 19.51
C PHE C 272 13.26 -26.59 18.02
N LEU C 273 14.28 -27.22 17.46
CA LEU C 273 14.21 -27.78 16.12
C LEU C 273 14.07 -29.28 16.24
N LEU C 274 13.14 -29.85 15.48
CA LEU C 274 12.83 -31.27 15.53
C LEU C 274 13.22 -31.93 14.22
N LYS C 275 13.05 -33.24 14.15
CA LYS C 275 13.33 -33.97 12.93
C LYS C 275 12.40 -35.18 12.87
N TYR C 276 11.26 -35.00 12.20
CA TYR C 276 10.37 -36.13 11.96
C TYR C 276 11.01 -37.08 10.96
N ASN C 277 10.88 -38.37 11.22
CA ASN C 277 11.47 -39.36 10.33
C ASN C 277 10.45 -39.76 9.27
N GLU C 278 10.71 -40.85 8.57
CA GLU C 278 9.81 -41.33 7.52
C GLU C 278 8.52 -41.91 8.07
N ASN C 279 8.27 -41.84 9.37
CA ASN C 279 7.04 -42.34 9.95
C ASN C 279 6.27 -41.32 10.77
N GLY C 280 6.83 -40.15 11.00
CA GLY C 280 6.17 -39.14 11.80
C GLY C 280 6.56 -39.11 13.26
N THR C 281 7.40 -40.03 13.70
CA THR C 281 7.91 -40.01 15.07
C THR C 281 9.19 -39.20 15.12
N ILE C 282 9.30 -38.35 16.14
CA ILE C 282 10.41 -37.42 16.24
C ILE C 282 11.66 -38.17 16.63
N THR C 283 12.51 -38.46 15.63
CA THR C 283 13.70 -39.26 15.87
C THR C 283 14.91 -38.43 16.28
N ASP C 284 14.78 -37.11 16.37
CA ASP C 284 15.89 -36.26 16.77
C ASP C 284 15.38 -34.86 17.03
N ALA C 285 16.10 -34.12 17.86
CA ALA C 285 15.80 -32.72 18.13
C ALA C 285 17.10 -31.99 18.42
N VAL C 286 17.10 -30.69 18.15
CA VAL C 286 18.29 -29.87 18.32
C VAL C 286 17.89 -28.53 18.93
N ASP C 287 18.48 -28.23 20.08
CA ASP C 287 18.11 -26.98 20.81
C ASP C 287 18.49 -25.76 19.98
N CYS C 288 17.98 -24.60 20.37
CA CYS C 288 18.28 -23.34 19.71
C CYS C 288 19.01 -22.39 20.65
N ALA C 289 18.75 -22.48 21.95
CA ALA C 289 19.28 -21.54 22.94
C ALA C 289 20.26 -22.18 23.90
N LEU C 290 20.98 -23.21 23.45
CA LEU C 290 21.93 -23.91 24.31
C LEU C 290 23.37 -23.43 24.11
N ASP C 291 23.81 -23.28 22.87
CA ASP C 291 25.19 -22.94 22.59
C ASP C 291 25.28 -22.48 21.13
N PRO C 292 26.36 -21.76 20.78
CA PRO C 292 26.43 -21.19 19.43
C PRO C 292 26.19 -22.16 18.31
N LEU C 293 26.76 -23.37 18.38
CA LEU C 293 26.54 -24.34 17.32
C LEU C 293 25.06 -24.65 17.18
N SER C 294 24.35 -24.74 18.30
CA SER C 294 22.91 -24.95 18.24
C SER C 294 22.21 -23.76 17.60
N GLU C 295 22.71 -22.56 17.84
CA GLU C 295 22.13 -21.37 17.22
C GLU C 295 22.32 -21.41 15.71
N THR C 296 23.48 -21.85 15.24
CA THR C 296 23.68 -22.01 13.80
C THR C 296 22.72 -23.06 13.23
N LYS C 297 22.63 -24.21 13.89
CA LYS C 297 21.72 -25.25 13.44
C LYS C 297 20.28 -24.73 13.37
N CYS C 298 19.92 -23.85 14.29
CA CYS C 298 18.55 -23.36 14.39
C CYS C 298 18.29 -22.18 13.46
N THR C 299 19.32 -21.50 12.97
CA THR C 299 19.10 -20.47 11.96
C THR C 299 19.19 -21.02 10.54
N LEU C 300 20.04 -22.02 10.30
CA LEU C 300 20.05 -22.67 8.99
C LEU C 300 18.95 -23.71 8.85
N LYS C 301 18.26 -24.04 9.93
CA LYS C 301 17.22 -25.06 9.96
C LYS C 301 17.73 -26.35 9.31
N SER C 302 18.80 -26.87 9.90
CA SER C 302 19.41 -28.11 9.44
C SER C 302 20.11 -28.75 10.62
N PHE C 303 20.81 -29.85 10.35
CA PHE C 303 21.54 -30.56 11.38
C PHE C 303 23.04 -30.64 11.14
N THR C 304 23.50 -30.43 9.92
CA THR C 304 24.91 -30.28 9.63
C THR C 304 25.19 -28.85 9.21
N VAL C 305 26.38 -28.37 9.55
CA VAL C 305 26.86 -27.08 9.08
C VAL C 305 28.24 -27.29 8.46
N GLU C 306 28.62 -26.36 7.62
CA GLU C 306 29.83 -26.49 6.82
C GLU C 306 30.85 -25.42 7.21
N LYS C 307 32.11 -25.68 6.87
CA LYS C 307 33.20 -24.82 7.28
C LYS C 307 32.98 -23.39 6.81
N GLY C 308 32.72 -22.49 7.75
CA GLY C 308 32.45 -21.11 7.40
C GLY C 308 32.02 -20.32 8.62
N ILE C 309 31.62 -19.07 8.35
CA ILE C 309 31.09 -18.19 9.42
C ILE C 309 29.63 -17.93 9.06
N TYR C 310 28.73 -17.99 10.02
CA TYR C 310 27.30 -17.83 9.79
C TYR C 310 26.73 -16.76 10.70
N GLN C 311 25.99 -15.82 10.10
CA GLN C 311 25.39 -14.73 10.86
C GLN C 311 24.10 -15.25 11.46
N THR C 312 24.15 -15.70 12.71
CA THR C 312 22.95 -16.15 13.39
C THR C 312 22.16 -14.93 13.86
N SER C 313 21.30 -15.12 14.85
CA SER C 313 20.66 -13.99 15.49
C SER C 313 21.70 -13.14 16.23
N ASN C 314 21.26 -11.92 16.53
CA ASN C 314 22.11 -10.97 17.30
C ASN C 314 21.75 -11.15 18.77
N PHE C 315 22.67 -10.83 19.68
CA PHE C 315 22.48 -10.99 21.11
C PHE C 315 22.14 -9.65 21.74
N ARG C 316 21.12 -9.66 22.61
CA ARG C 316 20.70 -8.44 23.35
C ARG C 316 20.13 -8.92 24.68
N VAL C 317 20.69 -8.49 25.81
CA VAL C 317 20.27 -9.02 27.09
C VAL C 317 18.79 -8.67 27.33
N GLN C 318 18.12 -9.50 28.10
CA GLN C 318 16.67 -9.42 28.23
C GLN C 318 16.25 -8.13 28.94
N PRO C 319 15.28 -7.39 28.41
CA PRO C 319 14.64 -6.30 29.18
C PRO C 319 13.50 -6.85 30.03
N THR C 320 13.69 -6.83 31.36
CA THR C 320 12.79 -7.55 32.27
C THR C 320 11.79 -6.63 32.97
N GLU C 321 12.26 -5.61 33.68
CA GLU C 321 11.41 -4.93 34.64
C GLU C 321 10.41 -4.01 33.95
N SER C 322 9.63 -3.30 34.77
CA SER C 322 8.61 -2.37 34.29
C SER C 322 8.74 -1.08 35.08
N ILE C 323 9.11 0.01 34.41
CA ILE C 323 9.28 1.30 35.05
C ILE C 323 8.17 2.24 34.62
N VAL C 324 7.43 2.78 35.59
CA VAL C 324 6.45 3.82 35.31
C VAL C 324 6.71 5.02 36.21
N ARG C 325 7.50 5.96 35.69
CA ARG C 325 7.87 7.16 36.48
C ARG C 325 6.99 8.33 36.03
N PHE C 326 6.45 9.11 36.98
CA PHE C 326 5.54 10.23 36.66
C PHE C 326 5.91 11.43 37.55
N PRO C 327 5.90 12.69 37.04
CA PRO C 327 6.33 13.84 37.83
C PRO C 327 5.57 13.87 39.16
N ASN C 328 6.30 13.82 40.29
CA ASN C 328 5.66 13.86 41.63
C ASN C 328 5.17 15.29 41.90
N ILE C 329 5.47 16.22 40.99
CA ILE C 329 5.08 17.65 41.18
C ILE C 329 3.57 17.71 41.44
N THR C 330 2.82 16.73 40.94
CA THR C 330 1.34 16.69 41.17
C THR C 330 1.08 16.81 42.68
N ASN C 331 0.17 17.70 43.07
CA ASN C 331 -0.14 17.92 44.52
C ASN C 331 -1.58 17.47 44.79
N LEU C 332 -1.87 17.06 46.04
CA LEU C 332 -3.19 16.58 46.38
C LEU C 332 -4.19 17.73 46.35
N CYS C 333 -5.32 17.50 45.71
CA CYS C 333 -6.36 18.52 45.67
C CYS C 333 -6.86 18.77 47.10
N PRO C 334 -7.05 20.03 47.49
CA PRO C 334 -7.52 20.31 48.85
C PRO C 334 -8.96 19.92 49.07
N PHE C 335 -9.22 18.61 49.12
CA PHE C 335 -10.60 18.12 49.42
C PHE C 335 -10.83 18.22 50.93
N ASP C 336 -9.75 18.35 51.72
CA ASP C 336 -9.92 18.48 53.16
C ASP C 336 -10.89 19.60 53.51
N GLU C 337 -10.87 20.69 52.72
CA GLU C 337 -11.80 21.79 52.95
C GLU C 337 -13.25 21.35 52.79
N VAL C 338 -13.51 20.30 52.02
CA VAL C 338 -14.87 19.78 51.89
C VAL C 338 -15.21 18.82 53.02
N PHE C 339 -14.36 17.81 53.23
CA PHE C 339 -14.68 16.76 54.20
C PHE C 339 -14.52 17.22 55.64
N ASN C 340 -13.49 18.02 55.92
CA ASN C 340 -13.21 18.47 57.27
C ASN C 340 -13.78 19.85 57.56
N ALA C 341 -14.69 20.33 56.71
CA ALA C 341 -15.35 21.60 56.95
C ALA C 341 -16.08 21.58 58.28
N THR C 342 -16.08 22.72 58.96
CA THR C 342 -16.67 22.79 60.30
C THR C 342 -18.19 22.67 60.25
N ARG C 343 -18.84 23.24 59.23
CA ARG C 343 -20.28 23.18 59.11
C ARG C 343 -20.65 22.91 57.66
N PHE C 344 -21.50 21.91 57.44
CA PHE C 344 -22.03 21.66 56.11
C PHE C 344 -23.28 22.48 55.88
N ALA C 345 -23.61 22.68 54.60
CA ALA C 345 -24.83 23.37 54.26
C ALA C 345 -26.03 22.46 54.46
N SER C 346 -27.22 23.06 54.42
CA SER C 346 -28.44 22.29 54.57
C SER C 346 -28.71 21.49 53.31
N VAL C 347 -29.45 20.38 53.47
CA VAL C 347 -29.70 19.50 52.35
C VAL C 347 -30.55 20.20 51.28
N TYR C 348 -31.44 21.11 51.70
CA TYR C 348 -32.24 21.84 50.73
C TYR C 348 -31.40 22.89 50.00
N ALA C 349 -30.38 23.42 50.66
CA ALA C 349 -29.49 24.43 50.10
C ALA C 349 -28.08 23.87 49.97
N TRP C 350 -27.98 22.65 49.45
CA TRP C 350 -26.71 21.94 49.38
C TRP C 350 -25.66 22.76 48.64
N ASN C 351 -24.43 22.75 49.18
CA ASN C 351 -23.32 23.47 48.59
C ASN C 351 -22.60 22.60 47.57
N ARG C 352 -22.04 23.24 46.55
CA ARG C 352 -21.38 22.53 45.45
C ARG C 352 -20.03 23.19 45.19
N LYS C 353 -18.96 22.46 45.44
CA LYS C 353 -17.58 23.00 45.24
C LYS C 353 -16.99 22.42 43.95
N ARG C 354 -17.00 23.20 42.87
CA ARG C 354 -16.38 22.72 41.59
C ARG C 354 -14.87 22.54 41.82
N ILE C 355 -14.32 21.41 41.39
CA ILE C 355 -12.87 21.11 41.62
C ILE C 355 -12.17 20.92 40.27
N SER C 356 -11.07 21.63 40.05
CA SER C 356 -10.31 21.50 38.78
C SER C 356 -8.87 21.98 38.97
N ASN C 357 -8.06 21.93 37.92
CA ASN C 357 -6.63 22.34 38.00
C ASN C 357 -5.96 21.70 39.22
N CYS C 358 -6.10 20.38 39.40
CA CYS C 358 -5.54 19.74 40.62
C CYS C 358 -5.55 18.21 40.55
N VAL C 359 -4.57 17.55 41.17
CA VAL C 359 -4.51 16.10 41.25
C VAL C 359 -5.09 15.68 42.59
N ALA C 360 -6.05 14.76 42.56
CA ALA C 360 -6.82 14.39 43.75
C ALA C 360 -6.28 13.07 44.31
N ASP C 361 -5.76 13.12 45.54
CA ASP C 361 -5.27 11.87 46.19
C ASP C 361 -6.46 11.17 46.84
N TYR C 362 -7.25 10.43 46.06
CA TYR C 362 -8.46 9.74 46.59
C TYR C 362 -8.05 8.73 47.66
N SER C 363 -6.86 8.12 47.51
CA SER C 363 -6.40 7.09 48.47
C SER C 363 -6.45 7.64 49.89
N VAL C 364 -6.13 8.93 50.06
CA VAL C 364 -6.11 9.54 51.42
C VAL C 364 -7.46 9.29 52.10
N LEU C 365 -8.57 9.69 51.47
CA LEU C 365 -9.88 9.53 52.14
C LEU C 365 -10.29 8.05 52.13
N TYR C 366 -9.74 7.25 51.21
CA TYR C 366 -10.04 5.79 51.18
C TYR C 366 -9.30 5.12 52.35
N ASN C 367 -8.35 5.83 52.95
CA ASN C 367 -7.54 5.22 54.04
C ASN C 367 -8.08 5.69 55.39
N LEU C 368 -9.40 5.88 55.49
CA LEU C 368 -9.98 6.42 56.74
C LEU C 368 -11.26 5.67 57.10
N ALA C 369 -11.21 4.80 58.12
CA ALA C 369 -12.43 4.11 58.61
C ALA C 369 -13.65 5.04 58.75
N PRO C 370 -13.63 6.25 59.39
CA PRO C 370 -14.84 7.04 59.63
C PRO C 370 -15.65 7.16 58.34
N PHE C 371 -14.98 7.27 57.19
CA PHE C 371 -15.79 7.27 55.95
C PHE C 371 -16.28 5.84 55.71
N PHE C 372 -17.06 5.31 56.65
CA PHE C 372 -17.55 3.91 56.53
C PHE C 372 -18.41 3.76 55.27
N THR C 373 -19.40 4.66 55.10
CA THR C 373 -20.31 4.51 53.96
C THR C 373 -19.64 5.11 52.72
N PHE C 374 -19.15 4.26 51.83
CA PHE C 374 -18.45 4.71 50.60
C PHE C 374 -19.12 4.09 49.38
N LYS C 375 -20.45 4.29 49.26
CA LYS C 375 -21.22 3.68 48.15
C LYS C 375 -20.90 4.41 46.85
N CYS C 376 -20.13 3.78 45.96
CA CYS C 376 -19.89 4.40 44.63
C CYS C 376 -20.64 3.59 43.57
N TYR C 377 -20.86 4.16 42.38
CA TYR C 377 -21.64 3.51 41.31
C TYR C 377 -21.11 3.89 39.93
N GLY C 378 -20.71 2.90 39.12
CA GLY C 378 -20.26 3.19 37.74
C GLY C 378 -18.75 3.15 37.61
N VAL C 379 -18.03 3.25 38.72
CA VAL C 379 -16.53 3.16 38.67
C VAL C 379 -15.96 2.62 39.99
N SER C 380 -14.72 2.12 39.95
CA SER C 380 -14.06 1.59 41.18
C SER C 380 -13.11 2.66 41.76
N PRO C 381 -13.12 2.91 43.08
CA PRO C 381 -12.26 3.94 43.66
C PRO C 381 -10.80 3.65 43.33
N THR C 382 -10.36 2.41 43.55
CA THR C 382 -8.98 2.04 43.26
C THR C 382 -8.67 2.23 41.78
N LYS C 383 -9.61 1.88 40.90
CA LYS C 383 -9.37 2.01 39.47
C LYS C 383 -9.27 3.46 39.03
N LEU C 384 -10.12 4.34 39.60
CA LEU C 384 -10.10 5.73 39.17
C LEU C 384 -8.90 6.50 39.69
N ASN C 385 -8.14 5.94 40.63
CA ASN C 385 -6.95 6.64 41.11
C ASN C 385 -5.86 6.72 40.05
N ASP C 386 -6.06 6.05 38.93
CA ASP C 386 -5.24 6.19 37.74
C ASP C 386 -6.11 6.61 36.56
N LEU C 387 -7.08 7.48 36.84
CA LEU C 387 -8.03 7.92 35.83
C LEU C 387 -8.16 9.44 35.93
N CYS C 388 -8.65 10.05 34.86
CA CYS C 388 -8.63 11.49 34.70
C CYS C 388 -10.02 11.98 34.33
N PHE C 389 -10.33 13.21 34.75
CA PHE C 389 -11.59 13.83 34.41
C PHE C 389 -11.36 15.31 34.16
N THR C 390 -12.28 15.90 33.38
CA THR C 390 -12.20 17.33 33.09
C THR C 390 -12.57 18.15 34.32
N ASN C 391 -13.73 17.87 34.91
CA ASN C 391 -14.17 18.56 36.12
C ASN C 391 -14.69 17.57 37.14
N VAL C 392 -14.59 17.97 38.41
CA VAL C 392 -15.14 17.24 39.54
C VAL C 392 -15.99 18.19 40.35
N TYR C 393 -17.15 17.72 40.79
CA TYR C 393 -18.05 18.51 41.64
C TYR C 393 -18.19 17.81 42.98
N ALA C 394 -18.02 18.56 44.06
CA ALA C 394 -18.08 18.02 45.42
C ALA C 394 -19.28 18.63 46.14
N ASP C 395 -20.34 17.85 46.31
CA ASP C 395 -21.55 18.30 46.98
C ASP C 395 -21.54 17.79 48.41
N SER C 396 -21.79 18.70 49.37
CA SER C 396 -21.76 18.35 50.78
C SER C 396 -23.01 18.89 51.47
N PHE C 397 -23.55 18.08 52.37
CA PHE C 397 -24.70 18.47 53.19
C PHE C 397 -24.81 17.47 54.33
N VAL C 398 -25.67 17.83 55.29
CA VAL C 398 -25.85 16.97 56.50
C VAL C 398 -27.31 16.52 56.59
N ILE C 399 -27.51 15.23 56.82
CA ILE C 399 -28.83 14.63 56.96
C ILE C 399 -28.86 13.75 58.21
N ARG C 400 -29.97 13.06 58.41
CA ARG C 400 -30.14 12.20 59.56
C ARG C 400 -29.44 10.86 59.35
N GLY C 401 -29.57 9.97 60.33
CA GLY C 401 -28.80 8.74 60.31
C GLY C 401 -29.23 7.78 59.22
N ASP C 402 -30.53 7.55 59.08
CA ASP C 402 -31.03 6.48 58.21
C ASP C 402 -31.43 6.95 56.83
N GLU C 403 -31.32 8.24 56.55
CA GLU C 403 -31.77 8.75 55.22
C GLU C 403 -30.58 8.78 54.25
N VAL C 404 -29.49 8.09 54.59
CA VAL C 404 -28.33 8.02 53.70
C VAL C 404 -28.68 7.25 52.42
N ARG C 405 -29.61 6.30 52.53
CA ARG C 405 -30.01 5.49 51.35
C ARG C 405 -30.60 6.39 50.27
N GLN C 406 -31.29 7.47 50.67
CA GLN C 406 -31.93 8.37 49.71
C GLN C 406 -30.92 9.04 48.79
N ILE C 407 -29.66 9.10 49.17
CA ILE C 407 -28.62 9.66 48.29
C ILE C 407 -28.15 8.50 47.42
N ALA C 408 -28.91 8.25 46.34
CA ALA C 408 -28.69 7.13 45.44
C ALA C 408 -29.60 7.25 44.22
N PRO C 409 -29.17 6.76 43.06
CA PRO C 409 -30.03 6.83 41.87
C PRO C 409 -31.26 5.95 42.03
N GLY C 410 -32.39 6.46 41.53
CA GLY C 410 -33.64 5.72 41.61
C GLY C 410 -34.20 5.57 43.00
N GLN C 411 -34.07 6.60 43.84
CA GLN C 411 -34.59 6.58 45.19
C GLN C 411 -35.63 7.67 45.36
N THR C 412 -36.46 7.50 46.39
CA THR C 412 -37.59 8.39 46.64
C THR C 412 -37.63 8.78 48.11
N GLY C 413 -38.29 9.90 48.39
CA GLY C 413 -38.39 10.41 49.74
C GLY C 413 -38.29 11.92 49.81
N ASN C 414 -38.36 12.48 51.02
CA ASN C 414 -38.26 13.93 51.18
C ASN C 414 -36.91 14.44 50.67
N ILE C 415 -35.83 13.74 50.99
CA ILE C 415 -34.51 14.16 50.52
C ILE C 415 -34.39 13.97 49.01
N ALA C 416 -34.83 12.82 48.51
CA ALA C 416 -34.60 12.48 47.11
C ALA C 416 -35.51 13.28 46.17
N ASP C 417 -36.71 13.63 46.61
CA ASP C 417 -37.67 14.29 45.73
C ASP C 417 -37.64 15.81 45.84
N TYR C 418 -37.32 16.34 47.02
CA TYR C 418 -37.38 17.78 47.26
C TYR C 418 -36.04 18.42 47.58
N ASN C 419 -35.03 17.65 47.98
CA ASN C 419 -33.82 18.24 48.55
C ASN C 419 -32.58 18.00 47.69
N TYR C 420 -32.28 16.76 47.33
CA TYR C 420 -31.07 16.44 46.55
C TYR C 420 -31.33 15.15 45.78
N LYS C 421 -31.57 15.29 44.48
CA LYS C 421 -31.91 14.17 43.62
C LYS C 421 -30.71 13.79 42.76
N LEU C 422 -30.36 12.50 42.76
CA LEU C 422 -29.35 11.98 41.86
C LEU C 422 -29.99 11.41 40.60
N PRO C 423 -29.37 11.62 39.44
CA PRO C 423 -29.93 11.07 38.19
C PRO C 423 -29.78 9.55 38.15
N ASP C 424 -30.59 8.94 37.29
CA ASP C 424 -30.52 7.49 37.09
C ASP C 424 -29.14 7.07 36.60
N ASP C 425 -28.59 7.81 35.64
CA ASP C 425 -27.26 7.50 35.10
C ASP C 425 -26.18 8.25 35.90
N PHE C 426 -26.06 7.87 37.16
CA PHE C 426 -25.06 8.45 38.05
C PHE C 426 -23.75 7.71 37.88
N THR C 427 -22.67 8.46 37.69
CA THR C 427 -21.36 7.88 37.44
C THR C 427 -20.33 8.41 38.43
N GLY C 428 -20.69 8.44 39.70
CA GLY C 428 -19.81 8.99 40.72
C GLY C 428 -19.99 8.28 42.05
N CYS C 429 -19.41 8.85 43.10
CA CYS C 429 -19.41 8.24 44.43
C CYS C 429 -20.22 8.99 45.47
N VAL C 430 -20.59 8.27 46.53
CA VAL C 430 -21.32 8.82 47.67
C VAL C 430 -20.56 8.48 48.94
N ILE C 431 -20.26 9.50 49.74
CA ILE C 431 -19.54 9.34 50.99
C ILE C 431 -20.38 9.93 52.12
N ALA C 432 -20.63 9.13 53.15
CA ALA C 432 -21.45 9.57 54.27
C ALA C 432 -20.93 8.98 55.57
N TRP C 433 -20.86 9.81 56.60
CA TRP C 433 -20.39 9.40 57.91
C TRP C 433 -21.25 10.05 58.99
N ASN C 434 -21.24 9.43 60.17
CA ASN C 434 -21.95 9.98 61.31
C ASN C 434 -21.10 11.03 62.02
N SER C 435 -21.72 12.15 62.38
CA SER C 435 -21.06 13.20 63.15
C SER C 435 -22.04 13.69 64.23
N ASN C 436 -22.00 13.02 65.38
CA ASN C 436 -22.84 13.41 66.50
C ASN C 436 -22.22 14.55 67.30
N LYS C 437 -20.89 14.65 67.28
CA LYS C 437 -20.21 15.67 68.14
C LYS C 437 -20.39 17.08 67.59
N LEU C 438 -19.91 17.34 66.36
CA LEU C 438 -19.94 18.73 65.83
C LEU C 438 -21.33 19.13 65.35
N ASP C 439 -21.96 18.33 64.50
CA ASP C 439 -23.23 18.75 63.90
C ASP C 439 -24.40 18.84 64.87
N SER C 440 -24.25 18.30 66.10
CA SER C 440 -25.41 18.23 67.03
C SER C 440 -25.15 19.23 68.17
N LYS C 441 -26.13 19.36 69.09
CA LYS C 441 -26.02 20.32 70.24
C LYS C 441 -26.87 19.84 71.41
N VAL C 442 -26.62 20.34 72.63
CA VAL C 442 -27.40 19.95 73.85
C VAL C 442 -28.79 20.59 73.89
N SER C 443 -28.96 21.73 73.21
CA SER C 443 -30.29 22.38 73.15
C SER C 443 -30.98 21.96 71.84
N GLY C 444 -30.26 21.24 70.97
CA GLY C 444 -30.82 20.86 69.66
C GLY C 444 -30.25 21.85 68.66
N ASN C 445 -30.05 21.42 67.42
CA ASN C 445 -29.43 22.32 66.40
C ASN C 445 -30.61 22.93 65.63
N TYR C 446 -30.51 24.21 65.28
CA TYR C 446 -31.59 24.89 64.52
C TYR C 446 -30.92 25.43 63.26
N ASN C 447 -29.63 25.13 63.07
CA ASN C 447 -28.91 25.60 61.86
C ASN C 447 -29.16 24.62 60.72
N TYR C 448 -30.17 23.76 60.85
CA TYR C 448 -30.40 22.72 59.81
C TYR C 448 -31.86 22.71 59.34
N LEU C 449 -32.08 22.55 58.04
CA LEU C 449 -33.42 22.56 57.47
C LEU C 449 -33.52 21.56 56.34
N TYR C 450 -34.71 20.97 56.20
CA TYR C 450 -34.98 20.04 55.12
C TYR C 450 -36.32 20.40 54.48
N ARG C 451 -36.35 20.48 53.16
CA ARG C 451 -37.58 20.81 52.46
C ARG C 451 -38.57 19.67 52.59
N LEU C 452 -39.77 19.98 53.07
CA LEU C 452 -40.80 18.97 53.31
C LEU C 452 -41.91 18.99 52.27
N PHE C 453 -42.26 20.17 51.76
CA PHE C 453 -43.33 20.29 50.77
C PHE C 453 -42.82 20.99 49.52
N ARG C 454 -43.22 20.47 48.36
CA ARG C 454 -42.89 21.07 47.08
C ARG C 454 -43.84 20.52 46.03
N LYS C 455 -44.26 21.38 45.10
CA LYS C 455 -45.30 20.98 44.15
C LYS C 455 -44.84 19.87 43.22
N SER C 456 -43.55 19.82 42.90
CA SER C 456 -43.05 18.85 41.94
C SER C 456 -41.68 18.37 42.37
N ASN C 457 -41.37 17.11 42.03
CA ASN C 457 -40.08 16.55 42.35
C ASN C 457 -38.97 17.28 41.61
N LEU C 458 -37.78 17.29 42.21
CA LEU C 458 -36.64 17.97 41.63
C LEU C 458 -36.17 17.27 40.36
N LYS C 459 -35.50 18.02 39.54
CA LYS C 459 -34.67 17.49 38.49
C LYS C 459 -33.32 17.09 39.08
N PRO C 460 -32.60 16.16 38.46
CA PRO C 460 -31.28 15.78 39.00
C PRO C 460 -30.39 16.99 39.19
N PHE C 461 -29.77 17.08 40.37
CA PHE C 461 -28.81 18.13 40.71
C PHE C 461 -29.42 19.52 40.67
N GLU C 462 -30.73 19.64 40.86
CA GLU C 462 -31.39 20.93 40.96
C GLU C 462 -31.36 21.39 42.41
N ARG C 463 -31.11 22.70 42.59
CA ARG C 463 -31.09 23.29 43.96
C ARG C 463 -32.24 24.27 44.08
N ASP C 464 -32.95 24.24 45.21
CA ASP C 464 -34.09 25.11 45.48
C ASP C 464 -33.93 25.73 46.86
N ILE C 465 -33.72 27.04 46.91
CA ILE C 465 -33.55 27.76 48.17
C ILE C 465 -34.69 28.76 48.41
N SER C 466 -35.68 28.80 47.53
CA SER C 466 -36.79 29.73 47.68
C SER C 466 -37.73 29.24 48.78
N THR C 467 -38.02 30.11 49.75
CA THR C 467 -38.95 29.80 50.84
C THR C 467 -40.28 30.49 50.53
N GLU C 468 -41.16 29.77 49.86
CA GLU C 468 -42.49 30.26 49.51
C GLU C 468 -43.49 29.25 50.03
N ILE C 469 -44.45 29.71 50.84
CA ILE C 469 -45.43 28.86 51.49
C ILE C 469 -46.03 27.90 50.47
N TYR C 470 -46.05 26.61 50.81
CA TYR C 470 -46.59 25.58 49.93
C TYR C 470 -48.10 25.64 49.99
N GLN C 471 -48.72 26.25 48.99
CA GLN C 471 -50.17 26.33 48.92
C GLN C 471 -50.69 24.94 48.59
N ALA C 472 -51.16 24.23 49.62
CA ALA C 472 -51.70 22.89 49.42
C ALA C 472 -53.19 22.91 49.09
N GLY C 473 -53.93 23.85 49.65
CA GLY C 473 -55.34 24.01 49.35
C GLY C 473 -55.58 24.80 48.09
N ASN C 474 -56.72 25.51 48.06
CA ASN C 474 -57.09 26.31 46.91
C ASN C 474 -57.18 27.80 47.24
N LYS C 475 -56.98 28.19 48.49
CA LYS C 475 -56.91 29.59 48.86
C LYS C 475 -55.45 30.06 48.85
N PRO C 476 -55.18 31.24 48.29
CA PRO C 476 -53.81 31.75 48.30
C PRO C 476 -53.33 32.03 49.72
N CYS C 477 -52.04 31.82 49.95
CA CYS C 477 -51.47 31.92 51.29
C CYS C 477 -50.91 33.29 51.60
N ASN C 478 -50.48 34.05 50.59
CA ASN C 478 -49.97 35.41 50.73
C ASN C 478 -48.71 35.50 51.60
N GLY C 479 -48.07 34.37 51.88
CA GLY C 479 -46.83 34.39 52.63
C GLY C 479 -46.96 34.25 54.13
N VAL C 480 -48.08 33.74 54.61
CA VAL C 480 -48.29 33.53 56.04
C VAL C 480 -48.81 32.10 56.24
N ALA C 481 -48.20 31.39 57.19
CA ALA C 481 -48.56 30.00 57.45
C ALA C 481 -49.97 29.90 58.02
N GLY C 482 -50.63 28.78 57.72
CA GLY C 482 -51.97 28.57 58.21
C GLY C 482 -52.55 27.27 57.71
N PHE C 483 -53.88 27.23 57.66
CA PHE C 483 -54.59 26.06 57.16
C PHE C 483 -54.29 25.85 55.68
N ASN C 484 -53.78 24.67 55.34
CA ASN C 484 -53.34 24.33 53.99
C ASN C 484 -52.26 25.29 53.47
N CYS C 485 -51.50 25.90 54.37
CA CYS C 485 -50.42 26.82 54.02
C CYS C 485 -49.24 26.51 54.95
N TYR C 486 -48.21 25.87 54.41
CA TYR C 486 -47.09 25.36 55.20
C TYR C 486 -45.79 25.99 54.74
N PHE C 487 -44.92 26.32 55.69
CA PHE C 487 -43.57 26.74 55.35
C PHE C 487 -42.83 25.56 54.70
N PRO C 488 -42.08 25.81 53.62
CA PRO C 488 -41.44 24.71 52.89
C PRO C 488 -40.47 23.89 53.73
N LEU C 489 -39.75 24.53 54.65
CA LEU C 489 -38.69 23.88 55.39
C LEU C 489 -39.12 23.61 56.83
N ARG C 490 -38.42 22.65 57.45
CA ARG C 490 -38.54 22.35 58.87
C ARG C 490 -37.16 22.01 59.40
N SER C 491 -37.00 22.07 60.72
CA SER C 491 -35.70 21.98 61.36
C SER C 491 -35.49 20.62 61.99
N TYR C 492 -34.33 20.02 61.73
CA TYR C 492 -33.93 18.80 62.41
C TYR C 492 -33.57 19.10 63.86
N SER C 493 -34.10 18.30 64.78
CA SER C 493 -33.77 18.43 66.20
C SER C 493 -32.64 17.46 66.54
N PHE C 494 -31.45 17.78 66.02
CA PHE C 494 -30.26 16.95 66.30
C PHE C 494 -29.89 17.08 67.77
N ARG C 495 -29.90 15.96 68.50
CA ARG C 495 -29.54 16.01 69.94
C ARG C 495 -28.54 14.89 70.24
N PRO C 496 -27.65 15.07 71.23
CA PRO C 496 -26.64 14.04 71.57
C PRO C 496 -27.25 12.71 71.92
N THR C 497 -28.41 12.69 72.56
CA THR C 497 -29.07 11.45 72.95
C THR C 497 -30.01 10.89 71.89
N TYR C 498 -30.09 11.53 70.72
CA TYR C 498 -31.01 11.09 69.68
C TYR C 498 -30.64 9.69 69.19
N GLY C 499 -31.60 9.07 68.50
CA GLY C 499 -31.38 7.75 67.95
C GLY C 499 -30.40 7.77 66.78
N VAL C 500 -29.75 6.62 66.54
CA VAL C 500 -28.77 6.50 65.47
C VAL C 500 -29.41 6.87 64.13
N GLY C 501 -30.61 6.36 63.87
CA GLY C 501 -31.31 6.70 62.65
C GLY C 501 -31.62 8.18 62.53
N HIS C 502 -31.66 8.89 63.66
CA HIS C 502 -31.85 10.33 63.68
C HIS C 502 -30.58 11.10 64.00
N GLN C 503 -29.50 10.42 64.37
CA GLN C 503 -28.25 11.10 64.63
C GLN C 503 -27.73 11.73 63.34
N PRO C 504 -27.00 12.84 63.45
CA PRO C 504 -26.57 13.57 62.25
C PRO C 504 -25.70 12.71 61.35
N TYR C 505 -25.51 13.21 60.13
CA TYR C 505 -24.77 12.47 59.10
C TYR C 505 -24.34 13.43 58.01
N ARG C 506 -23.06 13.44 57.67
CA ARG C 506 -22.54 14.33 56.64
C ARG C 506 -22.28 13.53 55.38
N VAL C 507 -22.76 14.04 54.26
CA VAL C 507 -22.72 13.32 52.98
C VAL C 507 -21.94 14.15 51.98
N VAL C 508 -20.97 13.53 51.32
CA VAL C 508 -20.19 14.14 50.26
C VAL C 508 -20.37 13.30 49.00
N VAL C 509 -20.83 13.94 47.93
CA VAL C 509 -21.13 13.26 46.67
C VAL C 509 -20.19 13.82 45.60
N LEU C 510 -19.42 12.93 44.97
CA LEU C 510 -18.45 13.31 43.96
C LEU C 510 -18.97 12.88 42.59
N SER C 511 -19.06 13.83 41.68
CA SER C 511 -19.46 13.58 40.30
C SER C 511 -18.26 13.84 39.38
N PHE C 512 -18.08 12.96 38.39
CA PHE C 512 -16.96 13.06 37.45
C PHE C 512 -17.52 13.29 36.06
N GLU C 513 -17.08 14.37 35.39
CA GLU C 513 -17.58 14.68 34.02
C GLU C 513 -16.42 15.11 33.14
N LEU C 514 -15.75 14.14 32.51
CA LEU C 514 -14.66 14.46 31.56
C LEU C 514 -15.28 14.59 30.17
N LEU C 515 -16.07 15.65 29.94
CA LEU C 515 -16.80 15.77 28.65
C LEU C 515 -16.19 16.88 27.78
N HIS C 516 -15.61 16.53 26.63
CA HIS C 516 -15.07 17.54 25.68
C HIS C 516 -14.38 18.68 26.45
N ALA C 517 -13.44 18.35 27.33
CA ALA C 517 -12.69 19.39 28.07
C ALA C 517 -11.30 18.87 28.43
N PRO C 518 -10.22 19.69 28.30
CA PRO C 518 -8.88 19.26 28.68
C PRO C 518 -8.89 18.77 30.13
N ALA C 519 -8.56 17.50 30.36
CA ALA C 519 -8.61 16.94 31.73
C ALA C 519 -7.86 17.87 32.68
N THR C 520 -8.47 18.19 33.83
CA THR C 520 -7.84 19.08 34.83
C THR C 520 -7.64 18.30 36.13
N VAL C 521 -8.14 17.07 36.18
CA VAL C 521 -8.04 16.25 37.44
C VAL C 521 -7.61 14.83 37.07
N CYS C 522 -6.40 14.44 37.46
CA CYS C 522 -5.99 13.03 37.23
C CYS C 522 -5.63 12.39 38.56
N GLY C 523 -5.31 11.09 38.58
CA GLY C 523 -4.92 10.43 39.79
C GLY C 523 -3.42 10.46 39.99
N PRO C 524 -3.00 10.55 41.24
CA PRO C 524 -1.57 10.66 41.57
C PRO C 524 -0.87 9.30 41.60
N LYS C 525 -0.68 8.71 40.42
CA LYS C 525 0.11 7.50 40.33
C LYS C 525 1.53 7.80 40.80
N LYS C 526 1.91 7.21 41.94
CA LYS C 526 3.21 7.51 42.54
C LYS C 526 4.34 7.18 41.57
N SER C 527 5.30 8.10 41.46
CA SER C 527 6.52 7.82 40.74
C SER C 527 7.12 6.52 41.23
N THR C 528 7.18 5.51 40.37
CA THR C 528 7.72 4.22 40.75
C THR C 528 9.24 4.29 40.69
N ASN C 529 9.90 3.15 40.91
CA ASN C 529 11.35 3.13 40.95
C ASN C 529 11.93 3.35 39.56
N LEU C 530 13.23 3.63 39.53
CA LEU C 530 13.98 3.76 38.29
C LEU C 530 15.18 2.82 38.36
N VAL C 531 15.29 1.95 37.36
CA VAL C 531 16.35 0.96 37.30
C VAL C 531 17.22 1.30 36.10
N LYS C 532 18.49 1.58 36.37
CA LYS C 532 19.45 1.99 35.35
C LYS C 532 20.38 0.84 35.04
N ASN C 533 20.91 0.83 33.82
CA ASN C 533 21.94 -0.10 33.37
C ASN C 533 21.48 -1.55 33.37
N LYS C 534 20.21 -1.81 33.69
CA LYS C 534 19.63 -3.14 33.55
C LYS C 534 18.41 -3.02 32.67
N CYS C 535 18.32 -3.89 31.66
CA CYS C 535 17.37 -3.71 30.58
C CYS C 535 15.95 -3.91 31.09
N VAL C 536 15.08 -2.96 30.78
CA VAL C 536 13.74 -2.93 31.36
C VAL C 536 12.72 -2.56 30.30
N ASN C 537 11.47 -2.45 30.73
CA ASN C 537 10.40 -1.83 29.96
C ASN C 537 9.98 -0.57 30.72
N PHE C 538 9.86 0.55 30.03
CA PHE C 538 9.72 1.83 30.69
C PHE C 538 8.49 2.58 30.20
N ASN C 539 8.02 3.50 31.02
CA ASN C 539 6.91 4.38 30.70
C ASN C 539 7.17 5.71 31.38
N PHE C 540 7.31 6.78 30.60
CA PHE C 540 7.73 8.08 31.09
C PHE C 540 6.75 9.13 30.59
N ASN C 541 5.71 9.38 31.40
CA ASN C 541 4.75 10.44 31.11
C ASN C 541 4.12 10.25 29.73
N GLY C 542 3.48 9.10 29.55
CA GLY C 542 2.86 8.77 28.29
C GLY C 542 3.82 8.34 27.20
N LEU C 543 5.11 8.34 27.49
CA LEU C 543 6.14 7.89 26.56
C LEU C 543 6.64 6.55 27.07
N LYS C 544 6.22 5.46 26.42
CA LYS C 544 6.46 4.11 26.91
C LYS C 544 7.06 3.23 25.81
N GLY C 545 8.39 3.17 25.76
CA GLY C 545 9.11 2.23 24.93
C GLY C 545 9.67 1.07 25.72
N THR C 546 10.63 0.39 25.10
CA THR C 546 11.37 -0.70 25.74
C THR C 546 12.86 -0.49 25.53
N GLY C 547 13.66 -0.71 26.56
CA GLY C 547 15.09 -0.57 26.46
C GLY C 547 15.71 -0.47 27.83
N VAL C 548 17.00 -0.17 27.84
CA VAL C 548 17.74 0.00 29.08
C VAL C 548 17.91 1.49 29.34
N LEU C 549 17.70 1.85 30.62
CA LEU C 549 17.84 3.27 31.02
C LEU C 549 19.31 3.52 31.40
N THR C 550 19.82 4.71 31.11
CA THR C 550 21.21 5.04 31.36
C THR C 550 21.29 6.50 31.77
N GLU C 551 22.52 6.95 32.06
CA GLU C 551 22.78 8.33 32.44
C GLU C 551 23.28 9.11 31.23
N SER C 552 22.70 10.30 31.07
CA SER C 552 23.02 11.10 29.87
C SER C 552 23.87 12.32 30.20
N ASN C 553 24.55 12.85 29.19
CA ASN C 553 25.39 14.04 29.30
C ASN C 553 25.05 15.11 28.28
N LYS C 554 24.12 14.81 27.37
CA LYS C 554 23.77 15.75 26.28
C LYS C 554 23.04 16.98 26.81
N LYS C 555 23.56 18.19 26.53
CA LYS C 555 22.87 19.41 26.91
C LYS C 555 21.41 19.36 26.46
N PHE C 556 20.51 19.59 27.40
CA PHE C 556 19.07 19.56 27.16
C PHE C 556 18.51 20.93 27.52
N LEU C 557 17.85 21.58 26.58
CA LEU C 557 17.16 22.82 26.92
C LEU C 557 16.05 22.53 27.92
N PRO C 558 15.82 23.41 28.90
CA PRO C 558 14.94 23.08 30.02
C PRO C 558 13.53 22.70 29.61
N PHE C 559 12.95 23.40 28.64
CA PHE C 559 11.59 23.08 28.23
C PHE C 559 11.52 21.81 27.40
N GLN C 560 12.63 21.42 26.77
CA GLN C 560 12.64 20.19 25.99
C GLN C 560 12.38 18.99 26.89
N GLN C 561 11.62 18.03 26.37
CA GLN C 561 11.33 16.81 27.10
C GLN C 561 12.01 15.58 26.50
N PHE C 562 11.71 15.26 25.25
CA PHE C 562 12.21 14.05 24.62
C PHE C 562 13.53 14.36 23.92
N GLY C 563 14.07 13.35 23.26
CA GLY C 563 15.17 13.55 22.35
C GLY C 563 15.06 12.54 21.24
N ARG C 564 15.00 13.00 20.00
CA ARG C 564 14.79 12.13 18.86
C ARG C 564 16.07 12.07 18.03
N ASP C 565 16.42 10.87 17.61
CA ASP C 565 17.56 10.66 16.73
C ASP C 565 17.08 10.78 15.29
N ILE C 566 17.89 10.29 14.35
CA ILE C 566 17.58 10.42 12.92
C ILE C 566 16.18 9.90 12.63
N ALA C 567 15.96 8.61 12.87
CA ALA C 567 14.72 7.96 12.45
C ALA C 567 13.66 8.07 13.54
N ASP C 568 13.42 9.31 13.97
CA ASP C 568 12.50 9.71 15.04
C ASP C 568 12.45 8.68 16.16
N THR C 569 13.63 8.21 16.59
CA THR C 569 13.73 7.25 17.67
C THR C 569 13.86 8.01 18.98
N THR C 570 13.08 7.61 19.98
CA THR C 570 13.17 8.26 21.32
C THR C 570 14.55 7.97 21.91
N ASP C 571 15.49 8.93 21.81
CA ASP C 571 16.87 8.70 22.29
C ASP C 571 17.01 9.19 23.74
N ALA C 572 16.57 10.41 24.04
CA ALA C 572 16.78 10.95 25.40
C ALA C 572 15.44 11.27 26.05
N VAL C 573 15.32 11.00 27.36
CA VAL C 573 14.03 11.26 28.07
C VAL C 573 14.32 11.99 29.39
N ARG C 574 13.60 13.08 29.65
CA ARG C 574 13.76 13.82 30.89
C ARG C 574 13.14 13.03 32.03
N ASP C 575 13.91 12.80 33.08
CA ASP C 575 13.37 12.17 34.28
C ASP C 575 12.21 13.03 34.77
N PRO C 576 11.02 12.47 34.94
CA PRO C 576 9.87 13.32 35.24
C PRO C 576 9.99 14.10 36.54
N GLN C 577 10.52 13.50 37.61
CA GLN C 577 10.64 14.25 38.86
C GLN C 577 11.86 15.16 38.84
N THR C 578 13.05 14.58 38.83
CA THR C 578 14.28 15.36 38.74
C THR C 578 14.53 15.74 37.29
N LEU C 579 14.82 17.01 37.06
CA LEU C 579 15.06 17.46 35.68
C LEU C 579 16.44 17.01 35.21
N GLU C 580 16.65 15.70 35.17
CA GLU C 580 17.82 15.10 34.56
C GLU C 580 17.42 14.32 33.33
N ILE C 581 18.40 13.78 32.62
CA ILE C 581 18.20 13.17 31.32
C ILE C 581 18.71 11.74 31.36
N LEU C 582 17.95 10.83 30.75
CA LEU C 582 18.27 9.40 30.68
C LEU C 582 18.34 9.00 29.22
N ASP C 583 19.52 8.63 28.76
CA ASP C 583 19.66 8.09 27.41
C ASP C 583 18.98 6.73 27.32
N ILE C 584 18.51 6.39 26.12
CA ILE C 584 17.90 5.10 25.85
C ILE C 584 18.65 4.52 24.65
N THR C 585 19.72 3.79 24.92
CA THR C 585 20.42 3.03 23.91
C THR C 585 20.19 1.56 24.25
N PRO C 586 19.67 0.75 23.34
CA PRO C 586 19.30 -0.63 23.69
C PRO C 586 20.43 -1.35 24.39
N CYS C 587 20.10 -2.09 25.46
CA CYS C 587 21.12 -2.76 26.26
C CYS C 587 22.08 -3.53 25.36
N SER C 588 23.37 -3.33 25.61
CA SER C 588 24.44 -3.55 24.64
C SER C 588 24.22 -4.78 23.78
N PHE C 589 24.36 -4.58 22.47
CA PHE C 589 24.17 -5.71 21.55
C PHE C 589 25.11 -5.53 20.37
N GLY C 590 25.40 -6.62 19.69
CA GLY C 590 26.31 -6.64 18.57
C GLY C 590 26.23 -7.96 17.85
N GLY C 591 26.05 -7.92 16.53
CA GLY C 591 25.77 -9.11 15.74
C GLY C 591 26.57 -10.33 16.12
N VAL C 592 25.88 -11.46 16.30
CA VAL C 592 26.54 -12.69 16.71
C VAL C 592 26.83 -13.51 15.46
N SER C 593 28.10 -13.86 15.27
CA SER C 593 28.50 -14.74 14.19
C SER C 593 29.37 -15.85 14.76
N VAL C 594 29.20 -17.03 14.17
CA VAL C 594 29.93 -18.22 14.68
C VAL C 594 30.87 -18.73 13.60
N ILE C 595 32.03 -19.20 14.02
CA ILE C 595 33.04 -19.77 13.12
C ILE C 595 33.25 -21.22 13.50
N THR C 596 32.99 -22.12 12.57
CA THR C 596 33.11 -23.55 12.88
C THR C 596 33.67 -24.28 11.67
N PRO C 597 34.45 -25.34 11.90
CA PRO C 597 34.72 -26.28 10.82
C PRO C 597 33.47 -27.11 10.57
N GLY C 598 33.55 -28.10 9.68
CA GLY C 598 32.39 -28.91 9.39
C GLY C 598 31.91 -29.67 10.60
N THR C 599 30.59 -29.85 10.69
CA THR C 599 30.00 -30.67 11.74
C THR C 599 30.67 -32.03 11.81
N ASN C 600 30.89 -32.65 10.66
CA ASN C 600 31.61 -33.91 10.63
C ASN C 600 33.02 -33.76 11.18
N THR C 601 33.72 -32.70 10.77
CA THR C 601 35.10 -32.52 11.22
C THR C 601 35.16 -32.32 12.73
N SER C 602 34.26 -31.50 13.27
CA SER C 602 34.30 -31.20 14.70
C SER C 602 32.99 -30.56 15.13
N ASN C 603 32.85 -30.37 16.45
CA ASN C 603 31.71 -29.71 17.03
C ASN C 603 32.06 -28.50 17.88
N GLN C 604 33.34 -28.29 18.19
CA GLN C 604 33.77 -27.11 18.91
C GLN C 604 33.82 -25.90 17.97
N VAL C 605 33.45 -24.73 18.49
CA VAL C 605 33.27 -23.54 17.67
C VAL C 605 33.89 -22.32 18.33
N ALA C 606 34.04 -21.27 17.54
CA ALA C 606 34.38 -19.94 18.01
C ALA C 606 33.16 -19.03 17.86
N VAL C 607 33.25 -17.83 18.42
CA VAL C 607 32.18 -16.85 18.29
C VAL C 607 32.79 -15.47 18.12
N LEU C 608 32.42 -14.79 17.06
CA LEU C 608 32.84 -13.41 16.84
C LEU C 608 31.73 -12.47 17.26
N TYR C 609 32.07 -11.48 18.08
CA TYR C 609 31.15 -10.42 18.46
C TYR C 609 31.49 -9.18 17.64
N GLN C 610 30.51 -8.65 16.92
CA GLN C 610 30.76 -7.63 15.93
C GLN C 610 30.90 -6.25 16.58
N GLY C 611 32.09 -5.66 16.45
CA GLY C 611 32.31 -4.28 16.82
C GLY C 611 32.06 -3.95 18.28
N VAL C 612 32.63 -4.73 19.19
CA VAL C 612 32.51 -4.49 20.62
C VAL C 612 33.89 -4.56 21.25
N ASN C 613 34.14 -3.68 22.23
CA ASN C 613 35.47 -3.52 22.80
C ASN C 613 35.89 -4.73 23.63
N CYS C 614 34.98 -5.70 23.78
CA CYS C 614 35.17 -6.97 24.48
C CYS C 614 35.17 -6.84 26.00
N THR C 615 35.09 -5.63 26.54
CA THR C 615 34.82 -5.45 27.96
C THR C 615 33.33 -5.33 28.23
N GLU C 616 32.53 -5.12 27.19
CA GLU C 616 31.08 -5.06 27.30
C GLU C 616 30.41 -6.37 26.91
N VAL C 617 31.13 -7.24 26.20
CA VAL C 617 30.62 -8.58 25.96
C VAL C 617 30.36 -9.32 27.26
N PRO C 618 31.29 -9.37 28.22
CA PRO C 618 30.94 -9.94 29.53
C PRO C 618 29.88 -9.14 30.25
N VAL C 619 29.69 -7.86 29.91
CA VAL C 619 28.60 -7.11 30.49
C VAL C 619 27.26 -7.65 30.02
N ALA C 620 27.15 -7.91 28.73
CA ALA C 620 25.91 -8.44 28.14
C ALA C 620 26.00 -9.95 28.10
N ILE C 621 25.56 -10.60 29.17
CA ILE C 621 25.65 -12.06 29.31
C ILE C 621 24.26 -12.68 29.24
N HIS C 622 24.25 -14.00 29.05
CA HIS C 622 23.01 -14.78 29.05
C HIS C 622 22.45 -14.95 30.46
N ALA C 623 23.33 -15.17 31.44
CA ALA C 623 22.88 -15.41 32.81
C ALA C 623 22.07 -14.25 33.35
N ASP C 624 22.55 -13.03 33.12
CA ASP C 624 21.81 -11.85 33.53
C ASP C 624 20.79 -11.48 32.47
N THR C 629 23.78 -21.25 29.48
CA THR C 629 25.01 -21.14 30.27
C THR C 629 26.23 -21.30 29.38
N TRP C 630 26.13 -20.84 28.14
CA TRP C 630 27.27 -20.83 27.22
C TRP C 630 28.05 -19.53 27.38
N ARG C 631 28.61 -19.35 28.58
CA ARG C 631 29.40 -18.12 28.86
C ARG C 631 30.90 -18.43 28.70
N VAL C 632 31.27 -19.70 28.48
CA VAL C 632 32.67 -19.99 28.23
C VAL C 632 33.17 -19.16 27.06
N TYR C 633 32.28 -18.81 26.15
CA TYR C 633 32.60 -17.84 25.10
C TYR C 633 32.33 -16.41 25.55
N SER C 634 31.50 -16.20 26.56
CA SER C 634 31.28 -14.84 27.04
C SER C 634 32.47 -14.33 27.86
N THR C 635 33.05 -15.19 28.68
CA THR C 635 34.15 -14.80 29.54
C THR C 635 35.47 -14.97 28.80
N GLY C 636 36.56 -14.63 29.49
CA GLY C 636 37.86 -14.66 28.85
C GLY C 636 38.74 -15.83 29.19
N SER C 637 38.79 -16.83 28.29
CA SER C 637 39.83 -17.84 28.31
C SER C 637 40.87 -17.54 27.24
N ASN C 638 40.43 -17.43 25.99
CA ASN C 638 41.19 -16.79 24.93
C ASN C 638 40.33 -15.64 24.42
N VAL C 639 40.83 -14.43 24.57
CA VAL C 639 40.10 -13.25 24.12
C VAL C 639 41.03 -12.46 23.21
N PHE C 640 40.63 -12.30 21.96
CA PHE C 640 41.40 -11.57 20.98
C PHE C 640 40.53 -10.47 20.40
N GLN C 641 41.06 -9.26 20.35
CA GLN C 641 40.33 -8.07 19.93
C GLN C 641 40.86 -7.59 18.58
N THR C 642 39.95 -7.21 17.68
CA THR C 642 40.34 -6.68 16.39
C THR C 642 39.22 -5.78 15.84
N ARG C 643 39.48 -5.18 14.68
CA ARG C 643 38.58 -4.15 14.17
C ARG C 643 37.17 -4.68 13.92
N ALA C 644 37.06 -5.89 13.37
CA ALA C 644 35.74 -6.47 13.17
C ALA C 644 35.03 -6.72 14.49
N GLY C 645 35.80 -6.88 15.56
CA GLY C 645 35.25 -7.20 16.86
C GLY C 645 36.24 -8.07 17.61
N CYS C 646 35.74 -8.79 18.60
CA CYS C 646 36.56 -9.73 19.34
C CYS C 646 35.93 -11.12 19.28
N LEU C 647 36.74 -12.11 18.91
CA LEU C 647 36.28 -13.49 18.80
C LEU C 647 36.84 -14.30 19.95
N ILE C 648 35.97 -15.03 20.62
CA ILE C 648 36.34 -15.82 21.78
C ILE C 648 36.44 -17.27 21.34
N GLY C 649 37.08 -18.08 22.19
CA GLY C 649 37.24 -19.48 21.86
C GLY C 649 38.03 -19.67 20.59
N ALA C 650 39.11 -18.91 20.44
CA ALA C 650 39.95 -19.02 19.27
C ALA C 650 41.35 -18.55 19.64
N GLU C 651 42.36 -19.34 19.29
CA GLU C 651 43.74 -19.05 19.64
C GLU C 651 44.35 -18.17 18.57
N TYR C 652 44.58 -16.91 18.90
CA TYR C 652 45.34 -16.07 18.00
C TYR C 652 46.78 -16.54 17.94
N VAL C 653 47.27 -16.73 16.72
CA VAL C 653 48.59 -17.29 16.47
C VAL C 653 49.38 -16.31 15.63
N ASN C 654 50.61 -16.04 16.05
CA ASN C 654 51.46 -15.10 15.31
C ASN C 654 51.74 -15.60 13.91
N ASN C 655 51.97 -16.91 13.76
CA ASN C 655 52.26 -17.49 12.46
C ASN C 655 51.11 -17.23 11.48
N SER C 656 51.44 -17.07 10.21
CA SER C 656 50.47 -16.77 9.17
C SER C 656 50.44 -17.89 8.13
N TYR C 657 49.25 -18.38 7.82
CA TYR C 657 48.98 -19.25 6.68
C TYR C 657 47.96 -18.56 5.77
N GLU C 658 47.46 -19.30 4.78
CA GLU C 658 46.46 -18.76 3.86
C GLU C 658 45.12 -18.63 4.59
N CYS C 659 44.09 -18.21 3.87
CA CYS C 659 42.77 -17.98 4.44
C CYS C 659 41.92 -19.23 4.34
N ASP C 660 41.24 -19.58 5.43
CA ASP C 660 40.29 -20.69 5.44
C ASP C 660 38.87 -20.25 5.72
N ILE C 661 38.64 -19.52 6.80
CA ILE C 661 37.35 -18.97 7.13
C ILE C 661 37.50 -17.46 7.30
N PRO C 662 37.13 -16.68 6.30
CA PRO C 662 37.34 -15.23 6.39
C PRO C 662 36.62 -14.64 7.58
N ILE C 663 37.28 -13.69 8.25
CA ILE C 663 36.79 -13.06 9.45
C ILE C 663 36.58 -11.57 9.25
N GLY C 664 37.57 -10.88 8.71
CA GLY C 664 37.48 -9.44 8.49
C GLY C 664 38.74 -8.75 8.95
N ALA C 665 39.05 -7.63 8.28
CA ALA C 665 40.23 -6.84 8.58
C ALA C 665 41.51 -7.67 8.54
N GLY C 666 41.60 -8.57 7.56
CA GLY C 666 42.81 -9.33 7.32
C GLY C 666 42.95 -10.60 8.12
N ILE C 667 42.00 -10.91 8.97
CA ILE C 667 42.08 -12.08 9.84
C ILE C 667 41.22 -13.19 9.25
N CYS C 668 41.69 -14.43 9.34
CA CYS C 668 40.82 -15.56 9.00
C CYS C 668 41.26 -16.79 9.78
N ALA C 669 40.27 -17.52 10.29
CA ALA C 669 40.48 -18.61 11.23
C ALA C 669 40.80 -19.90 10.49
N SER C 670 40.97 -20.98 11.24
CA SER C 670 41.24 -22.31 10.71
C SER C 670 41.20 -23.31 11.85
N TYR C 671 41.14 -24.59 11.50
CA TYR C 671 40.97 -25.67 12.47
C TYR C 671 42.19 -26.58 12.37
N GLN C 672 43.15 -26.37 13.25
CA GLN C 672 44.43 -27.06 13.20
C GLN C 672 44.65 -27.83 14.51
N THR C 673 45.76 -28.56 14.56
CA THR C 673 46.13 -29.31 15.75
C THR C 673 46.88 -28.42 16.74
N SER C 686 45.38 -32.84 20.47
CA SER C 686 45.55 -31.42 20.80
C SER C 686 44.96 -30.54 19.71
N GLN C 687 43.73 -30.82 19.34
CA GLN C 687 43.09 -30.11 18.24
C GLN C 687 42.50 -28.79 18.73
N SER C 688 42.85 -27.71 18.04
CA SER C 688 42.39 -26.37 18.39
C SER C 688 41.75 -25.72 17.17
N ILE C 689 41.34 -24.47 17.35
CA ILE C 689 40.74 -23.68 16.27
C ILE C 689 41.43 -22.31 16.32
N ILE C 690 42.38 -22.09 15.43
CA ILE C 690 43.24 -20.91 15.46
C ILE C 690 42.70 -19.85 14.53
N ALA C 691 42.87 -18.59 14.93
CA ALA C 691 42.59 -17.44 14.09
C ALA C 691 43.87 -16.64 13.93
N TYR C 692 44.27 -16.42 12.70
CA TYR C 692 45.56 -15.72 12.46
C TYR C 692 45.40 -14.69 11.36
N THR C 693 46.50 -14.04 11.00
CA THR C 693 46.52 -13.01 9.97
C THR C 693 46.78 -13.64 8.61
N MET C 694 46.10 -13.09 7.60
CA MET C 694 46.22 -13.62 6.22
C MET C 694 47.61 -13.37 5.63
N SER C 695 48.19 -14.38 4.99
CA SER C 695 49.48 -14.26 4.33
C SER C 695 49.21 -14.02 2.85
N LEU C 696 49.59 -12.84 2.37
CA LEU C 696 49.40 -12.55 0.95
C LEU C 696 50.18 -13.53 0.09
N GLY C 697 51.37 -13.90 0.54
CA GLY C 697 52.19 -14.83 -0.18
C GLY C 697 53.62 -14.74 0.29
N ALA C 698 54.41 -15.70 -0.18
CA ALA C 698 55.84 -15.70 0.15
C ALA C 698 56.48 -14.43 -0.38
N GLU C 699 57.19 -13.73 0.51
CA GLU C 699 57.89 -12.49 0.10
C GLU C 699 59.00 -12.85 -0.88
N ASN C 700 59.28 -11.96 -1.83
CA ASN C 700 60.30 -12.19 -2.83
C ASN C 700 60.95 -10.86 -3.16
N SER C 701 62.19 -10.93 -3.62
CA SER C 701 62.98 -9.74 -3.94
C SER C 701 63.51 -9.90 -5.36
N VAL C 702 62.72 -9.48 -6.35
CA VAL C 702 63.19 -9.48 -7.73
C VAL C 702 64.38 -8.55 -7.85
N ALA C 703 65.35 -8.96 -8.65
CA ALA C 703 66.62 -8.26 -8.75
C ALA C 703 66.65 -7.42 -10.01
N TYR C 704 66.76 -6.10 -9.83
CA TYR C 704 66.99 -5.20 -10.95
C TYR C 704 68.48 -5.02 -11.18
N SER C 705 68.86 -4.89 -12.44
CA SER C 705 70.24 -4.56 -12.78
C SER C 705 70.26 -4.10 -14.23
N ASN C 706 70.74 -2.91 -14.48
CA ASN C 706 70.58 -2.30 -15.80
C ASN C 706 71.39 -2.94 -16.85
N ASN C 707 72.06 -4.07 -16.63
CA ASN C 707 72.64 -4.86 -17.70
C ASN C 707 72.41 -6.33 -17.40
N SER C 708 71.19 -6.68 -17.03
CA SER C 708 70.87 -8.05 -16.65
C SER C 708 69.50 -8.40 -17.17
N ILE C 709 69.44 -9.37 -18.08
CA ILE C 709 68.19 -9.86 -18.64
C ILE C 709 68.14 -11.36 -18.44
N ALA C 710 66.96 -11.88 -18.08
CA ALA C 710 66.78 -13.30 -17.80
C ALA C 710 65.93 -13.89 -18.93
N ILE C 711 66.59 -14.60 -19.84
CA ILE C 711 65.94 -15.18 -21.01
C ILE C 711 65.69 -16.66 -20.74
N PRO C 712 64.44 -17.12 -20.75
CA PRO C 712 64.18 -18.54 -20.48
C PRO C 712 64.75 -19.44 -21.56
N THR C 713 65.11 -20.65 -21.16
CA THR C 713 65.70 -21.61 -22.07
C THR C 713 64.87 -22.86 -22.28
N ASN C 714 63.70 -22.96 -21.66
CA ASN C 714 62.85 -24.14 -21.80
C ASN C 714 61.42 -23.77 -21.43
N PHE C 715 60.47 -24.33 -22.16
CA PHE C 715 59.06 -24.03 -21.98
C PHE C 715 58.35 -25.19 -21.32
N THR C 716 57.02 -25.08 -21.23
CA THR C 716 56.20 -26.19 -20.65
C THR C 716 54.73 -25.96 -20.99
N ILE C 717 54.19 -26.68 -21.98
CA ILE C 717 52.78 -26.55 -22.31
C ILE C 717 51.96 -26.91 -21.09
N SER C 718 50.76 -26.34 -21.00
CA SER C 718 49.92 -26.60 -19.84
C SER C 718 48.48 -26.31 -20.21
N VAL C 719 47.61 -27.30 -20.01
CA VAL C 719 46.19 -27.18 -20.32
C VAL C 719 45.44 -26.94 -19.03
N THR C 720 44.70 -25.84 -18.98
CA THR C 720 44.01 -25.43 -17.76
C THR C 720 42.55 -25.11 -18.09
N THR C 721 41.63 -25.69 -17.35
CA THR C 721 40.23 -25.55 -17.67
C THR C 721 39.71 -24.18 -17.27
N GLU C 722 38.45 -23.91 -17.63
CA GLU C 722 37.80 -22.62 -17.27
C GLU C 722 36.28 -22.77 -17.44
N ILE C 723 35.60 -23.09 -16.33
CA ILE C 723 34.13 -23.33 -16.36
C ILE C 723 33.38 -22.01 -16.56
N LEU C 724 32.17 -22.08 -17.10
CA LEU C 724 31.33 -20.91 -17.35
C LEU C 724 29.86 -21.32 -17.43
N PRO C 725 28.97 -20.70 -16.67
CA PRO C 725 27.55 -20.92 -16.88
C PRO C 725 27.08 -20.25 -18.15
N VAL C 726 26.07 -20.86 -18.78
CA VAL C 726 25.55 -20.36 -20.04
C VAL C 726 24.04 -20.21 -19.99
N SER C 727 23.34 -21.22 -19.49
CA SER C 727 21.89 -21.17 -19.46
C SER C 727 21.38 -21.72 -18.15
N MET C 728 20.39 -21.06 -17.59
CA MET C 728 19.73 -21.53 -16.39
C MET C 728 18.52 -22.36 -16.79
N THR C 729 17.72 -22.75 -15.82
CA THR C 729 16.60 -23.65 -16.09
C THR C 729 15.34 -22.85 -16.35
N LYS C 730 14.63 -23.23 -17.41
CA LYS C 730 13.47 -22.47 -17.89
C LYS C 730 12.28 -22.83 -17.03
N THR C 731 11.97 -22.00 -16.04
CA THR C 731 10.79 -22.25 -15.24
C THR C 731 9.58 -21.58 -15.86
N SER C 732 8.40 -21.94 -15.36
CA SER C 732 7.17 -21.29 -15.77
C SER C 732 6.12 -21.58 -14.70
N VAL C 733 5.50 -20.53 -14.19
CA VAL C 733 4.67 -20.60 -13.00
C VAL C 733 3.21 -20.42 -13.39
N ASP C 734 2.35 -21.26 -12.83
CA ASP C 734 0.92 -21.14 -13.04
C ASP C 734 0.34 -20.18 -12.01
N CYS C 735 -0.01 -18.98 -12.45
CA CYS C 735 -0.52 -17.94 -11.56
C CYS C 735 -1.55 -18.47 -10.59
N THR C 736 -2.63 -19.02 -11.13
CA THR C 736 -3.84 -19.22 -10.35
C THR C 736 -3.94 -20.62 -9.75
N MET C 737 -2.93 -21.46 -9.91
CA MET C 737 -2.84 -22.67 -9.10
C MET C 737 -1.90 -22.51 -7.93
N TYR C 738 -0.90 -21.63 -8.05
CA TYR C 738 -0.12 -21.24 -6.89
C TYR C 738 -0.90 -20.27 -6.01
N ILE C 739 -1.27 -19.13 -6.57
CA ILE C 739 -1.92 -18.07 -5.78
C ILE C 739 -3.23 -18.57 -5.21
N CYS C 740 -3.96 -19.36 -5.99
CA CYS C 740 -5.36 -19.65 -5.72
C CYS C 740 -5.52 -21.16 -5.71
N GLY C 741 -5.27 -21.78 -4.55
CA GLY C 741 -5.21 -23.23 -4.50
C GLY C 741 -6.53 -23.88 -4.84
N ASP C 742 -6.62 -24.42 -6.06
CA ASP C 742 -7.72 -25.25 -6.57
C ASP C 742 -9.09 -24.82 -6.04
N SER C 743 -9.38 -23.54 -6.05
CA SER C 743 -10.64 -23.00 -5.54
C SER C 743 -11.34 -22.26 -6.66
N THR C 744 -12.58 -21.86 -6.39
CA THR C 744 -13.43 -21.23 -7.40
C THR C 744 -13.74 -19.78 -7.06
N GLU C 745 -14.18 -19.51 -5.84
CA GLU C 745 -14.46 -18.13 -5.45
C GLU C 745 -13.20 -17.29 -5.50
N CYS C 746 -12.08 -17.85 -5.00
CA CYS C 746 -10.83 -17.12 -4.97
C CYS C 746 -10.40 -16.70 -6.38
N SER C 747 -10.56 -17.59 -7.36
CA SER C 747 -10.17 -17.24 -8.72
C SER C 747 -11.00 -16.08 -9.25
N ASN C 748 -12.30 -16.08 -8.96
CA ASN C 748 -13.13 -14.95 -9.36
C ASN C 748 -12.65 -13.66 -8.72
N LEU C 749 -12.32 -13.71 -7.42
CA LEU C 749 -11.78 -12.53 -6.76
C LEU C 749 -10.45 -12.10 -7.37
N LEU C 750 -9.66 -13.06 -7.83
CA LEU C 750 -8.41 -12.73 -8.50
C LEU C 750 -8.66 -12.04 -9.83
N LEU C 751 -9.76 -12.39 -10.49
CA LEU C 751 -10.05 -11.85 -11.80
C LEU C 751 -10.19 -10.32 -11.82
N GLN C 752 -10.14 -9.66 -10.66
CA GLN C 752 -10.27 -8.21 -10.59
C GLN C 752 -9.01 -7.54 -10.06
N TYR C 753 -7.86 -8.20 -10.18
CA TYR C 753 -6.59 -7.63 -9.74
C TYR C 753 -5.74 -7.13 -10.90
N GLY C 754 -6.35 -6.84 -12.04
CA GLY C 754 -5.59 -6.29 -13.14
C GLY C 754 -4.73 -7.33 -13.84
N SER C 755 -3.68 -6.83 -14.48
CA SER C 755 -2.84 -7.64 -15.36
C SER C 755 -1.52 -8.00 -14.71
N PHE C 756 -1.51 -8.29 -13.42
CA PHE C 756 -0.28 -8.75 -12.77
C PHE C 756 0.11 -10.13 -13.29
N CYS C 757 -0.87 -11.04 -13.40
CA CYS C 757 -0.55 -12.40 -13.74
C CYS C 757 -0.10 -12.56 -15.19
N THR C 758 -0.75 -11.90 -16.14
CA THR C 758 -0.30 -12.03 -17.52
C THR C 758 1.06 -11.38 -17.70
N GLN C 759 1.33 -10.30 -16.96
CA GLN C 759 2.66 -9.70 -17.01
C GLN C 759 3.72 -10.66 -16.47
N LEU C 760 3.42 -11.35 -15.36
CA LEU C 760 4.36 -12.32 -14.82
C LEU C 760 4.64 -13.42 -15.83
N LYS C 761 3.59 -13.97 -16.43
CA LYS C 761 3.77 -15.01 -17.44
C LYS C 761 4.61 -14.50 -18.61
N ARG C 762 4.33 -13.28 -19.06
CA ARG C 762 5.07 -12.72 -20.18
C ARG C 762 6.56 -12.57 -19.85
N ALA C 763 6.87 -12.10 -18.64
CA ALA C 763 8.26 -11.97 -18.25
C ALA C 763 8.97 -13.31 -18.21
N LEU C 764 8.32 -14.32 -17.63
CA LEU C 764 8.96 -15.63 -17.54
C LEU C 764 9.17 -16.23 -18.93
N THR C 765 8.21 -16.00 -19.84
CA THR C 765 8.39 -16.46 -21.21
C THR C 765 9.57 -15.77 -21.87
N GLY C 766 9.71 -14.46 -21.63
CA GLY C 766 10.88 -13.76 -22.13
C GLY C 766 12.17 -14.37 -21.62
N ILE C 767 12.18 -14.71 -20.32
CA ILE C 767 13.40 -15.33 -19.72
C ILE C 767 13.68 -16.66 -20.43
N ALA C 768 12.65 -17.49 -20.63
CA ALA C 768 12.85 -18.82 -21.23
C ALA C 768 13.40 -18.72 -22.64
N VAL C 769 12.77 -17.90 -23.49
CA VAL C 769 13.26 -17.72 -24.84
C VAL C 769 14.68 -17.16 -24.82
N GLU C 770 14.95 -16.27 -23.88
CA GLU C 770 16.31 -15.74 -23.73
C GLU C 770 17.31 -16.86 -23.44
N GLN C 771 16.91 -17.84 -22.62
CA GLN C 771 17.81 -18.94 -22.29
C GLN C 771 18.12 -19.77 -23.52
N ASP C 772 17.09 -20.08 -24.30
CA ASP C 772 17.33 -20.81 -25.54
C ASP C 772 18.22 -20.02 -26.48
N LYS C 773 18.02 -18.70 -26.51
CA LYS C 773 18.89 -17.85 -27.36
C LYS C 773 20.33 -17.98 -26.87
N ASN C 774 20.54 -17.87 -25.56
CA ASN C 774 21.90 -17.96 -25.01
C ASN C 774 22.58 -19.23 -25.47
N THR C 775 21.91 -20.36 -25.29
CA THR C 775 22.53 -21.62 -25.67
C THR C 775 22.82 -21.64 -27.17
N GLN C 776 21.86 -21.19 -27.98
CA GLN C 776 22.02 -21.29 -29.43
C GLN C 776 23.12 -20.38 -29.93
N GLU C 777 23.28 -19.20 -29.33
CA GLU C 777 24.33 -18.29 -29.77
C GLU C 777 25.69 -18.65 -29.23
N VAL C 778 25.76 -19.39 -28.12
CA VAL C 778 27.05 -19.83 -27.63
C VAL C 778 27.57 -21.00 -28.45
N PHE C 779 26.74 -22.02 -28.64
CA PHE C 779 27.23 -23.23 -29.30
C PHE C 779 27.06 -23.19 -30.80
N ALA C 780 25.86 -22.90 -31.29
CA ALA C 780 25.53 -23.14 -32.68
C ALA C 780 26.06 -22.04 -33.60
N GLN C 781 27.34 -21.70 -33.45
CA GLN C 781 27.92 -20.72 -34.37
C GLN C 781 28.25 -21.35 -35.71
N VAL C 782 28.58 -22.64 -35.72
CA VAL C 782 28.97 -23.34 -36.93
C VAL C 782 27.73 -23.65 -37.75
N LYS C 783 27.76 -23.30 -39.04
CA LYS C 783 26.59 -23.47 -39.88
C LYS C 783 26.40 -24.93 -40.28
N GLN C 784 27.49 -25.65 -40.54
CA GLN C 784 27.44 -26.99 -41.11
C GLN C 784 28.21 -27.95 -40.21
N ILE C 785 27.54 -29.01 -39.78
CA ILE C 785 28.11 -29.94 -38.79
C ILE C 785 29.21 -30.75 -39.48
N TYR C 786 30.46 -30.42 -39.22
CA TYR C 786 31.56 -31.25 -39.66
C TYR C 786 31.66 -32.47 -38.76
N LYS C 787 32.52 -33.41 -39.15
CA LYS C 787 32.78 -34.56 -38.31
C LYS C 787 34.22 -34.97 -38.51
N THR C 788 34.78 -35.59 -37.48
CA THR C 788 36.20 -35.90 -37.48
C THR C 788 36.51 -36.95 -38.54
N PRO C 789 37.70 -36.88 -39.14
CA PRO C 789 38.14 -37.91 -40.07
C PRO C 789 38.38 -39.22 -39.34
N PRO C 790 38.28 -40.35 -40.04
CA PRO C 790 38.51 -41.65 -39.38
C PRO C 790 39.86 -41.76 -38.67
N ILE C 791 40.94 -41.49 -39.39
CA ILE C 791 42.27 -41.58 -38.78
C ILE C 791 42.38 -40.56 -37.65
N LYS C 792 43.20 -40.88 -36.65
CA LYS C 792 43.34 -39.96 -35.47
C LYS C 792 44.83 -39.70 -35.21
N TYR C 793 45.66 -39.77 -36.25
CA TYR C 793 47.09 -39.50 -36.10
C TYR C 793 47.35 -38.04 -36.46
N PHE C 794 47.30 -37.18 -35.45
CA PHE C 794 47.58 -35.76 -35.62
C PHE C 794 48.99 -35.45 -35.15
N GLY C 795 49.96 -35.94 -35.91
CA GLY C 795 51.36 -35.61 -35.68
C GLY C 795 51.93 -36.10 -34.38
N GLY C 796 51.13 -36.80 -33.57
CA GLY C 796 51.55 -37.30 -32.28
C GLY C 796 50.64 -36.87 -31.14
N PHE C 797 49.96 -35.74 -31.31
CA PHE C 797 49.03 -35.27 -30.29
C PHE C 797 47.88 -36.26 -30.16
N ASN C 798 47.45 -36.50 -28.93
CA ASN C 798 46.46 -37.53 -28.63
C ASN C 798 45.17 -36.83 -28.20
N PHE C 799 44.14 -36.91 -29.03
CA PHE C 799 42.87 -36.25 -28.75
C PHE C 799 41.80 -37.21 -28.25
N SER C 800 42.14 -38.47 -27.98
CA SER C 800 41.12 -39.46 -27.65
C SER C 800 40.26 -39.05 -26.47
N GLN C 801 40.81 -38.21 -25.59
CA GLN C 801 40.06 -37.78 -24.43
C GLN C 801 38.99 -36.76 -24.76
N ILE C 802 39.16 -35.99 -25.84
CA ILE C 802 38.22 -34.94 -26.17
C ILE C 802 37.37 -35.27 -27.40
N LEU C 803 37.92 -35.98 -28.39
CA LEU C 803 37.13 -36.36 -29.53
C LEU C 803 36.07 -37.40 -29.12
N PRO C 804 34.97 -37.49 -29.87
CA PRO C 804 33.85 -38.35 -29.43
C PRO C 804 34.27 -39.80 -29.27
N ASP C 805 33.39 -40.55 -28.60
CA ASP C 805 33.59 -41.97 -28.34
C ASP C 805 32.49 -42.77 -29.02
N PRO C 806 32.81 -43.62 -29.99
CA PRO C 806 31.75 -44.39 -30.66
C PRO C 806 31.17 -45.51 -29.81
N SER C 807 31.90 -46.00 -28.81
CA SER C 807 31.44 -47.14 -28.02
C SER C 807 30.19 -46.79 -27.22
N LYS C 808 30.26 -45.69 -26.46
CA LYS C 808 29.13 -45.33 -25.57
C LYS C 808 27.88 -45.03 -26.40
N PRO C 809 26.67 -45.27 -25.82
CA PRO C 809 25.41 -44.92 -26.48
C PRO C 809 25.17 -43.43 -26.42
N SER C 810 25.75 -42.80 -25.40
CA SER C 810 25.78 -41.35 -25.29
C SER C 810 27.03 -40.90 -26.03
N LYS C 811 26.85 -40.34 -27.21
CA LYS C 811 28.00 -40.07 -28.07
C LYS C 811 28.80 -38.88 -27.56
N ARG C 812 29.43 -39.03 -26.39
CA ARG C 812 30.20 -37.97 -25.76
C ARG C 812 31.59 -38.48 -25.47
N SER C 813 32.56 -37.57 -25.50
CA SER C 813 33.92 -37.92 -25.16
C SER C 813 34.03 -38.18 -23.67
N PRO C 814 35.05 -38.93 -23.24
CA PRO C 814 35.13 -39.30 -21.81
C PRO C 814 35.15 -38.12 -20.86
N ILE C 815 35.84 -37.03 -21.20
CA ILE C 815 35.86 -35.87 -20.30
C ILE C 815 34.47 -35.30 -20.14
N GLU C 816 33.71 -35.20 -21.23
CA GLU C 816 32.34 -34.74 -21.13
C GLU C 816 31.53 -35.65 -20.24
N ASP C 817 31.78 -36.97 -20.31
CA ASP C 817 31.08 -37.90 -19.44
C ASP C 817 31.42 -37.65 -17.97
N LEU C 818 32.70 -37.42 -17.69
CA LEU C 818 33.16 -37.18 -16.29
C LEU C 818 32.41 -35.98 -15.69
N LEU C 819 32.68 -34.77 -16.20
CA LEU C 819 32.05 -33.56 -15.64
C LEU C 819 30.53 -33.72 -15.64
N PHE C 820 29.98 -34.35 -16.68
CA PHE C 820 28.52 -34.60 -16.74
C PHE C 820 28.09 -35.31 -15.46
N ASN C 821 28.69 -36.49 -15.19
CA ASN C 821 28.34 -37.23 -13.99
C ASN C 821 28.57 -36.40 -12.73
N LYS C 822 29.62 -35.57 -12.72
CA LYS C 822 29.92 -34.80 -11.53
C LYS C 822 28.81 -33.82 -11.18
N VAL C 823 28.29 -33.11 -12.18
CA VAL C 823 27.23 -32.13 -11.95
C VAL C 823 25.96 -32.89 -11.59
N THR C 824 25.49 -32.72 -10.36
CA THR C 824 24.26 -33.37 -9.90
C THR C 824 23.10 -32.45 -10.23
N LEU C 825 22.54 -32.62 -11.41
CA LEU C 825 21.45 -31.78 -11.87
C LEU C 825 20.12 -32.34 -11.36
N ALA C 826 19.28 -31.46 -10.84
CA ALA C 826 17.92 -31.84 -10.50
C ALA C 826 17.11 -32.00 -11.78
N ASP C 827 15.99 -32.70 -11.66
CA ASP C 827 15.18 -33.01 -12.83
C ASP C 827 14.77 -31.74 -13.56
N ALA C 828 14.84 -31.80 -14.89
CA ALA C 828 14.48 -30.68 -15.75
C ALA C 828 13.64 -31.23 -16.89
N GLY C 829 12.33 -31.30 -16.67
CA GLY C 829 11.41 -31.70 -17.72
C GLY C 829 11.44 -33.17 -18.09
N PHE C 830 11.03 -34.03 -17.17
CA PHE C 830 10.66 -35.38 -17.53
C PHE C 830 9.30 -35.34 -18.21
N ILE C 831 8.73 -36.51 -18.46
CA ILE C 831 7.33 -36.55 -18.90
C ILE C 831 6.41 -36.43 -17.69
N LYS C 832 6.79 -37.12 -16.60
CA LYS C 832 6.02 -37.02 -15.33
C LYS C 832 4.53 -37.26 -15.58
N GLN C 833 4.17 -38.48 -15.98
CA GLN C 833 2.73 -38.81 -16.12
C GLN C 833 2.13 -38.81 -14.72
N TYR C 834 0.81 -38.68 -14.61
CA TYR C 834 0.17 -38.58 -13.27
C TYR C 834 0.64 -39.74 -12.38
N GLY C 835 0.88 -40.91 -12.96
CA GLY C 835 1.27 -42.09 -12.16
C GLY C 835 2.59 -41.90 -11.41
N ASP C 836 3.64 -41.41 -12.08
CA ASP C 836 4.97 -41.31 -11.43
C ASP C 836 4.91 -40.30 -10.28
N CYS C 837 3.96 -39.36 -10.31
CA CYS C 837 3.83 -38.39 -9.24
C CYS C 837 2.95 -38.90 -8.11
N LEU C 838 1.99 -39.78 -8.42
CA LEU C 838 1.13 -40.33 -7.39
C LEU C 838 1.84 -41.48 -6.67
N GLY C 839 1.91 -41.39 -5.36
CA GLY C 839 2.56 -42.42 -4.56
C GLY C 839 3.20 -41.82 -3.32
N ASP C 840 3.87 -42.70 -2.58
CA ASP C 840 4.61 -42.33 -1.37
C ASP C 840 6.11 -42.33 -1.63
N ILE C 841 6.53 -41.86 -2.80
CA ILE C 841 7.93 -41.79 -3.19
C ILE C 841 8.66 -40.85 -2.24
N ALA C 842 10.00 -40.91 -2.21
CA ALA C 842 10.80 -40.14 -1.28
C ALA C 842 11.66 -39.10 -1.98
N ALA C 843 12.47 -39.51 -2.95
CA ALA C 843 13.39 -38.57 -3.59
C ALA C 843 12.67 -37.67 -4.59
N ARG C 844 11.67 -38.23 -5.29
CA ARG C 844 10.89 -37.43 -6.28
C ARG C 844 9.95 -36.46 -5.56
N ASP C 845 9.89 -36.51 -4.23
CA ASP C 845 8.96 -35.68 -3.48
C ASP C 845 9.12 -34.20 -3.81
N LEU C 846 10.36 -33.75 -4.01
CA LEU C 846 10.57 -32.32 -4.26
C LEU C 846 9.91 -31.87 -5.56
N ILE C 847 10.20 -32.57 -6.66
CA ILE C 847 9.59 -32.21 -7.94
C ILE C 847 8.09 -32.42 -7.89
N CYS C 848 7.64 -33.49 -7.23
CA CYS C 848 6.21 -33.75 -7.12
C CYS C 848 5.49 -32.62 -6.40
N ALA C 849 6.07 -32.13 -5.30
CA ALA C 849 5.46 -31.03 -4.57
C ALA C 849 5.46 -29.76 -5.41
N GLN C 850 6.55 -29.48 -6.12
CA GLN C 850 6.56 -28.31 -6.99
C GLN C 850 5.45 -28.39 -8.03
N LYS C 851 5.33 -29.53 -8.70
CA LYS C 851 4.26 -29.67 -9.70
C LYS C 851 2.90 -29.55 -9.05
N PHE C 852 2.72 -30.15 -7.87
CA PHE C 852 1.44 -30.04 -7.18
C PHE C 852 1.08 -28.58 -6.94
N LYS C 853 2.10 -27.77 -6.62
CA LYS C 853 1.86 -26.32 -6.38
C LYS C 853 1.67 -25.60 -7.73
N GLY C 854 1.94 -26.30 -8.84
CA GLY C 854 1.81 -25.70 -10.18
C GLY C 854 3.13 -25.20 -10.71
N LEU C 855 4.12 -25.00 -9.82
CA LEU C 855 5.48 -24.58 -10.25
C LEU C 855 6.09 -25.69 -11.11
N THR C 856 6.70 -25.33 -12.24
CA THR C 856 7.22 -26.38 -13.15
C THR C 856 8.38 -25.86 -14.00
N VAL C 857 9.16 -26.77 -14.60
CA VAL C 857 10.28 -26.40 -15.45
C VAL C 857 10.04 -26.93 -16.85
N LEU C 858 10.65 -26.28 -17.81
CA LEU C 858 10.46 -26.66 -19.18
C LEU C 858 11.75 -27.21 -19.78
N PRO C 859 11.66 -28.19 -20.68
CA PRO C 859 12.87 -28.78 -21.24
C PRO C 859 13.58 -27.82 -22.16
N PRO C 860 14.91 -27.82 -22.17
CA PRO C 860 15.63 -26.98 -23.11
C PRO C 860 15.37 -27.43 -24.55
N LEU C 861 15.37 -26.46 -25.46
CA LEU C 861 15.06 -26.78 -26.85
C LEU C 861 16.07 -27.73 -27.46
N LEU C 862 17.36 -27.49 -27.23
CA LEU C 862 18.41 -28.33 -27.78
C LEU C 862 18.72 -29.44 -26.78
N THR C 863 18.44 -30.68 -27.18
CA THR C 863 18.79 -31.80 -26.33
C THR C 863 20.30 -31.91 -26.17
N ASP C 864 20.72 -32.62 -25.13
CA ASP C 864 22.14 -32.72 -24.82
C ASP C 864 22.91 -33.42 -25.93
N GLU C 865 22.25 -34.25 -26.73
CA GLU C 865 22.94 -34.88 -27.86
C GLU C 865 23.22 -33.87 -28.97
N MET C 866 22.28 -32.95 -29.22
CA MET C 866 22.53 -31.91 -30.20
C MET C 866 23.62 -30.96 -29.72
N ILE C 867 23.65 -30.67 -28.43
CA ILE C 867 24.75 -29.88 -27.87
C ILE C 867 26.07 -30.61 -28.08
N ALA C 868 26.09 -31.91 -27.82
CA ALA C 868 27.31 -32.67 -28.03
C ALA C 868 27.73 -32.64 -29.49
N GLN C 869 26.77 -32.72 -30.41
CA GLN C 869 27.10 -32.66 -31.84
C GLN C 869 27.67 -31.31 -32.22
N TYR C 870 27.12 -30.24 -31.66
CA TYR C 870 27.67 -28.91 -31.94
C TYR C 870 29.11 -28.82 -31.46
N THR C 871 29.37 -29.25 -30.23
CA THR C 871 30.73 -29.19 -29.72
C THR C 871 31.66 -30.07 -30.52
N SER C 872 31.17 -31.21 -31.01
CA SER C 872 32.01 -32.09 -31.83
C SER C 872 32.31 -31.48 -33.18
N ALA C 873 31.36 -30.75 -33.76
CA ALA C 873 31.64 -30.04 -35.00
C ALA C 873 32.70 -28.99 -34.79
N LEU C 874 32.58 -28.25 -33.68
CA LEU C 874 33.61 -27.23 -33.35
C LEU C 874 34.97 -27.91 -33.22
N LEU C 875 35.04 -29.05 -32.54
CA LEU C 875 36.30 -29.73 -32.33
C LEU C 875 36.89 -30.24 -33.62
N ALA C 876 36.07 -30.89 -34.46
CA ALA C 876 36.60 -31.44 -35.71
C ALA C 876 37.13 -30.33 -36.61
N GLY C 877 36.38 -29.23 -36.74
CA GLY C 877 36.87 -28.12 -37.54
C GLY C 877 38.14 -27.51 -36.99
N THR C 878 38.19 -27.27 -35.67
CA THR C 878 39.35 -26.61 -35.10
C THR C 878 40.56 -27.52 -35.10
N ILE C 879 40.37 -28.84 -35.17
CA ILE C 879 41.50 -29.74 -35.26
C ILE C 879 42.04 -29.78 -36.68
N THR C 880 41.18 -30.04 -37.66
CA THR C 880 41.68 -30.26 -39.01
C THR C 880 41.80 -29.00 -39.85
N SER C 881 41.29 -27.88 -39.32
CA SER C 881 41.25 -26.65 -40.15
C SER C 881 41.88 -25.46 -39.42
N GLY C 882 41.72 -25.39 -38.09
CA GLY C 882 42.29 -24.31 -37.32
C GLY C 882 41.36 -23.12 -37.16
N TRP C 883 41.94 -21.93 -37.03
CA TRP C 883 41.15 -20.70 -37.04
C TRP C 883 40.50 -20.45 -38.39
N THR C 884 41.03 -21.07 -39.45
CA THR C 884 40.57 -20.76 -40.84
C THR C 884 39.06 -20.80 -41.02
N PHE C 885 38.34 -21.61 -40.23
CA PHE C 885 36.92 -21.74 -40.49
C PHE C 885 36.08 -20.69 -39.77
N GLY C 886 36.70 -19.77 -39.05
CA GLY C 886 35.98 -18.62 -38.56
C GLY C 886 35.77 -17.55 -39.60
N ALA C 887 36.50 -17.64 -40.72
CA ALA C 887 36.37 -16.64 -41.81
C ALA C 887 35.83 -17.35 -43.05
N GLY C 888 34.78 -18.16 -42.90
CA GLY C 888 34.19 -18.89 -44.03
C GLY C 888 34.16 -20.38 -43.75
N PRO C 889 34.30 -21.25 -44.77
CA PRO C 889 34.35 -22.70 -44.54
C PRO C 889 35.67 -23.12 -43.89
N ALA C 890 35.82 -24.40 -43.56
CA ALA C 890 37.06 -24.89 -42.91
C ALA C 890 38.12 -25.22 -43.97
N LEU C 891 39.30 -24.61 -43.84
CA LEU C 891 40.43 -24.92 -44.78
C LEU C 891 41.35 -25.94 -44.10
N GLN C 892 41.54 -27.10 -44.71
CA GLN C 892 42.34 -28.14 -44.07
C GLN C 892 43.80 -27.74 -44.02
N ILE C 893 44.47 -28.16 -42.94
CA ILE C 893 45.85 -27.83 -42.66
C ILE C 893 46.38 -28.86 -41.67
N PRO C 894 47.51 -29.50 -41.92
CA PRO C 894 47.99 -30.54 -41.01
C PRO C 894 48.26 -29.96 -39.64
N PHE C 895 47.90 -30.71 -38.59
CA PHE C 895 47.96 -30.15 -37.25
C PHE C 895 49.33 -29.64 -36.84
N PRO C 896 50.45 -30.33 -37.08
CA PRO C 896 51.73 -29.73 -36.73
C PRO C 896 51.96 -28.40 -37.39
N MET C 897 51.48 -28.20 -38.62
CA MET C 897 51.58 -26.88 -39.23
C MET C 897 50.75 -25.86 -38.47
N GLN C 898 49.55 -26.25 -38.04
CA GLN C 898 48.73 -25.30 -37.29
C GLN C 898 49.38 -24.92 -35.98
N MET C 899 49.96 -25.88 -35.28
CA MET C 899 50.66 -25.53 -34.05
C MET C 899 51.89 -24.69 -34.34
N ALA C 900 52.54 -24.92 -35.48
CA ALA C 900 53.67 -24.08 -35.85
C ALA C 900 53.23 -22.64 -36.02
N TYR C 901 52.07 -22.41 -36.62
CA TYR C 901 51.62 -21.03 -36.80
C TYR C 901 51.13 -20.42 -35.49
N ARG C 902 50.53 -21.25 -34.62
CA ARG C 902 50.14 -20.76 -33.28
C ARG C 902 51.41 -20.29 -32.59
N PHE C 903 52.46 -21.12 -32.60
CA PHE C 903 53.75 -20.75 -32.03
C PHE C 903 54.24 -19.44 -32.61
N ASN C 904 54.26 -19.35 -33.93
CA ASN C 904 54.74 -18.14 -34.59
C ASN C 904 53.92 -16.92 -34.20
N GLY C 905 52.72 -17.11 -33.69
CA GLY C 905 51.92 -15.99 -33.29
C GLY C 905 52.13 -15.50 -31.87
N ILE C 906 53.13 -16.01 -31.15
CA ILE C 906 53.45 -15.51 -29.82
C ILE C 906 54.93 -15.16 -29.75
N GLY C 907 55.51 -14.82 -30.89
CA GLY C 907 56.85 -14.31 -30.91
C GLY C 907 57.95 -15.35 -30.84
N VAL C 908 57.61 -16.63 -30.75
CA VAL C 908 58.58 -17.70 -30.84
C VAL C 908 58.50 -18.29 -32.24
N THR C 909 59.64 -18.40 -32.90
CA THR C 909 59.63 -18.93 -34.26
C THR C 909 59.12 -20.36 -34.26
N GLN C 910 58.99 -20.92 -35.47
CA GLN C 910 58.37 -22.23 -35.65
C GLN C 910 59.34 -23.38 -35.54
N ASN C 911 60.64 -23.12 -35.60
CA ASN C 911 61.58 -24.21 -35.44
C ASN C 911 61.55 -24.79 -34.04
N VAL C 912 61.17 -24.00 -33.04
CA VAL C 912 61.10 -24.54 -31.70
C VAL C 912 59.84 -25.40 -31.57
N LEU C 913 59.09 -25.54 -32.66
CA LEU C 913 58.00 -26.49 -32.73
C LEU C 913 58.38 -27.71 -33.57
N TYR C 914 58.92 -27.47 -34.77
CA TYR C 914 59.24 -28.58 -35.69
C TYR C 914 60.45 -29.39 -35.18
N GLU C 915 61.37 -28.74 -34.46
CA GLU C 915 62.55 -29.42 -33.95
C GLU C 915 62.26 -30.16 -32.65
N ASN C 916 61.18 -29.83 -31.97
CA ASN C 916 60.87 -30.46 -30.69
C ASN C 916 59.47 -31.02 -30.72
N GLN C 917 59.10 -31.66 -31.84
CA GLN C 917 57.71 -32.04 -32.03
C GLN C 917 57.29 -33.13 -31.05
N LYS C 918 58.11 -34.17 -30.90
CA LYS C 918 57.72 -35.30 -30.06
C LYS C 918 57.63 -34.90 -28.60
N LEU C 919 58.57 -34.07 -28.13
CA LEU C 919 58.55 -33.62 -26.75
C LEU C 919 57.28 -32.83 -26.45
N ILE C 920 56.92 -31.92 -27.35
CA ILE C 920 55.69 -31.15 -27.16
C ILE C 920 54.49 -32.05 -27.23
N ALA C 921 54.53 -33.07 -28.08
CA ALA C 921 53.41 -34.01 -28.15
C ALA C 921 53.22 -34.72 -26.82
N ASN C 922 54.32 -35.19 -26.23
CA ASN C 922 54.23 -35.87 -24.93
C ASN C 922 53.72 -34.92 -23.86
N GLN C 923 54.22 -33.68 -23.84
CA GLN C 923 53.75 -32.72 -22.86
C GLN C 923 52.25 -32.49 -23.01
N PHE C 924 51.78 -32.34 -24.24
CA PHE C 924 50.36 -32.13 -24.49
C PHE C 924 49.54 -33.31 -23.99
N ASN C 925 49.95 -34.52 -24.34
CA ASN C 925 49.19 -35.71 -23.94
C ASN C 925 49.13 -35.83 -22.43
N SER C 926 50.28 -35.70 -21.76
CA SER C 926 50.31 -35.83 -20.31
C SER C 926 49.35 -34.78 -19.77
N ALA C 927 49.57 -33.51 -20.12
CA ALA C 927 48.66 -32.47 -19.67
C ALA C 927 47.18 -32.81 -19.75
N ILE C 928 46.75 -33.39 -20.87
CA ILE C 928 45.33 -33.75 -21.01
C ILE C 928 44.95 -34.81 -19.99
N GLY C 929 45.80 -35.83 -19.85
CA GLY C 929 45.53 -36.86 -18.85
C GLY C 929 45.47 -36.29 -17.45
N LYS C 930 46.40 -35.37 -17.14
CA LYS C 930 46.35 -34.72 -15.81
C LYS C 930 44.99 -34.05 -15.65
N ILE C 931 44.57 -33.29 -16.68
CA ILE C 931 43.27 -32.56 -16.58
C ILE C 931 42.23 -33.61 -16.14
N GLN C 932 42.19 -34.75 -16.83
CA GLN C 932 41.19 -35.77 -16.49
C GLN C 932 41.28 -36.13 -15.02
N ASP C 933 42.49 -36.39 -14.53
CA ASP C 933 42.67 -36.77 -13.13
C ASP C 933 42.22 -35.66 -12.19
N SER C 934 42.62 -34.43 -12.46
CA SER C 934 42.31 -33.32 -11.56
C SER C 934 40.82 -33.07 -11.50
N LEU C 935 40.15 -33.13 -12.65
CA LEU C 935 38.70 -33.03 -12.64
C LEU C 935 38.06 -34.14 -11.82
N SER C 936 38.57 -35.36 -11.99
CA SER C 936 37.98 -36.50 -11.27
C SER C 936 38.15 -36.33 -9.76
N SER C 937 39.30 -35.83 -9.32
CA SER C 937 39.62 -35.84 -7.90
C SER C 937 38.71 -34.91 -7.11
N THR C 938 38.78 -33.61 -7.39
CA THR C 938 38.03 -32.67 -6.57
C THR C 938 36.64 -32.47 -7.15
N PRO C 939 35.58 -32.69 -6.36
CA PRO C 939 34.22 -32.41 -6.86
C PRO C 939 33.88 -30.93 -6.91
N SER C 940 34.69 -30.06 -6.31
CA SER C 940 34.45 -28.63 -6.31
C SER C 940 35.07 -27.92 -7.51
N ALA C 941 35.68 -28.68 -8.43
CA ALA C 941 36.31 -28.07 -9.59
C ALA C 941 35.32 -27.25 -10.39
N LEU C 942 34.08 -27.74 -10.52
CA LEU C 942 33.07 -27.01 -11.36
C LEU C 942 31.92 -26.51 -10.49
N GLY C 943 32.22 -25.92 -9.32
CA GLY C 943 31.19 -25.46 -8.42
C GLY C 943 30.29 -24.40 -8.98
N LYS C 944 30.67 -23.75 -10.08
CA LYS C 944 29.85 -22.66 -10.63
C LYS C 944 28.53 -23.17 -11.17
N LEU C 945 28.60 -24.23 -11.99
CA LEU C 945 27.36 -24.81 -12.57
C LEU C 945 26.47 -25.33 -11.42
N GLN C 946 27.08 -25.99 -10.43
CA GLN C 946 26.29 -26.48 -9.27
C GLN C 946 25.66 -25.28 -8.57
N ASP C 947 26.38 -24.15 -8.52
CA ASP C 947 25.83 -22.96 -7.90
C ASP C 947 24.58 -22.50 -8.63
N VAL C 948 24.62 -22.48 -9.95
CA VAL C 948 23.43 -22.10 -10.72
C VAL C 948 22.27 -23.03 -10.40
N VAL C 949 22.52 -24.34 -10.47
CA VAL C 949 21.43 -25.30 -10.27
C VAL C 949 20.86 -25.17 -8.86
N ASN C 950 21.74 -25.07 -7.87
CA ASN C 950 21.28 -24.97 -6.49
C ASN C 950 20.56 -23.67 -6.24
N HIS C 951 21.00 -22.57 -6.85
CA HIS C 951 20.30 -21.30 -6.68
C HIS C 951 18.89 -21.40 -7.22
N ASN C 952 18.71 -22.04 -8.37
CA ASN C 952 17.36 -22.21 -8.87
C ASN C 952 16.52 -23.09 -7.96
N ALA C 953 17.10 -24.20 -7.48
CA ALA C 953 16.33 -25.12 -6.63
C ALA C 953 15.90 -24.44 -5.35
N GLN C 954 16.82 -23.72 -4.71
CA GLN C 954 16.47 -22.97 -3.51
C GLN C 954 15.43 -21.90 -3.80
N ALA C 955 15.61 -21.16 -4.90
CA ALA C 955 14.71 -20.07 -5.21
C ALA C 955 13.29 -20.55 -5.38
N LEU C 956 13.13 -21.68 -6.08
CA LEU C 956 11.77 -22.23 -6.35
C LEU C 956 11.24 -22.92 -5.10
N ASN C 957 12.11 -23.50 -4.28
CA ASN C 957 11.61 -24.25 -3.14
C ASN C 957 11.17 -23.33 -1.99
N THR C 958 11.84 -22.19 -1.84
CA THR C 958 11.33 -21.17 -0.92
C THR C 958 9.90 -20.85 -1.29
N LEU C 959 9.62 -20.68 -2.58
CA LEU C 959 8.26 -20.43 -3.05
C LEU C 959 7.26 -21.43 -2.51
N VAL C 960 7.61 -22.72 -2.57
CA VAL C 960 6.74 -23.75 -2.02
C VAL C 960 6.58 -23.59 -0.53
N LYS C 961 7.64 -23.19 0.16
CA LYS C 961 7.51 -22.96 1.60
C LYS C 961 6.68 -21.73 1.93
N GLN C 962 6.59 -20.77 1.00
CA GLN C 962 5.89 -19.49 1.28
C GLN C 962 4.42 -19.73 1.63
N LEU C 963 3.80 -20.79 1.10
CA LEU C 963 2.38 -21.00 1.31
C LEU C 963 2.03 -21.31 2.75
N SER C 964 3.02 -21.60 3.60
CA SER C 964 2.78 -21.89 5.00
C SER C 964 2.83 -20.64 5.87
N SER C 965 2.53 -19.48 5.30
CA SER C 965 2.53 -18.22 6.03
C SER C 965 1.14 -17.61 5.93
N LYS C 966 0.48 -17.44 7.08
CA LYS C 966 -0.92 -16.93 7.09
C LYS C 966 -0.99 -15.51 6.52
N PHE C 967 0.11 -14.75 6.60
CA PHE C 967 0.09 -13.35 6.15
C PHE C 967 -0.86 -12.50 6.97
N GLY C 968 -1.13 -12.89 8.21
CA GLY C 968 -2.14 -12.20 8.98
C GLY C 968 -3.55 -12.59 8.66
N ALA C 969 -3.77 -13.75 8.05
CA ALA C 969 -5.10 -14.28 7.81
C ALA C 969 -5.44 -15.32 8.87
N ILE C 970 -6.63 -15.90 8.76
CA ILE C 970 -7.05 -16.93 9.70
C ILE C 970 -6.19 -18.17 9.54
N SER C 971 -5.92 -18.58 8.30
CA SER C 971 -5.10 -19.75 8.02
C SER C 971 -4.58 -19.62 6.59
N SER C 972 -3.78 -20.59 6.18
CA SER C 972 -3.15 -20.57 4.87
C SER C 972 -3.89 -21.39 3.84
N VAL C 973 -5.06 -21.91 4.16
CA VAL C 973 -5.87 -22.69 3.23
C VAL C 973 -7.11 -21.88 2.87
N LEU C 974 -7.28 -21.60 1.57
CA LEU C 974 -8.38 -20.77 1.13
C LEU C 974 -9.72 -21.44 1.44
N ASN C 975 -9.79 -22.76 1.29
CA ASN C 975 -11.06 -23.45 1.43
C ASN C 975 -11.64 -23.27 2.83
N ASP C 976 -10.79 -23.35 3.86
CA ASP C 976 -11.27 -23.13 5.22
C ASP C 976 -11.80 -21.71 5.40
N ILE C 977 -11.08 -20.73 4.85
CA ILE C 977 -11.52 -19.34 4.95
C ILE C 977 -12.91 -19.19 4.34
N PHE C 978 -13.14 -19.83 3.20
CA PHE C 978 -14.44 -19.71 2.56
C PHE C 978 -15.50 -20.52 3.28
N SER C 979 -15.10 -21.59 3.98
CA SER C 979 -16.06 -22.50 4.58
C SER C 979 -16.36 -22.17 6.04
N ARG C 980 -15.72 -21.17 6.61
CA ARG C 980 -16.04 -20.79 7.99
C ARG C 980 -16.42 -19.32 8.16
N LEU C 981 -16.33 -18.50 7.12
CA LEU C 981 -16.59 -17.07 7.25
C LEU C 981 -17.73 -16.63 6.34
N ASP C 982 -18.36 -15.50 6.70
CA ASP C 982 -19.40 -14.93 5.81
C ASP C 982 -18.67 -14.15 4.71
N PRO C 983 -19.29 -13.88 3.54
CA PRO C 983 -18.58 -13.23 2.43
C PRO C 983 -17.79 -11.97 2.85
N PRO C 984 -18.36 -11.02 3.64
CA PRO C 984 -17.65 -9.77 3.96
C PRO C 984 -16.25 -10.00 4.53
N GLU C 985 -16.14 -10.77 5.62
CA GLU C 985 -14.82 -10.98 6.28
C GLU C 985 -14.01 -11.97 5.43
N ALA C 986 -14.63 -13.04 4.96
CA ALA C 986 -13.94 -14.01 4.12
C ALA C 986 -13.19 -13.30 3.01
N GLU C 987 -13.92 -12.46 2.26
CA GLU C 987 -13.29 -11.71 1.14
C GLU C 987 -12.11 -10.91 1.69
N VAL C 988 -12.29 -10.23 2.83
CA VAL C 988 -11.20 -9.39 3.35
C VAL C 988 -9.94 -10.22 3.57
N GLN C 989 -10.08 -11.35 4.26
CA GLN C 989 -8.93 -12.22 4.48
C GLN C 989 -8.36 -12.71 3.15
N ILE C 990 -9.24 -13.03 2.20
CA ILE C 990 -8.81 -13.53 0.90
C ILE C 990 -7.98 -12.48 0.18
N ASP C 991 -8.43 -11.23 0.23
CA ASP C 991 -7.64 -10.14 -0.35
C ASP C 991 -6.28 -10.05 0.32
N ARG C 992 -6.25 -10.20 1.64
CA ARG C 992 -4.96 -10.09 2.39
C ARG C 992 -4.01 -11.22 1.93
N LEU C 993 -4.53 -12.43 1.75
CA LEU C 993 -3.70 -13.57 1.37
C LEU C 993 -3.29 -13.49 -0.09
N ILE C 994 -4.19 -13.06 -0.96
CA ILE C 994 -3.88 -12.92 -2.38
C ILE C 994 -2.81 -11.87 -2.60
N THR C 995 -2.92 -10.74 -1.91
CA THR C 995 -1.87 -9.74 -2.02
C THR C 995 -0.54 -10.29 -1.53
N GLY C 996 -0.55 -11.04 -0.43
CA GLY C 996 0.68 -11.63 0.05
C GLY C 996 1.33 -12.56 -0.95
N ARG C 997 0.54 -13.47 -1.52
CA ARG C 997 1.11 -14.45 -2.45
C ARG C 997 1.50 -13.81 -3.77
N LEU C 998 0.76 -12.81 -4.22
CA LEU C 998 1.16 -12.09 -5.42
C LEU C 998 2.46 -11.34 -5.19
N GLN C 999 2.64 -10.78 -4.00
CA GLN C 999 3.90 -10.12 -3.67
C GLN C 999 5.06 -11.12 -3.66
N SER C 1000 4.83 -12.31 -3.11
CA SER C 1000 5.88 -13.34 -3.12
C SER C 1000 6.25 -13.74 -4.54
N LEU C 1001 5.25 -13.93 -5.40
CA LEU C 1001 5.54 -14.25 -6.79
C LEU C 1001 6.29 -13.13 -7.47
N GLN C 1002 5.92 -11.89 -7.18
CA GLN C 1002 6.61 -10.75 -7.77
C GLN C 1002 8.08 -10.74 -7.38
N THR C 1003 8.36 -11.01 -6.10
CA THR C 1003 9.74 -11.08 -5.66
C THR C 1003 10.49 -12.19 -6.38
N TYR C 1004 9.86 -13.35 -6.51
CA TYR C 1004 10.51 -14.45 -7.23
C TYR C 1004 10.86 -14.04 -8.65
N VAL C 1005 9.92 -13.41 -9.34
CA VAL C 1005 10.14 -13.04 -10.73
C VAL C 1005 11.32 -12.07 -10.74
N THR C 1006 11.20 -10.95 -10.02
CA THR C 1006 12.29 -9.98 -10.01
C THR C 1006 13.67 -10.57 -9.81
N GLN C 1007 13.83 -11.44 -8.81
CA GLN C 1007 15.14 -12.03 -8.60
C GLN C 1007 15.53 -12.95 -9.75
N GLN C 1008 14.54 -13.59 -10.38
CA GLN C 1008 14.83 -14.37 -11.58
C GLN C 1008 15.35 -13.49 -12.70
N LEU C 1009 14.74 -12.30 -12.85
CA LEU C 1009 15.20 -11.35 -13.90
C LEU C 1009 16.67 -11.00 -13.63
N ILE C 1010 16.99 -10.63 -12.39
CA ILE C 1010 18.37 -10.27 -12.03
C ILE C 1010 19.33 -11.41 -12.39
N ARG C 1011 18.99 -12.62 -11.95
CA ARG C 1011 19.87 -13.74 -12.18
C ARG C 1011 20.01 -14.04 -13.67
N ALA C 1012 18.94 -13.86 -14.43
CA ALA C 1012 19.00 -14.09 -15.87
C ALA C 1012 19.91 -13.08 -16.54
N ALA C 1013 19.91 -11.84 -16.05
CA ALA C 1013 20.84 -10.85 -16.59
C ALA C 1013 22.28 -11.25 -16.31
N GLU C 1014 22.55 -11.75 -15.11
CA GLU C 1014 23.92 -12.20 -14.82
C GLU C 1014 24.32 -13.38 -15.71
N ILE C 1015 23.40 -14.32 -15.92
CA ILE C 1015 23.69 -15.46 -16.79
C ILE C 1015 23.90 -15.00 -18.22
N ARG C 1016 23.14 -14.00 -18.67
CA ARG C 1016 23.31 -13.51 -20.03
C ARG C 1016 24.64 -12.80 -20.20
N ALA C 1017 25.10 -12.10 -19.18
CA ALA C 1017 26.45 -11.53 -19.23
C ALA C 1017 27.50 -12.64 -19.34
N SER C 1018 27.34 -13.70 -18.54
CA SER C 1018 28.28 -14.81 -18.64
C SER C 1018 28.22 -15.50 -19.98
N ALA C 1019 27.03 -15.61 -20.58
CA ALA C 1019 26.89 -16.25 -21.88
C ALA C 1019 27.47 -15.39 -22.99
N ASN C 1020 27.33 -14.07 -22.89
CA ASN C 1020 28.00 -13.21 -23.85
C ASN C 1020 29.51 -13.34 -23.73
N LEU C 1021 30.01 -13.46 -22.50
CA LEU C 1021 31.43 -13.71 -22.32
C LEU C 1021 31.85 -15.04 -22.94
N ALA C 1022 31.05 -16.08 -22.76
CA ALA C 1022 31.39 -17.38 -23.34
C ALA C 1022 31.32 -17.36 -24.85
N ALA C 1023 30.38 -16.62 -25.42
CA ALA C 1023 30.34 -16.49 -26.88
C ALA C 1023 31.59 -15.78 -27.38
N THR C 1024 32.03 -14.73 -26.69
CA THR C 1024 33.27 -14.07 -27.11
C THR C 1024 34.48 -14.97 -26.92
N LYS C 1025 34.48 -15.83 -25.89
CA LYS C 1025 35.62 -16.72 -25.73
C LYS C 1025 35.63 -17.80 -26.82
N MET C 1026 34.47 -18.38 -27.12
CA MET C 1026 34.44 -19.37 -28.19
C MET C 1026 34.72 -18.75 -29.54
N SER C 1027 34.51 -17.45 -29.70
CA SER C 1027 34.92 -16.85 -30.96
C SER C 1027 36.41 -16.56 -30.97
N GLU C 1028 36.86 -15.69 -30.09
CA GLU C 1028 38.23 -15.18 -30.15
C GLU C 1028 39.28 -16.19 -29.71
N CYS C 1029 38.87 -17.29 -29.07
CA CYS C 1029 39.81 -18.25 -28.53
C CYS C 1029 39.72 -19.59 -29.24
N VAL C 1030 38.53 -20.18 -29.36
CA VAL C 1030 38.40 -21.44 -30.06
C VAL C 1030 38.63 -21.26 -31.55
N LEU C 1031 38.04 -20.23 -32.14
CA LEU C 1031 38.11 -20.01 -33.57
C LEU C 1031 39.27 -19.14 -34.01
N GLY C 1032 40.17 -18.79 -33.11
CA GLY C 1032 41.33 -18.02 -33.46
C GLY C 1032 42.42 -18.20 -32.43
N GLN C 1033 43.35 -17.27 -32.39
CA GLN C 1033 44.33 -17.20 -31.32
C GLN C 1033 44.29 -15.79 -30.75
N SER C 1034 44.19 -15.69 -29.43
CA SER C 1034 43.95 -14.42 -28.77
C SER C 1034 45.25 -13.79 -28.29
N LYS C 1035 45.34 -12.47 -28.42
CA LYS C 1035 46.50 -11.72 -27.95
C LYS C 1035 46.21 -10.98 -26.65
N ARG C 1036 45.08 -11.25 -26.02
CA ARG C 1036 44.73 -10.60 -24.77
C ARG C 1036 45.24 -11.46 -23.62
N VAL C 1037 46.14 -10.90 -22.81
CA VAL C 1037 46.71 -11.68 -21.72
C VAL C 1037 45.62 -12.03 -20.73
N ASP C 1038 45.73 -13.22 -20.14
CA ASP C 1038 44.82 -13.73 -19.11
C ASP C 1038 43.37 -13.75 -19.56
N PHE C 1039 43.10 -13.61 -20.86
CA PHE C 1039 41.77 -13.89 -21.37
C PHE C 1039 41.60 -15.39 -21.58
N CYS C 1040 42.49 -15.99 -22.35
CA CYS C 1040 42.50 -17.42 -22.59
C CYS C 1040 43.55 -18.10 -21.71
N GLY C 1041 43.32 -18.05 -20.40
CA GLY C 1041 44.21 -18.71 -19.46
C GLY C 1041 45.50 -17.96 -19.27
N LYS C 1042 46.28 -18.41 -18.30
CA LYS C 1042 47.49 -17.73 -17.88
C LYS C 1042 48.68 -18.20 -18.71
N GLY C 1043 49.29 -17.30 -19.45
CA GLY C 1043 50.40 -17.61 -20.33
C GLY C 1043 50.08 -17.23 -21.76
N TYR C 1044 51.11 -17.33 -22.60
CA TYR C 1044 50.91 -17.12 -24.02
C TYR C 1044 49.94 -18.17 -24.55
N HIS C 1045 48.88 -17.74 -25.21
CA HIS C 1045 47.80 -18.65 -25.56
C HIS C 1045 48.11 -19.38 -26.86
N LEU C 1046 47.63 -20.63 -26.96
CA LEU C 1046 47.85 -21.39 -28.21
C LEU C 1046 46.49 -21.82 -28.76
N MET C 1047 45.80 -22.75 -28.10
CA MET C 1047 44.53 -23.25 -28.68
C MET C 1047 43.56 -23.72 -27.59
N SER C 1048 42.25 -23.59 -27.82
CA SER C 1048 41.25 -24.10 -26.88
C SER C 1048 40.34 -25.15 -27.47
N PHE C 1049 39.76 -25.95 -26.60
CA PHE C 1049 38.84 -26.98 -27.02
C PHE C 1049 37.63 -26.95 -26.11
N PRO C 1050 36.43 -26.57 -26.61
CA PRO C 1050 35.25 -26.41 -25.75
C PRO C 1050 34.49 -27.71 -25.50
N GLN C 1051 34.50 -28.19 -24.25
CA GLN C 1051 33.72 -29.41 -23.91
C GLN C 1051 32.41 -28.94 -23.27
N SER C 1052 31.41 -29.81 -23.14
CA SER C 1052 30.07 -29.33 -22.66
C SER C 1052 29.70 -29.92 -21.28
N ALA C 1053 29.21 -29.08 -20.38
CA ALA C 1053 28.74 -29.53 -19.08
C ALA C 1053 27.33 -29.02 -18.87
N PRO C 1054 26.52 -29.72 -18.09
CA PRO C 1054 25.10 -29.34 -17.97
C PRO C 1054 24.96 -27.89 -17.56
N HIS C 1055 24.32 -27.10 -18.43
CA HIS C 1055 24.05 -25.69 -18.22
C HIS C 1055 25.30 -24.84 -18.31
N GLY C 1056 26.28 -25.24 -19.10
CA GLY C 1056 27.48 -24.42 -19.22
C GLY C 1056 28.45 -25.00 -20.23
N VAL C 1057 29.58 -24.32 -20.36
CA VAL C 1057 30.68 -24.73 -21.21
C VAL C 1057 31.93 -24.76 -20.36
N VAL C 1058 32.86 -25.65 -20.75
CA VAL C 1058 34.18 -25.75 -20.06
C VAL C 1058 35.26 -25.79 -21.15
N PHE C 1059 36.20 -24.85 -21.14
CA PHE C 1059 37.24 -24.76 -22.15
C PHE C 1059 38.50 -25.41 -21.61
N LEU C 1060 39.37 -25.86 -22.52
CA LEU C 1060 40.67 -26.38 -22.13
C LEU C 1060 41.74 -25.51 -22.77
N HIS C 1061 42.07 -24.41 -22.12
CA HIS C 1061 43.05 -23.51 -22.70
C HIS C 1061 44.42 -24.14 -22.70
N VAL C 1062 45.02 -24.20 -23.90
CA VAL C 1062 46.41 -24.72 -24.04
C VAL C 1062 47.31 -23.49 -24.09
N THR C 1063 48.25 -23.37 -23.15
CA THR C 1063 49.07 -22.18 -23.04
C THR C 1063 50.55 -22.55 -22.95
N TYR C 1064 51.37 -21.78 -23.64
CA TYR C 1064 52.83 -21.92 -23.58
C TYR C 1064 53.36 -21.17 -22.37
N VAL C 1065 54.21 -21.82 -21.57
CA VAL C 1065 54.77 -21.22 -20.36
C VAL C 1065 56.28 -21.42 -20.33
N PRO C 1066 57.08 -20.36 -20.27
CA PRO C 1066 58.53 -20.55 -20.12
C PRO C 1066 58.88 -21.09 -18.75
N ALA C 1067 59.98 -21.85 -18.68
CA ALA C 1067 60.28 -22.56 -17.45
C ALA C 1067 61.62 -22.19 -16.82
N GLN C 1068 62.72 -22.34 -17.55
CA GLN C 1068 64.05 -22.32 -16.94
C GLN C 1068 64.82 -21.10 -17.39
N GLU C 1069 65.20 -20.26 -16.43
CA GLU C 1069 65.84 -18.98 -16.71
C GLU C 1069 67.35 -19.11 -16.74
N LYS C 1070 68.00 -18.05 -17.21
CA LYS C 1070 69.46 -17.94 -17.19
C LYS C 1070 69.81 -16.49 -17.40
N ASN C 1071 70.40 -15.86 -16.39
CA ASN C 1071 70.76 -14.45 -16.46
C ASN C 1071 71.72 -14.20 -17.63
N PHE C 1072 71.78 -12.94 -18.06
CA PHE C 1072 72.71 -12.56 -19.10
C PHE C 1072 73.04 -11.08 -18.97
N THR C 1073 73.98 -10.62 -19.78
CA THR C 1073 74.39 -9.23 -19.83
C THR C 1073 73.93 -8.64 -21.15
N THR C 1074 73.19 -7.53 -21.06
CA THR C 1074 72.53 -6.94 -22.22
C THR C 1074 72.96 -5.50 -22.40
N ALA C 1075 73.04 -5.07 -23.66
CA ALA C 1075 73.44 -3.72 -24.01
C ALA C 1075 72.63 -3.30 -25.23
N PRO C 1076 71.94 -2.16 -25.15
CA PRO C 1076 70.90 -1.87 -26.16
C PRO C 1076 71.40 -1.82 -27.58
N ALA C 1077 72.59 -1.30 -27.81
CA ALA C 1077 73.12 -1.13 -29.15
C ALA C 1077 74.47 -1.81 -29.26
N ILE C 1078 75.05 -1.77 -30.46
CA ILE C 1078 76.37 -2.34 -30.71
C ILE C 1078 77.13 -1.45 -31.68
N CYS C 1079 78.05 -0.63 -31.19
CA CYS C 1079 78.84 0.19 -32.10
C CYS C 1079 79.82 -0.69 -32.84
N HIS C 1080 79.80 -0.63 -34.16
CA HIS C 1080 80.75 -1.40 -34.95
C HIS C 1080 81.76 -0.50 -35.66
N ASP C 1081 81.30 0.44 -36.48
CA ASP C 1081 82.17 1.32 -37.23
C ASP C 1081 81.73 2.76 -37.05
N GLY C 1082 81.53 3.15 -35.80
CA GLY C 1082 81.02 4.46 -35.48
C GLY C 1082 79.51 4.57 -35.52
N LYS C 1083 78.83 3.59 -36.10
CA LYS C 1083 77.39 3.57 -36.15
C LYS C 1083 76.85 2.62 -35.09
N ALA C 1084 75.67 2.92 -34.57
CA ALA C 1084 75.02 1.99 -33.67
C ALA C 1084 74.45 0.82 -34.47
N HIS C 1085 73.98 -0.20 -33.74
CA HIS C 1085 73.38 -1.37 -34.38
C HIS C 1085 72.36 -1.94 -33.42
N PHE C 1086 71.16 -1.86 -33.77
CA PHE C 1086 70.04 -2.32 -32.98
C PHE C 1086 69.51 -3.64 -33.53
N PRO C 1087 69.03 -4.53 -32.68
CA PRO C 1087 68.62 -5.85 -33.16
C PRO C 1087 67.39 -5.76 -34.03
N ARG C 1088 67.44 -6.42 -35.19
CA ARG C 1088 66.26 -6.45 -36.05
C ARG C 1088 65.04 -6.97 -35.30
N GLU C 1089 65.22 -8.08 -34.59
CA GLU C 1089 64.17 -8.58 -33.71
C GLU C 1089 64.81 -9.53 -32.71
N GLY C 1090 64.88 -9.11 -31.45
CA GLY C 1090 65.49 -9.88 -30.40
C GLY C 1090 66.25 -8.98 -29.46
N VAL C 1091 67.03 -9.60 -28.58
CA VAL C 1091 67.79 -8.82 -27.56
C VAL C 1091 69.27 -9.21 -27.63
N PHE C 1092 70.16 -8.22 -27.68
CA PHE C 1092 71.59 -8.48 -27.69
C PHE C 1092 71.97 -9.05 -26.34
N VAL C 1093 72.58 -10.24 -26.38
CA VAL C 1093 72.92 -10.95 -25.11
C VAL C 1093 74.28 -11.65 -25.27
N SER C 1094 75.15 -11.48 -24.28
CA SER C 1094 76.46 -12.10 -24.28
C SER C 1094 76.54 -13.18 -23.23
N ASN C 1095 77.27 -14.24 -23.53
CA ASN C 1095 77.52 -15.32 -22.58
C ASN C 1095 78.86 -15.17 -21.87
N GLY C 1096 79.41 -13.96 -21.85
CA GLY C 1096 80.65 -13.68 -21.15
C GLY C 1096 81.74 -13.17 -22.05
N THR C 1097 81.92 -13.79 -23.21
CA THR C 1097 82.97 -13.40 -24.14
C THR C 1097 82.43 -12.95 -25.49
N HIS C 1098 81.57 -13.79 -26.09
CA HIS C 1098 80.95 -13.40 -27.37
C HIS C 1098 79.62 -12.72 -27.12
N TRP C 1099 79.13 -12.02 -28.14
CA TRP C 1099 77.78 -11.40 -28.04
C TRP C 1099 76.86 -12.04 -29.09
N PHE C 1100 75.66 -12.47 -28.69
CA PHE C 1100 74.72 -13.11 -29.65
C PHE C 1100 73.34 -12.48 -29.58
N VAL C 1101 72.47 -12.86 -30.53
CA VAL C 1101 71.05 -12.41 -30.47
C VAL C 1101 70.19 -13.66 -30.25
N THR C 1102 69.37 -13.65 -29.19
CA THR C 1102 68.52 -14.83 -28.88
C THR C 1102 67.06 -14.40 -28.75
N GLN C 1103 66.11 -15.28 -29.09
CA GLN C 1103 64.68 -14.96 -28.94
C GLN C 1103 64.43 -14.61 -27.47
N ARG C 1104 63.64 -13.57 -27.20
CA ARG C 1104 63.44 -13.09 -25.79
C ARG C 1104 62.61 -14.10 -24.99
N ASN C 1105 62.04 -15.11 -25.66
CA ASN C 1105 61.19 -16.11 -24.95
C ASN C 1105 61.87 -17.48 -24.98
N PHE C 1106 62.89 -17.67 -25.82
CA PHE C 1106 63.54 -18.96 -25.93
C PHE C 1106 65.00 -18.68 -26.23
N TYR C 1107 65.90 -19.16 -25.35
CA TYR C 1107 67.35 -18.88 -25.56
C TYR C 1107 67.81 -19.54 -26.86
N GLU C 1108 68.14 -18.73 -27.87
CA GLU C 1108 68.56 -19.26 -29.16
C GLU C 1108 69.59 -18.31 -29.75
N PRO C 1109 70.85 -18.47 -29.37
CA PRO C 1109 71.86 -17.50 -29.75
C PRO C 1109 72.16 -17.55 -31.24
N GLN C 1110 72.50 -16.39 -31.78
CA GLN C 1110 72.86 -16.27 -33.19
C GLN C 1110 74.02 -15.31 -33.30
N ILE C 1111 74.89 -15.54 -34.27
CA ILE C 1111 75.99 -14.62 -34.51
C ILE C 1111 75.44 -13.33 -35.10
N ILE C 1112 75.94 -12.21 -34.63
CA ILE C 1112 75.33 -10.93 -34.94
C ILE C 1112 75.83 -10.47 -36.31
N THR C 1113 75.14 -10.94 -37.35
CA THR C 1113 75.51 -10.56 -38.73
C THR C 1113 74.78 -9.28 -39.10
N THR C 1114 74.92 -8.82 -40.34
CA THR C 1114 74.22 -7.64 -40.79
C THR C 1114 72.79 -7.92 -41.22
N ASP C 1115 72.41 -9.19 -41.35
CA ASP C 1115 71.07 -9.56 -41.76
C ASP C 1115 70.05 -9.49 -40.64
N ASN C 1116 70.51 -9.26 -39.41
CA ASN C 1116 69.60 -9.22 -38.23
C ASN C 1116 69.86 -7.95 -37.41
N THR C 1117 70.49 -6.93 -38.01
CA THR C 1117 70.75 -5.68 -37.34
C THR C 1117 70.43 -4.53 -38.28
N PHE C 1118 69.62 -3.59 -37.82
CA PHE C 1118 69.39 -2.35 -38.54
C PHE C 1118 70.09 -1.21 -37.81
N VAL C 1119 70.82 -0.40 -38.56
CA VAL C 1119 71.68 0.66 -38.03
C VAL C 1119 70.90 1.98 -37.99
N SER C 1120 71.16 2.78 -36.97
CA SER C 1120 70.46 4.07 -36.82
C SER C 1120 71.40 5.07 -36.16
N GLY C 1121 72.12 5.83 -36.98
CA GLY C 1121 72.93 6.93 -36.49
C GLY C 1121 74.30 6.50 -36.00
N ASN C 1122 75.06 7.50 -35.54
CA ASN C 1122 76.40 7.27 -35.01
C ASN C 1122 76.32 6.77 -33.57
N CYS C 1123 77.42 6.21 -33.09
CA CYS C 1123 77.46 5.58 -31.77
C CYS C 1123 78.02 6.53 -30.71
N ASP C 1124 77.34 7.67 -30.54
CA ASP C 1124 77.74 8.65 -29.54
C ASP C 1124 76.58 9.20 -28.73
N VAL C 1125 75.39 8.63 -28.86
CA VAL C 1125 74.19 9.27 -28.32
C VAL C 1125 73.37 8.35 -27.41
N VAL C 1126 73.44 7.05 -27.57
CA VAL C 1126 72.65 6.14 -26.75
C VAL C 1126 73.47 5.74 -25.53
N ILE C 1127 72.81 5.65 -24.38
CA ILE C 1127 73.46 5.29 -23.13
C ILE C 1127 73.53 3.77 -23.05
N GLY C 1128 74.74 3.24 -22.91
CA GLY C 1128 74.92 1.82 -22.70
C GLY C 1128 75.37 1.03 -23.91
N ILE C 1129 75.65 1.71 -25.01
CA ILE C 1129 76.15 0.98 -26.22
C ILE C 1129 77.53 0.40 -25.92
N VAL C 1130 77.83 -0.79 -26.46
CA VAL C 1130 79.12 -1.46 -26.15
C VAL C 1130 79.97 -1.54 -27.43
N ASN C 1131 80.98 -2.40 -27.43
CA ASN C 1131 81.89 -2.53 -28.60
C ASN C 1131 82.09 -4.00 -28.97
N ASN C 1132 81.60 -4.42 -30.15
CA ASN C 1132 81.82 -5.81 -30.61
C ASN C 1132 81.65 -5.83 -32.14
N THR C 1133 82.23 -6.83 -32.82
CA THR C 1133 82.18 -6.85 -34.30
C THR C 1133 80.85 -7.40 -34.79
N VAL C 1134 80.38 -6.95 -35.96
CA VAL C 1134 79.16 -7.45 -36.55
C VAL C 1134 79.50 -8.08 -37.89
N TYR C 1135 79.23 -9.38 -37.99
CA TYR C 1135 79.65 -10.11 -39.21
C TYR C 1135 78.87 -9.69 -40.45
N ASP C 1136 79.54 -9.72 -41.59
CA ASP C 1136 78.93 -9.41 -42.87
C ASP C 1136 78.83 -10.69 -43.68
N PRO C 1137 77.64 -11.16 -44.02
CA PRO C 1137 77.52 -12.40 -44.79
C PRO C 1137 77.76 -12.19 -46.27
N LEU C 1138 78.36 -11.04 -46.63
CA LEU C 1138 78.75 -10.78 -48.01
C LEU C 1138 80.24 -10.96 -48.24
N GLN C 1139 81.07 -10.65 -47.26
CA GLN C 1139 82.52 -10.74 -47.45
C GLN C 1139 83.04 -12.14 -47.76
N PRO C 1140 82.57 -13.21 -47.11
CA PRO C 1140 83.10 -14.54 -47.46
C PRO C 1140 82.89 -14.89 -48.93
N GLU C 1141 81.81 -14.42 -49.54
CA GLU C 1141 81.64 -14.56 -50.98
C GLU C 1141 82.48 -13.54 -51.74
N LEU C 1142 82.66 -12.36 -51.16
CA LEU C 1142 83.56 -11.35 -51.74
C LEU C 1142 85.03 -11.74 -51.63
N ASP C 1143 85.32 -12.92 -51.09
CA ASP C 1143 86.69 -13.44 -51.06
C ASP C 1143 87.42 -13.21 -52.37
N SER C 1144 86.79 -13.59 -53.48
CA SER C 1144 87.40 -13.41 -54.80
C SER C 1144 86.35 -13.38 -55.90
N GLN D 1 -63.90 -4.18 -26.16
CA GLN D 1 -64.92 -3.15 -26.20
C GLN D 1 -65.35 -2.76 -24.79
N VAL D 2 -65.73 -1.49 -24.62
CA VAL D 2 -66.17 -0.99 -23.32
C VAL D 2 -67.41 -1.75 -22.89
N GLN D 3 -67.44 -2.18 -21.63
CA GLN D 3 -68.54 -2.96 -21.10
C GLN D 3 -68.97 -2.40 -19.76
N LEU D 4 -70.27 -2.15 -19.62
CA LEU D 4 -70.86 -1.69 -18.36
C LEU D 4 -71.94 -2.68 -17.97
N LEU D 5 -71.59 -3.57 -17.04
CA LEU D 5 -72.51 -4.60 -16.57
C LEU D 5 -72.94 -4.27 -15.14
N GLU D 6 -74.25 -4.20 -14.93
CA GLU D 6 -74.82 -3.93 -13.62
C GLU D 6 -75.62 -5.13 -13.13
N SER D 7 -75.68 -5.28 -11.82
CA SER D 7 -76.35 -6.42 -11.20
C SER D 7 -76.90 -6.00 -9.84
N GLY D 8 -77.99 -6.66 -9.44
CA GLY D 8 -78.54 -6.41 -8.11
C GLY D 8 -80.04 -6.37 -8.06
N GLY D 9 -80.71 -6.50 -9.20
CA GLY D 9 -82.15 -6.44 -9.25
C GLY D 9 -82.80 -7.64 -8.58
N GLY D 10 -84.05 -7.44 -8.18
CA GLY D 10 -84.82 -8.45 -7.47
C GLY D 10 -85.82 -7.76 -6.56
N LEU D 11 -87.00 -8.38 -6.42
CA LEU D 11 -88.07 -7.72 -5.62
C LEU D 11 -87.72 -7.83 -4.12
N VAL D 12 -87.68 -6.71 -3.42
CA VAL D 12 -87.41 -6.71 -1.95
C VAL D 12 -88.51 -5.92 -1.26
N GLN D 13 -89.12 -6.50 -0.22
CA GLN D 13 -90.21 -5.81 0.52
C GLN D 13 -89.72 -4.44 1.00
N PRO D 14 -90.58 -3.41 1.05
CA PRO D 14 -90.16 -2.06 1.46
C PRO D 14 -89.63 -2.07 2.88
N GLY D 15 -88.61 -1.23 3.12
CA GLY D 15 -87.96 -1.19 4.40
C GLY D 15 -86.83 -2.17 4.51
N ARG D 16 -86.03 -2.27 3.44
CA ARG D 16 -84.93 -3.23 3.37
C ARG D 16 -83.76 -2.51 2.70
N SER D 17 -82.75 -3.27 2.28
CA SER D 17 -81.57 -2.68 1.69
C SER D 17 -81.26 -3.32 0.35
N LEU D 18 -80.56 -2.57 -0.49
CA LEU D 18 -80.17 -2.99 -1.83
C LEU D 18 -78.78 -2.46 -2.12
N ARG D 19 -77.97 -3.26 -2.81
CA ARG D 19 -76.61 -2.87 -3.17
C ARG D 19 -76.39 -3.24 -4.62
N LEU D 20 -76.69 -2.30 -5.53
CA LEU D 20 -76.40 -2.48 -6.94
C LEU D 20 -74.90 -2.33 -7.18
N SER D 21 -74.40 -3.09 -8.15
CA SER D 21 -72.99 -3.07 -8.50
C SER D 21 -72.85 -2.93 -10.01
N CYS D 22 -71.96 -2.04 -10.44
CA CYS D 22 -71.67 -1.80 -11.85
C CYS D 22 -70.22 -2.14 -12.11
N ALA D 23 -69.98 -2.95 -13.15
CA ALA D 23 -68.64 -3.37 -13.53
C ALA D 23 -68.25 -2.69 -14.83
N ALA D 24 -67.05 -2.13 -14.87
CA ALA D 24 -66.53 -1.46 -16.05
C ALA D 24 -65.35 -2.25 -16.61
N SER D 25 -65.32 -2.38 -17.94
CA SER D 25 -64.30 -3.20 -18.59
C SER D 25 -64.03 -2.63 -19.97
N GLY D 26 -62.81 -2.17 -20.20
CA GLY D 26 -62.39 -1.75 -21.53
C GLY D 26 -61.77 -0.38 -21.61
N PHE D 27 -61.47 0.23 -20.46
CA PHE D 27 -60.89 1.57 -20.44
C PHE D 27 -60.26 1.80 -19.08
N THR D 28 -59.55 2.92 -18.97
CA THR D 28 -58.96 3.36 -17.72
C THR D 28 -60.06 3.88 -16.80
N PHE D 29 -60.42 3.09 -15.79
CA PHE D 29 -61.56 3.39 -14.93
C PHE D 29 -61.35 4.64 -14.07
N ASP D 30 -60.13 5.15 -13.98
CA ASP D 30 -59.82 6.25 -13.07
C ASP D 30 -59.79 7.62 -13.76
N ASP D 31 -60.18 7.69 -15.04
CA ASP D 31 -60.17 8.95 -15.76
C ASP D 31 -61.56 9.31 -16.28
N TYR D 32 -62.61 8.82 -15.61
CA TYR D 32 -63.96 9.03 -16.08
C TYR D 32 -64.92 9.04 -14.89
N ALA D 33 -65.75 10.08 -14.82
CA ALA D 33 -66.66 10.26 -13.70
C ALA D 33 -67.93 9.44 -13.93
N MET D 34 -68.16 8.45 -13.07
CA MET D 34 -69.31 7.58 -13.22
C MET D 34 -70.59 8.29 -12.78
N HIS D 35 -71.72 7.74 -13.23
CA HIS D 35 -73.03 8.27 -12.87
C HIS D 35 -74.00 7.10 -12.68
N TRP D 36 -74.99 7.32 -11.83
CA TRP D 36 -76.13 6.42 -11.69
C TRP D 36 -77.40 7.21 -12.01
N VAL D 37 -78.15 6.74 -13.00
CA VAL D 37 -79.38 7.39 -13.44
C VAL D 37 -80.50 6.36 -13.43
N ARG D 38 -81.62 6.71 -12.78
CA ARG D 38 -82.77 5.82 -12.77
C ARG D 38 -83.61 6.00 -14.04
N GLN D 39 -84.63 5.17 -14.17
CA GLN D 39 -85.57 5.25 -15.29
C GLN D 39 -86.90 4.70 -14.82
N ALA D 40 -87.84 5.60 -14.51
CA ALA D 40 -89.14 5.19 -14.02
C ALA D 40 -89.88 4.38 -15.08
N PRO D 41 -90.79 3.48 -14.65
CA PRO D 41 -91.53 2.68 -15.62
C PRO D 41 -92.46 3.51 -16.49
N GLY D 42 -92.14 3.61 -17.77
CA GLY D 42 -92.93 4.39 -18.71
C GLY D 42 -92.91 5.88 -18.46
N LYS D 43 -91.75 6.43 -18.09
CA LYS D 43 -91.63 7.86 -17.79
C LYS D 43 -90.24 8.32 -18.22
N GLY D 44 -89.93 9.57 -17.90
CA GLY D 44 -88.64 10.13 -18.27
C GLY D 44 -87.52 9.73 -17.34
N LEU D 45 -86.31 10.08 -17.75
CA LEU D 45 -85.13 9.81 -16.93
C LEU D 45 -85.12 10.71 -15.70
N GLU D 46 -84.24 10.37 -14.76
CA GLU D 46 -84.07 11.17 -13.55
C GLU D 46 -82.70 10.88 -12.97
N TRP D 47 -81.86 11.91 -12.88
CA TRP D 47 -80.52 11.74 -12.35
C TRP D 47 -80.56 11.36 -10.88
N VAL D 48 -79.70 10.43 -10.48
CA VAL D 48 -79.70 9.91 -9.13
C VAL D 48 -78.45 10.35 -8.39
N SER D 49 -77.28 9.93 -8.86
CA SER D 49 -76.03 10.21 -8.16
C SER D 49 -74.87 10.01 -9.14
N GLY D 50 -73.68 10.34 -8.68
CA GLY D 50 -72.48 10.22 -9.49
C GLY D 50 -71.24 10.24 -8.61
N VAL D 51 -70.10 10.08 -9.26
CA VAL D 51 -68.81 10.08 -8.56
C VAL D 51 -67.75 10.58 -9.53
N SER D 52 -66.87 11.43 -9.02
CA SER D 52 -65.82 12.00 -9.85
C SER D 52 -64.72 10.95 -10.06
N TRP D 53 -63.62 11.36 -10.69
CA TRP D 53 -62.53 10.42 -10.94
C TRP D 53 -61.82 10.02 -9.66
N ASN D 54 -61.86 10.87 -8.63
CA ASN D 54 -61.08 10.69 -7.42
C ASN D 54 -61.90 10.14 -6.25
N SER D 55 -62.95 9.37 -6.56
CA SER D 55 -63.81 8.75 -5.57
C SER D 55 -64.56 9.77 -4.70
N GLY D 56 -64.76 10.98 -5.20
CA GLY D 56 -65.54 11.97 -4.47
C GLY D 56 -66.91 12.18 -5.08
N THR D 57 -67.96 11.83 -4.34
CA THR D 57 -69.31 11.93 -4.85
C THR D 57 -69.70 13.39 -5.10
N ILE D 58 -70.74 13.59 -5.91
CA ILE D 58 -71.13 14.92 -6.36
C ILE D 58 -72.56 15.24 -5.96
N GLY D 59 -73.04 14.65 -4.86
CA GLY D 59 -74.38 14.91 -4.39
C GLY D 59 -75.40 13.97 -5.00
N TYR D 60 -76.55 13.87 -4.34
CA TYR D 60 -77.65 13.04 -4.77
C TYR D 60 -78.84 13.90 -5.17
N ALA D 61 -79.88 13.24 -5.67
CA ALA D 61 -81.10 13.93 -6.03
C ALA D 61 -81.79 14.49 -4.79
N ASP D 62 -82.57 15.56 -4.99
CA ASP D 62 -83.22 16.22 -3.87
C ASP D 62 -84.22 15.30 -3.17
N SER D 63 -84.99 14.53 -3.94
CA SER D 63 -86.00 13.65 -3.36
C SER D 63 -85.42 12.35 -2.83
N VAL D 64 -84.16 12.05 -3.11
CA VAL D 64 -83.53 10.82 -2.66
C VAL D 64 -82.45 11.04 -1.61
N LYS D 65 -82.06 12.31 -1.39
CA LYS D 65 -80.94 12.61 -0.46
C LYS D 65 -81.26 12.15 0.96
N GLY D 66 -80.38 11.35 1.56
CA GLY D 66 -80.55 10.90 2.93
C GLY D 66 -80.45 9.40 3.10
N ARG D 67 -80.77 8.65 2.05
CA ARG D 67 -80.81 7.19 2.12
C ARG D 67 -79.78 6.52 1.23
N PHE D 68 -79.64 6.97 -0.02
CA PHE D 68 -78.68 6.35 -0.92
C PHE D 68 -77.25 6.64 -0.50
N THR D 69 -76.35 5.72 -0.84
CA THR D 69 -74.94 5.85 -0.51
C THR D 69 -74.14 5.21 -1.63
N ILE D 70 -73.39 6.02 -2.37
CA ILE D 70 -72.58 5.54 -3.47
C ILE D 70 -71.15 5.32 -2.99
N SER D 71 -70.46 4.37 -3.60
CA SER D 71 -69.06 4.10 -3.28
C SER D 71 -68.37 3.56 -4.52
N ARG D 72 -67.09 3.94 -4.63
CA ARG D 72 -66.32 3.54 -5.83
C ARG D 72 -65.09 2.73 -5.42
N ASP D 73 -64.56 1.94 -6.34
CA ASP D 73 -63.38 1.11 -6.11
C ASP D 73 -62.63 1.02 -7.44
N ASN D 74 -61.56 1.81 -7.55
CA ASN D 74 -60.77 1.82 -8.77
C ASN D 74 -59.90 0.57 -8.89
N ALA D 75 -59.57 -0.08 -7.78
CA ALA D 75 -58.75 -1.28 -7.83
C ALA D 75 -59.47 -2.40 -8.57
N LYS D 76 -60.76 -2.59 -8.31
CA LYS D 76 -61.53 -3.65 -8.94
C LYS D 76 -62.41 -3.14 -10.07
N ASN D 77 -62.32 -1.86 -10.42
CA ASN D 77 -63.15 -1.26 -11.45
C ASN D 77 -64.63 -1.50 -11.18
N SER D 78 -65.03 -1.29 -9.93
CA SER D 78 -66.39 -1.56 -9.49
C SER D 78 -66.99 -0.31 -8.86
N LEU D 79 -68.21 0.00 -9.25
CA LEU D 79 -69.00 1.04 -8.62
C LEU D 79 -70.18 0.40 -7.92
N TYR D 80 -70.46 0.83 -6.69
CA TYR D 80 -71.54 0.28 -5.90
C TYR D 80 -72.50 1.38 -5.48
N LEU D 81 -73.75 1.00 -5.25
CA LEU D 81 -74.80 1.94 -4.90
C LEU D 81 -75.64 1.33 -3.78
N HIS D 82 -75.20 1.55 -2.55
CA HIS D 82 -75.98 1.11 -1.40
C HIS D 82 -77.27 1.90 -1.33
N MET D 83 -78.37 1.21 -1.01
CA MET D 83 -79.70 1.80 -0.98
C MET D 83 -80.35 1.50 0.37
N ARG D 84 -80.95 2.53 0.96
CA ARG D 84 -81.62 2.43 2.25
C ARG D 84 -83.04 2.95 2.16
N SER D 85 -83.85 2.57 3.15
CA SER D 85 -85.24 3.03 3.31
C SER D 85 -86.03 2.85 2.02
N LEU D 86 -86.04 1.61 1.52
CA LEU D 86 -86.73 1.30 0.29
C LEU D 86 -88.24 1.49 0.45
N ARG D 87 -88.87 2.01 -0.59
CA ARG D 87 -90.30 2.28 -0.59
C ARG D 87 -90.90 1.82 -1.91
N ALA D 88 -92.23 1.70 -1.92
CA ALA D 88 -92.94 1.22 -3.09
C ALA D 88 -92.62 2.04 -4.33
N GLU D 89 -92.41 3.35 -4.15
CA GLU D 89 -92.10 4.22 -5.28
C GLU D 89 -90.74 3.90 -5.91
N ASP D 90 -89.81 3.34 -5.14
CA ASP D 90 -88.44 3.13 -5.61
C ASP D 90 -88.38 1.88 -6.49
N THR D 91 -89.14 1.95 -7.59
CA THR D 91 -89.14 0.85 -8.60
C THR D 91 -88.86 1.51 -9.95
N ALA D 92 -87.76 1.15 -10.61
CA ALA D 92 -87.32 1.79 -11.84
C ALA D 92 -86.11 1.03 -12.35
N LEU D 93 -85.75 1.29 -13.61
CA LEU D 93 -84.49 0.80 -14.14
C LEU D 93 -83.35 1.69 -13.67
N TYR D 94 -82.13 1.16 -13.75
CA TYR D 94 -80.95 1.86 -13.24
C TYR D 94 -79.78 1.62 -14.18
N TYR D 95 -79.33 2.68 -14.86
CA TYR D 95 -78.15 2.62 -15.71
C TYR D 95 -76.97 3.27 -15.01
N CYS D 96 -75.78 2.74 -15.26
CA CYS D 96 -74.53 3.36 -14.82
C CYS D 96 -73.79 3.86 -16.07
N ALA D 97 -73.65 5.18 -16.16
CA ALA D 97 -73.09 5.83 -17.33
C ALA D 97 -71.72 6.42 -17.01
N LYS D 98 -71.00 6.79 -18.06
CA LYS D 98 -69.63 7.27 -17.97
C LYS D 98 -69.51 8.63 -18.66
N ALA D 99 -68.60 9.46 -18.15
CA ALA D 99 -68.32 10.74 -18.76
C ALA D 99 -67.53 10.54 -20.06
N VAL D 100 -67.29 11.65 -20.78
CA VAL D 100 -66.56 11.57 -22.08
C VAL D 100 -65.19 12.24 -21.95
N GLU D 101 -65.12 13.45 -21.36
CA GLU D 101 -63.87 14.18 -21.32
C GLU D 101 -62.97 13.59 -20.24
N MET D 102 -61.78 13.15 -20.63
CA MET D 102 -60.79 12.69 -19.67
C MET D 102 -60.38 13.85 -18.77
N VAL D 103 -60.05 13.53 -17.52
CA VAL D 103 -59.69 14.56 -16.56
C VAL D 103 -58.41 15.24 -16.99
N ARG D 104 -58.39 16.58 -16.85
CA ARG D 104 -57.23 17.40 -17.26
C ARG D 104 -56.96 17.26 -18.76
N GLY D 105 -58.01 17.41 -19.56
CA GLY D 105 -57.89 17.31 -20.99
C GLY D 105 -58.52 18.47 -21.72
N LEU D 106 -59.14 19.38 -20.96
CA LEU D 106 -59.75 20.59 -21.48
C LEU D 106 -60.66 20.32 -22.68
N GLY D 110 -61.46 24.76 -17.72
CA GLY D 110 -61.45 25.34 -16.39
C GLY D 110 -61.42 24.29 -15.29
N ALA D 111 -62.60 23.89 -14.82
CA ALA D 111 -62.69 22.87 -13.78
C ALA D 111 -62.61 21.49 -14.41
N ASP D 112 -62.88 20.46 -13.60
CA ASP D 112 -62.92 19.09 -14.07
C ASP D 112 -64.25 18.81 -14.76
N PRO D 113 -64.26 17.92 -15.77
CA PRO D 113 -65.51 17.61 -16.44
C PRO D 113 -66.34 16.57 -15.69
N GLU D 114 -67.66 16.73 -15.80
CA GLU D 114 -68.61 15.75 -15.27
C GLU D 114 -69.71 15.39 -16.25
N TYR D 115 -69.79 16.06 -17.40
CA TYR D 115 -70.87 15.88 -18.35
C TYR D 115 -70.57 14.75 -19.33
N GLY D 116 -71.52 14.49 -20.24
CA GLY D 116 -71.28 13.55 -21.32
C GLY D 116 -71.48 12.10 -20.98
N MET D 117 -72.68 11.72 -20.53
CA MET D 117 -73.02 10.32 -20.31
C MET D 117 -73.25 9.67 -21.66
N ASP D 118 -72.19 9.08 -22.24
CA ASP D 118 -72.25 8.56 -23.59
C ASP D 118 -72.53 7.07 -23.65
N VAL D 119 -71.82 6.26 -22.86
CA VAL D 119 -71.98 4.81 -22.87
C VAL D 119 -72.93 4.42 -21.75
N TRP D 120 -73.93 3.60 -22.08
CA TRP D 120 -74.97 3.21 -21.14
C TRP D 120 -75.12 1.70 -21.14
N GLY D 121 -75.05 1.10 -19.95
CA GLY D 121 -75.31 -0.31 -19.83
C GLY D 121 -76.80 -0.62 -19.73
N GLN D 122 -77.13 -1.88 -19.95
CA GLN D 122 -78.52 -2.33 -19.83
C GLN D 122 -78.88 -2.38 -18.34
N GLY D 123 -79.90 -1.60 -17.96
CA GLY D 123 -80.22 -1.47 -16.55
C GLY D 123 -80.96 -2.66 -15.98
N THR D 124 -80.98 -2.73 -14.66
CA THR D 124 -81.68 -3.79 -13.95
C THR D 124 -83.16 -3.42 -13.83
N THR D 125 -83.92 -4.25 -13.10
CA THR D 125 -85.39 -4.02 -12.98
C THR D 125 -85.78 -4.04 -11.50
N VAL D 126 -85.04 -3.33 -10.65
CA VAL D 126 -85.34 -3.27 -9.22
C VAL D 126 -86.78 -2.88 -9.00
N THR D 127 -87.44 -3.63 -8.13
CA THR D 127 -88.82 -3.37 -7.77
C THR D 127 -89.01 -3.77 -6.32
N VAL D 128 -89.98 -3.14 -5.67
CA VAL D 128 -90.27 -3.37 -4.26
C VAL D 128 -91.77 -3.48 -4.08
N SER D 129 -92.21 -4.50 -3.36
CA SER D 129 -93.62 -4.70 -3.07
C SER D 129 -93.76 -5.39 -1.72
N SER D 130 -94.87 -5.11 -1.04
CA SER D 130 -95.10 -5.72 0.25
C SER D 130 -95.58 -7.18 0.11
N ASP E 1 -81.07 22.69 -8.06
CA ASP E 1 -82.47 23.08 -7.81
C ASP E 1 -82.98 23.95 -8.95
N ILE E 2 -82.69 23.55 -10.17
CA ILE E 2 -83.06 24.27 -11.38
C ILE E 2 -84.05 23.42 -12.16
N VAL E 3 -85.09 24.07 -12.69
CA VAL E 3 -86.14 23.40 -13.45
C VAL E 3 -86.05 23.87 -14.89
N MET E 4 -86.13 22.93 -15.82
CA MET E 4 -86.06 23.21 -17.24
C MET E 4 -87.31 22.71 -17.95
N THR E 5 -87.62 23.35 -19.07
CA THR E 5 -88.79 23.02 -19.87
C THR E 5 -88.41 22.94 -21.34
N GLN E 6 -89.22 22.24 -22.11
CA GLN E 6 -89.00 22.10 -23.55
C GLN E 6 -90.27 22.46 -24.30
N SER E 7 -90.08 22.83 -25.58
CA SER E 7 -91.19 23.18 -26.46
C SER E 7 -90.80 22.85 -27.89
N PRO E 8 -91.68 22.24 -28.69
CA PRO E 8 -93.03 21.80 -28.31
C PRO E 8 -93.03 20.55 -27.44
N LEU E 9 -94.13 20.32 -26.72
CA LEU E 9 -94.22 19.15 -25.87
C LEU E 9 -94.19 17.86 -26.68
N SER E 10 -94.92 17.84 -27.80
CA SER E 10 -94.89 16.71 -28.72
C SER E 10 -95.25 17.21 -30.10
N LEU E 11 -94.38 16.94 -31.08
CA LEU E 11 -94.60 17.47 -32.45
C LEU E 11 -94.37 16.35 -33.49
N PRO E 12 -95.31 16.13 -34.43
CA PRO E 12 -95.10 15.13 -35.49
C PRO E 12 -94.20 15.64 -36.59
N VAL E 13 -93.21 14.83 -36.99
CA VAL E 13 -92.31 15.19 -38.07
C VAL E 13 -92.57 14.24 -39.24
N THR E 14 -92.29 14.71 -40.44
CA THR E 14 -92.33 13.87 -41.62
C THR E 14 -90.94 13.77 -42.24
N PRO E 15 -90.54 12.57 -42.68
CA PRO E 15 -89.16 12.40 -43.17
C PRO E 15 -88.83 13.25 -44.38
N GLY E 16 -87.89 14.17 -44.22
CA GLY E 16 -87.42 15.00 -45.31
C GLY E 16 -87.54 16.49 -45.05
N GLU E 17 -87.79 16.87 -43.80
CA GLU E 17 -87.93 18.27 -43.42
C GLU E 17 -87.19 18.53 -42.12
N PRO E 18 -86.69 19.74 -41.92
CA PRO E 18 -86.06 20.08 -40.64
C PRO E 18 -87.10 20.24 -39.54
N ALA E 19 -86.60 20.12 -38.31
CA ALA E 19 -87.41 20.35 -37.12
C ALA E 19 -86.56 21.05 -36.06
N SER E 20 -87.23 21.78 -35.18
CA SER E 20 -86.55 22.56 -34.14
C SER E 20 -87.22 22.32 -32.80
N ILE E 21 -86.41 22.06 -31.77
CA ILE E 21 -86.89 21.87 -30.41
C ILE E 21 -86.14 22.85 -29.51
N SER E 22 -86.86 23.44 -28.57
CA SER E 22 -86.30 24.46 -27.67
C SER E 22 -86.32 23.94 -26.24
N CYS E 23 -85.20 24.09 -25.56
CA CYS E 23 -85.08 23.78 -24.14
C CYS E 23 -84.77 25.07 -23.39
N ARG E 24 -85.54 25.34 -22.33
CA ARG E 24 -85.40 26.57 -21.57
C ARG E 24 -85.10 26.25 -20.12
N SER E 25 -84.30 27.09 -19.49
CA SER E 25 -83.87 26.89 -18.11
C SER E 25 -84.36 28.05 -17.25
N SER E 26 -83.98 28.02 -15.98
CA SER E 26 -84.31 29.07 -15.02
C SER E 26 -83.16 30.02 -14.75
N GLN E 27 -81.94 29.50 -14.66
CA GLN E 27 -80.74 30.30 -14.48
C GLN E 27 -79.84 30.10 -15.69
N SER E 28 -79.25 31.19 -16.18
CA SER E 28 -78.34 31.11 -17.31
C SER E 28 -77.17 30.20 -16.98
N LEU E 29 -76.85 29.30 -17.91
CA LEU E 29 -75.81 28.30 -17.71
C LEU E 29 -74.42 28.80 -18.15
N LEU E 30 -74.28 30.09 -18.40
CA LEU E 30 -72.98 30.65 -18.76
C LEU E 30 -72.00 30.56 -17.58
N HIS E 31 -70.97 29.74 -17.74
CA HIS E 31 -69.95 29.59 -16.70
C HIS E 31 -68.87 30.65 -16.87
N SER E 32 -67.89 30.64 -15.96
CA SER E 32 -66.78 31.58 -16.07
C SER E 32 -65.98 31.36 -17.35
N ASN E 33 -65.87 30.12 -17.80
CA ASN E 33 -65.19 29.83 -19.06
C ASN E 33 -65.95 30.38 -20.26
N GLY E 34 -67.25 30.64 -20.11
CA GLY E 34 -68.08 31.07 -21.21
C GLY E 34 -68.78 29.95 -21.95
N TYR E 35 -68.75 28.74 -21.41
CA TYR E 35 -69.35 27.57 -22.05
C TYR E 35 -70.71 27.26 -21.43
N ASN E 36 -71.66 26.90 -22.27
CA ASN E 36 -72.94 26.39 -21.80
C ASN E 36 -72.82 24.91 -21.50
N TYR E 37 -73.40 24.49 -20.37
CA TYR E 37 -73.24 23.13 -19.89
C TYR E 37 -74.44 22.26 -20.18
N LEU E 38 -75.36 22.71 -21.04
CA LEU E 38 -76.51 21.90 -21.38
C LEU E 38 -76.14 20.87 -22.43
N ASP E 39 -76.66 19.65 -22.26
CA ASP E 39 -76.43 18.56 -23.18
C ASP E 39 -77.76 17.97 -23.62
N TRP E 40 -77.82 17.51 -24.87
CA TRP E 40 -79.02 16.94 -25.45
C TRP E 40 -78.83 15.44 -25.61
N TYR E 41 -79.83 14.67 -25.19
CA TYR E 41 -79.76 13.21 -25.23
C TYR E 41 -80.98 12.65 -25.95
N LEU E 42 -80.78 11.52 -26.62
CA LEU E 42 -81.89 10.86 -27.37
C LEU E 42 -82.12 9.45 -26.80
N GLN E 43 -83.24 9.25 -26.10
CA GLN E 43 -83.60 7.95 -25.55
C GLN E 43 -84.58 7.30 -26.53
N LYS E 44 -84.04 6.51 -27.43
CA LYS E 44 -84.89 5.77 -28.35
C LYS E 44 -85.74 4.78 -27.57
N PRO E 45 -87.03 4.65 -27.90
CA PRO E 45 -87.92 3.79 -27.11
C PRO E 45 -87.54 2.32 -27.27
N GLY E 46 -87.34 1.64 -26.13
CA GLY E 46 -86.94 0.26 -26.14
C GLY E 46 -85.45 0.02 -26.14
N GLN E 47 -84.64 1.09 -26.20
CA GLN E 47 -83.19 0.98 -26.19
C GLN E 47 -82.63 2.01 -25.22
N SER E 48 -81.43 1.73 -24.71
CA SER E 48 -80.77 2.64 -23.80
C SER E 48 -80.56 3.99 -24.49
N PRO E 49 -80.62 5.09 -23.75
CA PRO E 49 -80.46 6.42 -24.36
C PRO E 49 -79.04 6.60 -24.88
N GLN E 50 -78.89 7.62 -25.72
CA GLN E 50 -77.61 7.89 -26.36
C GLN E 50 -77.32 9.39 -26.29
N LEU E 51 -76.03 9.72 -26.30
CA LEU E 51 -75.61 11.11 -26.27
C LEU E 51 -75.70 11.71 -27.67
N LEU E 52 -76.21 12.94 -27.75
CA LEU E 52 -76.36 13.63 -29.02
C LEU E 52 -75.49 14.87 -29.12
N ILE E 53 -75.57 15.77 -28.14
CA ILE E 53 -74.77 16.98 -28.13
C ILE E 53 -74.32 17.25 -26.70
N TYR E 54 -73.05 17.63 -26.54
CA TYR E 54 -72.52 18.03 -25.25
C TYR E 54 -71.84 19.38 -25.38
N LEU E 55 -71.80 20.12 -24.27
CA LEU E 55 -71.19 21.45 -24.21
C LEU E 55 -71.90 22.43 -25.15
N GLY E 56 -73.23 22.45 -25.08
CA GLY E 56 -74.01 23.42 -25.82
C GLY E 56 -74.21 23.09 -27.28
N SER E 57 -73.14 23.19 -28.07
CA SER E 57 -73.22 22.97 -29.51
C SER E 57 -72.15 22.03 -30.05
N ASN E 58 -71.19 21.61 -29.23
CA ASN E 58 -70.15 20.71 -29.68
C ASN E 58 -70.74 19.33 -29.97
N ARG E 59 -70.53 18.85 -31.19
CA ARG E 59 -71.12 17.59 -31.62
C ARG E 59 -70.49 16.42 -30.89
N ALA E 60 -71.33 15.45 -30.51
CA ALA E 60 -70.83 14.22 -29.93
C ALA E 60 -70.17 13.36 -31.00
N SER E 61 -69.35 12.41 -30.54
CA SER E 61 -68.60 11.57 -31.46
C SER E 61 -69.45 10.38 -31.91
N GLY E 62 -69.34 10.06 -33.20
CA GLY E 62 -70.05 8.95 -33.78
C GLY E 62 -71.43 9.25 -34.32
N VAL E 63 -71.89 10.50 -34.21
CA VAL E 63 -73.21 10.87 -34.71
C VAL E 63 -73.05 11.59 -36.04
N PRO E 64 -74.04 11.53 -36.93
CA PRO E 64 -73.92 12.22 -38.23
C PRO E 64 -73.98 13.74 -38.08
N ASP E 65 -73.66 14.42 -39.18
CA ASP E 65 -73.61 15.88 -39.20
C ASP E 65 -74.98 16.48 -39.53
N ARG E 66 -76.04 15.72 -39.32
CA ARG E 66 -77.39 16.19 -39.63
C ARG E 66 -78.04 16.92 -38.47
N PHE E 67 -77.42 16.92 -37.29
CA PHE E 67 -77.94 17.62 -36.12
C PHE E 67 -77.20 18.94 -35.92
N SER E 68 -77.90 19.92 -35.37
CA SER E 68 -77.30 21.21 -35.06
C SER E 68 -77.78 21.68 -33.70
N GLY E 69 -76.87 22.29 -32.95
CA GLY E 69 -77.22 22.88 -31.67
C GLY E 69 -76.85 24.35 -31.65
N SER E 70 -77.74 25.15 -31.04
CA SER E 70 -77.55 26.59 -30.99
C SER E 70 -78.22 27.12 -29.73
N GLY E 71 -78.03 28.41 -29.48
CA GLY E 71 -78.61 29.08 -28.34
C GLY E 71 -77.58 29.32 -27.25
N SER E 72 -78.00 30.13 -26.28
CA SER E 72 -77.16 30.53 -25.16
C SER E 72 -78.07 31.15 -24.10
N GLY E 73 -77.47 31.59 -23.00
CA GLY E 73 -78.24 32.15 -21.90
C GLY E 73 -79.18 31.15 -21.28
N THR E 74 -80.49 31.36 -21.48
CA THR E 74 -81.51 30.48 -20.91
C THR E 74 -82.36 29.81 -22.00
N ASP E 75 -81.99 29.95 -23.26
CA ASP E 75 -82.73 29.32 -24.35
C ASP E 75 -81.75 28.61 -25.26
N PHE E 76 -82.00 27.32 -25.51
CA PHE E 76 -81.17 26.52 -26.39
C PHE E 76 -82.07 25.76 -27.36
N THR E 77 -81.54 25.52 -28.55
CA THR E 77 -82.33 24.89 -29.61
C THR E 77 -81.51 23.80 -30.29
N LEU E 78 -82.20 22.74 -30.69
CA LEU E 78 -81.63 21.66 -31.47
C LEU E 78 -82.41 21.53 -32.77
N LYS E 79 -81.70 21.53 -33.89
CA LYS E 79 -82.32 21.42 -35.21
C LYS E 79 -81.71 20.25 -35.96
N ILE E 80 -82.57 19.37 -36.47
CA ILE E 80 -82.15 18.26 -37.30
C ILE E 80 -82.26 18.71 -38.74
N SER E 81 -81.11 18.94 -39.38
CA SER E 81 -81.09 19.44 -40.75
C SER E 81 -81.98 18.62 -41.68
N ARG E 82 -81.81 17.30 -41.66
CA ARG E 82 -82.67 16.41 -42.42
C ARG E 82 -83.09 15.26 -41.53
N VAL E 83 -84.39 15.02 -41.46
CA VAL E 83 -84.96 13.96 -40.64
C VAL E 83 -85.24 12.76 -41.53
N GLU E 84 -85.13 11.56 -40.95
CA GLU E 84 -85.36 10.32 -41.69
C GLU E 84 -86.16 9.38 -40.79
N ALA E 85 -86.25 8.12 -41.21
CA ALA E 85 -87.06 7.14 -40.52
C ALA E 85 -86.42 6.62 -39.23
N GLU E 86 -85.16 6.98 -38.95
CA GLU E 86 -84.47 6.57 -37.74
C GLU E 86 -84.27 7.77 -36.80
N ASP E 87 -85.26 8.66 -36.77
CA ASP E 87 -85.19 9.88 -35.91
C ASP E 87 -86.45 9.97 -35.05
N VAL E 88 -86.90 8.85 -34.49
CA VAL E 88 -88.10 8.80 -33.66
C VAL E 88 -87.70 8.37 -32.26
N GLY E 89 -88.32 8.98 -31.27
CA GLY E 89 -88.06 8.63 -29.88
C GLY E 89 -88.33 9.81 -28.96
N VAL E 90 -87.50 9.91 -27.93
CA VAL E 90 -87.64 10.94 -26.91
C VAL E 90 -86.32 11.71 -26.81
N TYR E 91 -86.42 13.01 -26.64
CA TYR E 91 -85.26 13.88 -26.49
C TYR E 91 -85.31 14.57 -25.14
N TYR E 92 -84.16 14.66 -24.49
CA TYR E 92 -84.05 15.34 -23.20
C TYR E 92 -82.90 16.34 -23.26
N CYS E 93 -83.00 17.38 -22.43
CA CYS E 93 -81.90 18.32 -22.23
C CYS E 93 -81.49 18.28 -20.78
N MET E 94 -80.18 18.12 -20.53
CA MET E 94 -79.64 17.86 -19.21
C MET E 94 -78.64 18.94 -18.82
N GLN E 95 -78.84 19.50 -17.62
CA GLN E 95 -77.90 20.45 -17.06
C GLN E 95 -76.67 19.72 -16.52
N ALA E 96 -75.56 20.45 -16.44
CA ALA E 96 -74.33 19.91 -15.84
C ALA E 96 -73.55 20.99 -15.09
N LEU E 97 -74.22 22.02 -14.58
CA LEU E 97 -73.52 23.11 -13.92
C LEU E 97 -73.84 23.07 -12.43
N GLN E 98 -75.11 23.16 -12.05
CA GLN E 98 -75.48 23.09 -10.63
C GLN E 98 -75.94 21.68 -10.30
N THR E 99 -75.22 21.02 -9.41
CA THR E 99 -75.70 19.79 -8.82
C THR E 99 -76.88 20.10 -7.90
N PRO E 100 -77.91 19.22 -7.83
CA PRO E 100 -78.02 17.98 -8.60
C PRO E 100 -78.42 18.23 -10.06
N PHE E 101 -78.09 17.28 -10.94
CA PHE E 101 -78.42 17.43 -12.34
C PHE E 101 -79.90 17.12 -12.57
N THR E 102 -80.42 17.63 -13.69
CA THR E 102 -81.83 17.51 -13.99
C THR E 102 -82.01 17.13 -15.45
N PHE E 103 -83.13 16.46 -15.73
CA PHE E 103 -83.54 16.12 -17.09
C PHE E 103 -84.92 16.68 -17.34
N GLY E 104 -85.11 17.30 -18.50
CA GLY E 104 -86.38 17.86 -18.88
C GLY E 104 -87.44 16.80 -19.03
N PRO E 105 -88.70 17.22 -19.08
CA PRO E 105 -89.78 16.22 -19.24
C PRO E 105 -89.65 15.37 -20.48
N GLY E 106 -89.12 15.92 -21.56
CA GLY E 106 -88.86 15.14 -22.76
C GLY E 106 -89.84 15.40 -23.89
N THR E 107 -89.34 15.54 -25.11
CA THR E 107 -90.16 15.77 -26.29
C THR E 107 -90.29 14.47 -27.07
N LYS E 108 -91.51 14.16 -27.51
CA LYS E 108 -91.81 12.93 -28.22
C LYS E 108 -91.98 13.23 -29.70
N VAL E 109 -91.06 12.72 -30.52
CA VAL E 109 -91.08 12.90 -31.96
C VAL E 109 -91.53 11.60 -32.61
N ASP E 110 -92.46 11.69 -33.56
CA ASP E 110 -92.97 10.52 -34.26
C ASP E 110 -93.25 10.90 -35.71
N ILE E 111 -93.69 9.93 -36.50
CA ILE E 111 -93.96 10.14 -37.91
C ILE E 111 -95.42 10.54 -38.13
N GLN F 1 -13.53 47.78 42.55
CA GLN F 1 -13.53 47.89 44.01
C GLN F 1 -14.61 47.00 44.61
N VAL F 2 -14.36 46.51 45.82
CA VAL F 2 -15.32 45.63 46.48
C VAL F 2 -16.60 46.40 46.80
N GLN F 3 -17.74 45.79 46.51
CA GLN F 3 -19.03 46.44 46.66
C GLN F 3 -20.00 45.49 47.36
N LEU F 4 -20.73 46.02 48.34
CA LEU F 4 -21.76 45.28 49.06
C LEU F 4 -23.06 46.10 49.00
N LEU F 5 -23.98 45.69 48.14
CA LEU F 5 -25.25 46.38 47.95
C LEU F 5 -26.37 45.54 48.53
N GLU F 6 -27.16 46.14 49.43
CA GLU F 6 -28.30 45.48 50.03
C GLU F 6 -29.59 46.19 49.66
N SER F 7 -30.67 45.41 49.55
CA SER F 7 -31.96 45.93 49.14
C SER F 7 -33.05 45.07 49.76
N GLY F 8 -34.23 45.67 49.95
CA GLY F 8 -35.35 44.94 50.51
C GLY F 8 -36.11 45.72 51.56
N GLY F 9 -35.64 46.93 51.87
CA GLY F 9 -36.31 47.74 52.86
C GLY F 9 -37.66 48.25 52.40
N GLY F 10 -38.47 48.66 53.34
CA GLY F 10 -39.81 49.15 53.08
C GLY F 10 -40.74 48.90 54.25
N LEU F 11 -41.76 49.75 54.36
CA LEU F 11 -42.73 49.61 55.43
C LEU F 11 -43.62 48.39 55.21
N VAL F 12 -43.68 47.52 56.20
CA VAL F 12 -44.50 46.32 56.16
C VAL F 12 -45.18 46.14 57.51
N GLN F 13 -46.43 45.68 57.49
CA GLN F 13 -47.18 45.50 58.71
C GLN F 13 -46.64 44.32 59.52
N PRO F 14 -46.90 44.30 60.83
CA PRO F 14 -46.49 43.15 61.64
C PRO F 14 -47.27 41.89 61.26
N GLY F 15 -46.56 40.77 61.26
CA GLY F 15 -47.15 39.50 60.88
C GLY F 15 -47.07 39.25 59.38
N ARG F 16 -45.91 39.52 58.80
CA ARG F 16 -45.69 39.39 57.37
C ARG F 16 -44.30 38.79 57.16
N SER F 17 -43.82 38.84 55.92
CA SER F 17 -42.50 38.31 55.59
C SER F 17 -41.73 39.31 54.73
N LEU F 18 -40.41 39.17 54.75
CA LEU F 18 -39.52 40.02 53.98
C LEU F 18 -38.35 39.17 53.49
N ARG F 19 -37.60 39.70 52.52
CA ARG F 19 -36.43 38.99 52.01
C ARG F 19 -35.40 40.03 51.58
N LEU F 20 -34.45 40.33 52.46
CA LEU F 20 -33.34 41.20 52.13
C LEU F 20 -32.33 40.46 51.27
N SER F 21 -31.69 41.20 50.36
CA SER F 21 -30.70 40.62 49.45
C SER F 21 -29.45 41.49 49.45
N CYS F 22 -28.29 40.84 49.58
CA CYS F 22 -27.00 41.52 49.56
C CYS F 22 -26.18 40.99 48.40
N ALA F 23 -25.67 41.89 47.57
CA ALA F 23 -24.93 41.53 46.36
C ALA F 23 -23.47 41.95 46.51
N ALA F 24 -22.57 41.03 46.23
CA ALA F 24 -21.14 41.25 46.37
C ALA F 24 -20.46 41.27 45.00
N SER F 25 -19.56 42.22 44.81
CA SER F 25 -18.88 42.39 43.53
C SER F 25 -17.48 42.96 43.79
N GLY F 26 -16.46 42.18 43.49
CA GLY F 26 -15.09 42.67 43.64
C GLY F 26 -14.15 41.72 44.36
N PHE F 27 -14.59 40.48 44.58
CA PHE F 27 -13.73 39.47 45.20
C PHE F 27 -14.30 38.09 44.92
N THR F 28 -13.46 37.08 45.18
CA THR F 28 -13.91 35.68 45.01
C THR F 28 -14.99 35.44 46.07
N PHE F 29 -16.20 35.12 45.64
CA PHE F 29 -17.32 35.00 46.61
C PHE F 29 -17.09 33.86 47.60
N ASP F 30 -16.49 32.73 47.21
CA ASP F 30 -16.42 31.54 48.11
C ASP F 30 -15.18 31.46 48.99
N ASP F 31 -14.61 32.57 49.48
CA ASP F 31 -13.50 32.48 50.41
C ASP F 31 -13.63 33.51 51.53
N TYR F 32 -14.87 33.85 51.89
CA TYR F 32 -15.15 34.86 52.90
C TYR F 32 -16.46 34.53 53.58
N ALA F 33 -16.48 34.61 54.90
CA ALA F 33 -17.70 34.35 55.67
C ALA F 33 -18.53 35.63 55.76
N MET F 34 -19.71 35.61 55.15
CA MET F 34 -20.60 36.76 55.19
C MET F 34 -21.29 36.84 56.56
N HIS F 35 -21.81 38.03 56.85
CA HIS F 35 -22.52 38.27 58.11
C HIS F 35 -23.66 39.24 57.89
N TRP F 36 -24.69 39.12 58.71
CA TRP F 36 -25.80 40.07 58.76
C TRP F 36 -25.86 40.68 60.15
N VAL F 37 -25.72 42.00 60.23
CA VAL F 37 -25.72 42.71 61.50
C VAL F 37 -26.76 43.84 61.41
N ARG F 38 -27.66 43.88 62.40
CA ARG F 38 -28.65 44.95 62.46
C ARG F 38 -28.03 46.20 63.09
N GLN F 39 -28.82 47.27 63.08
CA GLN F 39 -28.38 48.56 63.69
C GLN F 39 -29.65 49.34 64.07
N ALA F 40 -30.12 49.17 65.31
CA ALA F 40 -31.40 49.80 65.74
C ALA F 40 -31.29 51.33 65.70
N PRO F 41 -32.42 52.06 65.61
CA PRO F 41 -32.40 53.52 65.55
C PRO F 41 -31.81 54.17 66.80
N GLY F 42 -30.64 54.81 66.67
CA GLY F 42 -30.03 55.51 67.79
C GLY F 42 -29.57 54.60 68.90
N LYS F 43 -28.99 53.44 68.57
CA LYS F 43 -28.52 52.49 69.56
C LYS F 43 -27.29 51.78 69.02
N GLY F 44 -26.80 50.81 69.78
CA GLY F 44 -25.62 50.06 69.38
C GLY F 44 -25.93 48.96 68.40
N LEU F 45 -24.86 48.37 67.87
CA LEU F 45 -24.99 47.26 66.94
C LEU F 45 -25.53 46.02 67.65
N GLU F 46 -25.91 45.03 66.84
CA GLU F 46 -26.38 43.76 67.38
C GLU F 46 -26.24 42.70 66.31
N TRP F 47 -25.44 41.67 66.57
CA TRP F 47 -25.25 40.60 65.61
C TRP F 47 -26.54 39.83 65.39
N VAL F 48 -26.81 39.48 64.13
CA VAL F 48 -28.05 38.81 63.77
C VAL F 48 -27.77 37.38 63.34
N SER F 49 -26.97 37.20 62.28
CA SER F 49 -26.74 35.89 61.70
C SER F 49 -25.45 35.94 60.88
N GLY F 50 -25.05 34.77 60.37
CA GLY F 50 -23.85 34.68 59.57
C GLY F 50 -23.85 33.40 58.75
N VAL F 51 -22.84 33.27 57.90
CA VAL F 51 -22.72 32.12 57.01
C VAL F 51 -21.25 31.94 56.68
N SER F 52 -20.81 30.70 56.65
CA SER F 52 -19.41 30.37 56.39
C SER F 52 -19.17 30.36 54.87
N TRP F 53 -17.96 29.94 54.48
CA TRP F 53 -17.62 29.90 53.06
C TRP F 53 -18.35 28.79 52.32
N ASN F 54 -18.75 27.74 53.03
CA ASN F 54 -19.36 26.56 52.43
C ASN F 54 -20.88 26.56 52.57
N SER F 55 -21.48 27.75 52.66
CA SER F 55 -22.92 27.94 52.79
C SER F 55 -23.49 27.29 54.04
N GLY F 56 -22.70 27.17 55.10
CA GLY F 56 -23.19 26.66 56.36
C GLY F 56 -23.40 27.75 57.39
N THR F 57 -24.65 27.94 57.81
CA THR F 57 -24.96 28.99 58.78
C THR F 57 -24.29 28.70 60.12
N ILE F 58 -24.05 29.77 60.87
CA ILE F 58 -23.30 29.68 62.13
C ILE F 58 -24.14 30.18 63.29
N GLY F 59 -25.46 30.01 63.20
CA GLY F 59 -26.36 30.38 64.27
C GLY F 59 -26.85 31.82 64.15
N TYR F 60 -27.97 32.06 64.82
CA TYR F 60 -28.56 33.41 64.82
C TYR F 60 -28.61 33.93 66.25
N ALA F 61 -28.98 35.19 66.43
CA ALA F 61 -29.07 35.80 67.74
C ALA F 61 -30.04 35.01 68.62
N ASP F 62 -29.80 35.06 69.93
CA ASP F 62 -30.65 34.33 70.86
C ASP F 62 -32.08 34.87 70.86
N SER F 63 -32.25 36.18 70.81
CA SER F 63 -33.57 36.80 70.90
C SER F 63 -34.35 36.74 69.60
N VAL F 64 -33.70 36.39 68.49
CA VAL F 64 -34.38 36.30 67.20
C VAL F 64 -34.57 34.86 66.74
N LYS F 65 -33.92 33.90 67.38
CA LYS F 65 -33.96 32.51 66.93
C LYS F 65 -35.39 32.00 66.86
N GLY F 66 -35.76 31.46 65.70
CA GLY F 66 -37.09 30.92 65.52
C GLY F 66 -37.80 31.43 64.27
N ARG F 67 -37.42 32.61 63.79
CA ARG F 67 -38.08 33.21 62.63
C ARG F 67 -37.14 33.44 61.46
N PHE F 68 -35.95 33.98 61.70
CA PHE F 68 -35.05 34.32 60.60
C PHE F 68 -34.53 33.07 59.89
N THR F 69 -34.24 33.21 58.60
CA THR F 69 -33.74 32.12 57.79
C THR F 69 -32.78 32.69 56.75
N ILE F 70 -31.50 32.37 56.88
CA ILE F 70 -30.48 32.87 55.97
C ILE F 70 -30.18 31.80 54.93
N SER F 71 -29.75 32.25 53.74
CA SER F 71 -29.36 31.34 52.67
C SER F 71 -28.33 32.03 51.79
N ARG F 72 -27.50 31.22 51.13
CA ARG F 72 -26.40 31.72 50.33
C ARG F 72 -26.45 31.12 48.94
N ASP F 73 -25.83 31.82 47.99
CA ASP F 73 -25.74 31.37 46.61
C ASP F 73 -24.44 31.90 46.04
N ASN F 74 -23.44 31.02 45.93
CA ASN F 74 -22.14 31.43 45.42
C ASN F 74 -22.15 31.65 43.92
N ALA F 75 -23.03 30.96 43.18
CA ALA F 75 -23.06 31.10 41.73
C ALA F 75 -23.41 32.52 41.32
N LYS F 76 -24.35 33.15 42.02
CA LYS F 76 -24.76 34.51 41.74
C LYS F 76 -24.12 35.52 42.68
N ASN F 77 -23.21 35.07 43.56
CA ASN F 77 -22.59 35.92 44.56
C ASN F 77 -23.65 36.66 45.37
N SER F 78 -24.69 35.94 45.76
CA SER F 78 -25.88 36.53 46.35
C SER F 78 -26.17 35.90 47.70
N LEU F 79 -26.39 36.74 48.70
CA LEU F 79 -26.81 36.32 50.03
C LEU F 79 -28.20 36.87 50.29
N TYR F 80 -29.05 36.04 50.91
CA TYR F 80 -30.42 36.42 51.20
C TYR F 80 -30.74 36.16 52.66
N LEU F 81 -31.71 36.91 53.18
CA LEU F 81 -32.09 36.83 54.59
C LEU F 81 -33.61 36.87 54.65
N HIS F 82 -34.23 35.69 54.55
CA HIS F 82 -35.67 35.60 54.72
C HIS F 82 -36.03 35.91 56.17
N MET F 83 -37.08 36.72 56.34
CA MET F 83 -37.51 37.19 57.65
C MET F 83 -38.98 36.83 57.85
N ARG F 84 -39.27 36.19 58.98
CA ARG F 84 -40.61 35.76 59.34
C ARG F 84 -41.01 36.40 60.66
N SER F 85 -42.32 36.29 60.96
CA SER F 85 -42.86 36.73 62.24
C SER F 85 -42.43 38.15 62.59
N LEU F 86 -42.66 39.06 61.65
CA LEU F 86 -42.25 40.45 61.81
C LEU F 86 -43.02 41.11 62.95
N ARG F 87 -42.27 41.78 63.82
CA ARG F 87 -42.84 42.47 64.97
C ARG F 87 -42.27 43.88 65.03
N ALA F 88 -42.95 44.74 65.80
CA ALA F 88 -42.58 46.15 65.86
C ALA F 88 -41.15 46.36 66.33
N GLU F 89 -40.59 45.40 67.06
CA GLU F 89 -39.23 45.53 67.60
C GLU F 89 -38.16 45.10 66.60
N ASP F 90 -38.48 44.95 65.31
CA ASP F 90 -37.51 44.56 64.31
C ASP F 90 -37.18 45.70 63.35
N THR F 91 -37.45 46.93 63.74
CA THR F 91 -37.16 48.10 62.90
C THR F 91 -35.76 48.60 63.21
N ALA F 92 -34.88 48.55 62.20
CA ALA F 92 -33.48 48.88 62.37
C ALA F 92 -32.81 48.81 61.01
N LEU F 93 -31.59 49.35 60.94
CA LEU F 93 -30.77 49.19 59.76
C LEU F 93 -30.16 47.79 59.74
N TYR F 94 -29.67 47.38 58.56
CA TYR F 94 -29.10 46.05 58.38
C TYR F 94 -27.93 46.15 57.40
N TYR F 95 -26.72 45.90 57.88
CA TYR F 95 -25.54 45.83 57.05
C TYR F 95 -25.18 44.36 56.79
N CYS F 96 -24.60 44.11 55.62
CA CYS F 96 -23.99 42.82 55.33
C CYS F 96 -22.47 43.00 55.25
N ALA F 97 -21.76 42.37 56.16
CA ALA F 97 -20.32 42.51 56.31
C ALA F 97 -19.61 41.24 55.85
N LYS F 98 -18.30 41.35 55.67
CA LYS F 98 -17.48 40.27 55.16
C LYS F 98 -16.33 39.99 56.14
N ALA F 99 -15.88 38.74 56.16
CA ALA F 99 -14.72 38.38 56.96
C ALA F 99 -13.44 38.93 56.31
N VAL F 100 -12.32 38.74 57.02
CA VAL F 100 -11.01 39.27 56.50
C VAL F 100 -10.08 38.11 56.14
N GLU F 101 -10.00 37.08 56.97
CA GLU F 101 -9.06 35.99 56.73
C GLU F 101 -9.64 35.05 55.68
N MET F 102 -8.91 34.87 54.59
CA MET F 102 -9.31 33.88 53.59
C MET F 102 -9.20 32.48 54.18
N VAL F 103 -10.09 31.60 53.74
CA VAL F 103 -10.16 30.26 54.31
C VAL F 103 -8.91 29.48 53.98
N ARG F 104 -8.38 28.75 54.98
CA ARG F 104 -7.18 27.93 54.85
C ARG F 104 -5.95 28.77 54.49
N GLY F 105 -5.71 29.82 55.28
CA GLY F 105 -4.52 30.63 55.10
C GLY F 105 -3.81 30.93 56.41
N LEU F 106 -4.42 30.53 57.52
CA LEU F 106 -3.87 30.75 58.86
C LEU F 106 -3.42 32.19 59.10
N GLY F 110 -5.77 27.53 63.14
CA GLY F 110 -6.31 26.22 63.47
C GLY F 110 -7.59 25.90 62.74
N ALA F 111 -8.71 26.37 63.27
CA ALA F 111 -10.00 26.17 62.62
C ALA F 111 -10.20 27.24 61.55
N ASP F 112 -11.40 27.30 60.97
CA ASP F 112 -11.66 28.30 59.95
C ASP F 112 -12.02 29.64 60.57
N PRO F 113 -11.66 30.74 59.91
CA PRO F 113 -11.95 32.06 60.48
C PRO F 113 -13.39 32.50 60.26
N GLU F 114 -13.91 33.26 61.24
CA GLU F 114 -15.21 33.90 61.13
C GLU F 114 -15.21 35.35 61.58
N TYR F 115 -14.08 35.89 62.03
CA TYR F 115 -13.98 37.22 62.60
C TYR F 115 -13.57 38.25 61.56
N GLY F 116 -13.51 39.51 61.98
CA GLY F 116 -12.99 40.57 61.12
C GLY F 116 -13.98 41.14 60.14
N MET F 117 -15.09 41.70 60.65
CA MET F 117 -16.06 42.35 59.78
C MET F 117 -15.51 43.71 59.37
N ASP F 118 -14.83 43.76 58.23
CA ASP F 118 -14.09 44.94 57.81
C ASP F 118 -14.86 45.83 56.84
N VAL F 119 -15.41 45.26 55.78
CA VAL F 119 -16.09 46.04 54.74
C VAL F 119 -17.60 46.00 55.01
N TRP F 120 -18.23 47.16 54.98
CA TRP F 120 -19.64 47.30 55.29
C TRP F 120 -20.33 48.10 54.19
N GLY F 121 -21.40 47.54 53.64
CA GLY F 121 -22.26 48.29 52.74
C GLY F 121 -23.24 49.16 53.50
N GLN F 122 -23.87 50.10 52.78
CA GLN F 122 -24.84 51.00 53.38
C GLN F 122 -26.14 50.24 53.64
N GLY F 123 -26.55 50.18 54.90
CA GLY F 123 -27.68 49.36 55.28
C GLY F 123 -29.01 49.94 54.81
N THR F 124 -30.02 49.08 54.81
CA THR F 124 -31.36 49.47 54.43
C THR F 124 -32.08 50.07 55.64
N THR F 125 -33.36 50.34 55.50
CA THR F 125 -34.15 51.04 56.53
C THR F 125 -35.45 50.28 56.79
N VAL F 126 -35.34 48.97 56.98
CA VAL F 126 -36.51 48.14 57.24
C VAL F 126 -37.25 48.67 58.46
N THR F 127 -38.57 48.81 58.33
CA THR F 127 -39.39 49.35 59.40
C THR F 127 -40.72 48.63 59.41
N VAL F 128 -41.36 48.63 60.58
CA VAL F 128 -42.64 47.96 60.79
C VAL F 128 -43.52 48.88 61.63
N SER F 129 -44.78 49.03 61.21
CA SER F 129 -45.76 49.84 61.92
C SER F 129 -47.11 49.61 61.25
N SER F 130 -48.16 50.12 61.89
CA SER F 130 -49.51 50.00 61.37
C SER F 130 -50.28 51.30 61.52
N ASP G 1 -23.97 33.15 74.56
CA ASP G 1 -24.61 33.58 75.81
C ASP G 1 -23.57 34.17 76.76
N ILE G 2 -22.65 34.93 76.19
CA ILE G 2 -21.58 35.61 76.94
C ILE G 2 -21.87 37.11 76.91
N VAL G 3 -21.70 37.75 78.06
CA VAL G 3 -22.01 39.17 78.22
C VAL G 3 -20.72 39.92 78.51
N MET G 4 -20.50 40.98 77.73
CA MET G 4 -19.27 41.78 77.87
C MET G 4 -19.61 43.21 78.27
N THR G 5 -18.67 43.89 78.92
CA THR G 5 -18.83 45.27 79.38
C THR G 5 -17.56 46.05 79.04
N GLN G 6 -17.71 47.37 79.00
CA GLN G 6 -16.59 48.27 78.72
C GLN G 6 -16.52 49.35 79.78
N SER G 7 -15.33 49.95 79.90
CA SER G 7 -15.09 51.02 80.86
C SER G 7 -14.02 51.94 80.31
N PRO G 8 -14.14 53.26 80.47
CA PRO G 8 -15.30 53.96 81.06
C PRO G 8 -16.48 54.02 80.10
N LEU G 9 -17.68 54.26 80.62
CA LEU G 9 -18.87 54.30 79.78
C LEU G 9 -18.80 55.43 78.76
N SER G 10 -18.37 56.61 79.20
CA SER G 10 -18.15 57.72 78.29
C SER G 10 -17.07 58.62 78.89
N LEU G 11 -16.00 58.85 78.13
CA LEU G 11 -14.88 59.67 78.65
C LEU G 11 -14.53 60.77 77.64
N PRO G 12 -14.38 62.04 78.07
CA PRO G 12 -13.97 63.11 77.16
C PRO G 12 -12.46 63.11 76.95
N VAL G 13 -12.03 63.11 75.70
CA VAL G 13 -10.61 63.13 75.38
C VAL G 13 -10.31 64.43 74.64
N THR G 14 -9.09 64.93 74.84
CA THR G 14 -8.64 66.14 74.19
C THR G 14 -7.50 65.83 73.22
N PRO G 15 -7.49 66.44 72.04
CA PRO G 15 -6.50 66.06 71.01
C PRO G 15 -5.06 66.29 71.44
N GLY G 16 -4.29 65.21 71.49
CA GLY G 16 -2.86 65.31 71.78
C GLY G 16 -2.43 64.50 73.00
N GLU G 17 -3.30 63.61 73.47
CA GLU G 17 -3.02 62.82 74.67
C GLU G 17 -3.47 61.39 74.45
N PRO G 18 -2.86 60.44 75.16
CA PRO G 18 -3.33 59.05 75.08
C PRO G 18 -4.64 58.85 75.81
N ALA G 19 -5.34 57.78 75.42
CA ALA G 19 -6.56 57.36 76.08
C ALA G 19 -6.59 55.84 76.13
N SER G 20 -7.28 55.31 77.13
CA SER G 20 -7.33 53.87 77.36
C SER G 20 -8.77 53.44 77.61
N ILE G 21 -9.19 52.39 76.91
CA ILE G 21 -10.53 51.82 77.06
C ILE G 21 -10.39 50.33 77.31
N SER G 22 -11.16 49.80 78.26
CA SER G 22 -11.07 48.41 78.66
C SER G 22 -12.35 47.69 78.31
N CYS G 23 -12.22 46.50 77.73
CA CYS G 23 -13.35 45.62 77.44
C CYS G 23 -13.20 44.36 78.27
N ARG G 24 -14.26 44.00 79.00
CA ARG G 24 -14.24 42.85 79.89
C ARG G 24 -15.33 41.87 79.49
N SER G 25 -15.01 40.58 79.62
CA SER G 25 -15.92 39.50 79.24
C SER G 25 -16.29 38.69 80.48
N SER G 26 -17.04 37.61 80.26
CA SER G 26 -17.44 36.70 81.32
C SER G 26 -16.64 35.40 81.30
N GLN G 27 -16.35 34.87 80.13
CA GLN G 27 -15.55 33.67 79.97
C GLN G 27 -14.27 34.02 79.22
N SER G 28 -13.14 33.49 79.69
CA SER G 28 -11.88 33.72 79.02
C SER G 28 -11.94 33.24 77.58
N LEU G 29 -11.47 34.08 76.65
CA LEU G 29 -11.53 33.81 75.23
C LEU G 29 -10.26 33.15 74.71
N LEU G 30 -9.39 32.66 75.58
CA LEU G 30 -8.21 31.92 75.17
C LEU G 30 -8.59 30.60 74.48
N HIS G 31 -8.27 30.47 73.20
CA HIS G 31 -8.58 29.25 72.46
C HIS G 31 -7.46 28.23 72.63
N SER G 32 -7.66 27.05 72.06
CA SER G 32 -6.61 26.02 72.08
C SER G 32 -5.37 26.49 71.34
N ASN G 33 -5.54 27.27 70.26
CA ASN G 33 -4.40 27.87 69.59
C ASN G 33 -3.69 28.89 70.46
N GLY G 34 -4.36 29.44 71.46
CA GLY G 34 -3.81 30.46 72.31
C GLY G 34 -4.09 31.88 71.88
N TYR G 35 -4.97 32.08 70.91
CA TYR G 35 -5.28 33.39 70.36
C TYR G 35 -6.54 33.94 71.01
N ASN G 36 -6.56 35.24 71.25
CA ASN G 36 -7.76 35.92 71.71
C ASN G 36 -8.61 36.33 70.52
N TYR G 37 -9.92 36.09 70.63
CA TYR G 37 -10.85 36.30 69.54
C TYR G 37 -11.66 37.59 69.69
N LEU G 38 -11.27 38.46 70.62
CA LEU G 38 -11.94 39.75 70.72
C LEU G 38 -11.41 40.69 69.64
N ASP G 39 -12.33 41.46 69.06
CA ASP G 39 -11.98 42.43 68.03
C ASP G 39 -12.57 43.79 68.40
N TRP G 40 -11.85 44.85 68.05
CA TRP G 40 -12.23 46.22 68.36
C TRP G 40 -12.73 46.91 67.10
N TYR G 41 -13.90 47.55 67.19
CA TYR G 41 -14.51 48.24 66.08
C TYR G 41 -14.88 49.66 66.49
N LEU G 42 -14.74 50.60 65.55
CA LEU G 42 -15.12 51.99 65.76
C LEU G 42 -16.25 52.33 64.81
N GLN G 43 -17.42 52.66 65.36
CA GLN G 43 -18.58 53.05 64.55
C GLN G 43 -18.72 54.57 64.63
N LYS G 44 -18.15 55.25 63.64
CA LYS G 44 -18.23 56.71 63.60
C LYS G 44 -19.68 57.14 63.39
N PRO G 45 -20.12 58.20 64.07
CA PRO G 45 -21.54 58.59 63.99
C PRO G 45 -21.88 59.14 62.61
N GLY G 46 -22.93 58.57 62.01
CA GLY G 46 -23.35 58.96 60.68
C GLY G 46 -22.70 58.18 59.56
N GLN G 47 -21.80 57.25 59.86
CA GLN G 47 -21.11 56.47 58.85
C GLN G 47 -21.09 55.01 59.27
N SER G 48 -20.97 54.13 58.29
CA SER G 48 -20.88 52.71 58.57
C SER G 48 -19.66 52.42 59.44
N PRO G 49 -19.75 51.46 60.35
CA PRO G 49 -18.64 51.17 61.26
C PRO G 49 -17.43 50.64 60.49
N GLN G 50 -16.29 50.62 61.17
CA GLN G 50 -15.03 50.20 60.58
C GLN G 50 -14.29 49.29 61.53
N LEU G 51 -13.43 48.44 60.97
CA LEU G 51 -12.60 47.55 61.77
C LEU G 51 -11.34 48.30 62.21
N LEU G 52 -10.97 48.10 63.47
CA LEU G 52 -9.77 48.71 64.05
C LEU G 52 -8.73 47.68 64.43
N ILE G 53 -9.13 46.64 65.18
CA ILE G 53 -8.22 45.58 65.60
C ILE G 53 -8.97 44.25 65.53
N TYR G 54 -8.31 43.22 65.01
CA TYR G 54 -8.82 41.86 65.02
C TYR G 54 -7.78 40.93 65.62
N LEU G 55 -8.26 39.82 66.17
CA LEU G 55 -7.39 38.81 66.79
C LEU G 55 -6.64 39.39 67.98
N GLY G 56 -7.37 40.07 68.86
CA GLY G 56 -6.79 40.58 70.09
C GLY G 56 -5.97 41.84 69.92
N SER G 57 -4.79 41.73 69.29
CA SER G 57 -3.89 42.85 69.15
C SER G 57 -3.33 43.02 67.75
N ASN G 58 -3.63 42.10 66.83
CA ASN G 58 -3.13 42.22 65.46
C ASN G 58 -3.81 43.40 64.76
N ARG G 59 -2.99 44.33 64.29
CA ARG G 59 -3.50 45.57 63.72
C ARG G 59 -4.26 45.30 62.43
N ALA G 60 -5.40 45.98 62.27
CA ALA G 60 -6.15 45.87 61.03
C ALA G 60 -5.41 46.57 59.89
N SER G 61 -5.79 46.23 58.67
CA SER G 61 -5.13 46.77 57.49
C SER G 61 -5.63 48.17 57.17
N GLY G 62 -4.70 49.05 56.81
CA GLY G 62 -5.03 50.38 56.37
C GLY G 62 -5.19 51.42 57.46
N VAL G 63 -5.07 51.04 58.73
CA VAL G 63 -5.22 51.99 59.83
C VAL G 63 -3.83 52.45 60.26
N PRO G 64 -3.70 53.65 60.82
CA PRO G 64 -2.38 54.12 61.27
C PRO G 64 -1.89 53.34 62.47
N ASP G 65 -0.62 53.55 62.79
CA ASP G 65 0.03 52.84 63.88
C ASP G 65 -0.15 53.57 65.21
N ARG G 66 -1.17 54.40 65.30
CA ARG G 66 -1.44 55.15 66.54
C ARG G 66 -2.31 54.38 67.53
N PHE G 67 -2.85 53.23 67.14
CA PHE G 67 -3.66 52.42 68.01
C PHE G 67 -2.84 51.26 68.56
N SER G 68 -3.10 50.91 69.82
CA SER G 68 -2.44 49.77 70.44
C SER G 68 -3.47 48.97 71.23
N GLY G 69 -3.40 47.66 71.10
CA GLY G 69 -4.29 46.78 71.83
C GLY G 69 -3.51 45.81 72.70
N SER G 70 -4.03 45.57 73.89
CA SER G 70 -3.36 44.73 74.86
C SER G 70 -4.40 43.99 75.69
N GLY G 71 -3.91 43.13 76.58
CA GLY G 71 -4.75 42.35 77.47
C GLY G 71 -4.86 40.91 77.02
N SER G 72 -5.42 40.11 77.90
CA SER G 72 -5.63 38.68 77.68
C SER G 72 -6.58 38.19 78.78
N GLY G 73 -6.85 36.88 78.78
CA GLY G 73 -7.80 36.33 79.72
C GLY G 73 -9.19 36.89 79.53
N THR G 74 -9.65 37.73 80.47
CA THR G 74 -10.96 38.34 80.39
C THR G 74 -10.90 39.86 80.36
N ASP G 75 -9.71 40.44 80.24
CA ASP G 75 -9.54 41.89 80.21
C ASP G 75 -8.69 42.27 79.02
N PHE G 76 -9.21 43.18 78.19
CA PHE G 76 -8.50 43.68 77.03
C PHE G 76 -8.57 45.21 77.04
N THR G 77 -7.54 45.84 76.50
CA THR G 77 -7.44 47.29 76.52
C THR G 77 -7.08 47.81 75.14
N LEU G 78 -7.62 48.98 74.81
CA LEU G 78 -7.31 49.68 73.57
C LEU G 78 -6.78 51.06 73.92
N LYS G 79 -5.57 51.36 73.47
CA LYS G 79 -4.92 52.62 73.76
C LYS G 79 -4.59 53.35 72.46
N ILE G 80 -5.02 54.61 72.38
CA ILE G 80 -4.71 55.47 71.25
C ILE G 80 -3.49 56.29 71.64
N SER G 81 -2.33 55.94 71.09
CA SER G 81 -1.07 56.61 71.44
C SER G 81 -1.19 58.13 71.32
N ARG G 82 -1.73 58.61 70.21
CA ARG G 82 -2.01 60.03 70.04
C ARG G 82 -3.40 60.18 69.43
N VAL G 83 -4.23 60.99 70.08
CA VAL G 83 -5.59 61.24 69.62
C VAL G 83 -5.62 62.57 68.88
N GLU G 84 -6.52 62.68 67.91
CA GLU G 84 -6.68 63.89 67.12
C GLU G 84 -8.16 64.16 66.94
N ALA G 85 -8.48 65.08 66.02
CA ALA G 85 -9.85 65.53 65.82
C ALA G 85 -10.70 64.54 65.03
N GLU G 86 -10.11 63.46 64.50
CA GLU G 86 -10.83 62.46 63.72
C GLU G 86 -10.94 61.16 64.50
N ASP G 87 -10.92 61.24 65.83
CA ASP G 87 -10.99 60.06 66.68
C ASP G 87 -12.15 60.19 67.65
N VAL G 88 -13.30 60.62 67.13
CA VAL G 88 -14.52 60.74 67.90
C VAL G 88 -15.55 59.80 67.29
N GLY G 89 -16.34 59.17 68.15
CA GLY G 89 -17.35 58.23 67.71
C GLY G 89 -17.64 57.24 68.82
N VAL G 90 -18.00 56.02 68.42
CA VAL G 90 -18.38 54.97 69.37
C VAL G 90 -17.49 53.76 69.12
N TYR G 91 -17.04 53.13 70.19
CA TYR G 91 -16.16 51.97 70.12
C TYR G 91 -16.86 50.76 70.70
N TYR G 92 -16.69 49.62 70.05
CA TYR G 92 -17.28 48.36 70.49
C TYR G 92 -16.24 47.26 70.47
N CYS G 93 -16.45 46.25 71.31
CA CYS G 93 -15.66 45.03 71.30
C CYS G 93 -16.59 43.85 71.06
N MET G 94 -16.23 42.99 70.12
CA MET G 94 -17.08 41.89 69.66
C MET G 94 -16.36 40.56 69.85
N GLN G 95 -17.08 39.60 70.42
CA GLN G 95 -16.54 38.25 70.58
C GLN G 95 -16.57 37.48 69.26
N ALA G 96 -15.68 36.51 69.14
CA ALA G 96 -15.65 35.64 67.98
C ALA G 96 -15.29 34.21 68.33
N LEU G 97 -15.63 33.75 69.54
CA LEU G 97 -15.29 32.39 69.94
C LEU G 97 -16.56 31.59 70.09
N GLN G 98 -17.49 31.98 70.96
CA GLN G 98 -18.73 31.24 71.15
C GLN G 98 -19.86 31.93 70.38
N THR G 99 -20.40 31.24 69.38
CA THR G 99 -21.61 31.71 68.72
C THR G 99 -22.80 31.60 69.69
N PRO G 100 -23.77 32.53 69.63
CA PRO G 100 -23.77 33.72 68.77
C PRO G 100 -22.85 34.83 69.28
N PHE G 101 -22.45 35.72 68.37
CA PHE G 101 -21.54 36.79 68.74
C PHE G 101 -22.30 37.92 69.43
N THR G 102 -21.53 38.78 70.12
CA THR G 102 -22.11 39.86 70.89
C THR G 102 -21.29 41.12 70.69
N PHE G 103 -21.94 42.28 70.84
CA PHE G 103 -21.29 43.58 70.81
C PHE G 103 -21.58 44.31 72.11
N GLY G 104 -20.55 44.91 72.68
CA GLY G 104 -20.67 45.61 73.95
C GLY G 104 -21.58 46.81 73.87
N PRO G 105 -21.95 47.35 75.03
CA PRO G 105 -22.81 48.55 75.03
C PRO G 105 -22.21 49.74 74.31
N GLY G 106 -20.89 49.90 74.36
CA GLY G 106 -20.23 50.94 73.60
C GLY G 106 -19.76 52.12 74.44
N THR G 107 -18.55 52.60 74.15
CA THR G 107 -18.00 53.79 74.78
C THR G 107 -18.08 54.95 73.80
N LYS G 108 -18.51 56.11 74.29
CA LYS G 108 -18.67 57.30 73.47
C LYS G 108 -17.53 58.27 73.74
N VAL G 109 -16.69 58.50 72.75
CA VAL G 109 -15.53 59.38 72.84
C VAL G 109 -15.85 60.68 72.12
N ASP G 110 -15.55 61.82 72.76
CA ASP G 110 -15.82 63.13 72.21
C ASP G 110 -14.70 64.08 72.60
N ILE G 111 -14.83 65.34 72.20
CA ILE G 111 -13.84 66.36 72.50
C ILE G 111 -14.26 67.17 73.73
#